data_4QAW
#
_entry.id   4QAW
#
_cell.length_a   174.060
_cell.length_b   174.060
_cell.length_c   183.932
_cell.angle_alpha   90.00
_cell.angle_beta   90.00
_cell.angle_gamma   120.00
#
_symmetry.space_group_name_H-M   'P 32'
#
loop_
_entity.id
_entity.type
_entity.pdbx_description
1 polymer Xyn30D
2 non-polymer 'CALCIUM ION'
3 water water
#
_entity_poly.entity_id   1
_entity_poly.type   'polypeptide(L)'
_entity_poly.pdbx_seq_one_letter_code
;ASDANINLSSEKQLIKGFGGINHPAWIGDLTAAQRETAFGNGQNQLGFSILRIYVDDNRNNWYREVATAKRAIEQGALVF
ASPWNPPSDMVETFNRNGASAKRLKYDKYAAYAQHLNDFVTFMKNNGVDLYAISVQNEPDYAHDWTWWTPQEILRFMKEN
AGSIQGTRVMAPESFQYLKNISDPILNDPQALANMDILGAHTYGTQIKDFAYPLFKQKGAGKELWMTEVYVPNSDNNSAD
RWPEALDVSYHMHNAMVEGDFQAYVWWYIRRQYGPMKEDGTISKRGYNMAHFSKFVRPGYVRVDATKNPDTNTYVSAYKG
DNKVVIVAINRGTSAASQRFVLQNGNASTVSSYVTDSSRNLASLAPINVSNGAFTAQLPAQSVTTFVANLSGGNSGGGNV
NTGTTYEAETGTTLTDAVVETLYPGYTGSGYVNFNAYTNSAIEWNAINNMTTGTKNVKFRYALESGTRNLDIYVNGTKVL
SNEPFTETGSWSTWGEKTIQVAMNSGVNTLRIVTTGTEGPNMDNITVTASAKGELNSKLEGKPIPNPLLGLDSTRTGHHH
HHH
;
_entity_poly.pdbx_strand_id   A,B,C,D,E,F,G,H
#
loop_
_chem_comp.id
_chem_comp.type
_chem_comp.name
_chem_comp.formula
CA non-polymer 'CALCIUM ION' 'Ca 2'
#
# COMPACT_ATOMS: atom_id res chain seq x y z
N ALA A 1 45.92 -23.62 -1.78
CA ALA A 1 46.03 -23.97 -3.23
C ALA A 1 47.29 -23.33 -3.84
N SER A 2 47.33 -23.16 -5.17
CA SER A 2 48.26 -22.26 -5.85
C SER A 2 47.49 -21.07 -6.42
N ASP A 3 46.41 -21.35 -7.14
CA ASP A 3 45.45 -20.32 -7.54
C ASP A 3 44.85 -19.65 -6.31
N ALA A 4 44.77 -18.33 -6.32
CA ALA A 4 44.07 -17.61 -5.28
C ALA A 4 42.66 -17.37 -5.76
N ASN A 5 41.75 -18.27 -5.38
CA ASN A 5 40.34 -18.14 -5.75
C ASN A 5 39.65 -17.11 -4.87
N ILE A 6 39.07 -16.10 -5.53
CA ILE A 6 38.34 -15.03 -4.87
C ILE A 6 36.85 -15.21 -5.18
N ASN A 7 36.09 -15.66 -4.19
CA ASN A 7 34.66 -15.90 -4.36
C ASN A 7 33.84 -14.65 -4.00
N LEU A 8 33.45 -13.91 -5.02
CA LEU A 8 32.87 -12.59 -4.84
C LEU A 8 31.45 -12.61 -4.28
N SER A 9 30.73 -13.71 -4.47
CA SER A 9 29.37 -13.84 -3.95
C SER A 9 29.30 -14.45 -2.56
N SER A 10 30.42 -14.99 -2.07
CA SER A 10 30.51 -15.54 -0.72
C SER A 10 30.96 -14.46 0.26
N GLU A 11 29.99 -13.79 0.88
CA GLU A 11 30.24 -12.62 1.71
C GLU A 11 30.64 -12.97 3.13
N LYS A 12 31.52 -12.13 3.69
CA LYS A 12 32.03 -12.30 5.04
C LYS A 12 31.63 -11.09 5.86
N GLN A 13 32.56 -10.47 6.57
CA GLN A 13 32.21 -9.37 7.47
C GLN A 13 32.05 -8.03 6.76
N LEU A 14 31.16 -7.22 7.32
CA LEU A 14 30.98 -5.85 6.89
C LEU A 14 32.10 -5.01 7.50
N ILE A 15 32.91 -4.36 6.66
CA ILE A 15 34.02 -3.57 7.14
C ILE A 15 33.52 -2.24 7.67
N LYS A 16 33.92 -1.88 8.89
CA LYS A 16 33.57 -0.58 9.45
C LYS A 16 34.68 0.44 9.23
N GLY A 17 35.93 0.04 9.42
CA GLY A 17 37.04 0.95 9.12
C GLY A 17 38.40 0.59 9.68
N PHE A 18 39.32 1.55 9.55
CA PHE A 18 40.72 1.43 9.95
C PHE A 18 41.15 2.76 10.52
N GLY A 19 41.95 2.75 11.59
CA GLY A 19 42.33 4.00 12.26
C GLY A 19 43.33 3.90 13.40
N GLY A 20 43.14 4.76 14.40
CA GLY A 20 44.06 4.87 15.52
C GLY A 20 43.58 5.85 16.57
N ILE A 21 44.41 6.11 17.56
CA ILE A 21 44.03 6.94 18.68
C ILE A 21 44.79 8.26 18.72
N ASN A 22 44.04 9.32 18.99
CA ASN A 22 44.55 10.65 19.28
C ASN A 22 44.52 10.79 20.79
N HIS A 23 45.64 11.14 21.41
CA HIS A 23 45.67 11.24 22.87
C HIS A 23 46.35 12.52 23.36
N PRO A 24 45.62 13.65 23.31
CA PRO A 24 46.18 14.95 23.70
C PRO A 24 46.79 14.99 25.10
N ALA A 25 46.23 14.23 26.03
CA ALA A 25 46.67 14.26 27.42
C ALA A 25 48.05 13.61 27.62
N TRP A 26 48.37 12.62 26.80
CA TRP A 26 49.61 11.83 27.00
C TRP A 26 50.71 12.08 25.97
N ILE A 27 50.34 12.41 24.73
CA ILE A 27 51.32 12.73 23.66
C ILE A 27 51.00 14.03 22.89
N GLY A 28 49.99 14.78 23.33
CA GLY A 28 49.59 16.01 22.64
C GLY A 28 48.75 15.73 21.42
N ASP A 29 47.96 16.73 21.02
CA ASP A 29 46.97 16.60 19.94
C ASP A 29 47.66 16.51 18.59
N LEU A 30 46.94 16.04 17.58
CA LEU A 30 47.41 16.16 16.21
C LEU A 30 47.32 17.65 15.84
N THR A 31 48.23 18.11 14.99
CA THR A 31 48.12 19.45 14.39
C THR A 31 47.12 19.38 13.25
N ALA A 32 46.69 20.54 12.77
CA ALA A 32 45.73 20.63 11.67
C ALA A 32 46.10 19.78 10.46
N ALA A 33 47.37 19.81 10.09
CA ALA A 33 47.87 19.16 8.88
C ALA A 33 47.93 17.64 9.04
N GLN A 34 48.32 17.21 10.23
CA GLN A 34 48.32 15.78 10.59
C GLN A 34 46.90 15.20 10.61
N ARG A 35 45.89 16.03 10.90
CA ARG A 35 44.49 15.58 10.84
C ARG A 35 44.10 15.19 9.43
N GLU A 36 44.59 15.96 8.45
CA GLU A 36 44.28 15.73 7.05
C GLU A 36 45.04 14.50 6.55
N THR A 37 46.33 14.45 6.85
CA THR A 37 47.17 13.30 6.54
C THR A 37 46.58 12.01 7.13
N ALA A 38 45.99 12.11 8.31
CA ALA A 38 45.43 10.95 8.99
C ALA A 38 44.08 10.52 8.41
N PHE A 39 43.15 11.46 8.25
CA PHE A 39 41.75 11.10 7.96
C PHE A 39 41.20 11.52 6.59
N GLY A 40 42.02 12.18 5.78
CA GLY A 40 41.70 12.27 4.37
C GLY A 40 42.11 10.99 3.66
N ASN A 41 41.52 10.75 2.48
CA ASN A 41 41.99 9.70 1.58
C ASN A 41 42.63 10.40 0.37
N GLY A 42 43.00 9.66 -0.66
CA GLY A 42 43.76 10.27 -1.74
C GLY A 42 45.19 10.63 -1.34
N GLN A 43 45.87 11.36 -2.22
CA GLN A 43 47.34 11.35 -2.29
C GLN A 43 48.06 11.70 -0.98
N ASN A 44 48.95 10.80 -0.57
CA ASN A 44 49.80 10.95 0.61
C ASN A 44 49.07 11.14 1.94
N GLN A 45 47.90 10.50 2.03
CA GLN A 45 47.09 10.50 3.26
C GLN A 45 46.73 9.07 3.59
N LEU A 46 46.55 8.79 4.88
CA LEU A 46 46.41 7.42 5.36
C LEU A 46 45.04 6.82 5.09
N GLY A 47 44.04 7.67 4.90
CA GLY A 47 42.69 7.20 4.58
C GLY A 47 42.00 6.60 5.80
N PHE A 48 42.38 7.01 7.00
CA PHE A 48 41.76 6.46 8.20
C PHE A 48 40.30 6.84 8.27
N SER A 49 39.47 5.87 8.67
CA SER A 49 38.01 6.04 8.79
C SER A 49 37.48 5.89 10.24
N ILE A 50 38.36 5.56 11.19
CA ILE A 50 38.00 5.42 12.59
C ILE A 50 38.95 6.19 13.49
N LEU A 51 38.40 7.01 14.37
CA LEU A 51 39.18 7.72 15.39
C LEU A 51 38.80 7.25 16.77
N ARG A 52 39.80 6.86 17.55
CA ARG A 52 39.58 6.50 18.93
C ARG A 52 40.03 7.68 19.78
N ILE A 53 39.30 7.95 20.87
CA ILE A 53 39.66 9.00 21.82
C ILE A 53 39.58 8.55 23.29
N TYR A 54 40.13 9.40 24.15
CA TYR A 54 40.19 9.20 25.59
C TYR A 54 38.95 9.73 26.30
N VAL A 55 38.41 8.97 27.26
CA VAL A 55 37.45 9.50 28.23
C VAL A 55 38.23 9.73 29.51
N ASP A 56 38.57 10.99 29.77
CA ASP A 56 39.33 11.37 30.96
C ASP A 56 38.49 11.20 32.23
N ASP A 57 39.10 10.67 33.27
CA ASP A 57 38.45 10.62 34.58
C ASP A 57 38.16 12.04 35.12
N ASN A 58 38.98 13.03 34.74
CA ASN A 58 38.68 14.45 35.04
C ASN A 58 37.94 15.16 33.91
N ARG A 59 36.65 15.37 34.12
CA ARG A 59 35.75 15.98 33.14
C ARG A 59 36.10 17.43 32.74
N ASN A 60 36.95 18.09 33.50
CA ASN A 60 37.42 19.44 33.14
C ASN A 60 38.43 19.43 32.00
N ASN A 61 38.83 18.23 31.53
CA ASN A 61 39.75 18.10 30.41
C ASN A 61 39.07 17.54 29.16
N TRP A 62 37.76 17.29 29.23
CA TRP A 62 37.04 16.71 28.09
C TRP A 62 37.17 17.57 26.84
N TYR A 63 37.24 18.89 27.03
CA TYR A 63 37.35 19.85 25.92
C TYR A 63 38.45 19.47 24.92
N ARG A 64 39.52 18.86 25.42
CA ARG A 64 40.72 18.54 24.64
C ARG A 64 40.49 17.66 23.41
N GLU A 65 39.43 16.87 23.39
CA GLU A 65 39.17 15.93 22.29
C GLU A 65 38.41 16.55 21.11
N VAL A 66 37.76 17.68 21.36
CA VAL A 66 36.74 18.19 20.43
C VAL A 66 37.28 18.53 19.04
N ALA A 67 38.36 19.30 18.99
CA ALA A 67 38.87 19.82 17.71
C ALA A 67 39.16 18.74 16.68
N THR A 68 39.92 17.73 17.10
CA THR A 68 40.27 16.62 16.21
C THR A 68 39.07 15.74 15.90
N ALA A 69 38.23 15.51 16.90
CA ALA A 69 37.04 14.66 16.74
C ALA A 69 36.04 15.26 15.74
N LYS A 70 35.81 16.58 15.83
CA LYS A 70 34.97 17.27 14.85
C LYS A 70 35.54 17.08 13.48
N ARG A 71 36.80 17.44 13.31
CA ARG A 71 37.43 17.39 12.00
C ARG A 71 37.27 16.00 11.41
N ALA A 72 37.64 14.98 12.19
CA ALA A 72 37.53 13.58 11.78
C ALA A 72 36.12 13.23 11.30
N ILE A 73 35.09 13.72 11.99
CA ILE A 73 33.69 13.52 11.57
C ILE A 73 33.36 14.22 10.24
N GLU A 74 33.91 15.41 10.02
CA GLU A 74 33.81 16.08 8.72
C GLU A 74 34.47 15.27 7.58
N GLN A 75 35.55 14.55 7.88
CA GLN A 75 36.17 13.64 6.90
C GLN A 75 35.50 12.27 6.81
N GLY A 76 34.25 12.17 7.28
CA GLY A 76 33.47 10.94 7.16
C GLY A 76 33.87 9.80 8.07
N ALA A 77 34.65 10.09 9.12
CA ALA A 77 35.16 9.07 10.04
C ALA A 77 34.17 8.78 11.17
N LEU A 78 34.21 7.54 11.68
CA LEU A 78 33.53 7.19 12.94
C LEU A 78 34.41 7.53 14.13
N VAL A 79 33.80 7.85 15.27
CA VAL A 79 34.55 8.15 16.50
C VAL A 79 34.03 7.31 17.67
N PHE A 80 34.94 6.77 18.47
CA PHE A 80 34.57 6.03 19.68
C PHE A 80 35.55 6.33 20.80
N ALA A 81 35.09 6.18 22.03
CA ALA A 81 35.84 6.65 23.19
C ALA A 81 36.04 5.56 24.23
N SER A 82 37.21 5.57 24.87
CA SER A 82 37.61 4.57 25.84
C SER A 82 38.08 5.20 27.15
N PRO A 83 37.50 4.79 28.28
CA PRO A 83 37.95 5.20 29.61
C PRO A 83 39.06 4.28 30.13
N TRP A 84 39.97 4.84 30.92
CA TRP A 84 41.00 4.05 31.60
C TRP A 84 40.66 3.91 33.08
N ASN A 85 40.24 5.01 33.71
CA ASN A 85 39.76 4.97 35.09
C ASN A 85 38.44 5.71 35.25
N PRO A 86 37.61 5.27 36.20
CA PRO A 86 36.53 6.09 36.67
C PRO A 86 37.10 7.27 37.45
N PRO A 87 36.29 8.31 37.70
CA PRO A 87 36.69 9.38 38.61
C PRO A 87 37.20 8.77 39.92
N SER A 88 38.03 9.49 40.65
CA SER A 88 38.80 8.87 41.74
C SER A 88 38.04 8.75 43.07
N ASP A 89 36.89 9.42 43.19
CA ASP A 89 35.98 9.16 44.31
C ASP A 89 35.16 7.88 44.12
N MET A 90 35.16 7.32 42.90
CA MET A 90 34.45 6.09 42.61
C MET A 90 35.32 4.84 42.75
N VAL A 91 36.63 5.04 42.87
CA VAL A 91 37.61 3.97 42.91
C VAL A 91 38.10 3.67 44.35
N GLU A 92 38.35 2.39 44.63
CA GLU A 92 38.98 1.99 45.88
C GLU A 92 40.12 1.05 45.58
N THR A 93 41.07 0.96 46.51
CA THR A 93 42.20 0.06 46.35
C THR A 93 41.91 -1.30 46.96
N PHE A 94 42.68 -2.30 46.53
CA PHE A 94 42.67 -3.63 47.11
C PHE A 94 43.91 -4.40 46.64
N ASN A 95 44.27 -5.45 47.37
CA ASN A 95 45.41 -6.26 46.99
C ASN A 95 45.00 -7.39 46.05
N ARG A 96 45.67 -7.44 44.91
CA ARG A 96 45.35 -8.39 43.87
C ARG A 96 46.63 -9.12 43.56
N ASN A 97 46.78 -10.32 44.12
CA ASN A 97 47.95 -11.17 43.87
C ASN A 97 49.30 -10.59 44.34
N GLY A 98 49.25 -9.71 45.33
CA GLY A 98 50.47 -9.09 45.87
C GLY A 98 50.66 -7.62 45.54
N ALA A 99 49.95 -7.13 44.53
CA ALA A 99 50.07 -5.74 44.12
C ALA A 99 48.86 -4.94 44.57
N SER A 100 49.08 -3.70 44.97
CA SER A 100 47.98 -2.78 45.22
C SER A 100 47.32 -2.46 43.88
N ALA A 101 46.00 -2.63 43.83
CA ALA A 101 45.24 -2.47 42.61
C ALA A 101 44.01 -1.61 42.83
N LYS A 102 43.39 -1.20 41.72
CA LYS A 102 42.19 -0.36 41.77
C LYS A 102 41.03 -1.07 41.11
N ARG A 103 39.83 -0.78 41.60
CA ARG A 103 38.61 -1.27 40.97
C ARG A 103 37.48 -0.27 41.19
N LEU A 104 36.41 -0.43 40.44
CA LEU A 104 35.22 0.36 40.63
C LEU A 104 34.50 -0.13 41.88
N LYS A 105 34.23 0.79 42.81
CA LYS A 105 33.46 0.48 44.01
C LYS A 105 32.07 0.02 43.62
N TYR A 106 31.60 -1.00 44.32
CA TYR A 106 30.39 -1.71 43.94
C TYR A 106 29.12 -0.88 44.05
N ASP A 107 29.08 0.05 45.00
CA ASP A 107 27.93 0.97 45.12
C ASP A 107 28.02 2.18 44.17
N LYS A 108 29.11 2.31 43.41
CA LYS A 108 29.29 3.43 42.46
C LYS A 108 29.08 3.05 40.99
N TYR A 109 28.54 1.87 40.70
CA TYR A 109 28.33 1.47 39.30
C TYR A 109 27.36 2.41 38.56
N ALA A 110 26.23 2.73 39.18
CA ALA A 110 25.25 3.60 38.54
C ALA A 110 25.84 4.98 38.22
N ALA A 111 26.66 5.51 39.13
CA ALA A 111 27.31 6.81 38.92
C ALA A 111 28.37 6.77 37.83
N TYR A 112 29.14 5.69 37.74
CA TYR A 112 30.13 5.55 36.68
C TYR A 112 29.46 5.54 35.30
N ALA A 113 28.31 4.87 35.19
CA ALA A 113 27.48 4.92 33.97
C ALA A 113 26.99 6.33 33.66
N GLN A 114 26.71 7.12 34.70
CA GLN A 114 26.31 8.53 34.54
C GLN A 114 27.47 9.43 34.07
N HIS A 115 28.68 9.04 34.44
CA HIS A 115 29.90 9.73 34.02
C HIS A 115 30.14 9.44 32.55
N LEU A 116 29.97 8.18 32.15
CA LEU A 116 30.03 7.82 30.73
C LEU A 116 28.93 8.52 29.92
N ASN A 117 27.68 8.46 30.39
CA ASN A 117 26.60 9.21 29.74
C ASN A 117 26.97 10.70 29.57
N ASP A 118 27.52 11.30 30.61
CA ASP A 118 27.90 12.72 30.56
C ASP A 118 28.97 13.01 29.51
N PHE A 119 29.91 12.10 29.31
CA PHE A 119 30.89 12.28 28.26
C PHE A 119 30.17 12.34 26.92
N VAL A 120 29.30 11.37 26.70
CA VAL A 120 28.61 11.24 25.42
C VAL A 120 27.84 12.50 25.07
N THR A 121 27.18 13.09 26.06
CA THR A 121 26.37 14.28 25.86
C THR A 121 27.22 15.55 25.79
N PHE A 122 28.34 15.58 26.51
CA PHE A 122 29.28 16.70 26.40
C PHE A 122 29.80 16.82 24.96
N MET A 123 30.15 15.70 24.36
CA MET A 123 30.62 15.63 22.98
C MET A 123 29.51 15.97 21.99
N LYS A 124 28.31 15.43 22.24
CA LYS A 124 27.14 15.71 21.41
C LYS A 124 26.84 17.22 21.38
N ASN A 125 26.96 17.88 22.54
CA ASN A 125 26.80 19.33 22.66
C ASN A 125 27.87 20.12 21.93
N ASN A 126 29.02 19.50 21.69
CA ASN A 126 30.09 20.13 20.92
C ASN A 126 30.20 19.59 19.50
N GLY A 127 29.16 18.91 19.02
CA GLY A 127 29.05 18.56 17.60
C GLY A 127 29.65 17.22 17.16
N VAL A 128 29.91 16.34 18.12
CA VAL A 128 30.54 15.03 17.85
C VAL A 128 29.62 13.94 18.42
N ASP A 129 28.95 13.21 17.54
CA ASP A 129 28.08 12.10 17.94
C ASP A 129 28.86 10.78 17.96
N LEU A 130 29.25 10.31 19.14
CA LEU A 130 30.05 9.08 19.23
C LEU A 130 29.34 7.88 18.64
N TYR A 131 30.05 7.15 17.79
CA TYR A 131 29.54 5.87 17.31
C TYR A 131 29.40 4.89 18.48
N ALA A 132 30.39 4.89 19.38
CA ALA A 132 30.39 3.98 20.54
C ALA A 132 31.22 4.53 21.71
N ILE A 133 30.97 3.95 22.88
CA ILE A 133 31.77 4.20 24.07
C ILE A 133 32.02 2.85 24.74
N SER A 134 33.15 2.74 25.42
CA SER A 134 33.60 1.48 25.97
C SER A 134 33.50 1.51 27.48
N VAL A 135 33.34 0.32 28.07
CA VAL A 135 33.17 0.20 29.50
C VAL A 135 34.50 0.43 30.21
N GLN A 136 35.56 -0.18 29.71
CA GLN A 136 36.90 -0.05 30.29
C GLN A 136 37.94 -0.52 29.31
N ASN A 137 39.04 0.23 29.26
CA ASN A 137 40.21 -0.21 28.52
C ASN A 137 40.98 -1.25 29.33
N GLU A 138 41.23 -2.40 28.71
CA GLU A 138 42.01 -3.49 29.29
C GLU A 138 41.72 -3.72 30.77
N PRO A 139 40.48 -4.13 31.08
CA PRO A 139 40.09 -4.45 32.44
C PRO A 139 40.85 -5.66 32.99
N ASP A 140 41.40 -6.48 32.11
CA ASP A 140 42.19 -7.66 32.47
C ASP A 140 43.71 -7.48 32.31
N TYR A 141 44.16 -6.25 32.07
CA TYR A 141 45.59 -5.88 32.20
C TYR A 141 45.74 -4.47 32.80
N ALA A 142 45.20 -4.28 33.99
CA ALA A 142 44.98 -2.92 34.55
C ALA A 142 45.85 -2.58 35.75
N HIS A 143 47.04 -3.18 35.81
CA HIS A 143 48.08 -2.82 36.77
C HIS A 143 48.22 -1.31 37.00
N ASP A 144 48.05 -0.52 35.94
CA ASP A 144 48.22 0.94 36.03
C ASP A 144 46.91 1.72 35.86
N TRP A 145 45.78 1.01 35.72
CA TRP A 145 44.46 1.66 35.71
C TRP A 145 43.43 0.95 36.61
N THR A 146 42.23 0.64 36.14
CA THR A 146 41.23 0.02 37.01
C THR A 146 40.82 -1.35 36.48
N TRP A 147 40.96 -2.36 37.33
CA TRP A 147 40.64 -3.76 37.02
C TRP A 147 39.15 -4.02 37.15
N TRP A 148 38.62 -4.86 36.27
CA TRP A 148 37.33 -5.48 36.47
C TRP A 148 37.51 -6.97 36.21
N THR A 149 36.95 -7.82 37.08
CA THR A 149 36.89 -9.25 36.82
C THR A 149 35.79 -9.51 35.78
N PRO A 150 35.75 -10.73 35.21
CA PRO A 150 34.65 -11.05 34.28
C PRO A 150 33.25 -10.85 34.87
N GLN A 151 33.09 -11.15 36.15
CA GLN A 151 31.82 -10.98 36.85
C GLN A 151 31.53 -9.51 37.15
N GLU A 152 32.55 -8.74 37.47
CA GLU A 152 32.38 -7.30 37.67
C GLU A 152 31.88 -6.63 36.36
N ILE A 153 32.53 -6.94 35.24
CA ILE A 153 32.06 -6.45 33.92
C ILE A 153 30.63 -6.91 33.68
N LEU A 154 30.37 -8.18 33.97
CA LEU A 154 29.05 -8.78 33.70
C LEU A 154 27.95 -8.07 34.45
N ARG A 155 28.17 -7.86 35.75
CA ARG A 155 27.24 -7.11 36.57
C ARG A 155 26.89 -5.76 35.93
N PHE A 156 27.91 -5.04 35.46
CA PHE A 156 27.70 -3.72 34.87
C PHE A 156 26.96 -3.77 33.53
N MET A 157 27.23 -4.81 32.75
CA MET A 157 26.58 -4.99 31.45
C MET A 157 25.10 -5.33 31.57
N LYS A 158 24.72 -6.00 32.66
CA LYS A 158 23.32 -6.36 32.92
C LYS A 158 22.56 -5.21 33.53
N GLU A 159 23.15 -4.59 34.54
CA GLU A 159 22.44 -3.65 35.40
C GLU A 159 22.57 -2.20 34.96
N ASN A 160 23.71 -1.83 34.39
CA ASN A 160 24.02 -0.43 34.13
C ASN A 160 24.16 -0.08 32.66
N ALA A 161 24.72 -0.98 31.85
CA ALA A 161 24.79 -0.75 30.41
C ALA A 161 23.39 -0.64 29.87
N GLY A 162 23.22 0.06 28.75
CA GLY A 162 21.87 0.22 28.22
C GLY A 162 20.98 1.13 29.07
N SER A 163 21.53 1.65 30.16
CA SER A 163 21.14 2.98 30.65
C SER A 163 22.08 4.00 29.99
N ILE A 164 23.03 3.51 29.20
CA ILE A 164 23.87 4.35 28.35
C ILE A 164 23.09 4.69 27.08
N GLN A 165 22.60 5.91 27.01
CA GLN A 165 21.87 6.40 25.84
C GLN A 165 22.74 7.40 25.07
N GLY A 166 22.39 7.57 23.79
CA GLY A 166 23.10 8.49 22.89
C GLY A 166 24.20 7.84 22.05
N THR A 167 24.48 6.56 22.27
CA THR A 167 25.53 5.85 21.51
C THR A 167 25.50 4.35 21.78
N ARG A 168 26.35 3.61 21.06
CA ARG A 168 26.53 2.17 21.26
C ARG A 168 27.48 1.87 22.40
N VAL A 169 27.29 0.71 23.03
CA VAL A 169 28.17 0.27 24.13
C VAL A 169 29.14 -0.81 23.67
N MET A 170 30.40 -0.66 24.06
CA MET A 170 31.48 -1.55 23.65
C MET A 170 32.13 -2.20 24.88
N ALA A 171 32.37 -3.51 24.80
CA ALA A 171 33.06 -4.27 25.86
C ALA A 171 33.70 -5.53 25.28
N PRO A 172 34.67 -6.11 26.00
CA PRO A 172 35.31 -5.65 27.24
C PRO A 172 36.70 -5.04 27.02
N GLU A 173 37.14 -4.98 25.77
CA GLU A 173 38.47 -4.47 25.43
C GLU A 173 39.58 -5.15 26.23
N SER A 174 39.53 -6.48 26.28
CA SER A 174 40.61 -7.31 26.82
C SER A 174 41.92 -7.02 26.09
N PHE A 175 43.04 -7.05 26.81
CA PHE A 175 44.35 -6.77 26.20
C PHE A 175 44.81 -7.80 25.16
N GLN A 176 44.31 -9.03 25.28
CA GLN A 176 44.78 -10.15 24.45
C GLN A 176 43.62 -10.98 23.89
N TYR A 177 42.44 -10.37 23.74
CA TYR A 177 41.28 -11.05 23.19
C TYR A 177 41.01 -12.35 23.98
N LEU A 178 41.05 -12.22 25.30
CA LEU A 178 40.84 -13.35 26.20
C LEU A 178 39.35 -13.62 26.32
N LYS A 179 38.96 -14.83 25.94
CA LYS A 179 37.55 -15.17 25.81
C LYS A 179 36.85 -15.20 27.16
N ASN A 180 37.59 -15.53 28.20
CA ASN A 180 37.01 -15.66 29.53
C ASN A 180 36.30 -14.39 30.01
N ILE A 181 36.73 -13.22 29.54
CA ILE A 181 36.14 -11.94 29.98
C ILE A 181 34.96 -11.45 29.09
N SER A 182 34.79 -12.06 27.91
CA SER A 182 33.61 -11.79 27.07
C SER A 182 32.57 -12.91 27.10
N ASP A 183 33.00 -14.15 27.37
CA ASP A 183 32.07 -15.28 27.45
C ASP A 183 30.85 -15.03 28.35
N PRO A 184 31.07 -14.52 29.58
CA PRO A 184 29.92 -14.20 30.44
C PRO A 184 28.88 -13.27 29.82
N ILE A 185 29.32 -12.31 29.01
CA ILE A 185 28.39 -11.39 28.34
C ILE A 185 27.59 -12.14 27.27
N LEU A 186 28.29 -12.89 26.44
CA LEU A 186 27.65 -13.65 25.37
C LEU A 186 26.67 -14.71 25.89
N ASN A 187 26.96 -15.34 27.03
CA ASN A 187 26.09 -16.40 27.59
C ASN A 187 24.93 -15.91 28.42
N ASP A 188 24.83 -14.60 28.60
CA ASP A 188 23.69 -14.00 29.27
C ASP A 188 22.95 -13.12 28.28
N PRO A 189 21.71 -13.50 27.91
CA PRO A 189 20.91 -12.75 26.92
C PRO A 189 20.62 -11.30 27.32
N GLN A 190 20.52 -11.05 28.63
CA GLN A 190 20.19 -9.72 29.12
C GLN A 190 21.39 -8.77 29.13
N ALA A 191 22.56 -9.30 29.43
CA ALA A 191 23.82 -8.56 29.29
C ALA A 191 24.12 -8.40 27.80
N LEU A 192 23.92 -9.48 27.04
CA LEU A 192 24.17 -9.46 25.60
C LEU A 192 23.30 -8.42 24.88
N ALA A 193 22.07 -8.24 25.34
CA ALA A 193 21.17 -7.24 24.76
C ALA A 193 21.75 -5.81 24.85
N ASN A 194 22.45 -5.53 25.95
CA ASN A 194 23.02 -4.19 26.17
C ASN A 194 24.39 -3.94 25.52
N MET A 195 25.04 -4.98 24.98
CA MET A 195 26.30 -4.81 24.26
C MET A 195 26.08 -4.66 22.76
N ASP A 196 26.63 -3.59 22.18
CA ASP A 196 26.48 -3.33 20.75
C ASP A 196 27.73 -3.74 19.93
N ILE A 197 28.90 -3.63 20.53
CA ILE A 197 30.14 -4.04 19.88
C ILE A 197 31.03 -4.80 20.85
N LEU A 198 31.51 -5.96 20.43
CA LEU A 198 32.57 -6.65 21.17
C LEU A 198 33.93 -6.11 20.71
N GLY A 199 34.54 -5.29 21.56
CA GLY A 199 35.90 -4.81 21.33
C GLY A 199 36.95 -5.70 21.97
N ALA A 200 38.07 -5.88 21.27
CA ALA A 200 39.21 -6.63 21.78
C ALA A 200 40.54 -6.00 21.36
N HIS A 201 41.54 -6.01 22.23
CA HIS A 201 42.91 -5.75 21.81
C HIS A 201 43.56 -7.08 21.49
N THR A 202 44.72 -7.04 20.83
CA THR A 202 45.38 -8.28 20.40
C THR A 202 46.87 -8.37 20.73
N TYR A 203 47.26 -7.80 21.86
CA TYR A 203 48.66 -7.86 22.32
C TYR A 203 49.02 -9.26 22.77
N GLY A 204 49.95 -9.88 22.05
CA GLY A 204 50.41 -11.24 22.36
C GLY A 204 49.51 -12.33 21.79
N THR A 205 48.40 -11.94 21.16
CA THR A 205 47.37 -12.91 20.75
C THR A 205 47.89 -13.79 19.64
N GLN A 206 47.75 -15.11 19.82
CA GLN A 206 48.21 -16.08 18.84
C GLN A 206 47.16 -16.24 17.76
N ILE A 207 47.63 -16.41 16.52
CA ILE A 207 46.76 -16.67 15.36
C ILE A 207 45.58 -17.58 15.69
N LYS A 208 45.85 -18.69 16.38
CA LYS A 208 44.81 -19.68 16.72
C LYS A 208 43.73 -19.16 17.67
N ASP A 209 43.99 -18.06 18.37
CA ASP A 209 43.03 -17.48 19.30
C ASP A 209 42.22 -16.33 18.69
N PHE A 210 42.47 -16.04 17.41
CA PHE A 210 41.70 -15.03 16.67
C PHE A 210 40.28 -15.51 16.40
N ALA A 211 40.10 -16.81 16.22
CA ALA A 211 38.76 -17.39 16.06
C ALA A 211 37.96 -17.24 17.35
N TYR A 212 36.65 -17.03 17.23
CA TYR A 212 35.78 -16.98 18.41
C TYR A 212 34.41 -17.62 18.15
N PRO A 213 34.37 -18.97 18.18
CA PRO A 213 33.17 -19.74 17.86
C PRO A 213 31.91 -19.29 18.60
N LEU A 214 32.03 -19.00 19.91
CA LEU A 214 30.88 -18.53 20.67
C LEU A 214 30.32 -17.22 20.10
N PHE A 215 31.19 -16.33 19.63
CA PHE A 215 30.73 -15.09 19.02
C PHE A 215 30.00 -15.39 17.71
N LYS A 216 30.50 -16.35 16.94
CA LYS A 216 29.80 -16.82 15.75
C LYS A 216 28.45 -17.41 16.11
N GLN A 217 28.43 -18.23 17.17
CA GLN A 217 27.20 -18.87 17.62
C GLN A 217 26.15 -17.86 18.09
N LYS A 218 26.54 -16.91 18.95
CA LYS A 218 25.56 -16.06 19.66
C LYS A 218 25.60 -14.56 19.35
N GLY A 219 26.43 -14.13 18.40
CA GLY A 219 26.72 -12.71 18.23
C GLY A 219 26.05 -11.96 17.08
N ALA A 220 25.03 -12.54 16.47
CA ALA A 220 24.38 -11.92 15.32
C ALA A 220 23.88 -10.50 15.63
N GLY A 221 24.20 -9.55 14.74
CA GLY A 221 23.82 -8.16 14.93
C GLY A 221 24.73 -7.35 15.86
N LYS A 222 25.76 -7.99 16.43
CA LYS A 222 26.78 -7.28 17.20
C LYS A 222 27.97 -7.05 16.28
N GLU A 223 28.65 -5.93 16.44
CA GLU A 223 29.88 -5.69 15.69
C GLU A 223 31.08 -6.25 16.44
N LEU A 224 32.17 -6.44 15.71
CA LEU A 224 33.40 -6.98 16.26
C LEU A 224 34.57 -6.12 15.82
N TRP A 225 35.13 -5.36 16.76
CA TRP A 225 36.21 -4.41 16.46
C TRP A 225 37.48 -4.80 17.17
N MET A 226 38.60 -4.71 16.46
CA MET A 226 39.92 -4.78 17.08
C MET A 226 40.34 -3.33 17.34
N THR A 227 40.29 -2.93 18.61
CA THR A 227 40.31 -1.52 19.02
C THR A 227 41.68 -0.94 19.46
N GLU A 228 42.67 -1.80 19.69
CA GLU A 228 44.04 -1.34 19.93
C GLU A 228 45.08 -2.44 19.71
N VAL A 229 46.13 -2.10 18.95
CA VAL A 229 47.36 -2.87 18.93
C VAL A 229 48.48 -2.00 18.36
N TYR A 230 49.71 -2.43 18.54
CA TYR A 230 50.84 -2.00 17.71
C TYR A 230 51.74 -3.22 17.56
N VAL A 231 52.35 -3.38 16.40
CA VAL A 231 53.14 -4.57 16.08
C VAL A 231 54.29 -4.24 15.14
N PRO A 232 55.39 -5.01 15.23
CA PRO A 232 55.66 -6.06 16.21
C PRO A 232 56.34 -5.56 17.49
N ASN A 233 56.54 -4.25 17.62
CA ASN A 233 57.27 -3.69 18.76
C ASN A 233 57.08 -2.19 18.86
N SER A 234 57.61 -1.61 19.94
CA SER A 234 57.62 -0.16 20.12
C SER A 234 59.04 0.38 20.15
N ASP A 235 59.98 -0.33 19.51
CA ASP A 235 61.37 0.10 19.43
C ASP A 235 61.47 1.54 18.93
N ASN A 236 62.47 2.27 19.42
CA ASN A 236 62.72 3.63 18.95
C ASN A 236 63.02 3.68 17.45
N ASN A 237 62.76 4.83 16.83
CA ASN A 237 63.02 5.06 15.41
C ASN A 237 62.94 3.78 14.56
N SER A 238 61.79 3.11 14.64
CA SER A 238 61.59 1.83 13.95
C SER A 238 60.52 1.85 12.85
N ALA A 239 59.71 2.91 12.80
CA ALA A 239 58.56 2.94 11.89
C ALA A 239 58.91 2.68 10.42
N ASP A 240 60.11 3.10 9.99
CA ASP A 240 60.57 2.90 8.60
C ASP A 240 61.40 1.63 8.34
N ARG A 241 61.60 0.76 9.34
CA ARG A 241 62.44 -0.45 9.16
C ARG A 241 61.80 -1.46 8.20
N TRP A 242 62.62 -2.04 7.33
CA TRP A 242 62.14 -3.06 6.38
C TRP A 242 63.08 -4.27 6.44
N PRO A 243 62.52 -5.50 6.38
CA PRO A 243 61.12 -5.90 6.18
C PRO A 243 60.24 -5.96 7.43
N GLU A 244 60.74 -5.50 8.57
CA GLU A 244 59.98 -5.51 9.82
C GLU A 244 58.55 -4.95 9.68
N ALA A 245 58.43 -3.79 9.05
CA ALA A 245 57.15 -3.11 8.83
C ALA A 245 56.11 -4.00 8.14
N LEU A 246 56.58 -4.98 7.38
CA LEU A 246 55.69 -5.90 6.67
C LEU A 246 54.83 -6.73 7.63
N ASP A 247 55.26 -6.87 8.88
CA ASP A 247 54.46 -7.57 9.89
C ASP A 247 53.14 -6.84 10.26
N VAL A 248 53.04 -5.56 9.90
CA VAL A 248 51.79 -4.81 10.12
C VAL A 248 50.69 -5.34 9.20
N SER A 249 50.99 -5.44 7.92
CA SER A 249 50.06 -5.97 6.93
C SER A 249 49.69 -7.44 7.17
N TYR A 250 50.65 -8.24 7.66
CA TYR A 250 50.38 -9.64 7.97
C TYR A 250 49.40 -9.76 9.13
N HIS A 251 49.64 -8.96 10.17
CA HIS A 251 48.73 -8.87 11.31
C HIS A 251 47.31 -8.45 10.93
N MET A 252 47.21 -7.45 10.05
CA MET A 252 45.90 -6.97 9.59
C MET A 252 45.23 -8.06 8.77
N HIS A 253 46.02 -8.73 7.93
CA HIS A 253 45.54 -9.90 7.21
C HIS A 253 44.97 -10.90 8.20
N ASN A 254 45.74 -11.17 9.25
CA ASN A 254 45.28 -12.10 10.27
C ASN A 254 43.98 -11.63 10.91
N ALA A 255 43.92 -10.37 11.33
CA ALA A 255 42.71 -9.81 11.92
C ALA A 255 41.50 -10.00 10.97
N MET A 256 41.66 -9.57 9.73
CA MET A 256 40.58 -9.63 8.74
C MET A 256 40.12 -11.06 8.43
N VAL A 257 41.07 -11.98 8.19
CA VAL A 257 40.74 -13.31 7.67
C VAL A 257 40.64 -14.41 8.74
N GLU A 258 41.42 -14.29 9.81
CA GLU A 258 41.41 -15.28 10.89
C GLU A 258 40.43 -14.90 12.00
N GLY A 259 40.30 -13.60 12.27
CA GLY A 259 39.40 -13.10 13.31
C GLY A 259 38.09 -12.51 12.81
N ASP A 260 37.92 -12.40 11.49
CA ASP A 260 36.75 -11.72 10.90
C ASP A 260 36.42 -10.38 11.57
N PHE A 261 37.47 -9.61 11.89
CA PHE A 261 37.28 -8.30 12.52
C PHE A 261 36.78 -7.30 11.51
N GLN A 262 35.87 -6.44 11.95
CA GLN A 262 35.25 -5.44 11.07
C GLN A 262 36.00 -4.12 11.13
N ALA A 263 36.77 -3.91 12.19
CA ALA A 263 37.53 -2.69 12.38
C ALA A 263 38.89 -3.04 12.97
N TYR A 264 39.93 -2.32 12.53
CA TYR A 264 41.31 -2.49 13.02
C TYR A 264 41.90 -1.14 13.43
N VAL A 265 42.03 -0.91 14.73
CA VAL A 265 42.43 0.39 15.26
C VAL A 265 43.81 0.30 15.92
N TRP A 266 44.72 1.17 15.48
CA TRP A 266 46.09 1.22 15.97
C TRP A 266 46.13 1.97 17.30
N TRP A 267 47.25 1.85 18.00
CA TRP A 267 47.54 2.71 19.16
C TRP A 267 47.88 4.11 18.57
N TYR A 268 48.82 4.85 19.17
CA TYR A 268 49.04 6.26 18.80
C TYR A 268 49.21 6.40 17.29
N ILE A 269 48.51 7.38 16.70
CA ILE A 269 48.65 7.66 15.28
C ILE A 269 50.02 8.27 15.02
N ARG A 270 50.34 9.33 15.76
CA ARG A 270 51.60 10.03 15.60
C ARG A 270 52.59 9.50 16.61
N ARG A 271 53.53 8.69 16.13
CA ARG A 271 54.57 8.17 16.99
C ARG A 271 55.75 7.64 16.18
N GLN A 272 56.90 7.57 16.82
CA GLN A 272 58.13 7.11 16.16
C GLN A 272 58.09 5.64 15.76
N TYR A 273 57.18 4.89 16.35
CA TYR A 273 56.99 3.48 16.01
C TYR A 273 55.60 3.25 15.42
N GLY A 274 54.94 4.34 15.01
CA GLY A 274 53.57 4.30 14.52
C GLY A 274 53.47 4.58 13.03
N PRO A 275 52.23 4.71 12.51
CA PRO A 275 51.99 4.90 11.08
C PRO A 275 52.32 6.29 10.54
N MET A 276 52.35 7.28 11.44
CA MET A 276 52.77 8.63 11.10
C MET A 276 53.93 8.94 12.03
N LYS A 277 55.03 9.42 11.48
CA LYS A 277 56.21 9.76 12.29
C LYS A 277 56.00 11.13 12.93
N GLU A 278 56.94 11.54 13.78
CA GLU A 278 56.86 12.86 14.42
C GLU A 278 57.00 14.03 13.44
N ASP A 279 57.56 13.80 12.26
CA ASP A 279 57.63 14.85 11.23
C ASP A 279 56.31 15.03 10.44
N GLY A 280 55.32 14.18 10.69
CA GLY A 280 54.01 14.31 10.06
C GLY A 280 53.84 13.48 8.80
N THR A 281 54.91 12.79 8.38
CA THR A 281 54.89 11.97 7.18
C THR A 281 54.51 10.52 7.47
N ILE A 282 54.11 9.81 6.43
CA ILE A 282 53.65 8.43 6.55
C ILE A 282 54.85 7.49 6.60
N SER A 283 54.87 6.61 7.62
CA SER A 283 55.96 5.65 7.80
C SER A 283 55.73 4.40 6.96
N LYS A 284 56.72 3.52 6.91
CA LYS A 284 56.56 2.24 6.23
C LYS A 284 55.47 1.39 6.88
N ARG A 285 55.29 1.54 8.19
CA ARG A 285 54.18 0.90 8.90
C ARG A 285 52.87 1.57 8.53
N GLY A 286 52.92 2.88 8.28
CA GLY A 286 51.74 3.61 7.82
C GLY A 286 51.22 3.10 6.50
N TYR A 287 52.15 2.84 5.57
CA TYR A 287 51.78 2.40 4.24
C TYR A 287 51.24 0.99 4.24
N ASN A 288 51.76 0.14 5.12
CA ASN A 288 51.20 -1.19 5.28
C ASN A 288 49.71 -1.10 5.60
N MET A 289 49.37 -0.22 6.53
CA MET A 289 47.96 0.03 6.88
C MET A 289 47.22 0.62 5.70
N ALA A 290 47.77 1.68 5.12
CA ALA A 290 47.21 2.30 3.91
C ALA A 290 46.70 1.29 2.88
N HIS A 291 47.42 0.18 2.72
CA HIS A 291 47.05 -0.85 1.74
C HIS A 291 45.64 -1.41 1.96
N PHE A 292 45.20 -1.43 3.21
CA PHE A 292 43.83 -1.75 3.52
C PHE A 292 43.02 -0.47 3.56
N SER A 293 43.42 0.47 4.43
CA SER A 293 42.57 1.62 4.77
C SER A 293 42.19 2.51 3.60
N LYS A 294 43.09 2.66 2.63
CA LYS A 294 42.86 3.58 1.50
C LYS A 294 41.92 2.99 0.44
N PHE A 295 41.86 1.67 0.33
CA PHE A 295 41.08 1.02 -0.72
C PHE A 295 39.87 0.25 -0.20
N VAL A 296 39.96 -0.30 1.01
CA VAL A 296 38.83 -1.02 1.64
C VAL A 296 38.01 -0.09 2.55
N ARG A 297 37.10 0.66 1.92
CA ARG A 297 36.38 1.73 2.61
C ARG A 297 35.24 1.15 3.46
N PRO A 298 34.74 1.94 4.42
CA PRO A 298 33.55 1.55 5.20
C PRO A 298 32.37 1.16 4.30
N GLY A 299 31.75 0.02 4.59
CA GLY A 299 30.61 -0.46 3.80
C GLY A 299 30.96 -1.59 2.84
N TYR A 300 32.26 -1.76 2.58
CA TYR A 300 32.74 -2.92 1.84
C TYR A 300 32.51 -4.18 2.67
N VAL A 301 32.32 -5.31 2.01
CA VAL A 301 32.30 -6.61 2.70
C VAL A 301 33.54 -7.39 2.30
N ARG A 302 34.05 -8.19 3.25
CA ARG A 302 35.12 -9.12 2.94
C ARG A 302 34.47 -10.26 2.17
N VAL A 303 35.21 -10.85 1.25
CA VAL A 303 34.73 -12.02 0.55
C VAL A 303 35.74 -13.13 0.69
N ASP A 304 35.24 -14.35 0.64
CA ASP A 304 36.06 -15.53 0.79
C ASP A 304 37.17 -15.49 -0.28
N ALA A 305 38.36 -15.91 0.12
CA ALA A 305 39.46 -16.05 -0.79
C ALA A 305 40.44 -17.08 -0.24
N THR A 306 41.16 -17.76 -1.13
CA THR A 306 42.26 -18.62 -0.72
C THR A 306 43.25 -17.77 0.07
N LYS A 307 43.42 -18.10 1.35
CA LYS A 307 44.17 -17.24 2.27
C LYS A 307 45.69 -17.39 2.20
N ASN A 308 46.15 -18.58 1.79
CA ASN A 308 47.58 -18.91 1.81
C ASN A 308 47.93 -19.83 0.63
N PRO A 309 47.90 -19.30 -0.60
CA PRO A 309 48.04 -20.13 -1.80
C PRO A 309 49.47 -20.51 -2.17
N ASP A 310 50.45 -20.07 -1.38
CA ASP A 310 51.85 -20.47 -1.58
C ASP A 310 52.50 -20.19 -0.24
N THR A 311 53.51 -20.97 0.13
CA THR A 311 54.05 -20.97 1.49
C THR A 311 54.10 -19.58 2.17
N ASN A 312 54.70 -18.59 1.50
CA ASN A 312 54.88 -17.27 2.11
C ASN A 312 53.95 -16.17 1.57
N THR A 313 52.81 -16.57 1.01
CA THR A 313 51.90 -15.62 0.38
C THR A 313 50.52 -15.65 1.03
N TYR A 314 49.98 -14.46 1.33
CA TYR A 314 48.73 -14.32 2.08
C TYR A 314 47.74 -13.41 1.36
N VAL A 315 46.52 -13.89 1.15
CA VAL A 315 45.53 -13.21 0.31
C VAL A 315 44.21 -12.95 1.04
N SER A 316 43.75 -11.72 0.97
CA SER A 316 42.43 -11.35 1.45
C SER A 316 41.77 -10.50 0.39
N ALA A 317 40.43 -10.50 0.36
CA ALA A 317 39.70 -9.82 -0.69
C ALA A 317 38.38 -9.25 -0.21
N TYR A 318 37.97 -8.14 -0.83
CA TYR A 318 36.87 -7.32 -0.35
C TYR A 318 36.09 -6.77 -1.54
N LYS A 319 34.80 -6.53 -1.34
CA LYS A 319 33.94 -6.05 -2.42
C LYS A 319 33.07 -4.90 -1.95
N GLY A 320 32.98 -3.84 -2.75
CA GLY A 320 32.15 -2.68 -2.43
C GLY A 320 32.25 -1.62 -3.52
N ASP A 321 31.23 -0.78 -3.63
CA ASP A 321 31.20 0.27 -4.65
C ASP A 321 31.54 -0.29 -6.04
N ASN A 322 30.99 -1.47 -6.34
CA ASN A 322 31.18 -2.13 -7.64
C ASN A 322 32.64 -2.51 -7.94
N LYS A 323 33.45 -2.62 -6.88
CA LYS A 323 34.86 -2.95 -7.03
C LYS A 323 35.20 -4.19 -6.23
N VAL A 324 36.18 -4.95 -6.74
CA VAL A 324 36.85 -5.96 -5.93
C VAL A 324 38.21 -5.39 -5.54
N VAL A 325 38.59 -5.58 -4.28
CA VAL A 325 39.92 -5.25 -3.78
C VAL A 325 40.55 -6.54 -3.26
N ILE A 326 41.84 -6.70 -3.53
CA ILE A 326 42.59 -7.87 -3.08
C ILE A 326 43.88 -7.38 -2.45
N VAL A 327 44.22 -7.93 -1.28
CA VAL A 327 45.48 -7.62 -0.65
C VAL A 327 46.33 -8.88 -0.54
N ALA A 328 47.47 -8.85 -1.22
CA ALA A 328 48.35 -9.99 -1.37
C ALA A 328 49.69 -9.67 -0.74
N ILE A 329 50.18 -10.57 0.09
CA ILE A 329 51.39 -10.34 0.84
C ILE A 329 52.32 -11.47 0.54
N ASN A 330 53.52 -11.13 0.11
CA ASN A 330 54.61 -12.09 0.02
C ASN A 330 55.61 -11.75 1.10
N ARG A 331 55.68 -12.61 2.12
CA ARG A 331 56.59 -12.42 3.25
C ARG A 331 58.02 -12.90 2.95
N GLY A 332 58.14 -13.84 2.02
CA GLY A 332 59.40 -14.51 1.72
C GLY A 332 60.46 -13.67 1.04
N THR A 333 61.62 -14.29 0.85
CA THR A 333 62.83 -13.62 0.36
C THR A 333 62.94 -13.64 -1.16
N SER A 334 62.15 -14.50 -1.81
CA SER A 334 62.13 -14.57 -3.27
C SER A 334 60.80 -14.04 -3.81
N ALA A 335 60.87 -13.41 -4.99
CA ALA A 335 59.69 -12.97 -5.70
C ALA A 335 58.88 -14.18 -6.14
N ALA A 336 57.56 -14.01 -6.25
CA ALA A 336 56.68 -15.11 -6.61
C ALA A 336 55.75 -14.72 -7.74
N SER A 337 55.35 -15.72 -8.52
CA SER A 337 54.27 -15.57 -9.48
C SER A 337 52.99 -16.05 -8.79
N GLN A 338 51.96 -15.21 -8.80
CA GLN A 338 50.67 -15.56 -8.19
C GLN A 338 49.52 -15.34 -9.17
N ARG A 339 48.82 -16.42 -9.50
CA ARG A 339 47.62 -16.33 -10.32
C ARG A 339 46.41 -16.10 -9.41
N PHE A 340 45.55 -15.18 -9.83
CA PHE A 340 44.31 -14.89 -9.12
C PHE A 340 43.13 -15.22 -10.01
N VAL A 341 42.14 -15.94 -9.47
CA VAL A 341 40.95 -16.35 -10.21
C VAL A 341 39.69 -15.76 -9.58
N LEU A 342 38.98 -14.93 -10.35
CA LEU A 342 37.72 -14.33 -9.91
C LEU A 342 36.55 -15.26 -10.21
N GLN A 343 35.75 -15.57 -9.20
CA GLN A 343 34.57 -16.44 -9.34
C GLN A 343 33.31 -15.69 -8.91
N ASN A 344 32.22 -15.94 -9.63
CA ASN A 344 30.90 -15.38 -9.30
C ASN A 344 30.90 -13.83 -9.32
N GLY A 345 31.71 -13.31 -10.22
CA GLY A 345 31.91 -11.89 -10.41
C GLY A 345 32.93 -11.78 -11.51
N ASN A 346 32.98 -10.64 -12.21
CA ASN A 346 33.79 -10.52 -13.41
C ASN A 346 34.39 -9.12 -13.63
N ALA A 347 35.62 -9.11 -14.14
CA ALA A 347 36.33 -7.89 -14.51
C ALA A 347 37.21 -8.16 -15.73
N SER A 348 37.58 -7.09 -16.44
CA SER A 348 38.51 -7.18 -17.58
C SER A 348 39.93 -6.68 -17.26
N THR A 349 40.04 -5.66 -16.41
CA THR A 349 41.34 -5.07 -16.07
C THR A 349 41.53 -4.90 -14.56
N VAL A 350 42.81 -4.81 -14.16
CA VAL A 350 43.19 -4.73 -12.74
C VAL A 350 44.29 -3.70 -12.54
N SER A 351 44.02 -2.71 -11.68
CA SER A 351 45.05 -1.78 -11.18
C SER A 351 45.75 -2.44 -10.00
N SER A 352 46.99 -2.03 -9.73
CA SER A 352 47.71 -2.52 -8.56
C SER A 352 48.74 -1.51 -8.05
N TYR A 353 48.91 -1.50 -6.74
CA TYR A 353 49.88 -0.64 -6.06
C TYR A 353 50.69 -1.51 -5.13
N VAL A 354 51.99 -1.24 -5.01
CA VAL A 354 52.88 -2.10 -4.25
C VAL A 354 53.79 -1.31 -3.30
N THR A 355 53.91 -1.80 -2.07
CA THR A 355 54.85 -1.25 -1.10
C THR A 355 55.91 -2.30 -0.85
N ASP A 356 57.16 -1.85 -0.80
CA ASP A 356 58.27 -2.73 -0.48
C ASP A 356 59.43 -1.90 0.08
N SER A 357 60.62 -2.51 0.12
CA SER A 357 61.85 -1.87 0.61
C SER A 357 62.26 -0.58 -0.09
N SER A 358 61.76 -0.35 -1.30
CA SER A 358 62.13 0.83 -2.09
C SER A 358 60.95 1.63 -2.62
N ARG A 359 59.72 1.16 -2.39
CA ARG A 359 58.54 1.83 -2.95
C ARG A 359 57.43 1.94 -1.93
N ASN A 360 56.63 2.98 -2.07
CA ASN A 360 55.48 3.24 -1.22
C ASN A 360 54.26 3.49 -2.08
N LEU A 361 53.35 2.52 -2.10
CA LEU A 361 52.14 2.60 -2.94
C LEU A 361 52.43 2.96 -4.40
N ALA A 362 53.45 2.32 -4.98
CA ALA A 362 53.85 2.56 -6.36
C ALA A 362 52.85 1.96 -7.34
N SER A 363 52.41 2.76 -8.31
CA SER A 363 51.42 2.33 -9.28
C SER A 363 52.06 1.49 -10.40
N LEU A 364 51.60 0.26 -10.57
CA LEU A 364 52.10 -0.62 -11.63
C LEU A 364 51.17 -0.58 -12.84
N ALA A 365 51.70 -1.03 -13.98
CA ALA A 365 50.94 -1.06 -15.23
C ALA A 365 49.61 -1.80 -15.07
N PRO A 366 48.55 -1.30 -15.74
CA PRO A 366 47.29 -2.03 -15.73
C PRO A 366 47.46 -3.39 -16.40
N ILE A 367 47.42 -4.46 -15.62
CA ILE A 367 47.47 -5.81 -16.14
C ILE A 367 46.02 -6.25 -16.34
N ASN A 368 45.77 -7.25 -17.18
CA ASN A 368 44.40 -7.56 -17.55
C ASN A 368 43.97 -9.02 -17.39
N VAL A 369 42.67 -9.23 -17.55
CA VAL A 369 41.97 -10.45 -17.11
C VAL A 369 41.43 -11.25 -18.29
N SER A 370 41.89 -12.50 -18.44
CA SER A 370 41.35 -13.42 -19.44
C SER A 370 40.59 -14.57 -18.75
N ASN A 371 39.31 -14.71 -19.08
CA ASN A 371 38.35 -15.61 -18.40
C ASN A 371 38.45 -15.66 -16.87
N GLY A 372 38.26 -14.52 -16.22
CA GLY A 372 38.25 -14.44 -14.76
C GLY A 372 39.60 -14.59 -14.09
N ALA A 373 40.67 -14.67 -14.89
CA ALA A 373 41.99 -15.00 -14.36
C ALA A 373 43.06 -14.02 -14.80
N PHE A 374 44.04 -13.80 -13.92
CA PHE A 374 45.19 -12.97 -14.23
C PHE A 374 46.36 -13.35 -13.31
N THR A 375 47.58 -13.22 -13.82
CA THR A 375 48.77 -13.53 -13.05
C THR A 375 49.46 -12.24 -12.67
N ALA A 376 50.20 -12.25 -11.58
CA ALA A 376 50.99 -11.08 -11.20
C ALA A 376 52.21 -11.46 -10.40
N GLN A 377 53.23 -10.62 -10.51
CA GLN A 377 54.50 -10.85 -9.84
C GLN A 377 54.48 -10.12 -8.51
N LEU A 378 54.68 -10.87 -7.42
CA LEU A 378 54.73 -10.31 -6.07
C LEU A 378 56.17 -10.25 -5.55
N PRO A 379 56.76 -9.04 -5.50
CA PRO A 379 58.16 -8.94 -5.10
C PRO A 379 58.43 -9.49 -3.71
N ALA A 380 59.68 -9.89 -3.49
CA ALA A 380 60.15 -10.30 -2.18
C ALA A 380 59.78 -9.23 -1.17
N GLN A 381 59.22 -9.66 -0.04
CA GLN A 381 58.91 -8.77 1.08
C GLN A 381 58.13 -7.54 0.63
N SER A 382 56.94 -7.78 0.09
CA SER A 382 56.08 -6.74 -0.43
C SER A 382 54.62 -7.00 -0.09
N VAL A 383 53.85 -5.92 -0.11
CA VAL A 383 52.41 -6.00 -0.03
C VAL A 383 51.87 -5.28 -1.26
N THR A 384 50.95 -5.93 -1.95
CA THR A 384 50.35 -5.40 -3.16
C THR A 384 48.83 -5.37 -2.99
N THR A 385 48.20 -4.23 -3.26
CA THR A 385 46.74 -4.11 -3.25
C THR A 385 46.22 -3.96 -4.67
N PHE A 386 45.37 -4.89 -5.09
CA PHE A 386 44.75 -4.88 -6.42
C PHE A 386 43.34 -4.28 -6.40
N VAL A 387 42.96 -3.61 -7.49
CA VAL A 387 41.63 -2.99 -7.60
C VAL A 387 41.05 -3.22 -9.01
N ALA A 388 39.76 -3.55 -9.09
CA ALA A 388 39.15 -3.88 -10.38
C ALA A 388 37.65 -3.60 -10.42
N ASN A 389 37.22 -2.87 -11.45
CA ASN A 389 35.79 -2.61 -11.66
C ASN A 389 35.05 -3.87 -12.08
N LEU A 390 34.04 -4.24 -11.31
CA LEU A 390 33.26 -5.45 -11.55
C LEU A 390 32.17 -5.14 -12.56
N SER A 391 31.73 -6.16 -13.28
CA SER A 391 30.77 -5.97 -14.36
C SER A 391 29.34 -5.92 -13.85
N GLY A 392 28.47 -5.30 -14.64
CA GLY A 392 27.02 -5.44 -14.53
C GLY A 392 26.35 -4.81 -13.33
N GLY A 393 27.05 -3.93 -12.64
CA GLY A 393 26.59 -3.41 -11.36
C GLY A 393 26.21 -1.95 -11.46
N ASN A 394 25.52 -1.47 -10.44
CA ASN A 394 25.39 -0.06 -10.12
C ASN A 394 24.68 0.12 -8.78
N SER A 395 25.02 1.20 -8.08
CA SER A 395 24.14 1.79 -7.07
C SER A 395 24.23 3.30 -7.23
N GLY A 396 23.07 3.95 -7.40
CA GLY A 396 22.99 5.38 -7.64
C GLY A 396 22.17 6.09 -6.57
N GLY A 397 21.42 7.11 -7.00
CA GLY A 397 20.62 7.95 -6.10
C GLY A 397 20.34 9.32 -6.70
N GLY A 398 21.20 10.29 -6.36
CA GLY A 398 21.13 11.63 -6.94
C GLY A 398 21.52 11.64 -8.42
N ASN A 399 22.70 11.13 -8.76
CA ASN A 399 23.76 10.80 -7.79
C ASN A 399 25.02 11.55 -8.18
N VAL A 400 25.44 11.33 -9.41
CA VAL A 400 26.39 12.22 -10.08
C VAL A 400 25.61 12.95 -11.18
N ASN A 401 25.62 14.29 -11.24
CA ASN A 401 25.82 15.27 -10.14
C ASN A 401 26.90 15.06 -9.06
N THR A 402 28.01 14.47 -9.48
CA THR A 402 29.24 14.47 -8.70
C THR A 402 29.85 15.81 -9.06
N GLY A 403 29.63 16.24 -10.29
CA GLY A 403 30.09 17.54 -10.77
C GLY A 403 31.60 17.60 -10.78
N THR A 404 32.19 17.60 -11.96
CA THR A 404 33.62 17.79 -12.08
C THR A 404 33.95 18.93 -13.05
N THR A 405 34.53 20.00 -12.50
CA THR A 405 34.82 21.19 -13.26
C THR A 405 36.24 21.14 -13.80
N TYR A 406 36.42 21.55 -15.06
CA TYR A 406 37.75 21.72 -15.64
C TYR A 406 37.88 23.15 -16.13
N GLU A 407 38.90 23.85 -15.63
CA GLU A 407 39.09 25.24 -16.00
C GLU A 407 39.53 25.33 -17.47
N ALA A 408 39.13 26.42 -18.12
CA ALA A 408 39.41 26.63 -19.53
C ALA A 408 40.83 27.16 -19.77
N GLU A 409 41.48 27.64 -18.70
CA GLU A 409 42.74 28.37 -18.84
C GLU A 409 43.98 27.53 -18.53
N THR A 410 43.87 26.61 -17.57
CA THR A 410 44.96 25.68 -17.22
C THR A 410 44.52 24.22 -17.38
N GLY A 411 45.46 23.37 -17.81
CA GLY A 411 45.21 21.93 -18.02
C GLY A 411 44.52 21.74 -19.36
N THR A 412 45.02 22.46 -20.36
CA THR A 412 44.30 22.68 -21.60
C THR A 412 45.30 23.11 -22.67
N THR A 413 44.90 23.00 -23.94
CA THR A 413 45.75 23.34 -25.08
C THR A 413 45.07 24.41 -25.95
N LEU A 414 45.74 25.58 -26.05
CA LEU A 414 45.19 26.74 -26.76
C LEU A 414 45.81 26.93 -28.13
N THR A 415 44.95 27.22 -29.11
CA THR A 415 45.36 27.59 -30.46
C THR A 415 44.80 28.98 -30.73
N ASP A 416 45.69 29.97 -30.84
CA ASP A 416 45.34 31.37 -31.09
C ASP A 416 44.27 31.91 -30.13
N ALA A 417 44.54 31.72 -28.83
CA ALA A 417 43.66 32.20 -27.77
C ALA A 417 44.53 32.36 -26.53
N VAL A 418 44.12 33.22 -25.61
CA VAL A 418 44.98 33.56 -24.49
C VAL A 418 44.18 33.71 -23.18
N VAL A 419 44.86 33.52 -22.05
CA VAL A 419 44.26 33.65 -20.72
C VAL A 419 44.21 35.11 -20.27
N GLU A 420 43.06 35.53 -19.75
CA GLU A 420 42.90 36.91 -19.25
C GLU A 420 42.18 36.98 -17.90
N THR A 421 42.33 38.12 -17.23
CA THR A 421 41.80 38.33 -15.88
C THR A 421 41.18 39.72 -15.70
N LEU A 422 40.73 40.34 -16.80
CA LEU A 422 40.19 41.70 -16.74
C LEU A 422 38.82 41.71 -16.04
N TYR A 423 37.89 40.93 -16.57
CA TYR A 423 36.52 40.89 -16.06
C TYR A 423 36.40 39.88 -14.93
N PRO A 424 35.84 40.29 -13.78
CA PRO A 424 35.79 39.40 -12.61
C PRO A 424 34.63 38.40 -12.62
N GLY A 425 34.66 37.46 -11.67
CA GLY A 425 33.55 36.50 -11.50
C GLY A 425 33.87 35.11 -12.02
N TYR A 426 34.97 35.01 -12.75
CA TYR A 426 35.49 33.73 -13.22
C TYR A 426 35.92 32.82 -12.07
N THR A 427 35.83 31.51 -12.29
CA THR A 427 36.46 30.53 -11.41
C THR A 427 37.89 30.29 -11.88
N GLY A 428 38.74 29.79 -10.99
CA GLY A 428 40.13 29.47 -11.35
C GLY A 428 40.97 30.72 -11.43
N SER A 429 42.06 30.65 -12.19
CA SER A 429 43.00 31.77 -12.33
C SER A 429 42.60 32.75 -13.45
N GLY A 430 41.53 32.44 -14.18
CA GLY A 430 41.05 33.36 -15.19
C GLY A 430 39.99 32.79 -16.12
N TYR A 431 40.01 33.28 -17.35
CA TYR A 431 39.20 32.78 -18.44
C TYR A 431 40.04 32.84 -19.71
N VAL A 432 39.52 32.27 -20.78
CA VAL A 432 40.20 32.29 -22.06
C VAL A 432 39.47 33.21 -23.03
N ASN A 433 40.25 33.94 -23.83
CA ASN A 433 39.77 34.82 -24.87
C ASN A 433 40.25 34.29 -26.21
N PHE A 434 39.32 34.08 -27.13
CA PHE A 434 39.65 33.72 -28.52
C PHE A 434 40.16 34.96 -29.27
N ASN A 435 41.22 34.80 -30.07
CA ASN A 435 41.80 35.91 -30.82
C ASN A 435 41.28 36.05 -32.25
N ALA A 436 41.14 34.93 -32.97
CA ALA A 436 40.76 34.95 -34.39
C ALA A 436 39.27 34.68 -34.64
N TYR A 437 38.75 35.30 -35.71
CA TYR A 437 37.36 35.10 -36.14
C TYR A 437 37.10 33.65 -36.56
N THR A 438 38.10 33.02 -37.18
CA THR A 438 38.02 31.62 -37.59
C THR A 438 39.17 30.77 -37.03
N ASN A 439 38.75 29.64 -36.47
CA ASN A 439 39.57 28.57 -35.87
C ASN A 439 40.73 28.86 -34.91
N SER A 440 40.42 29.62 -33.88
CA SER A 440 41.15 29.51 -32.63
C SER A 440 40.37 28.50 -31.81
N ALA A 441 41.03 27.85 -30.87
CA ALA A 441 40.45 26.71 -30.20
C ALA A 441 40.97 26.50 -28.80
N ILE A 442 40.14 25.85 -27.99
CA ILE A 442 40.54 25.31 -26.69
C ILE A 442 40.33 23.80 -26.72
N GLU A 443 41.34 23.04 -26.29
CA GLU A 443 41.24 21.59 -26.22
C GLU A 443 41.60 21.05 -24.83
N TRP A 444 40.61 20.42 -24.18
CA TRP A 444 40.83 19.67 -22.96
C TRP A 444 41.25 18.26 -23.40
N ASN A 445 42.29 17.73 -22.77
CA ASN A 445 42.82 16.38 -23.08
C ASN A 445 42.79 15.44 -21.87
N ALA A 446 42.25 15.91 -20.76
CA ALA A 446 42.33 15.19 -19.49
C ALA A 446 40.97 14.96 -18.83
N ILE A 447 39.91 14.90 -19.63
CA ILE A 447 38.57 14.69 -19.08
C ILE A 447 38.39 13.22 -18.73
N ASN A 448 38.17 12.94 -17.46
CA ASN A 448 38.26 11.59 -16.92
C ASN A 448 36.91 11.15 -16.33
N ASN A 449 36.25 10.19 -17.00
CA ASN A 449 34.92 9.75 -16.60
C ASN A 449 34.94 8.35 -15.99
N MET A 450 34.16 8.16 -14.94
CA MET A 450 34.09 6.87 -14.27
C MET A 450 33.53 5.82 -15.22
N THR A 451 32.44 6.19 -15.90
CA THR A 451 31.70 5.29 -16.78
C THR A 451 31.61 5.86 -18.19
N THR A 452 31.24 4.98 -19.14
CA THR A 452 30.84 5.41 -20.47
C THR A 452 29.41 5.93 -20.37
N GLY A 453 28.99 6.73 -21.34
CA GLY A 453 27.60 7.17 -21.40
C GLY A 453 27.43 8.57 -21.94
N THR A 454 26.22 9.10 -21.78
CA THR A 454 25.92 10.45 -22.15
C THR A 454 26.35 11.35 -21.01
N LYS A 455 27.10 12.40 -21.33
CA LYS A 455 27.51 13.40 -20.37
C LYS A 455 26.90 14.73 -20.74
N ASN A 456 26.42 15.47 -19.74
CA ASN A 456 26.05 16.87 -19.95
C ASN A 456 27.29 17.71 -19.79
N VAL A 457 27.54 18.60 -20.73
CA VAL A 457 28.73 19.46 -20.68
C VAL A 457 28.27 20.91 -20.61
N LYS A 458 28.36 21.50 -19.41
CA LYS A 458 27.94 22.86 -19.18
C LYS A 458 29.11 23.84 -19.36
N PHE A 459 28.99 24.71 -20.34
CA PHE A 459 29.97 25.77 -20.58
C PHE A 459 29.60 27.01 -19.76
N ARG A 460 30.56 27.54 -19.01
CA ARG A 460 30.39 28.83 -18.35
C ARG A 460 31.21 29.84 -19.13
N TYR A 461 30.54 30.89 -19.62
CA TYR A 461 31.13 31.79 -20.59
C TYR A 461 30.53 33.19 -20.48
N ALA A 462 31.20 34.17 -21.08
CA ALA A 462 30.67 35.53 -21.11
C ALA A 462 30.64 36.02 -22.56
N LEU A 463 29.63 36.81 -22.89
CA LEU A 463 29.51 37.36 -24.24
C LEU A 463 28.68 38.63 -24.21
N GLU A 464 29.29 39.74 -24.64
CA GLU A 464 28.67 41.05 -24.50
C GLU A 464 27.43 41.19 -25.39
N SER A 465 27.59 41.18 -26.72
CA SER A 465 26.45 41.46 -27.63
C SER A 465 26.06 40.37 -28.66
N GLY A 466 26.99 39.87 -29.46
CA GLY A 466 26.59 38.99 -30.58
C GLY A 466 26.07 37.60 -30.19
N THR A 467 25.74 36.82 -31.22
CA THR A 467 25.70 35.36 -31.10
C THR A 467 26.97 34.88 -31.79
N ARG A 468 27.65 33.91 -31.19
CA ARG A 468 28.97 33.50 -31.65
C ARG A 468 29.11 31.96 -31.71
N ASN A 469 29.05 31.44 -32.94
CA ASN A 469 28.88 30.00 -33.16
C ASN A 469 30.22 29.25 -33.04
N LEU A 470 30.21 28.09 -32.40
CA LEU A 470 31.40 27.22 -32.30
C LEU A 470 31.14 25.80 -32.81
N ASP A 471 32.09 25.27 -33.58
CA ASP A 471 32.15 23.83 -33.86
C ASP A 471 32.69 23.13 -32.62
N ILE A 472 32.16 21.93 -32.34
CA ILE A 472 32.52 21.18 -31.13
C ILE A 472 32.92 19.74 -31.51
N TYR A 473 34.07 19.29 -31.00
CA TYR A 473 34.58 17.94 -31.26
C TYR A 473 34.74 17.20 -29.95
N VAL A 474 34.31 15.93 -29.93
CA VAL A 474 34.62 15.02 -28.82
C VAL A 474 35.43 13.85 -29.38
N ASN A 475 36.58 13.60 -28.75
CA ASN A 475 37.51 12.53 -29.17
C ASN A 475 37.89 12.55 -30.65
N GLY A 476 37.94 13.74 -31.24
CA GLY A 476 38.27 13.89 -32.66
C GLY A 476 37.09 13.84 -33.62
N THR A 477 35.90 13.52 -33.10
CA THR A 477 34.68 13.52 -33.92
C THR A 477 33.86 14.77 -33.65
N LYS A 478 33.45 15.44 -34.72
CA LYS A 478 32.59 16.62 -34.61
C LYS A 478 31.16 16.22 -34.25
N VAL A 479 30.77 16.51 -33.01
CA VAL A 479 29.40 16.21 -32.54
C VAL A 479 28.40 17.31 -32.84
N LEU A 480 28.88 18.55 -32.91
CA LEU A 480 28.03 19.69 -33.26
C LEU A 480 28.83 20.65 -34.13
N SER A 481 28.18 21.19 -35.15
CA SER A 481 28.80 22.18 -36.01
C SER A 481 28.05 23.52 -35.87
N ASN A 482 28.82 24.59 -35.69
CA ASN A 482 28.26 25.93 -35.46
C ASN A 482 27.19 25.96 -34.37
N GLU A 483 27.56 25.46 -33.18
CA GLU A 483 26.66 25.54 -32.04
C GLU A 483 26.62 26.99 -31.56
N PRO A 484 25.40 27.56 -31.43
CA PRO A 484 25.30 28.98 -31.05
C PRO A 484 25.69 29.23 -29.61
N PHE A 485 26.33 30.38 -29.36
CA PHE A 485 26.54 30.89 -28.01
C PHE A 485 25.93 32.28 -27.93
N THR A 486 24.73 32.32 -27.37
CA THR A 486 23.96 33.54 -27.27
C THR A 486 24.62 34.51 -26.30
N GLU A 487 24.31 35.79 -26.46
CA GLU A 487 24.86 36.83 -25.60
C GLU A 487 24.51 36.59 -24.14
N THR A 488 25.42 36.98 -23.26
CA THR A 488 25.14 37.11 -21.85
C THR A 488 24.79 38.55 -21.50
N GLY A 489 25.13 39.49 -22.40
CA GLY A 489 24.83 40.92 -22.18
C GLY A 489 26.00 41.75 -21.69
N SER A 490 27.08 41.12 -21.23
CA SER A 490 28.27 41.84 -20.78
C SER A 490 29.45 40.89 -20.61
N TRP A 491 30.67 41.41 -20.75
CA TRP A 491 31.86 40.58 -20.61
C TRP A 491 32.08 40.13 -19.16
N SER A 492 31.32 40.71 -18.23
CA SER A 492 31.38 40.35 -16.81
C SER A 492 30.17 39.54 -16.34
N THR A 493 29.21 39.31 -17.24
CA THR A 493 28.04 38.51 -16.90
C THR A 493 28.27 37.11 -17.44
N TRP A 494 28.45 36.17 -16.53
CA TRP A 494 28.76 34.80 -16.87
C TRP A 494 27.46 34.02 -16.96
N GLY A 495 27.29 33.33 -18.08
CA GLY A 495 26.11 32.54 -18.36
C GLY A 495 26.50 31.09 -18.55
N GLU A 496 25.48 30.25 -18.76
CA GLU A 496 25.69 28.82 -18.87
C GLU A 496 24.99 28.24 -20.12
N LYS A 497 25.58 27.17 -20.63
CA LYS A 497 25.05 26.51 -21.81
C LYS A 497 25.40 25.05 -21.75
N THR A 498 24.37 24.22 -21.70
CA THR A 498 24.52 22.77 -21.61
C THR A 498 24.26 22.09 -22.95
N ILE A 499 25.17 21.18 -23.32
CA ILE A 499 24.97 20.27 -24.44
C ILE A 499 25.08 18.84 -23.94
N GLN A 500 24.54 17.91 -24.72
CA GLN A 500 24.65 16.49 -24.44
C GLN A 500 25.61 15.86 -25.44
N VAL A 501 26.57 15.10 -24.95
CA VAL A 501 27.51 14.37 -25.79
C VAL A 501 27.82 13.01 -25.14
N ALA A 502 28.38 12.10 -25.93
CA ALA A 502 28.76 10.79 -25.41
C ALA A 502 30.27 10.68 -25.23
N MET A 503 30.69 10.13 -24.09
CA MET A 503 32.11 9.92 -23.76
C MET A 503 32.36 8.55 -23.13
N ASN A 504 33.51 7.95 -23.45
CA ASN A 504 34.02 6.71 -22.82
C ASN A 504 34.24 6.84 -21.30
N SER A 505 34.70 5.74 -20.70
CA SER A 505 35.06 5.71 -19.28
C SER A 505 36.53 6.04 -19.01
N GLY A 506 37.33 6.30 -20.04
CA GLY A 506 38.74 6.63 -19.86
C GLY A 506 39.02 8.11 -19.94
N VAL A 507 40.15 8.43 -20.55
CA VAL A 507 40.54 9.81 -20.82
C VAL A 507 39.97 10.23 -22.18
N ASN A 508 39.21 11.33 -22.18
CA ASN A 508 38.58 11.86 -23.39
C ASN A 508 39.15 13.23 -23.76
N THR A 509 38.86 13.68 -24.98
CA THR A 509 39.18 15.03 -25.40
C THR A 509 37.91 15.77 -25.83
N LEU A 510 37.90 17.08 -25.57
CA LEU A 510 36.85 17.96 -26.04
C LEU A 510 37.52 19.18 -26.66
N ARG A 511 37.08 19.54 -27.85
CA ARG A 511 37.72 20.60 -28.62
C ARG A 511 36.65 21.55 -29.14
N ILE A 512 36.77 22.83 -28.79
CA ILE A 512 35.88 23.85 -29.33
C ILE A 512 36.71 24.81 -30.17
N VAL A 513 36.14 25.24 -31.29
CA VAL A 513 36.91 25.97 -32.30
C VAL A 513 36.01 26.94 -33.10
N THR A 514 36.52 28.15 -33.35
CA THR A 514 35.73 29.17 -34.05
C THR A 514 35.59 28.87 -35.55
N THR A 515 34.56 29.46 -36.12
CA THR A 515 34.05 29.07 -37.43
C THR A 515 33.70 30.30 -38.27
N GLY A 516 34.27 31.43 -37.90
CA GLY A 516 33.74 32.73 -38.24
C GLY A 516 33.07 33.19 -36.96
N THR A 517 32.72 34.46 -36.90
CA THR A 517 32.06 35.04 -35.73
C THR A 517 32.86 34.99 -34.39
N GLU A 518 34.10 34.53 -34.38
CA GLU A 518 34.90 34.34 -33.14
C GLU A 518 34.17 33.46 -32.09
N GLY A 519 34.68 33.44 -30.85
CA GLY A 519 33.94 32.90 -29.73
C GLY A 519 33.70 33.80 -28.52
N PRO A 520 32.89 33.31 -27.56
CA PRO A 520 32.69 33.95 -26.28
C PRO A 520 33.90 33.72 -25.38
N ASN A 521 34.04 34.53 -24.33
CA ASN A 521 35.06 34.30 -23.32
C ASN A 521 34.66 33.07 -22.49
N MET A 522 35.59 32.14 -22.33
CA MET A 522 35.27 30.82 -21.78
C MET A 522 35.92 30.62 -20.40
N ASP A 523 35.08 30.47 -19.38
CA ASP A 523 35.53 30.38 -17.99
C ASP A 523 35.97 28.98 -17.61
N ASN A 524 35.08 28.01 -17.82
CA ASN A 524 35.31 26.62 -17.47
C ASN A 524 34.30 25.69 -18.13
N ILE A 525 34.45 24.41 -17.80
CA ILE A 525 33.55 23.38 -18.26
C ILE A 525 33.17 22.51 -17.06
N THR A 526 31.91 22.10 -17.00
CA THR A 526 31.46 21.15 -15.96
C THR A 526 30.86 19.95 -16.68
N VAL A 527 31.37 18.76 -16.37
CA VAL A 527 30.94 17.51 -17.02
C VAL A 527 30.26 16.58 -16.04
N THR A 528 28.98 16.32 -16.24
CA THR A 528 28.21 15.41 -15.37
C THR A 528 27.63 14.25 -16.17
N ALA A 529 27.79 13.04 -15.63
CA ALA A 529 27.15 11.85 -16.19
C ALA A 529 25.63 12.00 -16.09
N SER A 530 24.93 11.64 -17.16
CA SER A 530 23.47 11.65 -17.14
C SER A 530 22.96 10.26 -16.74
N ALA A 531 22.06 10.24 -15.75
CA ALA A 531 21.54 8.99 -15.21
C ALA A 531 20.80 8.19 -16.27
N LYS A 532 20.73 6.88 -16.08
CA LYS A 532 19.86 6.02 -16.88
C LYS A 532 18.43 6.27 -16.47
N GLY A 533 17.56 6.49 -17.46
CA GLY A 533 16.18 6.86 -17.21
C GLY A 533 15.94 8.35 -17.27
N GLU A 534 17.02 9.15 -17.30
CA GLU A 534 16.94 10.59 -17.52
C GLU A 534 17.64 10.96 -18.80
N LEU A 535 16.86 11.21 -19.84
CA LEU A 535 17.31 11.93 -21.03
C LEU A 535 16.04 12.58 -21.51
N ASN A 536 15.81 13.80 -21.02
CA ASN A 536 14.47 14.38 -21.00
C ASN A 536 14.20 15.33 -22.17
N SER A 537 12.94 15.38 -22.60
CA SER A 537 12.48 16.32 -23.62
C SER A 537 10.96 16.45 -23.59
N ALA B 1 19.16 31.99 -10.62
CA ALA B 1 20.27 32.34 -9.69
C ALA B 1 19.77 32.35 -8.25
N SER B 2 20.67 32.28 -7.28
CA SER B 2 20.29 32.44 -5.88
C SER B 2 20.39 33.91 -5.47
N ASP B 3 21.41 34.60 -5.99
CA ASP B 3 21.46 36.05 -5.97
C ASP B 3 20.28 36.63 -6.73
N ALA B 4 19.69 37.70 -6.21
CA ALA B 4 18.69 38.45 -6.96
C ALA B 4 19.39 39.64 -7.62
N ASN B 5 19.65 39.51 -8.91
CA ASN B 5 20.31 40.54 -9.70
C ASN B 5 19.32 41.58 -10.16
N ILE B 6 19.49 42.82 -9.73
CA ILE B 6 18.64 43.92 -10.16
C ILE B 6 19.40 44.74 -11.20
N ASN B 7 19.05 44.54 -12.48
CA ASN B 7 19.69 45.25 -13.57
C ASN B 7 18.98 46.56 -13.90
N LEU B 8 19.45 47.65 -13.30
CA LEU B 8 18.78 48.95 -13.35
C LEU B 8 18.70 49.63 -14.73
N SER B 9 19.65 49.38 -15.62
CA SER B 9 19.62 50.00 -16.95
C SER B 9 18.86 49.19 -18.00
N SER B 10 18.38 47.99 -17.64
CA SER B 10 17.53 47.20 -18.52
C SER B 10 16.05 47.51 -18.24
N GLU B 11 15.53 48.51 -18.95
CA GLU B 11 14.18 49.01 -18.71
C GLU B 11 13.14 48.12 -19.36
N LYS B 12 11.99 48.01 -18.70
CA LYS B 12 10.85 47.25 -19.20
C LYS B 12 9.68 48.23 -19.32
N GLN B 13 8.48 47.88 -18.86
CA GLN B 13 7.29 48.70 -19.13
C GLN B 13 7.22 49.92 -18.22
N LEU B 14 6.66 51.00 -18.76
CA LEU B 14 6.34 52.19 -17.99
C LEU B 14 5.14 51.87 -17.11
N ILE B 15 5.26 52.17 -15.82
CA ILE B 15 4.16 51.97 -14.89
C ILE B 15 3.21 53.16 -14.95
N LYS B 16 1.93 52.88 -15.16
CA LYS B 16 0.89 53.90 -15.10
C LYS B 16 0.25 54.02 -13.71
N GLY B 17 0.15 52.93 -12.97
CA GLY B 17 -0.37 52.99 -11.60
C GLY B 17 -1.22 51.80 -11.17
N PHE B 18 -1.84 51.96 -10.00
CA PHE B 18 -2.58 50.89 -9.32
C PHE B 18 -3.83 51.47 -8.70
N GLY B 19 -4.91 50.69 -8.63
CA GLY B 19 -6.13 51.19 -8.04
C GLY B 19 -7.29 50.22 -8.04
N GLY B 20 -8.49 50.76 -8.19
CA GLY B 20 -9.71 49.98 -8.17
C GLY B 20 -10.89 50.78 -8.69
N ILE B 21 -12.09 50.23 -8.50
CA ILE B 21 -13.31 50.81 -9.01
C ILE B 21 -14.21 51.30 -7.88
N ASN B 22 -14.78 52.49 -8.07
CA ASN B 22 -15.80 53.04 -7.22
C ASN B 22 -17.12 52.87 -7.98
N HIS B 23 -18.16 52.34 -7.34
CA HIS B 23 -19.41 52.05 -8.07
C HIS B 23 -20.67 52.41 -7.29
N PRO B 24 -21.04 53.69 -7.30
CA PRO B 24 -22.20 54.21 -6.57
C PRO B 24 -23.50 53.45 -6.76
N ALA B 25 -23.79 53.07 -8.01
CA ALA B 25 -25.05 52.40 -8.35
C ALA B 25 -25.25 51.00 -7.74
N TRP B 26 -24.16 50.28 -7.49
CA TRP B 26 -24.23 48.89 -7.03
C TRP B 26 -23.75 48.68 -5.58
N ILE B 27 -22.80 49.49 -5.09
CA ILE B 27 -22.33 49.41 -3.69
C ILE B 27 -22.24 50.75 -2.96
N GLY B 28 -22.63 51.83 -3.61
CA GLY B 28 -22.62 53.14 -2.95
C GLY B 28 -21.25 53.79 -2.98
N ASP B 29 -21.27 55.11 -3.10
CA ASP B 29 -20.06 55.90 -3.26
C ASP B 29 -19.09 55.68 -2.12
N LEU B 30 -17.82 56.01 -2.37
CA LEU B 30 -16.87 56.18 -1.27
C LEU B 30 -17.31 57.41 -0.51
N THR B 31 -17.06 57.43 0.80
CA THR B 31 -17.26 58.64 1.58
C THR B 31 -16.03 59.53 1.40
N ALA B 32 -16.10 60.73 1.96
CA ALA B 32 -14.99 61.68 1.94
C ALA B 32 -13.74 61.08 2.54
N ALA B 33 -13.88 60.54 3.75
CA ALA B 33 -12.78 59.89 4.44
C ALA B 33 -12.16 58.75 3.63
N GLN B 34 -13.00 57.95 2.96
CA GLN B 34 -12.53 56.80 2.18
C GLN B 34 -11.79 57.22 0.89
N ARG B 35 -12.14 58.37 0.33
CA ARG B 35 -11.40 58.92 -0.80
C ARG B 35 -9.94 59.17 -0.44
N GLU B 36 -9.73 59.70 0.77
CA GLU B 36 -8.39 60.02 1.25
C GLU B 36 -7.58 58.77 1.44
N THR B 37 -8.20 57.79 2.07
CA THR B 37 -7.57 56.49 2.31
C THR B 37 -7.20 55.79 1.01
N ALA B 38 -8.05 55.92 -0.02
CA ALA B 38 -7.83 55.21 -1.27
C ALA B 38 -6.75 55.88 -2.10
N PHE B 39 -6.86 57.19 -2.28
CA PHE B 39 -6.06 57.89 -3.27
C PHE B 39 -4.96 58.80 -2.75
N GLY B 40 -4.98 59.12 -1.46
CA GLY B 40 -3.86 59.78 -0.84
C GLY B 40 -2.70 58.81 -0.76
N ASN B 41 -1.48 59.33 -0.65
CA ASN B 41 -0.34 58.52 -0.25
C ASN B 41 -0.03 58.98 1.18
N GLY B 42 1.11 58.63 1.76
CA GLY B 42 1.31 58.91 3.18
C GLY B 42 0.62 57.91 4.11
N GLN B 43 0.81 58.09 5.41
CA GLN B 43 0.61 57.00 6.37
C GLN B 43 -0.86 56.59 6.51
N ASN B 44 -1.12 55.28 6.58
CA ASN B 44 -2.48 54.76 6.63
C ASN B 44 -3.32 55.02 5.36
N GLN B 45 -2.66 55.18 4.21
CA GLN B 45 -3.34 55.38 2.94
C GLN B 45 -2.73 54.46 1.89
N LEU B 46 -3.56 54.05 0.94
CA LEU B 46 -3.17 52.99 -0.01
C LEU B 46 -2.31 53.47 -1.17
N GLY B 47 -2.36 54.77 -1.46
CA GLY B 47 -1.57 55.35 -2.54
C GLY B 47 -2.04 55.01 -3.94
N PHE B 48 -3.31 54.64 -4.11
CA PHE B 48 -3.82 54.30 -5.42
C PHE B 48 -3.68 55.52 -6.34
N SER B 49 -3.40 55.23 -7.61
CA SER B 49 -3.14 56.20 -8.64
C SER B 49 -4.11 56.06 -9.83
N ILE B 50 -5.01 55.06 -9.80
CA ILE B 50 -6.00 54.86 -10.86
C ILE B 50 -7.38 54.61 -10.26
N LEU B 51 -8.37 55.33 -10.79
CA LEU B 51 -9.76 55.11 -10.41
C LEU B 51 -10.51 54.66 -11.62
N ARG B 52 -11.25 53.56 -11.49
CA ARG B 52 -12.13 53.10 -12.56
C ARG B 52 -13.54 53.54 -12.24
N ILE B 53 -14.27 54.05 -13.22
CA ILE B 53 -15.67 54.37 -12.98
C ILE B 53 -16.59 53.65 -13.97
N TYR B 54 -17.86 53.65 -13.61
CA TYR B 54 -18.93 53.08 -14.37
C TYR B 54 -19.47 54.10 -15.35
N VAL B 55 -19.81 53.65 -16.56
CA VAL B 55 -20.58 54.46 -17.51
C VAL B 55 -21.99 53.88 -17.61
N ASP B 56 -22.95 54.53 -16.96
CA ASP B 56 -24.34 54.02 -16.90
C ASP B 56 -25.00 54.06 -18.29
N ASP B 57 -25.78 53.02 -18.60
CA ASP B 57 -26.61 53.04 -19.80
C ASP B 57 -27.65 54.17 -19.73
N ASN B 58 -28.07 54.53 -18.53
CA ASN B 58 -28.98 55.66 -18.32
C ASN B 58 -28.21 56.92 -17.92
N ARG B 59 -28.11 57.85 -18.86
CA ARG B 59 -27.33 59.08 -18.69
C ARG B 59 -27.77 60.01 -17.54
N ASN B 60 -29.00 59.87 -17.06
CA ASN B 60 -29.46 60.69 -15.93
C ASN B 60 -28.84 60.24 -14.60
N ASN B 61 -27.94 59.25 -14.64
CA ASN B 61 -27.19 58.81 -13.45
C ASN B 61 -25.70 59.13 -13.53
N TRP B 62 -25.29 59.78 -14.62
CA TRP B 62 -23.89 60.10 -14.82
C TRP B 62 -23.33 60.97 -13.69
N TYR B 63 -24.15 61.90 -13.19
CA TYR B 63 -23.78 62.75 -12.06
C TYR B 63 -23.15 61.97 -10.88
N ARG B 64 -23.62 60.74 -10.63
CA ARG B 64 -23.21 59.98 -9.41
C ARG B 64 -21.70 59.75 -9.31
N GLU B 65 -21.02 59.83 -10.44
CA GLU B 65 -19.57 59.56 -10.51
C GLU B 65 -18.69 60.77 -10.23
N VAL B 66 -19.27 61.96 -10.28
CA VAL B 66 -18.49 63.21 -10.38
C VAL B 66 -17.59 63.50 -9.18
N ALA B 67 -18.17 63.46 -7.97
CA ALA B 67 -17.46 63.90 -6.77
C ALA B 67 -16.18 63.12 -6.49
N THR B 68 -16.29 61.80 -6.50
CA THR B 68 -15.14 60.92 -6.25
C THR B 68 -14.12 61.03 -7.40
N ALA B 69 -14.61 61.09 -8.63
CA ALA B 69 -13.73 61.25 -9.77
C ALA B 69 -12.96 62.58 -9.69
N LYS B 70 -13.66 63.66 -9.36
CA LYS B 70 -13.02 64.98 -9.19
C LYS B 70 -11.99 64.97 -8.10
N ARG B 71 -12.31 64.38 -6.96
CA ARG B 71 -11.35 64.36 -5.85
C ARG B 71 -10.12 63.59 -6.28
N ALA B 72 -10.32 62.44 -6.90
CA ALA B 72 -9.19 61.59 -7.32
C ALA B 72 -8.26 62.28 -8.31
N ILE B 73 -8.80 63.12 -9.19
CA ILE B 73 -7.95 63.94 -10.05
C ILE B 73 -7.11 64.92 -9.22
N GLU B 74 -7.71 65.58 -8.22
CA GLU B 74 -6.96 66.43 -7.27
C GLU B 74 -5.80 65.66 -6.62
N GLN B 75 -6.04 64.42 -6.23
CA GLN B 75 -5.02 63.57 -5.60
C GLN B 75 -3.99 62.97 -6.57
N GLY B 76 -4.05 63.38 -7.84
CA GLY B 76 -3.02 62.99 -8.81
C GLY B 76 -3.26 61.69 -9.57
N ALA B 77 -4.48 61.16 -9.53
CA ALA B 77 -4.80 59.90 -10.19
C ALA B 77 -5.31 60.08 -11.61
N LEU B 78 -5.13 59.02 -12.41
CA LEU B 78 -5.78 58.92 -13.71
C LEU B 78 -7.15 58.28 -13.52
N VAL B 79 -8.13 58.70 -14.31
CA VAL B 79 -9.48 58.14 -14.22
C VAL B 79 -9.86 57.51 -15.56
N PHE B 80 -10.35 56.27 -15.53
CA PHE B 80 -10.87 55.61 -16.73
C PHE B 80 -12.28 55.05 -16.51
N ALA B 81 -12.97 54.79 -17.60
CA ALA B 81 -14.40 54.51 -17.56
C ALA B 81 -14.79 53.27 -18.40
N SER B 82 -15.65 52.44 -17.83
CA SER B 82 -16.09 51.18 -18.45
C SER B 82 -17.62 51.04 -18.45
N PRO B 83 -18.22 50.80 -19.63
CA PRO B 83 -19.64 50.46 -19.74
C PRO B 83 -19.93 48.94 -19.72
N TRP B 84 -21.11 48.58 -19.20
CA TRP B 84 -21.62 47.22 -19.21
C TRP B 84 -22.74 47.03 -20.23
N ASN B 85 -23.52 48.08 -20.47
CA ASN B 85 -24.62 48.01 -21.45
C ASN B 85 -24.79 49.30 -22.21
N PRO B 86 -25.22 49.21 -23.46
CA PRO B 86 -25.69 50.40 -24.15
C PRO B 86 -27.09 50.78 -23.68
N PRO B 87 -27.51 52.03 -23.94
CA PRO B 87 -28.92 52.37 -23.76
C PRO B 87 -29.82 51.29 -24.35
N SER B 88 -30.89 50.96 -23.64
CA SER B 88 -31.66 49.76 -23.93
C SER B 88 -32.37 49.78 -25.28
N ASP B 89 -32.55 50.98 -25.85
CA ASP B 89 -33.06 51.12 -27.22
C ASP B 89 -32.07 50.61 -28.30
N MET B 90 -30.76 50.61 -28.01
CA MET B 90 -29.72 50.17 -28.96
C MET B 90 -29.43 48.66 -28.88
N VAL B 91 -30.02 47.99 -27.90
CA VAL B 91 -29.77 46.58 -27.63
C VAL B 91 -30.90 45.72 -28.19
N GLU B 92 -30.54 44.55 -28.72
CA GLU B 92 -31.52 43.53 -29.13
C GLU B 92 -31.23 42.22 -28.41
N THR B 93 -32.21 41.31 -28.36
CA THR B 93 -31.99 39.98 -27.80
C THR B 93 -31.90 38.88 -28.86
N PHE B 94 -31.12 37.86 -28.55
CA PHE B 94 -30.97 36.67 -29.39
C PHE B 94 -30.64 35.47 -28.49
N ASN B 95 -30.69 34.28 -29.07
CA ASN B 95 -30.27 33.07 -28.36
C ASN B 95 -28.79 32.84 -28.61
N ARG B 96 -28.02 32.73 -27.54
CA ARG B 96 -26.61 32.44 -27.66
C ARG B 96 -26.43 31.15 -26.90
N ASN B 97 -26.27 30.04 -27.61
CA ASN B 97 -25.95 28.78 -26.93
C ASN B 97 -27.05 28.24 -26.01
N GLY B 98 -28.27 28.78 -26.10
CA GLY B 98 -29.40 28.35 -25.28
C GLY B 98 -30.04 29.43 -24.42
N ALA B 99 -29.29 30.49 -24.12
CA ALA B 99 -29.75 31.53 -23.21
C ALA B 99 -30.25 32.73 -23.99
N SER B 100 -31.25 33.41 -23.44
CA SER B 100 -31.55 34.75 -23.89
C SER B 100 -30.31 35.61 -23.59
N ALA B 101 -29.86 36.35 -24.60
CA ALA B 101 -28.67 37.19 -24.47
C ALA B 101 -28.90 38.54 -25.14
N LYS B 102 -28.03 39.49 -24.80
CA LYS B 102 -28.09 40.84 -25.37
C LYS B 102 -26.86 41.12 -26.21
N ARG B 103 -27.03 41.96 -27.23
CA ARG B 103 -25.92 42.49 -28.01
C ARG B 103 -26.33 43.83 -28.57
N LEU B 104 -25.35 44.62 -28.99
CA LEU B 104 -25.62 45.92 -29.61
C LEU B 104 -26.14 45.68 -31.02
N LYS B 105 -27.30 46.26 -31.34
CA LYS B 105 -27.85 46.24 -32.69
C LYS B 105 -26.81 46.79 -33.67
N TYR B 106 -26.70 46.13 -34.81
CA TYR B 106 -25.67 46.44 -35.80
C TYR B 106 -25.88 47.81 -36.45
N ASP B 107 -27.11 48.32 -36.46
CA ASP B 107 -27.40 49.66 -36.98
C ASP B 107 -27.30 50.79 -35.92
N LYS B 108 -26.91 50.44 -34.69
CA LYS B 108 -26.76 51.41 -33.59
C LYS B 108 -25.31 51.57 -33.13
N TYR B 109 -24.35 51.23 -33.97
CA TYR B 109 -22.94 51.34 -33.57
C TYR B 109 -22.54 52.81 -33.46
N ALA B 110 -22.86 53.59 -34.50
CA ALA B 110 -22.59 55.04 -34.50
C ALA B 110 -23.20 55.72 -33.26
N ALA B 111 -24.47 55.43 -33.01
CA ALA B 111 -25.18 55.96 -31.84
C ALA B 111 -24.51 55.54 -30.51
N TYR B 112 -24.08 54.28 -30.39
CA TYR B 112 -23.33 53.83 -29.21
C TYR B 112 -22.03 54.62 -29.05
N ALA B 113 -21.31 54.83 -30.14
CA ALA B 113 -20.12 55.71 -30.13
C ALA B 113 -20.47 57.08 -29.58
N GLN B 114 -21.57 57.65 -30.06
CA GLN B 114 -22.02 59.00 -29.65
C GLN B 114 -22.36 59.08 -28.16
N HIS B 115 -22.90 58.00 -27.64
CA HIS B 115 -23.27 57.88 -26.23
C HIS B 115 -22.00 57.91 -25.38
N LEU B 116 -21.02 57.10 -25.76
CA LEU B 116 -19.72 57.12 -25.10
C LEU B 116 -19.08 58.51 -25.16
N ASN B 117 -19.15 59.15 -26.33
CA ASN B 117 -18.62 60.50 -26.51
C ASN B 117 -19.33 61.48 -25.56
N ASP B 118 -20.65 61.37 -25.47
CA ASP B 118 -21.43 62.22 -24.57
C ASP B 118 -20.94 62.06 -23.14
N PHE B 119 -20.71 60.81 -22.72
CA PHE B 119 -20.23 60.57 -21.36
C PHE B 119 -18.94 61.34 -21.14
N VAL B 120 -18.03 61.23 -22.10
CA VAL B 120 -16.72 61.84 -21.99
C VAL B 120 -16.84 63.35 -21.81
N THR B 121 -17.75 63.97 -22.56
CA THR B 121 -17.88 65.43 -22.52
C THR B 121 -18.66 65.88 -21.28
N PHE B 122 -19.70 65.13 -20.89
CA PHE B 122 -20.38 65.34 -19.60
C PHE B 122 -19.36 65.45 -18.48
N MET B 123 -18.43 64.50 -18.44
CA MET B 123 -17.40 64.46 -17.40
C MET B 123 -16.38 65.60 -17.50
N LYS B 124 -16.05 65.97 -18.72
CA LYS B 124 -15.15 67.08 -19.00
C LYS B 124 -15.78 68.40 -18.53
N ASN B 125 -17.08 68.54 -18.78
CA ASN B 125 -17.86 69.70 -18.34
C ASN B 125 -18.03 69.82 -16.81
N ASN B 126 -17.80 68.73 -16.08
CA ASN B 126 -17.78 68.78 -14.60
C ASN B 126 -16.37 68.64 -14.01
N GLY B 127 -15.34 68.92 -14.81
CA GLY B 127 -13.96 68.99 -14.32
C GLY B 127 -13.12 67.72 -14.41
N VAL B 128 -13.66 66.69 -15.06
CA VAL B 128 -13.00 65.37 -15.11
C VAL B 128 -12.59 65.00 -16.53
N ASP B 129 -11.29 65.09 -16.81
CA ASP B 129 -10.72 64.65 -18.06
C ASP B 129 -10.44 63.16 -17.96
N LEU B 130 -11.18 62.34 -18.70
CA LEU B 130 -10.97 60.90 -18.67
C LEU B 130 -9.72 60.52 -19.43
N TYR B 131 -8.88 59.67 -18.83
CA TYR B 131 -7.67 59.20 -19.50
C TYR B 131 -8.00 58.17 -20.58
N ALA B 132 -9.10 57.44 -20.40
CA ALA B 132 -9.55 56.45 -21.37
C ALA B 132 -11.00 56.07 -21.11
N ILE B 133 -11.66 55.61 -22.15
CA ILE B 133 -12.99 55.00 -22.02
C ILE B 133 -12.94 53.64 -22.72
N SER B 134 -13.61 52.63 -22.14
CA SER B 134 -13.62 51.27 -22.71
C SER B 134 -14.85 51.06 -23.57
N VAL B 135 -14.73 50.20 -24.57
CA VAL B 135 -15.83 49.90 -25.48
C VAL B 135 -16.86 48.99 -24.82
N GLN B 136 -16.38 48.00 -24.07
CA GLN B 136 -17.25 47.08 -23.36
C GLN B 136 -16.54 46.34 -22.22
N ASN B 137 -17.15 46.33 -21.05
CA ASN B 137 -16.70 45.43 -19.99
C ASN B 137 -17.03 43.96 -20.28
N GLU B 138 -16.02 43.12 -20.25
CA GLU B 138 -16.19 41.68 -20.44
C GLU B 138 -17.21 41.31 -21.54
N PRO B 139 -16.84 41.62 -22.80
CA PRO B 139 -17.67 41.29 -23.96
C PRO B 139 -17.79 39.78 -24.17
N ASP B 140 -16.83 39.02 -23.64
CA ASP B 140 -16.81 37.55 -23.73
C ASP B 140 -17.26 36.82 -22.45
N TYR B 141 -17.91 37.55 -21.54
CA TYR B 141 -18.55 36.95 -20.37
C TYR B 141 -19.75 37.80 -19.94
N ALA B 142 -20.64 38.05 -20.90
CA ALA B 142 -21.74 39.00 -20.74
C ALA B 142 -23.10 38.34 -20.53
N HIS B 143 -23.10 37.24 -19.80
CA HIS B 143 -24.34 36.54 -19.45
C HIS B 143 -25.37 37.48 -18.88
N ASP B 144 -24.93 38.40 -17.99
CA ASP B 144 -25.84 39.39 -17.41
C ASP B 144 -25.61 40.81 -17.93
N TRP B 145 -24.93 40.97 -19.06
CA TRP B 145 -24.92 42.27 -19.74
C TRP B 145 -24.91 42.14 -21.27
N THR B 146 -23.99 42.80 -21.96
CA THR B 146 -24.00 42.81 -23.42
C THR B 146 -22.79 42.14 -24.04
N TRP B 147 -23.09 41.14 -24.86
CA TRP B 147 -22.11 40.30 -25.56
C TRP B 147 -21.61 40.92 -26.86
N TRP B 148 -20.32 40.77 -27.14
CA TRP B 148 -19.74 41.14 -28.41
C TRP B 148 -18.79 40.02 -28.84
N THR B 149 -19.01 39.45 -30.02
CA THR B 149 -18.06 38.49 -30.62
C THR B 149 -16.78 39.26 -31.00
N PRO B 150 -15.66 38.54 -31.18
CA PRO B 150 -14.42 39.16 -31.69
C PRO B 150 -14.64 40.09 -32.89
N GLN B 151 -15.43 39.64 -33.86
CA GLN B 151 -15.63 40.38 -35.10
C GLN B 151 -16.54 41.58 -34.94
N GLU B 152 -17.49 41.47 -34.02
CA GLU B 152 -18.35 42.60 -33.65
C GLU B 152 -17.55 43.73 -32.97
N ILE B 153 -16.67 43.35 -32.02
CA ILE B 153 -15.70 44.29 -31.43
C ILE B 153 -14.84 44.93 -32.50
N LEU B 154 -14.31 44.10 -33.41
CA LEU B 154 -13.46 44.54 -34.52
C LEU B 154 -14.14 45.56 -35.40
N ARG B 155 -15.39 45.27 -35.78
CA ARG B 155 -16.20 46.18 -36.58
C ARG B 155 -16.27 47.56 -35.92
N PHE B 156 -16.55 47.58 -34.62
CA PHE B 156 -16.64 48.84 -33.90
C PHE B 156 -15.30 49.56 -33.92
N MET B 157 -14.21 48.83 -33.71
CA MET B 157 -12.90 49.43 -33.63
C MET B 157 -12.47 50.03 -34.97
N LYS B 158 -12.86 49.38 -36.07
CA LYS B 158 -12.57 49.89 -37.41
C LYS B 158 -13.44 51.08 -37.76
N GLU B 159 -14.75 50.92 -37.60
CA GLU B 159 -15.72 51.86 -38.17
C GLU B 159 -16.16 53.00 -37.25
N ASN B 160 -16.02 52.84 -35.94
CA ASN B 160 -16.62 53.79 -34.99
C ASN B 160 -15.65 54.39 -33.99
N ALA B 161 -14.85 53.55 -33.35
CA ALA B 161 -13.78 54.03 -32.48
C ALA B 161 -12.86 54.86 -33.36
N GLY B 162 -12.33 55.95 -32.83
CA GLY B 162 -11.62 56.90 -33.68
C GLY B 162 -12.50 58.08 -34.05
N SER B 163 -13.82 57.89 -33.99
CA SER B 163 -14.73 59.02 -33.84
C SER B 163 -14.96 59.32 -32.33
N ILE B 164 -14.21 58.64 -31.46
CA ILE B 164 -14.20 58.96 -30.03
C ILE B 164 -13.06 59.94 -29.75
N GLN B 165 -13.45 61.19 -29.52
CA GLN B 165 -12.51 62.27 -29.25
C GLN B 165 -12.57 62.62 -27.78
N GLY B 166 -11.53 63.30 -27.31
CA GLY B 166 -11.50 63.78 -25.92
C GLY B 166 -10.84 62.83 -24.95
N THR B 167 -10.69 61.57 -25.32
CA THR B 167 -9.95 60.60 -24.52
C THR B 167 -9.45 59.40 -25.34
N ARG B 168 -8.73 58.51 -24.67
CA ARG B 168 -8.18 57.31 -25.29
C ARG B 168 -9.24 56.20 -25.33
N VAL B 169 -9.10 55.30 -26.29
CA VAL B 169 -10.04 54.18 -26.43
C VAL B 169 -9.41 52.90 -25.88
N MET B 170 -10.16 52.21 -25.03
CA MET B 170 -9.72 50.96 -24.45
C MET B 170 -10.59 49.81 -24.99
N ALA B 171 -9.96 48.69 -25.32
CA ALA B 171 -10.64 47.48 -25.74
C ALA B 171 -9.68 46.31 -25.54
N PRO B 172 -10.22 45.08 -25.35
CA PRO B 172 -11.60 44.66 -25.24
C PRO B 172 -12.09 44.31 -23.81
N GLU B 173 -11.23 44.39 -22.81
CA GLU B 173 -11.56 44.01 -21.43
C GLU B 173 -12.12 42.59 -21.33
N SER B 174 -11.37 41.65 -21.90
CA SER B 174 -11.70 40.23 -21.84
C SER B 174 -11.67 39.77 -20.39
N PHE B 175 -12.64 38.95 -20.01
CA PHE B 175 -12.77 38.51 -18.61
C PHE B 175 -11.58 37.69 -18.15
N GLN B 176 -10.90 37.02 -19.10
CA GLN B 176 -9.80 36.13 -18.78
C GLN B 176 -8.55 36.35 -19.64
N TYR B 177 -8.34 37.57 -20.12
CA TYR B 177 -7.22 37.88 -21.01
C TYR B 177 -7.15 36.90 -22.20
N LEU B 178 -8.30 36.62 -22.79
CA LEU B 178 -8.38 35.70 -23.94
C LEU B 178 -7.99 36.42 -25.22
N LYS B 179 -7.05 35.83 -25.92
CA LYS B 179 -6.37 36.47 -27.05
C LYS B 179 -7.25 36.48 -28.29
N ASN B 180 -8.16 35.52 -28.36
CA ASN B 180 -9.12 35.44 -29.48
C ASN B 180 -9.96 36.70 -29.72
N ILE B 181 -10.13 37.54 -28.70
CA ILE B 181 -10.94 38.77 -28.84
C ILE B 181 -10.11 40.06 -28.99
N SER B 182 -8.80 39.97 -28.74
CA SER B 182 -7.88 41.08 -29.05
C SER B 182 -6.95 40.81 -30.25
N ASP B 183 -6.80 39.55 -30.63
CA ASP B 183 -6.00 39.23 -31.83
C ASP B 183 -6.47 39.96 -33.11
N PRO B 184 -7.79 40.01 -33.37
CA PRO B 184 -8.26 40.69 -34.60
C PRO B 184 -7.99 42.20 -34.66
N ILE B 185 -7.91 42.87 -33.51
CA ILE B 185 -7.61 44.30 -33.49
C ILE B 185 -6.13 44.51 -33.80
N LEU B 186 -5.28 43.71 -33.17
CA LEU B 186 -3.84 43.77 -33.40
C LEU B 186 -3.48 43.47 -34.87
N ASN B 187 -4.10 42.44 -35.45
CA ASN B 187 -3.80 42.03 -36.84
C ASN B 187 -4.42 42.91 -37.93
N ASP B 188 -5.19 43.92 -37.54
CA ASP B 188 -5.82 44.83 -38.48
C ASP B 188 -5.30 46.24 -38.20
N PRO B 189 -4.42 46.78 -39.09
CA PRO B 189 -3.76 48.06 -38.77
C PRO B 189 -4.71 49.23 -38.54
N GLN B 190 -5.84 49.23 -39.23
CA GLN B 190 -6.77 50.34 -39.15
C GLN B 190 -7.54 50.32 -37.81
N ALA B 191 -7.85 49.13 -37.33
CA ALA B 191 -8.45 48.94 -36.02
C ALA B 191 -7.43 49.17 -34.91
N LEU B 192 -6.21 48.68 -35.13
CA LEU B 192 -5.11 48.86 -34.19
C LEU B 192 -4.80 50.34 -33.96
N ALA B 193 -4.89 51.14 -35.02
CA ALA B 193 -4.66 52.58 -34.93
C ALA B 193 -5.69 53.32 -34.06
N ASN B 194 -6.88 52.73 -33.92
CA ASN B 194 -7.96 53.36 -33.15
C ASN B 194 -7.99 52.91 -31.70
N MET B 195 -7.16 51.93 -31.36
CA MET B 195 -6.99 51.50 -29.99
C MET B 195 -5.78 52.20 -29.38
N ASP B 196 -5.95 52.72 -28.18
CA ASP B 196 -4.86 53.38 -27.46
C ASP B 196 -4.33 52.47 -26.34
N ILE B 197 -5.25 51.88 -25.57
CA ILE B 197 -4.90 50.94 -24.51
C ILE B 197 -5.58 49.60 -24.76
N LEU B 198 -4.82 48.53 -24.61
CA LEU B 198 -5.41 47.20 -24.59
C LEU B 198 -5.69 46.85 -23.14
N GLY B 199 -6.97 46.70 -22.81
CA GLY B 199 -7.41 46.40 -21.46
C GLY B 199 -7.76 44.92 -21.32
N ALA B 200 -7.46 44.34 -20.16
CA ALA B 200 -7.76 42.94 -19.91
C ALA B 200 -8.06 42.64 -18.42
N HIS B 201 -8.97 41.70 -18.17
CA HIS B 201 -9.19 41.14 -16.83
C HIS B 201 -8.53 39.77 -16.78
N THR B 202 -8.26 39.28 -15.58
CA THR B 202 -7.54 38.02 -15.42
C THR B 202 -8.22 36.98 -14.49
N TYR B 203 -9.54 36.89 -14.57
CA TYR B 203 -10.26 35.89 -13.79
C TYR B 203 -9.98 34.49 -14.32
N GLY B 204 -9.36 33.65 -13.51
CA GLY B 204 -8.98 32.29 -13.92
C GLY B 204 -7.80 32.21 -14.90
N THR B 205 -7.14 33.35 -15.15
CA THR B 205 -6.05 33.38 -16.12
C THR B 205 -4.82 32.72 -15.51
N GLN B 206 -4.34 31.65 -16.16
CA GLN B 206 -3.15 30.95 -15.70
C GLN B 206 -1.91 31.74 -16.03
N ILE B 207 -0.83 31.48 -15.29
CA ILE B 207 0.40 32.25 -15.41
C ILE B 207 0.86 32.26 -16.86
N LYS B 208 0.92 31.08 -17.47
CA LYS B 208 1.40 30.91 -18.85
C LYS B 208 0.63 31.72 -19.91
N ASP B 209 -0.56 32.19 -19.58
CA ASP B 209 -1.34 33.01 -20.49
C ASP B 209 -1.20 34.51 -20.17
N PHE B 210 -0.28 34.87 -19.27
CA PHE B 210 -0.01 36.29 -18.98
C PHE B 210 0.80 36.91 -20.11
N ALA B 211 1.67 36.13 -20.72
CA ALA B 211 2.44 36.59 -21.88
C ALA B 211 1.55 36.77 -23.10
N TYR B 212 1.99 37.64 -24.01
CA TYR B 212 1.24 37.95 -25.22
C TYR B 212 2.21 38.39 -26.34
N PRO B 213 2.76 37.41 -27.09
CA PRO B 213 3.72 37.65 -28.19
C PRO B 213 3.26 38.62 -29.27
N LEU B 214 2.02 38.48 -29.73
CA LEU B 214 1.51 39.36 -30.79
C LEU B 214 1.46 40.82 -30.35
N PHE B 215 1.21 41.06 -29.07
CA PHE B 215 1.24 42.42 -28.54
C PHE B 215 2.68 42.93 -28.49
N LYS B 216 3.64 42.08 -28.14
CA LYS B 216 5.06 42.46 -28.20
C LYS B 216 5.42 42.85 -29.61
N GLN B 217 4.99 42.00 -30.55
CA GLN B 217 5.26 42.21 -31.97
C GLN B 217 4.58 43.47 -32.51
N LYS B 218 3.27 43.59 -32.30
CA LYS B 218 2.49 44.63 -32.97
C LYS B 218 1.98 45.77 -32.07
N GLY B 219 2.26 45.73 -30.77
CA GLY B 219 1.70 46.71 -29.81
C GLY B 219 2.52 47.94 -29.48
N ALA B 220 3.55 48.23 -30.28
CA ALA B 220 4.39 49.42 -30.06
C ALA B 220 3.55 50.68 -29.92
N GLY B 221 3.82 51.47 -28.87
CA GLY B 221 3.11 52.73 -28.63
C GLY B 221 1.74 52.58 -27.98
N LYS B 222 1.33 51.36 -27.69
CA LYS B 222 0.02 51.11 -27.10
C LYS B 222 0.22 50.78 -25.63
N GLU B 223 -0.73 51.16 -24.79
CA GLU B 223 -0.63 50.79 -23.38
C GLU B 223 -1.29 49.43 -23.11
N LEU B 224 -0.87 48.79 -22.02
CA LEU B 224 -1.37 47.49 -21.59
C LEU B 224 -1.78 47.55 -20.11
N TRP B 225 -3.08 47.42 -19.86
CA TRP B 225 -3.64 47.60 -18.52
C TRP B 225 -4.43 46.38 -18.08
N MET B 226 -4.24 45.98 -16.82
CA MET B 226 -5.05 44.93 -16.22
C MET B 226 -6.14 45.66 -15.44
N THR B 227 -7.34 45.71 -16.02
CA THR B 227 -8.35 46.70 -15.64
C THR B 227 -9.40 46.24 -14.61
N GLU B 228 -9.40 44.96 -14.26
CA GLU B 228 -10.24 44.43 -13.17
C GLU B 228 -9.85 43.01 -12.76
N VAL B 229 -9.73 42.79 -11.46
CA VAL B 229 -9.69 41.46 -10.88
C VAL B 229 -9.89 41.56 -9.36
N TYR B 230 -10.20 40.42 -8.74
CA TYR B 230 -9.99 40.22 -7.32
C TYR B 230 -9.43 38.82 -7.12
N VAL B 231 -8.72 38.59 -6.02
CA VAL B 231 -7.92 37.38 -5.85
C VAL B 231 -7.64 37.11 -4.36
N PRO B 232 -7.64 35.82 -3.95
CA PRO B 232 -7.91 34.60 -4.70
C PRO B 232 -9.37 34.12 -4.61
N ASN B 233 -10.21 34.87 -3.91
CA ASN B 233 -11.62 34.55 -3.80
C ASN B 233 -12.37 35.80 -3.37
N SER B 234 -13.68 35.69 -3.30
CA SER B 234 -14.53 36.77 -2.81
C SER B 234 -15.29 36.27 -1.59
N ASP B 235 -14.61 35.50 -0.73
CA ASP B 235 -15.24 34.95 0.45
C ASP B 235 -15.62 36.05 1.41
N ASN B 236 -16.65 35.79 2.21
CA ASN B 236 -17.07 36.75 3.22
C ASN B 236 -15.99 36.97 4.28
N ASN B 237 -15.81 38.22 4.70
CA ASN B 237 -14.89 38.57 5.79
C ASN B 237 -13.52 37.92 5.62
N SER B 238 -13.03 37.92 4.39
CA SER B 238 -11.81 37.21 4.03
C SER B 238 -10.60 38.13 3.88
N ALA B 239 -10.84 39.44 3.77
CA ALA B 239 -9.79 40.39 3.44
C ALA B 239 -8.61 40.44 4.43
N ASP B 240 -8.79 39.91 5.63
CA ASP B 240 -7.73 39.92 6.65
C ASP B 240 -7.11 38.53 6.87
N ARG B 241 -7.58 37.52 6.13
CA ARG B 241 -7.06 36.16 6.26
C ARG B 241 -5.62 36.08 5.77
N TRP B 242 -4.76 35.50 6.63
CA TRP B 242 -3.34 35.27 6.32
C TRP B 242 -3.06 33.78 6.49
N PRO B 243 -2.22 33.19 5.61
CA PRO B 243 -1.44 33.72 4.49
C PRO B 243 -2.17 33.84 3.14
N GLU B 244 -3.47 33.57 3.09
CA GLU B 244 -4.27 33.73 1.86
C GLU B 244 -4.11 35.12 1.20
N ALA B 245 -4.01 36.17 2.02
CA ALA B 245 -3.88 37.54 1.50
C ALA B 245 -2.55 37.81 0.78
N LEU B 246 -1.53 36.99 1.05
CA LEU B 246 -0.24 37.11 0.38
C LEU B 246 -0.37 36.83 -1.13
N ASP B 247 -1.36 36.02 -1.48
CA ASP B 247 -1.67 35.74 -2.89
C ASP B 247 -1.94 37.00 -3.72
N VAL B 248 -2.37 38.08 -3.10
CA VAL B 248 -2.56 39.34 -3.82
C VAL B 248 -1.25 39.89 -4.37
N SER B 249 -0.22 40.01 -3.53
CA SER B 249 1.10 40.47 -3.98
C SER B 249 1.70 39.57 -5.04
N TYR B 250 1.53 38.26 -4.88
CA TYR B 250 2.00 37.28 -5.86
C TYR B 250 1.33 37.49 -7.23
N HIS B 251 0.02 37.64 -7.24
CA HIS B 251 -0.72 37.85 -8.49
C HIS B 251 -0.26 39.15 -9.18
N MET B 252 -0.04 40.19 -8.38
CA MET B 252 0.53 41.45 -8.89
C MET B 252 1.96 41.24 -9.40
N HIS B 253 2.75 40.44 -8.68
CA HIS B 253 4.09 40.10 -9.15
C HIS B 253 4.02 39.50 -10.55
N ASN B 254 3.07 38.59 -10.73
CA ASN B 254 2.85 37.93 -12.01
C ASN B 254 2.35 38.87 -13.12
N ALA B 255 1.48 39.83 -12.77
CA ALA B 255 1.01 40.81 -13.76
C ALA B 255 2.14 41.75 -14.17
N MET B 256 2.92 42.20 -13.20
CA MET B 256 4.09 43.04 -13.49
C MET B 256 5.17 42.32 -14.30
N VAL B 257 5.50 41.09 -13.89
CA VAL B 257 6.69 40.40 -14.39
C VAL B 257 6.46 39.39 -15.52
N GLU B 258 5.32 38.72 -15.52
CA GLU B 258 4.99 37.72 -16.54
C GLU B 258 4.07 38.29 -17.63
N GLY B 259 3.26 39.28 -17.26
CA GLY B 259 2.38 39.96 -18.22
C GLY B 259 2.84 41.31 -18.72
N ASP B 260 3.87 41.89 -18.09
CA ASP B 260 4.38 43.23 -18.45
C ASP B 260 3.29 44.29 -18.43
N PHE B 261 2.31 44.13 -17.53
CA PHE B 261 1.22 45.08 -17.39
C PHE B 261 1.70 46.36 -16.76
N GLN B 262 1.18 47.47 -17.28
CA GLN B 262 1.57 48.80 -16.83
C GLN B 262 0.64 49.28 -15.71
N ALA B 263 -0.56 48.71 -15.64
CA ALA B 263 -1.54 49.09 -14.63
C ALA B 263 -2.19 47.85 -14.04
N TYR B 264 -2.55 47.93 -12.76
CA TYR B 264 -3.20 46.82 -12.04
C TYR B 264 -4.37 47.37 -11.23
N VAL B 265 -5.58 47.01 -11.64
CA VAL B 265 -6.79 47.61 -11.09
C VAL B 265 -7.71 46.56 -10.47
N TRP B 266 -7.89 46.68 -9.16
CA TRP B 266 -8.80 45.81 -8.42
C TRP B 266 -10.23 46.03 -8.87
N TRP B 267 -11.12 45.14 -8.42
CA TRP B 267 -12.55 45.32 -8.46
C TRP B 267 -12.95 46.31 -7.32
N TYR B 268 -14.10 46.14 -6.68
CA TYR B 268 -14.59 47.10 -5.68
C TYR B 268 -13.52 47.49 -4.65
N ILE B 269 -13.23 48.80 -4.53
CA ILE B 269 -12.22 49.30 -3.58
C ILE B 269 -12.61 49.02 -2.12
N ARG B 270 -13.87 49.34 -1.80
CA ARG B 270 -14.43 49.11 -0.46
C ARG B 270 -15.31 47.86 -0.51
N ARG B 271 -14.84 46.78 0.13
CA ARG B 271 -15.57 45.52 0.16
C ARG B 271 -14.97 44.56 1.18
N GLN B 272 -15.78 43.64 1.69
CA GLN B 272 -15.35 42.69 2.72
C GLN B 272 -14.31 41.69 2.22
N TYR B 273 -14.08 41.65 0.90
CA TYR B 273 -13.00 40.84 0.32
C TYR B 273 -11.99 41.69 -0.46
N GLY B 274 -12.04 43.01 -0.29
CA GLY B 274 -11.18 43.92 -1.03
C GLY B 274 -10.10 44.58 -0.18
N PRO B 275 -9.38 45.57 -0.77
CA PRO B 275 -8.26 46.23 -0.11
C PRO B 275 -8.65 47.21 1.00
N MET B 276 -9.90 47.68 0.99
CA MET B 276 -10.44 48.49 2.07
C MET B 276 -11.72 47.84 2.60
N LYS B 277 -11.81 47.74 3.92
CA LYS B 277 -12.96 47.09 4.55
C LYS B 277 -14.10 48.07 4.73
N GLU B 278 -15.25 47.54 5.11
CA GLU B 278 -16.46 48.34 5.27
C GLU B 278 -16.32 49.40 6.37
N ASP B 279 -15.49 49.14 7.38
CA ASP B 279 -15.18 50.15 8.41
C ASP B 279 -14.17 51.24 7.97
N GLY B 280 -13.75 51.22 6.71
CA GLY B 280 -12.87 52.27 6.16
C GLY B 280 -11.38 52.03 6.36
N THR B 281 -11.01 50.94 7.03
CA THR B 281 -9.61 50.62 7.27
C THR B 281 -9.06 49.68 6.19
N ILE B 282 -7.74 49.70 6.05
CA ILE B 282 -7.04 48.90 5.06
C ILE B 282 -6.98 47.45 5.52
N SER B 283 -7.26 46.53 4.60
CA SER B 283 -7.21 45.10 4.88
C SER B 283 -5.84 44.56 4.56
N LYS B 284 -5.57 43.33 4.97
CA LYS B 284 -4.33 42.65 4.62
C LYS B 284 -4.15 42.52 3.11
N ARG B 285 -5.24 42.35 2.37
CA ARG B 285 -5.19 42.36 0.92
C ARG B 285 -4.80 43.75 0.40
N GLY B 286 -5.34 44.79 1.03
CA GLY B 286 -4.97 46.16 0.72
C GLY B 286 -3.51 46.45 0.95
N TYR B 287 -2.97 45.90 2.05
CA TYR B 287 -1.57 46.12 2.40
C TYR B 287 -0.64 45.43 1.41
N ASN B 288 -1.02 44.26 0.93
CA ASN B 288 -0.31 43.60 -0.17
C ASN B 288 -0.22 44.48 -1.42
N MET B 289 -1.36 45.02 -1.83
CA MET B 289 -1.39 46.01 -2.93
C MET B 289 -0.55 47.25 -2.62
N ALA B 290 -0.60 47.70 -1.38
CA ALA B 290 0.17 48.87 -0.94
C ALA B 290 1.69 48.72 -1.12
N HIS B 291 2.21 47.49 -1.03
CA HIS B 291 3.66 47.28 -1.18
C HIS B 291 4.10 47.68 -2.58
N PHE B 292 3.16 47.65 -3.52
CA PHE B 292 3.39 48.16 -4.87
C PHE B 292 2.96 49.62 -4.98
N SER B 293 1.69 49.91 -4.73
CA SER B 293 1.10 51.22 -5.04
C SER B 293 1.71 52.41 -4.30
N LYS B 294 2.17 52.20 -3.07
CA LYS B 294 2.70 53.29 -2.26
C LYS B 294 4.13 53.70 -2.63
N PHE B 295 4.88 52.78 -3.25
CA PHE B 295 6.29 52.99 -3.56
C PHE B 295 6.60 52.98 -5.07
N VAL B 296 5.85 52.20 -5.86
CA VAL B 296 6.00 52.19 -7.32
C VAL B 296 5.02 53.18 -7.97
N ARG B 297 5.40 54.46 -7.98
CA ARG B 297 4.53 55.57 -8.41
C ARG B 297 4.41 55.67 -9.94
N PRO B 298 3.34 56.30 -10.45
CA PRO B 298 3.27 56.53 -11.89
C PRO B 298 4.53 57.20 -12.40
N GLY B 299 4.98 56.83 -13.60
CA GLY B 299 6.23 57.35 -14.13
C GLY B 299 7.43 56.42 -13.91
N TYR B 300 7.36 55.55 -12.89
CA TYR B 300 8.41 54.55 -12.70
C TYR B 300 8.44 53.59 -13.88
N VAL B 301 9.59 52.95 -14.09
CA VAL B 301 9.70 51.83 -15.02
C VAL B 301 10.09 50.56 -14.27
N ARG B 302 9.61 49.41 -14.74
CA ARG B 302 10.06 48.15 -14.22
C ARG B 302 11.42 47.89 -14.84
N VAL B 303 12.30 47.27 -14.06
CA VAL B 303 13.62 46.90 -14.54
C VAL B 303 13.76 45.40 -14.39
N ASP B 304 14.69 44.82 -15.15
CA ASP B 304 14.91 43.39 -15.14
C ASP B 304 15.44 42.97 -13.77
N ALA B 305 14.83 41.94 -13.19
CA ALA B 305 15.29 41.36 -11.91
C ALA B 305 15.12 39.85 -11.95
N THR B 306 15.92 39.13 -11.15
CA THR B 306 15.81 37.68 -11.06
C THR B 306 14.49 37.35 -10.38
N LYS B 307 13.55 36.84 -11.17
CA LYS B 307 12.15 36.74 -10.72
C LYS B 307 11.91 35.66 -9.65
N ASN B 308 12.66 34.56 -9.72
CA ASN B 308 12.48 33.42 -8.83
C ASN B 308 13.85 32.87 -8.38
N PRO B 309 14.53 33.62 -7.52
CA PRO B 309 15.90 33.30 -7.10
C PRO B 309 16.04 32.12 -6.13
N ASP B 310 14.97 31.83 -5.41
CA ASP B 310 14.88 30.62 -4.59
C ASP B 310 13.45 30.12 -4.73
N THR B 311 13.22 28.84 -4.41
CA THR B 311 11.97 28.15 -4.76
C THR B 311 10.66 28.90 -4.40
N ASN B 312 10.48 29.33 -3.15
CA ASN B 312 9.26 30.06 -2.77
C ASN B 312 9.44 31.58 -2.69
N THR B 313 10.48 32.12 -3.31
CA THR B 313 10.76 33.55 -3.27
C THR B 313 10.53 34.18 -4.64
N TYR B 314 9.86 35.31 -4.66
CA TYR B 314 9.54 36.00 -5.90
C TYR B 314 9.91 37.48 -5.79
N VAL B 315 10.58 37.99 -6.82
CA VAL B 315 11.14 39.34 -6.80
C VAL B 315 10.85 40.10 -8.09
N SER B 316 10.50 41.37 -7.94
CA SER B 316 10.44 42.32 -9.07
C SER B 316 11.07 43.63 -8.63
N ALA B 317 11.34 44.51 -9.57
CA ALA B 317 12.09 45.73 -9.27
C ALA B 317 11.80 46.85 -10.26
N TYR B 318 11.91 48.07 -9.77
CA TYR B 318 11.42 49.26 -10.46
C TYR B 318 12.30 50.41 -10.12
N LYS B 319 12.33 51.42 -10.99
CA LYS B 319 13.08 52.63 -10.71
C LYS B 319 12.30 53.86 -11.14
N GLY B 320 12.59 54.98 -10.47
CA GLY B 320 11.91 56.23 -10.72
C GLY B 320 12.23 57.19 -9.59
N ASP B 321 12.19 58.49 -9.89
CA ASP B 321 12.45 59.53 -8.89
C ASP B 321 13.79 59.31 -8.18
N ASN B 322 14.78 58.81 -8.93
CA ASN B 322 16.11 58.52 -8.41
C ASN B 322 16.20 57.41 -7.37
N LYS B 323 15.18 56.54 -7.32
CA LYS B 323 15.20 55.38 -6.42
C LYS B 323 15.11 54.05 -7.15
N VAL B 324 15.47 52.98 -6.42
CA VAL B 324 15.13 51.61 -6.75
C VAL B 324 14.04 51.16 -5.81
N VAL B 325 13.08 50.40 -6.32
CA VAL B 325 12.08 49.76 -5.48
C VAL B 325 12.12 48.27 -5.79
N ILE B 326 12.19 47.44 -4.76
CA ILE B 326 12.21 45.98 -4.92
C ILE B 326 11.11 45.41 -4.06
N VAL B 327 10.27 44.58 -4.68
CA VAL B 327 9.21 43.88 -3.98
C VAL B 327 9.56 42.40 -3.95
N ALA B 328 9.77 41.90 -2.74
CA ALA B 328 10.30 40.56 -2.51
C ALA B 328 9.30 39.77 -1.68
N ILE B 329 8.82 38.67 -2.26
CA ILE B 329 7.75 37.87 -1.70
C ILE B 329 8.28 36.52 -1.29
N ASN B 330 8.09 36.13 -0.03
CA ASN B 330 8.38 34.76 0.42
C ASN B 330 7.07 34.02 0.75
N ARG B 331 6.64 33.14 -0.16
CA ARG B 331 5.40 32.38 -0.01
C ARG B 331 5.54 31.17 0.91
N GLY B 332 6.77 30.73 1.13
CA GLY B 332 7.05 29.49 1.88
C GLY B 332 6.86 29.59 3.38
N THR B 333 6.79 28.42 4.02
CA THR B 333 6.51 28.33 5.46
C THR B 333 7.75 28.61 6.34
N SER B 334 8.94 28.62 5.73
CA SER B 334 10.18 28.94 6.43
C SER B 334 10.75 30.29 5.98
N ALA B 335 11.48 30.93 6.89
CA ALA B 335 12.22 32.16 6.60
C ALA B 335 13.43 31.87 5.71
N ALA B 336 13.77 32.84 4.87
CA ALA B 336 14.86 32.70 3.90
C ALA B 336 15.83 33.87 4.01
N SER B 337 17.06 33.63 3.58
CA SER B 337 18.04 34.70 3.42
C SER B 337 18.20 35.00 1.93
N GLN B 338 18.11 36.28 1.56
CA GLN B 338 18.18 36.67 0.17
C GLN B 338 19.20 37.78 -0.05
N ARG B 339 20.16 37.51 -0.93
CA ARG B 339 21.15 38.53 -1.32
C ARG B 339 20.72 39.22 -2.60
N PHE B 340 20.64 40.54 -2.55
CA PHE B 340 20.28 41.38 -3.68
C PHE B 340 21.53 42.05 -4.22
N VAL B 341 21.66 42.12 -5.55
CA VAL B 341 22.82 42.74 -6.18
C VAL B 341 22.36 43.76 -7.23
N LEU B 342 22.69 45.03 -6.97
CA LEU B 342 22.39 46.12 -7.88
C LEU B 342 23.44 46.15 -8.99
N GLN B 343 22.98 46.13 -10.24
CA GLN B 343 23.86 46.24 -11.40
C GLN B 343 23.47 47.47 -12.21
N ASN B 344 24.48 48.26 -12.57
CA ASN B 344 24.32 49.43 -13.42
C ASN B 344 23.53 50.54 -12.76
N GLY B 345 23.84 50.75 -11.48
CA GLY B 345 23.15 51.69 -10.62
C GLY B 345 23.73 51.45 -9.23
N ASN B 346 23.84 52.51 -8.42
CA ASN B 346 24.48 52.38 -7.11
C ASN B 346 23.66 52.94 -5.96
N ALA B 347 23.81 52.34 -4.79
CA ALA B 347 23.21 52.82 -3.55
C ALA B 347 24.11 52.47 -2.36
N SER B 348 23.95 53.18 -1.24
CA SER B 348 24.76 52.92 -0.04
C SER B 348 23.97 52.35 1.14
N THR B 349 22.69 52.71 1.24
CA THR B 349 21.82 52.11 2.25
C THR B 349 20.41 51.89 1.68
N VAL B 350 19.69 50.94 2.26
CA VAL B 350 18.36 50.52 1.77
C VAL B 350 17.39 50.52 2.92
N SER B 351 16.25 51.20 2.74
CA SER B 351 15.10 51.09 3.66
C SER B 351 14.27 49.85 3.30
N SER B 352 13.35 49.47 4.17
CA SER B 352 12.66 48.18 4.05
C SER B 352 11.36 48.16 4.85
N TYR B 353 10.30 47.60 4.26
CA TYR B 353 8.98 47.52 4.90
C TYR B 353 8.38 46.14 4.66
N VAL B 354 7.77 45.54 5.69
CA VAL B 354 7.28 44.17 5.58
C VAL B 354 5.85 44.00 6.10
N THR B 355 5.08 43.16 5.41
CA THR B 355 3.76 42.76 5.90
C THR B 355 3.75 41.24 6.09
N ASP B 356 3.30 40.80 7.26
CA ASP B 356 3.13 39.38 7.56
C ASP B 356 1.96 39.15 8.50
N SER B 357 1.91 37.98 9.14
CA SER B 357 0.77 37.64 10.01
C SER B 357 0.51 38.69 11.08
N SER B 358 1.58 39.16 11.72
CA SER B 358 1.46 40.10 12.82
C SER B 358 1.72 41.57 12.46
N ARG B 359 2.25 41.85 11.27
CA ARG B 359 2.63 43.23 10.92
C ARG B 359 2.11 43.72 9.56
N ASN B 360 1.94 45.04 9.48
CA ASN B 360 1.51 45.71 8.27
C ASN B 360 2.47 46.85 7.96
N LEU B 361 3.19 46.76 6.85
CA LEU B 361 4.12 47.81 6.43
C LEU B 361 5.03 48.33 7.57
N ALA B 362 5.56 47.41 8.38
CA ALA B 362 6.45 47.80 9.48
C ALA B 362 7.81 48.17 8.94
N SER B 363 8.29 49.37 9.27
CA SER B 363 9.65 49.78 8.92
C SER B 363 10.64 48.89 9.63
N LEU B 364 11.59 48.34 8.87
CA LEU B 364 12.74 47.63 9.45
C LEU B 364 13.93 48.57 9.53
N ALA B 365 15.00 48.10 10.18
CA ALA B 365 16.23 48.88 10.30
C ALA B 365 16.87 49.11 8.92
N PRO B 366 17.53 50.27 8.72
CA PRO B 366 18.29 50.46 7.48
C PRO B 366 19.31 49.34 7.26
N ILE B 367 19.40 48.84 6.04
CA ILE B 367 20.40 47.82 5.68
C ILE B 367 21.46 48.47 4.80
N ASN B 368 22.67 47.94 4.89
CA ASN B 368 23.85 48.53 4.27
C ASN B 368 24.26 47.81 3.00
N VAL B 369 24.52 48.59 1.94
CA VAL B 369 24.86 48.02 0.63
C VAL B 369 26.34 48.22 0.36
N SER B 370 27.06 47.12 0.13
CA SER B 370 28.50 47.19 -0.13
C SER B 370 28.86 46.54 -1.46
N ASN B 371 29.57 47.30 -2.30
CA ASN B 371 29.95 46.83 -3.63
C ASN B 371 28.73 46.48 -4.51
N GLY B 372 27.57 47.05 -4.18
CA GLY B 372 26.32 46.80 -4.89
C GLY B 372 25.38 45.80 -4.25
N ALA B 373 25.83 45.10 -3.20
CA ALA B 373 25.09 43.96 -2.65
C ALA B 373 24.63 44.17 -1.19
N PHE B 374 23.47 43.63 -0.86
CA PHE B 374 22.97 43.58 0.52
C PHE B 374 22.15 42.32 0.71
N THR B 375 22.08 41.83 1.96
CA THR B 375 21.37 40.61 2.30
C THR B 375 20.25 40.94 3.29
N ALA B 376 19.12 40.27 3.15
CA ALA B 376 17.97 40.51 4.02
C ALA B 376 17.19 39.23 4.29
N GLN B 377 16.55 39.22 5.46
CA GLN B 377 15.72 38.11 5.89
C GLN B 377 14.30 38.34 5.39
N LEU B 378 13.77 37.36 4.68
CA LEU B 378 12.37 37.40 4.27
C LEU B 378 11.63 36.41 5.16
N PRO B 379 10.79 36.90 6.09
CA PRO B 379 10.05 35.96 6.95
C PRO B 379 9.20 34.97 6.17
N ALA B 380 8.75 33.92 6.86
CA ALA B 380 7.79 32.99 6.31
C ALA B 380 6.56 33.77 5.86
N GLN B 381 6.03 33.46 4.67
CA GLN B 381 4.76 34.03 4.21
C GLN B 381 4.70 35.54 4.43
N SER B 382 5.58 36.26 3.75
CA SER B 382 5.68 37.72 3.88
C SER B 382 5.99 38.37 2.53
N VAL B 383 5.72 39.68 2.48
CA VAL B 383 6.11 40.51 1.37
C VAL B 383 6.88 41.67 1.96
N THR B 384 8.00 41.99 1.33
CA THR B 384 8.90 43.04 1.81
C THR B 384 9.15 44.01 0.67
N THR B 385 9.01 45.31 0.91
CA THR B 385 9.34 46.30 -0.11
C THR B 385 10.59 47.09 0.34
N PHE B 386 11.62 47.08 -0.50
CA PHE B 386 12.85 47.83 -0.26
C PHE B 386 12.88 49.11 -1.10
N VAL B 387 13.55 50.14 -0.62
CA VAL B 387 13.65 51.41 -1.31
C VAL B 387 15.03 51.97 -1.04
N ALA B 388 15.76 52.34 -2.09
CA ALA B 388 17.12 52.85 -1.93
C ALA B 388 17.41 53.98 -2.91
N ASN B 389 17.88 55.11 -2.39
CA ASN B 389 18.26 56.28 -3.20
C ASN B 389 19.49 55.98 -4.05
N LEU B 390 19.36 56.18 -5.36
CA LEU B 390 20.42 55.89 -6.31
C LEU B 390 21.42 57.03 -6.43
N SER B 391 22.68 56.66 -6.62
CA SER B 391 23.76 57.63 -6.78
C SER B 391 23.68 58.31 -8.13
N GLY B 392 24.24 59.52 -8.18
CA GLY B 392 24.46 60.23 -9.43
C GLY B 392 23.25 60.82 -10.10
N GLY B 393 22.10 60.76 -9.44
CA GLY B 393 20.84 61.12 -10.07
C GLY B 393 20.42 62.57 -9.81
N ASN B 394 19.27 62.92 -10.39
CA ASN B 394 18.45 64.11 -10.04
C ASN B 394 17.71 64.67 -11.26
N SER B 395 16.47 65.10 -11.04
CA SER B 395 15.59 65.54 -12.13
C SER B 395 14.31 66.25 -11.63
N GLY B 396 13.41 66.54 -12.57
CA GLY B 396 12.01 66.88 -12.29
C GLY B 396 11.71 67.97 -11.27
N GLY B 397 12.03 69.22 -11.60
CA GLY B 397 11.60 70.36 -10.77
C GLY B 397 12.49 71.60 -10.81
N GLY B 398 13.73 71.43 -10.38
CA GLY B 398 14.65 72.53 -10.03
C GLY B 398 14.51 73.92 -10.62
N ASN B 399 13.70 74.75 -9.97
CA ASN B 399 13.79 76.21 -10.11
C ASN B 399 13.10 76.94 -8.96
N ASN B 401 11.61 74.62 -5.69
CA ASN B 401 11.00 73.59 -4.85
C ASN B 401 10.42 74.16 -3.54
N THR B 402 9.98 73.26 -2.66
CA THR B 402 8.98 73.59 -1.66
C THR B 402 9.44 73.25 -0.23
N GLY B 403 9.37 74.24 0.64
CA GLY B 403 9.89 74.11 2.00
C GLY B 403 9.08 73.26 2.94
N THR B 404 9.55 73.19 4.17
CA THR B 404 8.78 72.64 5.28
C THR B 404 8.85 73.61 6.45
N THR B 405 7.70 73.83 7.07
CA THR B 405 7.56 74.79 8.16
C THR B 405 7.50 74.03 9.48
N TYR B 406 8.35 74.43 10.42
CA TYR B 406 8.37 73.84 11.76
C TYR B 406 8.02 74.91 12.78
N GLU B 407 6.98 74.67 13.57
CA GLU B 407 6.58 75.61 14.60
C GLU B 407 7.63 75.68 15.71
N ALA B 408 7.75 76.85 16.33
CA ALA B 408 8.68 77.05 17.44
C ALA B 408 8.12 76.53 18.76
N GLU B 409 6.79 76.46 18.87
CA GLU B 409 6.13 76.24 20.16
C GLU B 409 5.94 74.76 20.53
N THR B 410 5.68 73.93 19.53
CA THR B 410 5.55 72.48 19.71
C THR B 410 6.54 71.76 18.80
N GLY B 411 6.85 70.51 19.13
CA GLY B 411 7.88 69.73 18.42
C GLY B 411 9.29 70.23 18.68
N THR B 412 9.45 71.06 19.70
CA THR B 412 10.75 71.64 20.04
C THR B 412 11.13 71.27 21.47
N THR B 413 12.36 71.64 21.82
CA THR B 413 12.84 71.56 23.20
C THR B 413 13.29 72.96 23.57
N LEU B 414 12.69 73.51 24.62
CA LEU B 414 12.89 74.90 25.03
C LEU B 414 13.76 74.96 26.30
N THR B 415 14.62 75.96 26.39
CA THR B 415 15.43 76.21 27.59
C THR B 415 15.20 77.65 28.08
N ASP B 416 14.59 77.78 29.25
CA ASP B 416 14.27 79.09 29.84
C ASP B 416 13.58 79.99 28.81
N ALA B 417 12.58 79.41 28.14
CA ALA B 417 11.70 80.12 27.21
C ALA B 417 10.33 79.46 27.26
N VAL B 418 9.27 80.22 27.03
CA VAL B 418 7.92 79.69 27.18
C VAL B 418 7.02 80.04 25.99
N VAL B 419 6.00 79.20 25.77
CA VAL B 419 5.00 79.44 24.74
C VAL B 419 3.99 80.49 25.21
N GLU B 420 3.58 81.37 24.30
CA GLU B 420 2.58 82.39 24.59
C GLU B 420 1.64 82.62 23.42
N THR B 421 0.51 83.27 23.71
CA THR B 421 -0.53 83.54 22.72
C THR B 421 -1.11 84.94 22.83
N LEU B 422 -0.43 85.82 23.54
CA LEU B 422 -0.89 87.17 23.77
C LEU B 422 -1.05 87.94 22.46
N TYR B 423 0.02 88.02 21.70
CA TYR B 423 0.04 88.78 20.45
C TYR B 423 -0.43 87.91 19.28
N PRO B 424 -1.45 88.38 18.53
CA PRO B 424 -2.02 87.61 17.43
C PRO B 424 -1.17 87.62 16.15
N GLY B 425 -1.60 86.84 15.17
CA GLY B 425 -0.96 86.81 13.84
C GLY B 425 0.05 85.68 13.68
N TYR B 426 0.23 84.88 14.73
CA TYR B 426 1.14 83.74 14.73
C TYR B 426 0.49 82.51 14.06
N THR B 427 1.30 81.70 13.41
CA THR B 427 0.86 80.39 12.92
C THR B 427 0.95 79.35 14.03
N GLY B 428 0.19 78.27 13.91
CA GLY B 428 0.18 77.22 14.93
C GLY B 428 -0.52 77.63 16.23
N SER B 429 -0.05 77.09 17.35
CA SER B 429 -0.72 77.28 18.65
C SER B 429 -0.23 78.52 19.44
N GLY B 430 0.89 79.10 19.03
CA GLY B 430 1.45 80.25 19.72
C GLY B 430 2.80 80.66 19.19
N TYR B 431 3.64 81.17 20.09
CA TYR B 431 5.00 81.57 19.75
C TYR B 431 5.84 81.53 21.01
N VAL B 432 7.15 81.48 20.82
CA VAL B 432 8.04 81.29 21.95
C VAL B 432 8.62 82.63 22.36
N ASN B 433 8.60 82.88 23.66
CA ASN B 433 9.20 84.06 24.27
C ASN B 433 10.45 83.66 25.06
N PHE B 434 11.57 84.31 24.76
CA PHE B 434 12.82 84.06 25.46
C PHE B 434 12.78 84.77 26.81
N ASN B 435 13.02 84.05 27.91
CA ASN B 435 12.96 84.64 29.26
C ASN B 435 14.21 85.40 29.68
N ALA B 436 15.38 84.85 29.35
CA ALA B 436 16.65 85.35 29.87
C ALA B 436 17.49 86.05 28.80
N TYR B 437 18.11 87.16 29.20
CA TYR B 437 18.98 87.96 28.33
C TYR B 437 20.08 87.14 27.68
N THR B 438 20.65 86.15 28.38
CA THR B 438 21.91 85.55 27.93
C THR B 438 22.01 84.08 27.48
N ASN B 439 21.25 83.11 27.98
CA ASN B 439 21.18 81.84 27.19
C ASN B 439 19.97 80.96 27.36
N SER B 440 18.85 81.53 26.96
CA SER B 440 17.64 80.77 26.77
C SER B 440 17.69 80.28 25.33
N ALA B 441 17.04 79.15 25.07
CA ALA B 441 17.19 78.48 23.79
C ALA B 441 15.91 77.83 23.31
N ILE B 442 15.80 77.74 21.98
CA ILE B 442 14.86 76.84 21.30
C ILE B 442 15.67 75.82 20.50
N GLU B 443 15.22 74.57 20.50
CA GLU B 443 15.89 73.52 19.75
C GLU B 443 14.91 72.70 18.93
N TRP B 444 15.13 72.69 17.62
CA TRP B 444 14.45 71.77 16.72
C TRP B 444 15.36 70.57 16.57
N ASN B 445 14.81 69.37 16.74
CA ASN B 445 15.63 68.16 16.56
C ASN B 445 14.97 67.11 15.68
N ALA B 446 14.03 67.56 14.85
CA ALA B 446 13.40 66.69 13.87
C ALA B 446 13.22 67.42 12.54
N ILE B 447 14.24 68.19 12.15
CA ILE B 447 14.29 68.81 10.83
C ILE B 447 14.70 67.72 9.84
N ASN B 448 13.78 67.38 8.94
CA ASN B 448 13.96 66.28 8.00
C ASN B 448 14.17 66.82 6.61
N ASN B 449 15.30 66.48 5.99
CA ASN B 449 15.59 66.92 4.62
C ASN B 449 15.73 65.75 3.65
N MET B 450 15.40 66.02 2.39
CA MET B 450 15.52 65.04 1.31
C MET B 450 16.98 64.81 0.90
N THR B 451 17.72 65.90 0.74
CA THR B 451 19.08 65.85 0.23
C THR B 451 19.99 66.61 1.16
N THR B 452 21.28 66.26 1.13
CA THR B 452 22.28 67.04 1.84
C THR B 452 22.68 68.19 0.93
N GLY B 453 22.75 69.40 1.48
CA GLY B 453 22.98 70.60 0.69
C GLY B 453 22.72 71.90 1.43
N THR B 454 22.85 73.01 0.71
CA THR B 454 22.60 74.33 1.27
C THR B 454 21.10 74.53 1.44
N LYS B 455 20.70 74.86 2.67
CA LYS B 455 19.31 75.15 3.03
C LYS B 455 19.13 76.61 3.40
N ASN B 456 18.06 77.22 2.89
CA ASN B 456 17.63 78.52 3.38
C ASN B 456 16.71 78.31 4.57
N VAL B 457 16.99 78.99 5.68
CA VAL B 457 16.21 78.86 6.91
C VAL B 457 15.56 80.21 7.24
N LYS B 458 14.25 80.28 7.06
CA LYS B 458 13.52 81.52 7.24
C LYS B 458 12.84 81.54 8.62
N PHE B 459 13.23 82.48 9.46
CA PHE B 459 12.60 82.67 10.76
C PHE B 459 11.44 83.63 10.61
N ARG B 460 10.32 83.32 11.27
CA ARG B 460 9.23 84.27 11.42
C ARG B 460 9.23 84.72 12.88
N TYR B 461 9.27 86.03 13.10
CA TYR B 461 9.52 86.59 14.44
C TYR B 461 8.96 88.00 14.58
N ALA B 462 8.85 88.44 15.84
CA ALA B 462 8.44 89.81 16.17
C ALA B 462 9.44 90.43 17.13
N LEU B 463 9.71 91.72 16.93
CA LEU B 463 10.60 92.45 17.80
C LEU B 463 10.28 93.94 17.74
N GLU B 464 9.68 94.45 18.81
CA GLU B 464 9.16 95.81 18.84
C GLU B 464 10.20 96.89 18.46
N SER B 465 11.29 96.96 19.21
CA SER B 465 12.27 98.04 19.06
C SER B 465 13.75 97.62 18.97
N GLY B 466 14.18 96.60 19.70
CA GLY B 466 15.61 96.28 19.71
C GLY B 466 16.21 95.73 18.41
N THR B 467 17.53 95.60 18.39
CA THR B 467 18.20 94.66 17.49
C THR B 467 18.75 93.58 18.41
N ARG B 468 18.28 92.35 18.24
CA ARG B 468 18.65 91.27 19.15
C ARG B 468 19.46 90.17 18.48
N ASN B 469 20.56 89.80 19.13
CA ASN B 469 21.54 88.89 18.56
C ASN B 469 21.39 87.48 19.14
N LEU B 470 21.46 86.47 18.28
CA LEU B 470 21.36 85.06 18.67
C LEU B 470 22.52 84.21 18.11
N ASP B 471 23.03 83.29 18.92
CA ASP B 471 23.90 82.23 18.41
C ASP B 471 23.00 81.22 17.73
N ILE B 472 23.52 80.62 16.65
CA ILE B 472 22.78 79.68 15.85
C ILE B 472 23.63 78.43 15.66
N TYR B 473 23.15 77.30 16.17
CA TYR B 473 23.86 76.02 16.06
C TYR B 473 23.12 75.06 15.13
N VAL B 474 23.87 74.40 14.25
CA VAL B 474 23.32 73.38 13.37
C VAL B 474 24.05 72.04 13.60
N ASN B 475 23.28 71.01 13.94
CA ASN B 475 23.81 69.69 14.32
C ASN B 475 24.87 69.73 15.44
N GLY B 476 24.81 70.75 16.30
CA GLY B 476 25.76 70.90 17.40
C GLY B 476 26.99 71.73 17.11
N THR B 477 27.07 72.31 15.91
CA THR B 477 28.17 73.21 15.54
C THR B 477 27.64 74.62 15.38
N LYS B 478 28.42 75.60 15.84
CA LYS B 478 28.04 77.00 15.72
C LYS B 478 28.40 77.49 14.32
N VAL B 479 27.38 77.76 13.52
CA VAL B 479 27.60 78.24 12.15
C VAL B 479 27.51 79.76 12.04
N LEU B 480 26.82 80.39 13.00
CA LEU B 480 26.70 81.85 13.03
C LEU B 480 26.72 82.35 14.46
N SER B 481 27.42 83.46 14.66
CA SER B 481 27.75 83.97 15.99
C SER B 481 27.17 85.38 16.17
N ASN B 482 26.34 85.55 17.21
CA ASN B 482 25.62 86.81 17.45
C ASN B 482 24.92 87.36 16.18
N GLU B 483 24.09 86.52 15.55
CA GLU B 483 23.42 86.88 14.30
C GLU B 483 22.30 87.89 14.57
N PRO B 484 22.28 89.02 13.85
CA PRO B 484 21.33 90.06 14.23
C PRO B 484 19.90 89.85 13.70
N PHE B 485 18.93 90.01 14.60
CA PHE B 485 17.52 90.12 14.25
C PHE B 485 17.10 91.56 14.53
N THR B 486 16.78 92.32 13.48
CA THR B 486 16.36 93.72 13.61
C THR B 486 14.87 93.84 13.91
N GLU B 487 14.46 95.02 14.38
CA GLU B 487 13.10 95.30 14.82
C GLU B 487 12.04 95.14 13.73
N THR B 488 10.82 94.76 14.15
CA THR B 488 9.66 94.68 13.26
C THR B 488 8.68 95.84 13.48
N GLY B 489 8.87 96.58 14.57
CA GLY B 489 8.04 97.75 14.86
C GLY B 489 7.02 97.50 15.96
N SER B 490 6.70 96.22 16.19
CA SER B 490 5.73 95.84 17.21
C SER B 490 5.75 94.34 17.47
N TRP B 491 5.26 93.93 18.62
CA TRP B 491 5.21 92.52 19.02
C TRP B 491 4.14 91.72 18.27
N SER B 492 3.24 92.40 17.55
CA SER B 492 2.26 91.75 16.68
C SER B 492 2.52 92.03 15.18
N THR B 493 3.70 92.55 14.85
CA THR B 493 4.16 92.63 13.45
C THR B 493 5.21 91.56 13.23
N TRP B 494 4.86 90.55 12.43
CA TRP B 494 5.74 89.42 12.20
C TRP B 494 6.62 89.63 10.96
N GLY B 495 7.94 89.63 11.17
CA GLY B 495 8.90 89.78 10.09
C GLY B 495 9.55 88.46 9.73
N GLU B 496 10.40 88.49 8.71
CA GLU B 496 11.15 87.32 8.31
C GLU B 496 12.62 87.66 8.20
N LYS B 497 13.45 86.74 8.66
CA LYS B 497 14.89 86.79 8.47
C LYS B 497 15.33 85.46 7.90
N THR B 498 16.18 85.51 6.90
CA THR B 498 16.63 84.31 6.21
C THR B 498 18.14 84.19 6.30
N ILE B 499 18.61 82.99 6.65
CA ILE B 499 20.03 82.67 6.63
C ILE B 499 20.26 81.45 5.75
N GLN B 500 21.51 81.27 5.35
CA GLN B 500 21.92 80.12 4.56
C GLN B 500 22.85 79.24 5.38
N VAL B 501 22.54 77.95 5.36
CA VAL B 501 23.12 76.96 6.26
C VAL B 501 23.16 75.65 5.50
N ALA B 502 24.04 74.73 5.89
CA ALA B 502 24.07 73.42 5.24
C ALA B 502 23.44 72.34 6.14
N MET B 503 22.73 71.40 5.54
CA MET B 503 22.15 70.27 6.29
C MET B 503 22.24 68.97 5.48
N ASN B 504 22.28 67.85 6.20
CA ASN B 504 22.26 66.51 5.59
C ASN B 504 20.86 66.02 5.22
N SER B 505 20.82 64.97 4.42
CA SER B 505 19.59 64.21 4.17
C SER B 505 19.13 63.46 5.41
N GLY B 506 19.96 63.39 6.45
CA GLY B 506 19.51 62.87 7.73
C GLY B 506 18.35 63.63 8.39
N VAL B 507 18.11 63.23 9.63
CA VAL B 507 17.46 64.07 10.61
C VAL B 507 18.51 65.13 10.95
N ASN B 508 18.05 66.34 11.26
CA ASN B 508 18.95 67.44 11.62
C ASN B 508 18.45 68.19 12.85
N THR B 509 19.38 68.82 13.57
CA THR B 509 19.00 69.66 14.68
C THR B 509 19.42 71.10 14.42
N LEU B 510 18.60 72.02 14.87
CA LEU B 510 18.93 73.43 14.84
C LEU B 510 18.58 74.04 16.19
N ARG B 511 19.50 74.85 16.71
CA ARG B 511 19.41 75.41 18.04
C ARG B 511 19.72 76.89 17.97
N ILE B 512 18.86 77.72 18.55
CA ILE B 512 19.11 79.17 18.61
C ILE B 512 19.10 79.62 20.08
N VAL B 513 20.07 80.45 20.43
CA VAL B 513 20.39 80.75 21.83
C VAL B 513 20.67 82.24 22.00
N THR B 514 20.22 82.82 23.12
CA THR B 514 20.45 84.24 23.40
C THR B 514 21.91 84.42 23.86
N THR B 515 22.48 85.57 23.57
CA THR B 515 23.90 85.81 23.86
C THR B 515 24.14 87.06 24.70
N GLY B 516 23.07 87.70 25.15
CA GLY B 516 23.20 88.93 25.91
C GLY B 516 22.21 90.03 25.64
N THR B 517 21.43 89.92 24.56
CA THR B 517 20.42 90.93 24.24
C THR B 517 18.98 90.37 24.25
N GLU B 518 18.74 89.30 25.02
CA GLU B 518 17.52 88.47 24.94
C GLU B 518 17.33 88.01 23.49
N GLY B 519 16.09 87.97 23.04
CA GLY B 519 15.73 87.39 21.76
C GLY B 519 14.31 87.78 21.38
N PRO B 520 14.03 87.79 20.08
CA PRO B 520 12.71 88.17 19.60
C PRO B 520 11.69 87.08 19.90
N ASN B 521 10.41 87.43 19.85
CA ASN B 521 9.37 86.40 19.93
C ASN B 521 9.39 85.59 18.64
N MET B 522 9.46 84.27 18.75
CA MET B 522 9.69 83.41 17.61
C MET B 522 8.44 82.59 17.28
N ASP B 523 7.94 82.77 16.07
CA ASP B 523 6.72 82.12 15.65
C ASP B 523 7.06 80.75 15.10
N ASN B 524 7.94 80.70 14.11
CA ASN B 524 8.32 79.45 13.48
C ASN B 524 9.58 79.58 12.63
N ILE B 525 9.97 78.47 12.00
CA ILE B 525 10.91 78.51 10.89
C ILE B 525 10.35 77.82 9.65
N THR B 526 10.89 78.22 8.50
CA THR B 526 10.68 77.56 7.23
C THR B 526 12.05 77.11 6.76
N VAL B 527 12.14 75.87 6.25
CA VAL B 527 13.38 75.34 5.69
C VAL B 527 13.14 74.98 4.24
N THR B 528 13.94 75.54 3.33
CA THR B 528 13.86 75.20 1.90
C THR B 528 15.25 74.90 1.34
N ALA B 529 15.35 73.88 0.50
CA ALA B 529 16.58 73.62 -0.25
C ALA B 529 16.79 74.69 -1.32
N SER B 530 18.02 75.21 -1.37
CA SER B 530 18.44 76.09 -2.45
C SER B 530 19.04 75.22 -3.54
N ALA B 531 18.58 75.43 -4.77
CA ALA B 531 18.99 74.61 -5.90
C ALA B 531 20.46 74.82 -6.26
N LYS B 532 21.06 73.79 -6.85
CA LYS B 532 22.37 73.91 -7.49
C LYS B 532 22.23 74.87 -8.67
N GLY B 533 23.10 75.88 -8.74
CA GLY B 533 23.02 76.88 -9.79
C GLY B 533 22.34 78.17 -9.38
N GLU B 534 21.43 78.08 -8.40
CA GLU B 534 20.82 79.26 -7.79
C GLU B 534 21.81 79.90 -6.80
N ALA C 1 -64.40 54.32 38.74
CA ALA C 1 -65.66 54.28 39.55
C ALA C 1 -65.36 54.64 41.01
N SER C 2 -65.65 55.89 41.37
CA SER C 2 -65.14 56.45 42.61
C SER C 2 -65.95 57.65 43.09
N ASP C 3 -66.07 57.75 44.41
CA ASP C 3 -66.76 58.86 45.08
C ASP C 3 -66.19 60.21 44.66
N ALA C 4 -67.07 61.18 44.47
CA ALA C 4 -66.68 62.57 44.37
C ALA C 4 -66.87 63.20 45.75
N ASN C 5 -65.80 63.23 46.53
CA ASN C 5 -65.82 63.84 47.85
C ASN C 5 -65.76 65.36 47.75
N ILE C 6 -66.73 66.03 48.37
CA ILE C 6 -66.79 67.48 48.42
C ILE C 6 -66.49 67.90 49.86
N ASN C 7 -65.26 68.37 50.10
CA ASN C 7 -64.88 68.84 51.44
C ASN C 7 -65.16 70.32 51.61
N LEU C 8 -66.33 70.62 52.18
CA LEU C 8 -66.86 71.99 52.23
C LEU C 8 -66.10 72.98 53.10
N SER C 9 -65.38 72.49 54.12
CA SER C 9 -64.62 73.35 55.02
C SER C 9 -63.18 73.57 54.57
N SER C 10 -62.83 73.07 53.40
CA SER C 10 -61.47 73.24 52.87
C SER C 10 -61.51 74.26 51.74
N GLU C 11 -61.35 75.53 52.11
CA GLU C 11 -61.50 76.65 51.20
C GLU C 11 -60.33 76.76 50.25
N LYS C 12 -60.65 77.06 49.00
CA LYS C 12 -59.68 77.35 47.97
C LYS C 12 -59.78 78.83 47.58
N GLN C 13 -59.88 79.18 46.29
CA GLN C 13 -59.83 80.60 45.92
C GLN C 13 -61.19 81.28 46.02
N LEU C 14 -61.14 82.58 46.35
CA LEU C 14 -62.30 83.46 46.35
C LEU C 14 -62.63 83.79 44.90
N ILE C 15 -63.89 83.56 44.49
CA ILE C 15 -64.34 83.83 43.13
C ILE C 15 -64.78 85.27 42.90
N LYS C 16 -64.22 85.88 41.86
CA LYS C 16 -64.57 87.24 41.46
C LYS C 16 -65.62 87.25 40.35
N GLY C 17 -65.56 86.26 39.46
CA GLY C 17 -66.66 86.05 38.53
C GLY C 17 -66.27 85.66 37.13
N PHE C 18 -67.23 85.87 36.22
CA PHE C 18 -67.16 85.39 34.85
C PHE C 18 -67.70 86.45 33.88
N GLY C 19 -67.10 86.52 32.70
CA GLY C 19 -67.54 87.48 31.69
C GLY C 19 -66.80 87.40 30.38
N GLY C 20 -66.80 88.52 29.66
CA GLY C 20 -66.08 88.66 28.40
C GLY C 20 -65.78 90.12 28.12
N ILE C 21 -65.33 90.41 26.91
CA ILE C 21 -65.01 91.79 26.53
C ILE C 21 -66.12 92.34 25.65
N ASN C 22 -66.44 93.61 25.89
CA ASN C 22 -67.22 94.42 24.96
C ASN C 22 -66.22 95.32 24.25
N HIS C 23 -66.30 95.40 22.92
CA HIS C 23 -65.34 96.19 22.14
C HIS C 23 -66.03 96.94 21.00
N PRO C 24 -66.64 98.08 21.31
CA PRO C 24 -67.30 98.89 20.28
C PRO C 24 -66.44 99.20 19.05
N ALA C 25 -65.16 99.53 19.25
CA ALA C 25 -64.31 99.98 18.13
C ALA C 25 -64.02 98.91 17.07
N TRP C 26 -64.00 97.64 17.48
CA TRP C 26 -63.59 96.58 16.57
C TRP C 26 -64.76 95.77 15.97
N ILE C 27 -65.80 95.52 16.76
CA ILE C 27 -66.97 94.74 16.31
C ILE C 27 -68.34 95.42 16.55
N GLY C 28 -68.34 96.58 17.19
CA GLY C 28 -69.59 97.27 17.54
C GLY C 28 -70.04 96.97 18.96
N ASP C 29 -70.72 97.94 19.57
CA ASP C 29 -71.19 97.81 20.95
C ASP C 29 -72.27 96.73 21.07
N LEU C 30 -72.55 96.30 22.29
CA LEU C 30 -73.72 95.47 22.53
C LEU C 30 -74.97 96.33 22.43
N THR C 31 -76.06 95.75 21.90
CA THR C 31 -77.36 96.43 21.90
C THR C 31 -77.92 96.40 23.32
N ALA C 32 -78.84 97.30 23.62
CA ALA C 32 -79.48 97.36 24.94
C ALA C 32 -79.97 95.98 25.38
N ALA C 33 -80.69 95.31 24.50
CA ALA C 33 -81.14 93.94 24.73
C ALA C 33 -79.98 92.98 24.95
N GLN C 34 -78.89 93.14 24.20
CA GLN C 34 -77.70 92.29 24.35
C GLN C 34 -77.01 92.48 25.71
N ARG C 35 -77.08 93.68 26.28
CA ARG C 35 -76.50 93.92 27.62
C ARG C 35 -77.22 93.08 28.67
N GLU C 36 -78.54 93.02 28.59
CA GLU C 36 -79.35 92.32 29.61
C GLU C 36 -79.13 90.81 29.56
N THR C 37 -79.12 90.28 28.33
CA THR C 37 -78.78 88.87 28.08
C THR C 37 -77.38 88.51 28.58
N ALA C 38 -76.43 89.44 28.47
CA ALA C 38 -75.06 89.21 28.95
C ALA C 38 -75.00 89.28 30.49
N PHE C 39 -75.36 90.41 31.06
CA PHE C 39 -75.02 90.65 32.47
C PHE C 39 -76.18 90.54 33.44
N GLY C 40 -77.38 90.31 32.91
CA GLY C 40 -78.48 89.86 33.75
C GLY C 40 -78.19 88.44 34.21
N ASN C 41 -78.68 88.07 35.38
CA ASN C 41 -78.80 86.67 35.75
C ASN C 41 -80.26 86.27 35.55
N GLY C 42 -80.74 85.23 36.21
CA GLY C 42 -82.12 84.83 36.00
C GLY C 42 -82.35 84.33 34.57
N GLN C 43 -83.61 84.32 34.17
CA GLN C 43 -84.01 83.49 33.04
C GLN C 43 -83.42 83.91 31.70
N ASN C 44 -82.78 82.94 31.05
CA ASN C 44 -82.24 83.08 29.71
C ASN C 44 -81.17 84.17 29.54
N GLN C 45 -80.48 84.50 30.62
CA GLN C 45 -79.42 85.49 30.60
C GLN C 45 -78.18 84.79 31.10
N LEU C 46 -77.01 85.23 30.65
CA LEU C 46 -75.76 84.51 30.89
C LEU C 46 -75.27 84.56 32.34
N GLY C 47 -75.64 85.61 33.07
CA GLY C 47 -75.21 85.79 34.46
C GLY C 47 -73.77 86.21 34.61
N PHE C 48 -73.24 86.88 33.59
CA PHE C 48 -71.87 87.41 33.64
C PHE C 48 -71.76 88.47 34.72
N SER C 49 -70.60 88.47 35.40
CA SER C 49 -70.32 89.36 36.53
C SER C 49 -69.04 90.19 36.31
N ILE C 50 -68.38 90.02 35.16
CA ILE C 50 -67.20 90.81 34.84
C ILE C 50 -67.30 91.32 33.43
N LEU C 51 -66.99 92.60 33.24
CA LEU C 51 -66.93 93.19 31.92
C LEU C 51 -65.50 93.67 31.71
N ARG C 52 -64.89 93.25 30.60
CA ARG C 52 -63.61 93.78 30.16
C ARG C 52 -63.85 94.84 29.09
N ILE C 53 -63.10 95.95 29.16
CA ILE C 53 -63.19 97.00 28.13
C ILE C 53 -61.82 97.41 27.61
N TYR C 54 -61.84 98.09 26.47
CA TYR C 54 -60.65 98.57 25.74
C TYR C 54 -60.22 99.91 26.28
N VAL C 55 -58.91 100.14 26.40
CA VAL C 55 -58.39 101.47 26.65
C VAL C 55 -57.77 101.94 25.34
N ASP C 56 -58.52 102.75 24.59
CA ASP C 56 -58.10 103.23 23.28
C ASP C 56 -56.86 104.11 23.41
N ASP C 57 -55.90 103.99 22.50
CA ASP C 57 -54.76 104.91 22.51
C ASP C 57 -55.22 106.33 22.23
N ASN C 58 -56.31 106.45 21.48
CA ASN C 58 -56.94 107.74 21.20
C ASN C 58 -58.05 108.10 22.20
N ARG C 59 -57.81 109.13 23.00
CA ARG C 59 -58.71 109.54 24.08
C ARG C 59 -60.03 110.18 23.62
N ASN C 60 -60.13 110.58 22.35
CA ASN C 60 -61.41 111.10 21.83
C ASN C 60 -62.46 109.99 21.60
N ASN C 61 -62.03 108.73 21.62
CA ASN C 61 -62.94 107.57 21.50
C ASN C 61 -63.34 106.92 22.83
N TRP C 62 -62.79 107.44 23.93
CA TRP C 62 -63.05 106.85 25.26
C TRP C 62 -64.53 106.83 25.63
N TYR C 63 -65.31 107.76 25.07
CA TYR C 63 -66.76 107.80 25.28
C TYR C 63 -67.50 106.50 24.91
N ARG C 64 -66.93 105.73 23.98
CA ARG C 64 -67.59 104.53 23.44
C ARG C 64 -67.91 103.45 24.48
N GLU C 65 -67.13 103.41 25.56
CA GLU C 65 -67.25 102.33 26.54
C GLU C 65 -68.37 102.55 27.56
N VAL C 66 -68.86 103.78 27.66
CA VAL C 66 -69.60 104.22 28.84
C VAL C 66 -70.92 103.49 29.08
N ALA C 67 -71.78 103.49 28.07
CA ALA C 67 -73.15 102.96 28.20
C ALA C 67 -73.17 101.51 28.67
N THR C 68 -72.38 100.65 28.03
CA THR C 68 -72.35 99.24 28.42
C THR C 68 -71.70 99.02 29.79
N ALA C 69 -70.67 99.81 30.11
CA ALA C 69 -69.98 99.70 31.42
C ALA C 69 -70.90 100.15 32.54
N LYS C 70 -71.42 101.36 32.39
CA LYS C 70 -72.40 101.94 33.31
C LYS C 70 -73.53 100.96 33.60
N ARG C 71 -74.04 100.31 32.55
CA ARG C 71 -75.14 99.36 32.70
C ARG C 71 -74.70 98.05 33.36
N ALA C 72 -73.48 97.58 33.06
CA ALA C 72 -72.94 96.38 33.70
C ALA C 72 -72.76 96.58 35.20
N ILE C 73 -72.35 97.78 35.61
CA ILE C 73 -72.21 98.10 37.02
C ILE C 73 -73.58 98.07 37.70
N GLU C 74 -74.57 98.75 37.13
CA GLU C 74 -75.95 98.68 37.66
C GLU C 74 -76.35 97.23 37.95
N GLN C 75 -75.97 96.31 37.05
CA GLN C 75 -76.28 94.88 37.20
C GLN C 75 -75.37 94.12 38.17
N GLY C 76 -74.40 94.80 38.80
CA GLY C 76 -73.56 94.17 39.82
C GLY C 76 -72.20 93.64 39.35
N ALA C 77 -71.83 93.94 38.11
CA ALA C 77 -70.58 93.47 37.55
C ALA C 77 -69.41 94.35 37.98
N LEU C 78 -68.22 93.76 37.99
CA LEU C 78 -66.98 94.52 38.07
C LEU C 78 -66.54 94.84 36.64
N VAL C 79 -65.96 96.02 36.44
CA VAL C 79 -65.42 96.36 35.14
C VAL C 79 -63.91 96.49 35.24
N PHE C 80 -63.19 95.92 34.26
CA PHE C 80 -61.75 96.14 34.13
C PHE C 80 -61.39 96.45 32.70
N ALA C 81 -60.26 97.15 32.52
CA ALA C 81 -59.92 97.73 31.24
C ALA C 81 -58.48 97.41 30.85
N SER C 82 -58.29 97.11 29.56
CA SER C 82 -56.99 96.69 29.02
C SER C 82 -56.57 97.56 27.84
N PRO C 83 -55.33 98.06 27.84
CA PRO C 83 -54.79 98.75 26.67
C PRO C 83 -54.00 97.82 25.74
N TRP C 84 -53.99 98.15 24.44
CA TRP C 84 -53.21 97.45 23.41
C TRP C 84 -52.00 98.27 22.98
N ASN C 85 -52.20 99.59 22.85
CA ASN C 85 -51.12 100.53 22.50
C ASN C 85 -51.09 101.80 23.37
N PRO C 86 -49.90 102.37 23.56
CA PRO C 86 -49.84 103.75 24.02
C PRO C 86 -50.14 104.71 22.87
N PRO C 87 -50.50 105.97 23.18
CA PRO C 87 -50.64 106.98 22.12
C PRO C 87 -49.40 107.02 21.21
N SER C 88 -49.62 107.23 19.92
CA SER C 88 -48.55 107.04 18.92
C SER C 88 -47.30 107.88 19.18
N ASP C 89 -47.45 109.06 19.79
CA ASP C 89 -46.30 109.89 20.18
C ASP C 89 -45.39 109.24 21.24
N MET C 90 -45.90 108.25 21.97
CA MET C 90 -45.11 107.58 23.01
C MET C 90 -44.46 106.29 22.53
N VAL C 91 -44.65 105.96 21.26
CA VAL C 91 -44.22 104.69 20.71
C VAL C 91 -43.06 104.90 19.74
N GLU C 92 -42.02 104.08 19.85
CA GLU C 92 -40.92 104.08 18.89
C GLU C 92 -40.90 102.71 18.23
N THR C 93 -40.22 102.62 17.08
CA THR C 93 -40.13 101.38 16.33
C THR C 93 -38.70 100.78 16.35
N PHE C 94 -38.62 99.46 16.32
CA PHE C 94 -37.34 98.74 16.31
C PHE C 94 -37.51 97.41 15.61
N ASN C 95 -36.39 96.75 15.33
CA ASN C 95 -36.45 95.41 14.77
C ASN C 95 -36.47 94.40 15.89
N ARG C 96 -37.47 93.54 15.87
CA ARG C 96 -37.54 92.48 16.83
C ARG C 96 -37.51 91.18 16.07
N ASN C 97 -36.33 90.55 16.00
CA ASN C 97 -36.24 89.20 15.44
C ASN C 97 -36.51 89.15 13.94
N GLY C 98 -36.42 90.29 13.26
CA GLY C 98 -36.61 90.35 11.81
C GLY C 98 -37.79 91.18 11.37
N ALA C 99 -38.78 91.35 12.24
CA ALA C 99 -39.96 92.16 11.93
C ALA C 99 -39.84 93.57 12.50
N SER C 100 -40.48 94.51 11.82
CA SER C 100 -40.72 95.85 12.35
C SER C 100 -41.68 95.71 13.54
N ALA C 101 -41.42 96.47 14.60
CA ALA C 101 -42.14 96.32 15.88
C ALA C 101 -42.22 97.62 16.67
N LYS C 102 -43.14 97.64 17.63
CA LYS C 102 -43.43 98.83 18.42
C LYS C 102 -43.26 98.54 19.91
N ARG C 103 -42.62 99.46 20.62
CA ARG C 103 -42.52 99.41 22.09
C ARG C 103 -42.71 100.81 22.66
N LEU C 104 -42.99 100.88 23.96
CA LEU C 104 -43.09 102.16 24.65
C LEU C 104 -41.71 102.79 24.76
N LYS C 105 -41.61 104.08 24.43
CA LYS C 105 -40.34 104.82 24.56
C LYS C 105 -39.91 104.93 26.02
N TYR C 106 -38.61 104.81 26.25
CA TYR C 106 -38.09 104.71 27.62
C TYR C 106 -38.32 105.98 28.45
N ASP C 107 -38.31 107.14 27.80
CA ASP C 107 -38.61 108.41 28.47
C ASP C 107 -40.12 108.83 28.44
N LYS C 108 -41.02 107.92 28.07
CA LYS C 108 -42.46 108.21 28.06
C LYS C 108 -43.25 107.35 29.05
N TYR C 109 -42.53 106.67 29.93
CA TYR C 109 -43.15 105.80 30.93
C TYR C 109 -44.00 106.59 31.92
N ALA C 110 -43.52 107.76 32.32
CA ALA C 110 -44.28 108.64 33.22
C ALA C 110 -45.58 109.05 32.52
N ALA C 111 -45.45 109.57 31.31
CA ALA C 111 -46.61 109.96 30.49
C ALA C 111 -47.62 108.82 30.27
N TYR C 112 -47.14 107.62 29.96
CA TYR C 112 -48.03 106.49 29.76
C TYR C 112 -48.84 106.23 31.04
N ALA C 113 -48.17 106.27 32.19
CA ALA C 113 -48.84 106.14 33.48
C ALA C 113 -49.92 107.22 33.66
N GLN C 114 -49.63 108.43 33.21
CA GLN C 114 -50.59 109.54 33.28
C GLN C 114 -51.80 109.29 32.37
N HIS C 115 -51.52 108.81 31.16
CA HIS C 115 -52.55 108.47 30.18
C HIS C 115 -53.56 107.46 30.75
N LEU C 116 -53.05 106.41 31.40
CA LEU C 116 -53.89 105.40 32.05
C LEU C 116 -54.71 106.00 33.21
N ASN C 117 -54.07 106.81 34.05
CA ASN C 117 -54.81 107.57 35.09
C ASN C 117 -55.98 108.39 34.49
N ASP C 118 -55.73 109.01 33.35
CA ASP C 118 -56.74 109.83 32.69
C ASP C 118 -57.91 109.00 32.16
N PHE C 119 -57.64 107.78 31.73
CA PHE C 119 -58.73 106.89 31.39
C PHE C 119 -59.55 106.57 32.64
N VAL C 120 -58.87 106.30 33.75
CA VAL C 120 -59.54 105.96 35.02
C VAL C 120 -60.43 107.12 35.47
N THR C 121 -59.87 108.32 35.40
CA THR C 121 -60.55 109.54 35.83
C THR C 121 -61.76 109.83 34.95
N PHE C 122 -61.55 109.79 33.63
CA PHE C 122 -62.61 109.98 32.65
C PHE C 122 -63.82 109.06 32.91
N MET C 123 -63.54 107.77 33.05
CA MET C 123 -64.58 106.78 33.40
C MET C 123 -65.26 107.14 34.71
N LYS C 124 -64.46 107.43 35.73
CA LYS C 124 -64.98 107.85 37.02
C LYS C 124 -65.94 109.05 36.86
N ASN C 125 -65.52 110.07 36.11
CA ASN C 125 -66.35 111.25 35.85
C ASN C 125 -67.64 110.96 35.06
N ASN C 126 -67.66 109.87 34.30
CA ASN C 126 -68.89 109.44 33.63
C ASN C 126 -69.59 108.26 34.33
N GLY C 127 -69.32 108.10 35.63
CA GLY C 127 -70.07 107.15 36.46
C GLY C 127 -69.71 105.69 36.33
N VAL C 128 -68.42 105.41 36.12
CA VAL C 128 -67.89 104.05 36.03
C VAL C 128 -66.59 103.93 36.83
N ASP C 129 -66.68 103.30 38.01
CA ASP C 129 -65.53 103.08 38.87
C ASP C 129 -64.85 101.74 38.51
N LEU C 130 -63.76 101.80 37.75
CA LEU C 130 -63.03 100.60 37.31
C LEU C 130 -62.46 99.81 38.48
N TYR C 131 -62.71 98.52 38.50
CA TYR C 131 -62.11 97.63 39.49
C TYR C 131 -60.59 97.48 39.25
N ALA C 132 -60.19 97.39 37.98
CA ALA C 132 -58.76 97.32 37.62
C ALA C 132 -58.46 97.94 36.26
N ILE C 133 -57.23 98.40 36.08
CA ILE C 133 -56.68 98.72 34.76
C ILE C 133 -55.35 97.97 34.55
N SER C 134 -55.08 97.59 33.32
CA SER C 134 -53.94 96.75 32.99
C SER C 134 -52.85 97.56 32.31
N VAL C 135 -51.61 97.11 32.49
CA VAL C 135 -50.42 97.77 31.96
C VAL C 135 -50.39 97.61 30.43
N GLN C 136 -50.61 96.39 29.98
CA GLN C 136 -50.55 96.07 28.56
C GLN C 136 -51.24 94.74 28.29
N ASN C 137 -51.97 94.66 27.18
CA ASN C 137 -52.55 93.38 26.71
C ASN C 137 -51.48 92.62 25.94
N GLU C 138 -51.31 91.34 26.27
CA GLU C 138 -50.32 90.46 25.60
C GLU C 138 -49.05 91.20 25.15
N PRO C 139 -48.21 91.62 26.12
CA PRO C 139 -46.95 92.27 25.83
C PRO C 139 -45.94 91.33 25.19
N ASP C 140 -46.09 90.03 25.41
CA ASP C 140 -45.24 88.99 24.82
C ASP C 140 -45.84 88.34 23.56
N TYR C 141 -46.83 88.99 22.97
CA TYR C 141 -47.37 88.58 21.66
C TYR C 141 -47.93 89.80 20.96
N ALA C 142 -47.10 90.82 20.83
CA ALA C 142 -47.57 92.13 20.38
C ALA C 142 -47.21 92.42 18.94
N HIS C 143 -47.26 91.37 18.11
CA HIS C 143 -46.97 91.48 16.68
C HIS C 143 -47.70 92.65 16.01
N ASP C 144 -48.97 92.84 16.35
CA ASP C 144 -49.75 93.96 15.79
C ASP C 144 -50.08 95.06 16.82
N TRP C 145 -49.38 95.09 17.95
CA TRP C 145 -49.52 96.17 18.94
C TRP C 145 -48.19 96.40 19.65
N THR C 146 -48.16 96.77 20.93
CA THR C 146 -46.87 97.18 21.51
C THR C 146 -46.27 96.14 22.45
N TRP C 147 -45.01 95.81 22.17
CA TRP C 147 -44.21 94.83 22.90
C TRP C 147 -43.63 95.38 24.20
N TRP C 148 -43.55 94.52 25.21
CA TRP C 148 -42.77 94.78 26.41
C TRP C 148 -42.01 93.52 26.79
N THR C 149 -40.69 93.64 26.97
CA THR C 149 -39.89 92.57 27.56
C THR C 149 -40.20 92.48 29.06
N PRO C 150 -39.78 91.39 29.70
CA PRO C 150 -39.89 91.28 31.16
C PRO C 150 -39.29 92.47 31.92
N GLN C 151 -38.09 92.87 31.53
CA GLN C 151 -37.41 94.00 32.16
C GLN C 151 -38.10 95.35 31.93
N GLU C 152 -38.71 95.49 30.77
CA GLU C 152 -39.55 96.65 30.48
C GLU C 152 -40.81 96.69 31.36
N ILE C 153 -41.41 95.52 31.59
CA ILE C 153 -42.57 95.41 32.47
C ILE C 153 -42.16 95.73 33.91
N LEU C 154 -41.18 94.99 34.41
CA LEU C 154 -40.65 95.20 35.76
C LEU C 154 -40.34 96.67 36.04
N ARG C 155 -39.64 97.32 35.12
CA ARG C 155 -39.28 98.72 35.31
C ARG C 155 -40.50 99.62 35.52
N PHE C 156 -41.56 99.37 34.74
CA PHE C 156 -42.78 100.17 34.81
C PHE C 156 -43.54 99.90 36.09
N MET C 157 -43.52 98.64 36.53
CA MET C 157 -44.16 98.23 37.78
C MET C 157 -43.47 98.81 39.01
N LYS C 158 -42.14 98.89 39.01
CA LYS C 158 -41.39 99.48 40.13
C LYS C 158 -41.56 100.99 40.21
N GLU C 159 -41.38 101.65 39.06
CA GLU C 159 -41.19 103.10 39.02
C GLU C 159 -42.43 103.92 38.71
N ASN C 160 -43.38 103.34 37.98
CA ASN C 160 -44.53 104.12 37.47
C ASN C 160 -45.89 103.62 37.94
N ALA C 161 -46.08 102.31 37.98
CA ALA C 161 -47.28 101.72 38.57
C ALA C 161 -47.32 102.13 40.03
N GLY C 162 -48.50 102.19 40.61
CA GLY C 162 -48.57 102.67 41.99
C GLY C 162 -48.66 104.18 42.11
N SER C 163 -48.15 104.90 41.13
CA SER C 163 -48.61 106.28 40.87
C SER C 163 -49.97 106.22 40.12
N ILE C 164 -50.45 105.01 39.88
CA ILE C 164 -51.78 104.78 39.33
C ILE C 164 -52.80 104.75 40.47
N GLN C 165 -53.63 105.81 40.54
CA GLN C 165 -54.62 105.93 41.61
C GLN C 165 -56.03 105.74 41.06
N GLY C 166 -56.95 105.44 41.96
CA GLY C 166 -58.37 105.31 41.62
C GLY C 166 -58.85 103.90 41.37
N THR C 167 -57.91 102.97 41.19
CA THR C 167 -58.26 101.60 40.82
C THR C 167 -57.04 100.70 41.01
N ARG C 168 -57.23 99.39 40.83
CA ARG C 168 -56.15 98.42 40.98
C ARG C 168 -55.32 98.30 39.72
N VAL C 169 -54.11 97.75 39.87
CA VAL C 169 -53.18 97.53 38.74
C VAL C 169 -53.04 96.04 38.47
N MET C 170 -53.28 95.68 37.20
CA MET C 170 -53.18 94.32 36.71
C MET C 170 -51.97 94.21 35.77
N ALA C 171 -51.26 93.10 35.86
CA ALA C 171 -50.18 92.78 34.93
C ALA C 171 -49.90 91.27 34.95
N PRO C 172 -49.20 90.74 33.94
CA PRO C 172 -48.80 91.34 32.68
C PRO C 172 -49.69 90.91 31.50
N GLU C 173 -50.69 90.06 31.77
CA GLU C 173 -51.60 89.55 30.73
C GLU C 173 -50.84 88.85 29.60
N SER C 174 -49.92 87.96 29.97
CA SER C 174 -49.25 87.08 29.01
C SER C 174 -50.29 86.33 28.17
N PHE C 175 -49.99 86.16 26.87
CA PHE C 175 -50.88 85.43 25.97
C PHE C 175 -51.02 83.94 26.33
N GLN C 176 -49.99 83.38 26.97
CA GLN C 176 -49.96 81.95 27.30
C GLN C 176 -49.64 81.64 28.79
N TYR C 177 -49.86 82.62 29.67
CA TYR C 177 -49.52 82.45 31.08
C TYR C 177 -48.06 82.02 31.22
N LEU C 178 -47.18 82.72 30.53
CA LEU C 178 -45.76 82.40 30.58
C LEU C 178 -45.11 83.06 31.77
N LYS C 179 -44.48 82.23 32.59
CA LYS C 179 -44.01 82.66 33.90
C LYS C 179 -42.84 83.63 33.78
N ASN C 180 -42.07 83.53 32.70
CA ASN C 180 -40.92 84.42 32.48
C ASN C 180 -41.26 85.92 32.46
N ILE C 181 -42.47 86.30 32.06
CA ILE C 181 -42.88 87.73 32.07
C ILE C 181 -43.57 88.20 33.38
N SER C 182 -43.93 87.27 34.26
CA SER C 182 -44.44 87.61 35.60
C SER C 182 -43.46 87.29 36.77
N ASP C 183 -42.50 86.39 36.57
CA ASP C 183 -41.59 85.99 37.65
C ASP C 183 -40.84 87.17 38.27
N PRO C 184 -40.34 88.10 37.43
CA PRO C 184 -39.62 89.29 37.94
C PRO C 184 -40.41 90.20 38.88
N ILE C 185 -41.71 90.34 38.66
CA ILE C 185 -42.55 91.20 39.51
C ILE C 185 -42.73 90.57 40.89
N LEU C 186 -42.90 89.25 40.92
CA LEU C 186 -43.05 88.51 42.17
C LEU C 186 -41.75 88.39 42.97
N ASN C 187 -40.61 88.50 42.29
CA ASN C 187 -39.28 88.38 42.91
C ASN C 187 -38.66 89.73 43.33
N ASP C 188 -39.30 90.83 42.96
CA ASP C 188 -38.89 92.17 43.37
C ASP C 188 -40.02 92.72 44.23
N PRO C 189 -39.81 92.79 45.58
CA PRO C 189 -40.87 93.20 46.51
C PRO C 189 -41.51 94.57 46.22
N GLN C 190 -40.72 95.52 45.74
CA GLN C 190 -41.21 96.86 45.45
C GLN C 190 -42.20 96.87 44.28
N ALA C 191 -41.90 96.07 43.25
CA ALA C 191 -42.78 95.88 42.10
C ALA C 191 -44.03 95.11 42.50
N LEU C 192 -43.84 94.02 43.23
CA LEU C 192 -44.93 93.20 43.75
C LEU C 192 -45.98 94.03 44.51
N ALA C 193 -45.51 94.99 45.29
CA ALA C 193 -46.39 95.86 46.07
C ALA C 193 -47.33 96.71 45.20
N ASN C 194 -46.84 97.15 44.04
CA ASN C 194 -47.64 97.96 43.10
C ASN C 194 -48.52 97.13 42.16
N MET C 195 -48.40 95.80 42.20
CA MET C 195 -49.29 94.89 41.50
C MET C 195 -50.39 94.43 42.44
N ASP C 196 -51.65 94.51 42.01
CA ASP C 196 -52.79 94.09 42.83
C ASP C 196 -53.39 92.78 42.29
N ILE C 197 -53.37 92.63 40.97
CA ILE C 197 -53.91 91.45 40.31
C ILE C 197 -52.93 90.93 39.28
N LEU C 198 -52.67 89.64 39.29
CA LEU C 198 -51.93 89.00 38.21
C LEU C 198 -52.92 88.48 37.18
N GLY C 199 -52.99 89.16 36.04
CA GLY C 199 -53.82 88.73 34.92
C GLY C 199 -53.02 87.89 33.94
N ALA C 200 -53.65 86.85 33.41
CA ALA C 200 -53.05 85.99 32.39
C ALA C 200 -54.08 85.60 31.32
N HIS C 201 -53.63 85.38 30.09
CA HIS C 201 -54.44 84.70 29.08
C HIS C 201 -53.93 83.27 28.97
N THR C 202 -54.66 82.40 28.28
CA THR C 202 -54.30 80.99 28.20
C THR C 202 -54.37 80.39 26.79
N TYR C 203 -53.92 81.15 25.78
CA TYR C 203 -54.00 80.66 24.40
C TYR C 203 -52.90 79.64 24.18
N GLY C 204 -53.30 78.38 24.02
CA GLY C 204 -52.35 77.28 23.82
C GLY C 204 -51.67 76.76 25.07
N THR C 205 -51.99 77.33 26.23
CA THR C 205 -51.37 76.92 27.50
C THR C 205 -51.74 75.49 27.87
N GLN C 206 -50.75 74.71 28.31
CA GLN C 206 -50.95 73.32 28.73
C GLN C 206 -51.45 73.26 30.16
N ILE C 207 -52.19 72.20 30.50
CA ILE C 207 -52.69 72.01 31.88
C ILE C 207 -51.55 72.02 32.90
N LYS C 208 -50.42 71.44 32.55
CA LYS C 208 -49.25 71.44 33.44
C LYS C 208 -48.74 72.84 33.77
N ASP C 209 -49.07 73.81 32.92
CA ASP C 209 -48.63 75.18 33.14
C ASP C 209 -49.68 76.08 33.78
N PHE C 210 -50.84 75.52 34.13
CA PHE C 210 -51.84 76.27 34.89
C PHE C 210 -51.36 76.52 36.32
N ALA C 211 -50.59 75.57 36.87
CA ALA C 211 -50.02 75.70 38.21
C ALA C 211 -48.92 76.77 38.21
N TYR C 212 -48.75 77.45 39.34
CA TYR C 212 -47.76 78.51 39.45
C TYR C 212 -47.20 78.65 40.87
N PRO C 213 -46.30 77.73 41.27
CA PRO C 213 -45.72 77.71 42.62
C PRO C 213 -45.28 79.08 43.15
N LEU C 214 -44.56 79.84 42.33
CA LEU C 214 -44.02 81.12 42.78
C LEU C 214 -45.11 82.10 43.21
N PHE C 215 -46.25 82.08 42.50
CA PHE C 215 -47.38 82.92 42.88
C PHE C 215 -47.98 82.46 44.20
N LYS C 216 -48.12 81.15 44.39
CA LYS C 216 -48.60 80.60 45.66
C LYS C 216 -47.65 80.94 46.79
N GLN C 217 -46.35 80.89 46.50
CA GLN C 217 -45.31 81.19 47.48
C GLN C 217 -45.26 82.67 47.88
N LYS C 218 -45.40 83.57 46.90
CA LYS C 218 -45.18 85.01 47.14
C LYS C 218 -46.38 85.91 46.84
N GLY C 219 -47.50 85.35 46.42
CA GLY C 219 -48.62 86.15 45.93
C GLY C 219 -49.75 86.45 46.91
N ALA C 220 -49.51 86.23 48.20
CA ALA C 220 -50.51 86.50 49.23
C ALA C 220 -51.11 87.90 49.04
N GLY C 221 -52.44 87.99 49.10
CA GLY C 221 -53.13 89.27 49.00
C GLY C 221 -53.35 89.78 47.58
N LYS C 222 -52.81 89.07 46.59
CA LYS C 222 -52.98 89.43 45.18
C LYS C 222 -54.06 88.56 44.56
N GLU C 223 -54.82 89.15 43.63
CA GLU C 223 -55.83 88.38 42.90
C GLU C 223 -55.17 87.70 41.71
N LEU C 224 -55.81 86.64 41.21
CA LEU C 224 -55.31 85.89 40.06
C LEU C 224 -56.45 85.71 39.05
N TRP C 225 -56.35 86.39 37.91
CA TRP C 225 -57.42 86.40 36.92
C TRP C 225 -56.98 85.85 35.58
N MET C 226 -57.89 85.11 34.93
CA MET C 226 -57.75 84.70 33.54
C MET C 226 -58.59 85.65 32.68
N THR C 227 -57.91 86.60 32.05
CA THR C 227 -58.53 87.80 31.50
C THR C 227 -58.93 87.74 30.00
N GLU C 228 -58.57 86.64 29.34
CA GLU C 228 -58.93 86.46 27.94
C GLU C 228 -58.54 85.08 27.44
N VAL C 229 -59.52 84.40 26.85
CA VAL C 229 -59.30 83.26 25.99
C VAL C 229 -60.58 83.05 25.17
N TYR C 230 -60.45 82.24 24.13
CA TYR C 230 -61.57 81.57 23.53
C TYR C 230 -61.09 80.15 23.21
N VAL C 231 -62.03 79.22 23.08
CA VAL C 231 -61.70 77.81 23.13
C VAL C 231 -62.88 76.98 22.61
N PRO C 232 -62.60 75.90 21.87
CA PRO C 232 -61.28 75.45 21.43
C PRO C 232 -60.84 76.03 20.07
N ASN C 233 -61.67 76.89 19.46
CA ASN C 233 -61.31 77.52 18.19
C ASN C 233 -62.17 78.73 17.87
N SER C 234 -61.77 79.47 16.82
CA SER C 234 -62.53 80.59 16.29
C SER C 234 -63.03 80.28 14.89
N ASP C 235 -63.54 79.07 14.71
CA ASP C 235 -64.12 78.65 13.43
C ASP C 235 -65.45 79.37 13.19
N ASN C 236 -65.83 79.47 11.93
CA ASN C 236 -67.09 80.13 11.58
C ASN C 236 -68.29 79.26 11.98
N ASN C 237 -69.39 79.91 12.35
CA ASN C 237 -70.60 79.23 12.83
C ASN C 237 -70.30 77.97 13.63
N SER C 238 -69.39 78.12 14.59
CA SER C 238 -68.92 77.02 15.41
C SER C 238 -69.57 76.97 16.80
N ALA C 239 -70.29 78.02 17.17
CA ALA C 239 -70.71 78.21 18.56
C ALA C 239 -71.75 77.21 19.08
N ASP C 240 -72.60 76.68 18.20
CA ASP C 240 -73.60 75.66 18.59
C ASP C 240 -73.16 74.24 18.26
N ARG C 241 -71.90 74.05 17.88
CA ARG C 241 -71.35 72.71 17.64
C ARG C 241 -71.31 71.89 18.92
N TRP C 242 -71.80 70.66 18.85
CA TRP C 242 -71.67 69.69 19.94
C TRP C 242 -70.96 68.46 19.38
N PRO C 243 -70.09 67.81 20.18
CA PRO C 243 -69.69 68.05 21.56
C PRO C 243 -68.48 68.97 21.72
N GLU C 244 -68.10 69.67 20.65
CA GLU C 244 -66.97 70.59 20.67
C GLU C 244 -67.14 71.70 21.73
N ALA C 245 -68.37 72.13 21.96
CA ALA C 245 -68.65 73.19 22.92
C ALA C 245 -68.37 72.79 24.36
N LEU C 246 -68.43 71.48 24.64
CA LEU C 246 -68.14 70.94 25.98
C LEU C 246 -66.72 71.28 26.44
N ASP C 247 -65.83 71.47 25.50
CA ASP C 247 -64.46 71.94 25.78
C ASP C 247 -64.43 73.27 26.55
N VAL C 248 -65.50 74.05 26.49
CA VAL C 248 -65.58 75.29 27.27
C VAL C 248 -65.65 74.96 28.77
N SER C 249 -66.59 74.10 29.14
CA SER C 249 -66.74 73.67 30.54
C SER C 249 -65.43 73.10 31.05
N TYR C 250 -64.86 72.19 30.29
CA TYR C 250 -63.65 71.49 30.69
C TYR C 250 -62.50 72.46 30.95
N HIS C 251 -62.30 73.38 30.02
CA HIS C 251 -61.25 74.37 30.12
C HIS C 251 -61.44 75.30 31.35
N MET C 252 -62.68 75.73 31.59
CA MET C 252 -63.00 76.51 32.78
C MET C 252 -62.73 75.69 34.03
N HIS C 253 -63.20 74.43 34.05
CA HIS C 253 -62.90 73.51 35.14
C HIS C 253 -61.40 73.48 35.43
N ASN C 254 -60.60 73.47 34.37
CA ASN C 254 -59.14 73.50 34.50
C ASN C 254 -58.59 74.83 34.99
N ALA C 255 -59.19 75.93 34.53
CA ALA C 255 -58.85 77.24 35.06
C ALA C 255 -59.13 77.34 36.56
N MET C 256 -60.28 76.81 37.00
CA MET C 256 -60.71 76.88 38.40
C MET C 256 -59.91 75.95 39.32
N VAL C 257 -59.68 74.72 38.88
CA VAL C 257 -59.12 73.68 39.73
C VAL C 257 -57.60 73.52 39.60
N GLU C 258 -57.10 73.54 38.35
CA GLU C 258 -55.67 73.39 38.09
C GLU C 258 -54.92 74.71 38.21
N GLY C 259 -55.61 75.82 37.95
CA GLY C 259 -54.99 77.15 37.96
C GLY C 259 -55.27 77.99 39.18
N ASP C 260 -56.37 77.70 39.88
CA ASP C 260 -56.87 78.50 41.01
C ASP C 260 -57.21 79.93 40.63
N PHE C 261 -57.62 80.13 39.38
CA PHE C 261 -57.99 81.46 38.89
C PHE C 261 -59.29 81.89 39.57
N GLN C 262 -59.33 83.18 39.93
CA GLN C 262 -60.44 83.77 40.63
C GLN C 262 -61.47 84.35 39.67
N ALA C 263 -61.05 84.55 38.42
CA ALA C 263 -61.92 85.03 37.36
C ALA C 263 -61.61 84.32 36.06
N TYR C 264 -62.63 84.16 35.22
CA TYR C 264 -62.47 83.59 33.88
C TYR C 264 -63.22 84.48 32.89
N VAL C 265 -62.48 85.10 31.97
CA VAL C 265 -63.02 86.14 31.11
C VAL C 265 -62.79 85.79 29.63
N TRP C 266 -63.88 85.65 28.89
CA TRP C 266 -63.84 85.37 27.46
C TRP C 266 -63.36 86.56 26.64
N TRP C 267 -63.02 86.28 25.39
CA TRP C 267 -62.82 87.29 24.35
C TRP C 267 -64.22 87.86 23.96
N TYR C 268 -64.46 88.22 22.70
CA TYR C 268 -65.69 88.90 22.29
C TYR C 268 -66.90 88.16 22.83
N ILE C 269 -67.77 88.87 23.54
CA ILE C 269 -68.98 88.28 24.11
C ILE C 269 -69.94 87.91 22.98
N ARG C 270 -70.15 88.86 22.06
CA ARG C 270 -70.93 88.63 20.87
C ARG C 270 -70.04 88.30 19.66
N ARG C 271 -70.12 87.05 19.21
CA ARG C 271 -69.38 86.58 18.03
C ARG C 271 -69.94 85.21 17.62
N GLN C 272 -69.66 84.80 16.39
CA GLN C 272 -70.18 83.52 15.86
C GLN C 272 -69.51 82.29 16.49
N TYR C 273 -68.41 82.50 17.21
CA TYR C 273 -67.72 81.45 17.94
C TYR C 273 -67.67 81.77 19.44
N GLY C 274 -68.54 82.68 19.88
CA GLY C 274 -68.53 83.15 21.26
C GLY C 274 -69.72 82.64 22.06
N PRO C 275 -69.90 83.15 23.29
CA PRO C 275 -71.02 82.70 24.12
C PRO C 275 -72.39 83.25 23.69
N MET C 276 -72.40 84.34 22.91
CA MET C 276 -73.63 84.92 22.39
C MET C 276 -73.51 85.08 20.88
N LYS C 277 -74.47 84.51 20.15
CA LYS C 277 -74.48 84.58 18.69
C LYS C 277 -74.86 85.98 18.20
N GLU C 278 -74.63 86.23 16.91
CA GLU C 278 -74.88 87.56 16.33
C GLU C 278 -76.33 87.99 16.44
N ASP C 279 -77.25 87.03 16.52
CA ASP C 279 -78.66 87.33 16.76
C ASP C 279 -79.01 87.60 18.24
N GLY C 280 -78.03 87.50 19.13
CA GLY C 280 -78.22 87.85 20.55
C GLY C 280 -78.67 86.72 21.47
N THR C 281 -78.75 85.50 20.92
CA THR C 281 -79.16 84.33 21.69
C THR C 281 -77.93 83.57 22.17
N ILE C 282 -78.13 82.73 23.19
CA ILE C 282 -77.03 82.04 23.86
C ILE C 282 -76.61 80.81 23.06
N SER C 283 -75.31 80.65 22.86
CA SER C 283 -74.77 79.51 22.14
C SER C 283 -74.53 78.33 23.09
N LYS C 284 -74.15 77.18 22.54
CA LYS C 284 -73.77 76.03 23.36
C LYS C 284 -72.50 76.33 24.14
N ARG C 285 -71.64 77.18 23.57
CA ARG C 285 -70.47 77.68 24.29
C ARG C 285 -70.89 78.58 25.44
N GLY C 286 -71.92 79.40 25.23
CA GLY C 286 -72.45 80.28 26.26
C GLY C 286 -73.12 79.53 27.39
N TYR C 287 -73.90 78.52 27.06
CA TYR C 287 -74.53 77.69 28.08
C TYR C 287 -73.51 76.93 28.92
N ASN C 288 -72.42 76.52 28.28
CA ASN C 288 -71.30 75.94 28.99
C ASN C 288 -70.76 76.92 30.06
N MET C 289 -70.49 78.16 29.65
CA MET C 289 -70.05 79.19 30.59
C MET C 289 -71.08 79.42 31.72
N ALA C 290 -72.37 79.40 31.36
CA ALA C 290 -73.47 79.61 32.29
C ALA C 290 -73.52 78.61 33.45
N HIS C 291 -73.07 77.39 33.20
CA HIS C 291 -73.01 76.38 34.27
C HIS C 291 -72.09 76.82 35.41
N PHE C 292 -71.16 77.71 35.08
CA PHE C 292 -70.39 78.44 36.09
C PHE C 292 -71.03 79.77 36.43
N SER C 293 -71.10 80.68 35.47
CA SER C 293 -71.45 82.08 35.74
C SER C 293 -72.80 82.32 36.43
N LYS C 294 -73.79 81.47 36.15
CA LYS C 294 -75.14 81.68 36.72
C LYS C 294 -75.27 81.25 38.18
N PHE C 295 -74.48 80.25 38.58
CA PHE C 295 -74.63 79.61 39.90
C PHE C 295 -73.49 79.90 40.90
N VAL C 296 -72.27 80.04 40.38
CA VAL C 296 -71.11 80.41 41.19
C VAL C 296 -70.96 81.93 41.13
N ARG C 297 -71.57 82.64 42.08
CA ARG C 297 -71.61 84.11 42.07
C ARG C 297 -70.38 84.72 42.75
N PRO C 298 -70.09 86.01 42.44
CA PRO C 298 -68.98 86.70 43.11
C PRO C 298 -69.08 86.59 44.63
N GLY C 299 -67.94 86.34 45.28
CA GLY C 299 -67.91 86.14 46.73
C GLY C 299 -68.04 84.69 47.16
N TYR C 300 -68.46 83.80 46.25
CA TYR C 300 -68.37 82.37 46.51
C TYR C 300 -66.90 82.00 46.60
N VAL C 301 -66.59 80.94 47.35
CA VAL C 301 -65.24 80.36 47.43
C VAL C 301 -65.26 78.95 46.84
N ARG C 302 -64.18 78.58 46.16
CA ARG C 302 -64.04 77.20 45.68
C ARG C 302 -63.73 76.34 46.91
N VAL C 303 -64.14 75.08 46.86
CA VAL C 303 -63.82 74.14 47.95
C VAL C 303 -63.16 72.90 47.38
N ASP C 304 -62.38 72.25 48.21
CA ASP C 304 -61.66 71.05 47.79
C ASP C 304 -62.66 69.96 47.40
N ALA C 305 -62.54 69.49 46.16
CA ALA C 305 -63.40 68.44 45.63
C ALA C 305 -62.57 67.45 44.83
N THR C 306 -62.99 66.18 44.81
CA THR C 306 -62.30 65.15 44.04
C THR C 306 -62.43 65.51 42.55
N LYS C 307 -61.31 65.82 41.93
CA LYS C 307 -61.33 66.48 40.64
C LYS C 307 -61.58 65.57 39.42
N ASN C 308 -61.17 64.31 39.51
CA ASN C 308 -61.30 63.34 38.40
C ASN C 308 -61.69 61.95 38.95
N PRO C 309 -62.98 61.77 39.31
CA PRO C 309 -63.42 60.52 39.95
C PRO C 309 -63.43 59.30 39.05
N ASP C 310 -64.05 59.42 37.87
CA ASP C 310 -64.02 58.38 36.85
C ASP C 310 -63.23 58.92 35.65
N THR C 311 -62.84 58.04 34.74
CA THR C 311 -61.91 58.37 33.64
C THR C 311 -62.23 59.67 32.90
N ASN C 312 -63.49 59.86 32.53
CA ASN C 312 -63.93 61.00 31.72
C ASN C 312 -64.70 62.05 32.51
N THR C 313 -64.90 61.82 33.80
CA THR C 313 -65.68 62.73 34.64
C THR C 313 -64.77 63.72 35.36
N TYR C 314 -65.18 64.98 35.34
CA TYR C 314 -64.39 66.05 35.92
C TYR C 314 -65.28 66.86 36.86
N VAL C 315 -64.84 67.08 38.10
CA VAL C 315 -65.69 67.68 39.13
C VAL C 315 -65.02 68.84 39.88
N SER C 316 -65.72 69.95 40.02
CA SER C 316 -65.29 71.06 40.86
C SER C 316 -66.47 71.55 41.69
N ALA C 317 -66.20 72.18 42.82
CA ALA C 317 -67.26 72.58 43.76
C ALA C 317 -66.99 73.91 44.45
N TYR C 318 -68.06 74.56 44.89
CA TYR C 318 -68.00 75.93 45.40
C TYR C 318 -69.03 76.15 46.49
N LYS C 319 -68.82 77.24 47.24
CA LYS C 319 -69.61 77.52 48.41
C LYS C 319 -69.86 79.01 48.49
N GLY C 320 -71.11 79.40 48.72
CA GLY C 320 -71.48 80.79 48.95
C GLY C 320 -72.98 80.95 49.06
N ASP C 321 -73.41 81.98 49.80
CA ASP C 321 -74.83 82.29 49.98
C ASP C 321 -75.57 81.09 50.60
N ASN C 322 -74.89 80.41 51.53
CA ASN C 322 -75.43 79.22 52.20
C ASN C 322 -75.82 78.08 51.26
N LYS C 323 -75.09 77.96 50.14
CA LYS C 323 -75.33 76.91 49.16
C LYS C 323 -74.03 76.22 48.78
N VAL C 324 -74.13 74.97 48.35
CA VAL C 324 -73.04 74.30 47.67
C VAL C 324 -73.43 74.15 46.20
N VAL C 325 -72.50 74.53 45.32
CA VAL C 325 -72.65 74.33 43.89
C VAL C 325 -71.57 73.35 43.47
N ILE C 326 -71.92 72.36 42.66
CA ILE C 326 -70.98 71.36 42.14
C ILE C 326 -71.11 71.30 40.63
N VAL C 327 -69.99 71.42 39.93
CA VAL C 327 -70.00 71.32 38.47
C VAL C 327 -69.31 70.03 38.02
N ALA C 328 -70.09 69.19 37.36
CA ALA C 328 -69.65 67.85 36.98
C ALA C 328 -69.71 67.73 35.47
N ILE C 329 -68.61 67.31 34.86
CA ILE C 329 -68.52 67.23 33.41
C ILE C 329 -68.32 65.77 33.00
N ASN C 330 -69.17 65.25 32.12
CA ASN C 330 -68.91 63.94 31.54
C ASN C 330 -68.53 64.12 30.08
N ARG C 331 -67.25 63.96 29.77
CA ARG C 331 -66.74 64.09 28.40
C ARG C 331 -66.84 62.81 27.60
N GLY C 332 -67.17 61.70 28.26
CA GLY C 332 -67.21 60.39 27.62
C GLY C 332 -68.39 60.18 26.70
N THR C 333 -68.30 59.12 25.89
CA THR C 333 -69.35 58.77 24.93
C THR C 333 -70.51 58.00 25.59
N SER C 334 -70.29 57.50 26.80
CA SER C 334 -71.32 56.79 27.54
C SER C 334 -71.70 57.52 28.83
N ALA C 335 -72.96 57.35 29.23
CA ALA C 335 -73.46 57.89 30.48
C ALA C 335 -72.69 57.32 31.67
N ALA C 336 -72.85 57.96 32.83
CA ALA C 336 -72.15 57.52 34.03
C ALA C 336 -72.98 57.79 35.27
N SER C 337 -72.90 56.87 36.21
CA SER C 337 -73.49 57.03 37.52
C SER C 337 -72.37 57.52 38.43
N GLN C 338 -72.61 58.65 39.10
CA GLN C 338 -71.58 59.26 39.95
C GLN C 338 -72.14 59.49 41.33
N ARG C 339 -71.39 59.04 42.35
CA ARG C 339 -71.76 59.29 43.75
C ARG C 339 -70.99 60.49 44.31
N PHE C 340 -71.73 61.43 44.89
CA PHE C 340 -71.18 62.63 45.52
C PHE C 340 -71.30 62.57 47.03
N VAL C 341 -70.21 62.86 47.75
CA VAL C 341 -70.21 62.83 49.21
C VAL C 341 -69.88 64.20 49.84
N LEU C 342 -70.87 64.80 50.48
CA LEU C 342 -70.69 66.07 51.17
C LEU C 342 -70.03 65.81 52.50
N GLN C 343 -68.89 66.45 52.74
CA GLN C 343 -68.16 66.33 53.99
C GLN C 343 -68.05 67.68 54.67
N ASN C 344 -68.29 67.70 55.98
CA ASN C 344 -68.13 68.90 56.78
C ASN C 344 -69.12 69.99 56.36
N GLY C 345 -70.35 69.57 56.11
CA GLY C 345 -71.42 70.46 55.69
C GLY C 345 -72.58 69.57 55.31
N ASN C 346 -73.80 70.07 55.49
CA ASN C 346 -74.99 69.21 55.38
C ASN C 346 -76.10 69.79 54.49
N ALA C 347 -76.71 68.91 53.71
CA ALA C 347 -77.87 69.24 52.88
C ALA C 347 -78.81 68.03 52.81
N SER C 348 -80.09 68.29 52.57
CA SER C 348 -81.10 67.24 52.43
C SER C 348 -81.49 66.99 50.98
N THR C 349 -81.68 68.04 50.20
CA THR C 349 -82.02 67.90 48.77
C THR C 349 -81.10 68.67 47.84
N VAL C 350 -81.13 68.29 46.56
CA VAL C 350 -80.29 68.86 45.52
C VAL C 350 -81.13 69.16 44.28
N SER C 351 -81.04 70.39 43.78
CA SER C 351 -81.57 70.77 42.48
C SER C 351 -80.48 70.55 41.44
N SER C 352 -80.86 70.52 40.16
CA SER C 352 -79.89 70.20 39.12
C SER C 352 -80.32 70.62 37.72
N TYR C 353 -79.31 70.85 36.89
CA TYR C 353 -79.48 71.39 35.54
C TYR C 353 -78.42 70.78 34.64
N VAL C 354 -78.80 70.39 33.42
CA VAL C 354 -77.90 69.68 32.53
C VAL C 354 -77.89 70.29 31.12
N THR C 355 -76.72 70.33 30.51
CA THR C 355 -76.57 70.75 29.12
C THR C 355 -75.91 69.63 28.34
N ASP C 356 -76.47 69.36 27.16
CA ASP C 356 -75.94 68.35 26.24
C ASP C 356 -76.38 68.70 24.82
N SER C 357 -76.26 67.75 23.89
CA SER C 357 -76.67 67.97 22.50
C SER C 357 -78.11 68.47 22.36
N SER C 358 -79.01 67.90 23.17
CA SER C 358 -80.45 68.17 23.04
C SER C 358 -81.03 69.17 24.04
N ARG C 359 -80.29 69.54 25.09
CA ARG C 359 -80.82 70.42 26.14
C ARG C 359 -79.86 71.56 26.50
N ASN C 360 -80.43 72.63 27.06
CA ASN C 360 -79.70 73.78 27.59
C ASN C 360 -80.21 74.12 28.98
N LEU C 361 -79.38 73.87 30.01
CA LEU C 361 -79.73 74.17 31.40
C LEU C 361 -81.12 73.65 31.80
N ALA C 362 -81.44 72.44 31.36
CA ALA C 362 -82.74 71.84 31.60
C ALA C 362 -82.82 71.30 33.01
N SER C 363 -83.85 71.71 33.75
CA SER C 363 -84.05 71.29 35.12
C SER C 363 -84.31 69.80 35.23
N LEU C 364 -83.80 69.19 36.28
CA LEU C 364 -84.00 67.76 36.52
C LEU C 364 -84.78 67.57 37.82
N ALA C 365 -85.19 66.32 38.06
CA ALA C 365 -85.92 65.97 39.28
C ALA C 365 -85.07 66.25 40.52
N PRO C 366 -85.68 66.81 41.59
CA PRO C 366 -84.93 67.00 42.84
C PRO C 366 -84.43 65.67 43.41
N ILE C 367 -83.11 65.53 43.48
CA ILE C 367 -82.47 64.34 44.03
C ILE C 367 -82.18 64.60 45.50
N ASN C 368 -82.60 63.71 46.40
CA ASN C 368 -82.35 63.97 47.82
C ASN C 368 -81.13 63.23 48.38
N VAL C 369 -80.59 63.80 49.45
CA VAL C 369 -79.31 63.41 50.00
C VAL C 369 -79.55 62.50 51.21
N SER C 370 -78.67 61.52 51.37
CA SER C 370 -78.80 60.54 52.45
C SER C 370 -77.45 60.30 53.12
N ASN C 371 -77.36 60.64 54.40
CA ASN C 371 -76.11 60.59 55.16
C ASN C 371 -74.98 61.29 54.40
N GLY C 372 -75.26 62.48 53.89
CA GLY C 372 -74.26 63.29 53.19
C GLY C 372 -73.91 62.82 51.79
N ALA C 373 -74.73 61.97 51.19
CA ALA C 373 -74.42 61.37 49.89
C ALA C 373 -75.62 61.35 48.95
N PHE C 374 -75.32 61.49 47.65
CA PHE C 374 -76.33 61.32 46.61
C PHE C 374 -75.66 60.88 45.30
N THR C 375 -76.44 60.25 44.44
CA THR C 375 -75.95 59.69 43.19
C THR C 375 -76.69 60.33 42.03
N ALA C 376 -75.96 60.69 40.99
CA ALA C 376 -76.57 61.28 39.79
C ALA C 376 -76.07 60.62 38.53
N GLN C 377 -76.95 60.57 37.54
CA GLN C 377 -76.62 60.05 36.21
C GLN C 377 -76.15 61.24 35.36
N LEU C 378 -74.91 61.20 34.90
CA LEU C 378 -74.36 62.28 34.08
C LEU C 378 -74.43 61.86 32.61
N PRO C 379 -75.29 62.51 31.81
CA PRO C 379 -75.39 62.06 30.42
C PRO C 379 -74.07 62.11 29.66
N ALA C 380 -73.97 61.30 28.62
CA ALA C 380 -72.85 61.32 27.68
C ALA C 380 -72.57 62.77 27.23
N GLN C 381 -71.29 63.14 27.17
CA GLN C 381 -70.87 64.47 26.72
C GLN C 381 -71.81 65.55 27.21
N SER C 382 -71.83 65.72 28.54
CA SER C 382 -72.74 66.68 29.18
C SER C 382 -72.03 67.43 30.31
N VAL C 383 -72.67 68.50 30.75
CA VAL C 383 -72.26 69.21 31.95
C VAL C 383 -73.50 69.40 32.81
N THR C 384 -73.30 69.22 34.12
CA THR C 384 -74.40 69.25 35.07
C THR C 384 -73.98 70.10 36.25
N THR C 385 -74.73 71.15 36.53
CA THR C 385 -74.50 71.95 37.73
C THR C 385 -75.53 71.54 38.77
N PHE C 386 -75.04 71.10 39.94
CA PHE C 386 -75.89 70.80 41.07
C PHE C 386 -75.90 71.99 42.03
N VAL C 387 -77.02 72.19 42.73
CA VAL C 387 -77.13 73.25 43.74
C VAL C 387 -77.90 72.68 44.93
N ALA C 388 -77.55 73.12 46.13
CA ALA C 388 -78.15 72.56 47.36
C ALA C 388 -77.95 73.46 48.58
N ASN C 389 -79.05 73.76 49.26
CA ASN C 389 -79.03 74.61 50.46
C ASN C 389 -78.40 73.89 51.65
N LEU C 390 -77.43 74.54 52.30
CA LEU C 390 -76.68 73.92 53.41
C LEU C 390 -77.37 74.18 54.74
N SER C 391 -77.18 73.29 55.70
CA SER C 391 -77.82 73.43 57.00
C SER C 391 -77.00 74.39 57.87
N GLY C 392 -77.68 75.05 58.80
CA GLY C 392 -77.04 75.85 59.84
C GLY C 392 -76.34 77.14 59.48
N GLY C 393 -76.54 77.65 58.27
CA GLY C 393 -75.83 78.85 57.81
C GLY C 393 -76.58 80.16 58.03
N ASN C 394 -75.98 81.26 57.55
CA ASN C 394 -76.66 82.54 57.18
C ASN C 394 -75.70 83.74 57.15
N SER C 395 -76.05 84.75 56.35
CA SER C 395 -75.39 86.07 56.37
C SER C 395 -76.27 87.17 55.76
N GLY C 396 -77.22 87.67 56.55
CA GLY C 396 -78.18 88.68 56.09
C GLY C 396 -77.65 90.10 56.04
N GLY C 397 -76.56 90.30 55.31
CA GLY C 397 -75.99 91.63 55.07
C GLY C 397 -76.46 92.24 53.76
N GLY C 398 -77.03 91.41 52.88
CA GLY C 398 -77.51 91.86 51.57
C GLY C 398 -78.80 92.65 51.67
N ASN C 401 -83.33 89.83 51.69
CA ASN C 401 -84.36 90.19 52.66
C ASN C 401 -85.02 91.52 52.29
N THR C 402 -85.91 91.46 51.32
CA THR C 402 -86.70 92.62 50.93
C THR C 402 -87.90 92.21 50.08
N GLY C 403 -88.89 93.09 50.07
CA GLY C 403 -90.15 92.94 49.35
C GLY C 403 -90.23 92.05 48.11
N THR C 404 -91.19 91.12 48.14
CA THR C 404 -91.78 90.59 46.92
C THR C 404 -93.27 90.98 46.91
N THR C 405 -93.67 91.67 45.84
CA THR C 405 -95.03 92.15 45.70
C THR C 405 -95.76 91.23 44.73
N TYR C 406 -96.97 90.80 45.13
CA TYR C 406 -97.84 90.06 44.23
C TYR C 406 -99.11 90.86 44.03
N GLU C 407 -99.49 91.05 42.77
CA GLU C 407 -100.70 91.78 42.44
C GLU C 407 -101.92 90.93 42.77
N ALA C 408 -103.00 91.58 43.19
CA ALA C 408 -104.25 90.89 43.52
C ALA C 408 -105.03 90.51 42.26
N GLU C 409 -104.78 91.22 41.16
CA GLU C 409 -105.62 91.12 39.96
C GLU C 409 -105.18 89.99 39.02
N THR C 410 -103.88 89.73 38.97
CA THR C 410 -103.33 88.63 38.17
C THR C 410 -102.51 87.67 39.02
N GLY C 411 -102.40 86.44 38.55
CA GLY C 411 -101.67 85.38 39.24
C GLY C 411 -102.44 84.81 40.41
N THR C 412 -103.75 84.99 40.39
CA THR C 412 -104.61 84.61 41.50
C THR C 412 -105.84 83.86 40.98
N THR C 413 -106.52 83.16 41.89
CA THR C 413 -107.84 82.57 41.60
C THR C 413 -108.88 83.34 42.42
N LEU C 414 -109.91 83.84 41.74
CA LEU C 414 -110.94 84.68 42.35
C LEU C 414 -112.22 83.90 42.52
N THR C 415 -112.88 84.06 43.65
CA THR C 415 -114.18 83.47 43.90
C THR C 415 -115.15 84.60 44.17
N ASP C 416 -116.08 84.80 43.23
CA ASP C 416 -117.14 85.81 43.37
C ASP C 416 -116.53 87.20 43.61
N ALA C 417 -115.57 87.55 42.78
CA ALA C 417 -114.86 88.82 42.90
C ALA C 417 -114.24 89.12 41.56
N VAL C 418 -114.12 90.40 41.24
CA VAL C 418 -113.74 90.77 39.88
C VAL C 418 -112.71 91.88 39.87
N VAL C 419 -112.05 92.03 38.73
CA VAL C 419 -111.05 93.06 38.52
C VAL C 419 -111.72 94.35 38.06
N GLU C 420 -111.12 95.48 38.43
CA GLU C 420 -111.64 96.79 38.10
C GLU C 420 -110.51 97.80 37.99
N THR C 421 -110.82 98.96 37.43
CA THR C 421 -109.83 100.03 37.23
C THR C 421 -110.45 101.43 37.42
N LEU C 422 -111.54 101.50 38.18
CA LEU C 422 -112.29 102.76 38.31
C LEU C 422 -111.52 103.79 39.14
N TYR C 423 -111.08 103.37 40.33
CA TYR C 423 -110.35 104.27 41.21
C TYR C 423 -108.84 104.15 40.95
N PRO C 424 -108.17 105.29 40.65
CA PRO C 424 -106.76 105.24 40.31
C PRO C 424 -105.84 105.09 41.51
N GLY C 425 -104.56 104.86 41.25
CA GLY C 425 -103.54 104.75 42.29
C GLY C 425 -103.05 103.33 42.50
N TYR C 426 -103.69 102.36 41.86
CA TYR C 426 -103.31 100.95 41.98
C TYR C 426 -101.98 100.67 41.28
N THR C 427 -101.32 99.60 41.70
CA THR C 427 -100.16 99.05 41.01
C THR C 427 -100.67 97.93 40.10
N GLY C 428 -99.96 97.69 38.98
CA GLY C 428 -100.32 96.59 38.06
C GLY C 428 -101.47 96.93 37.14
N SER C 429 -102.32 95.94 36.87
CA SER C 429 -103.44 96.08 35.92
C SER C 429 -104.72 96.60 36.56
N GLY C 430 -104.73 96.73 37.88
CA GLY C 430 -105.93 97.15 38.60
C GLY C 430 -105.95 96.70 40.04
N TYR C 431 -107.16 96.40 40.52
CA TYR C 431 -107.40 95.94 41.88
C TYR C 431 -108.63 95.04 41.85
N VAL C 432 -108.85 94.30 42.92
CA VAL C 432 -109.96 93.37 42.97
C VAL C 432 -111.05 93.91 43.86
N ASN C 433 -112.29 93.68 43.42
CA ASN C 433 -113.49 94.08 44.12
C ASN C 433 -114.28 92.82 44.50
N PHE C 434 -114.51 92.65 45.80
CA PHE C 434 -115.32 91.52 46.28
C PHE C 434 -116.78 91.83 45.94
N ASN C 435 -117.55 90.81 45.58
CA ASN C 435 -118.96 90.98 45.23
C ASN C 435 -119.90 90.74 46.41
N ALA C 436 -119.66 89.67 47.16
CA ALA C 436 -120.60 89.17 48.18
C ALA C 436 -120.16 89.49 49.61
N TYR C 437 -121.13 89.78 50.47
CA TYR C 437 -120.84 90.15 51.86
C TYR C 437 -120.09 89.08 52.62
N THR C 438 -120.42 87.82 52.34
CA THR C 438 -120.00 86.74 53.22
C THR C 438 -119.62 85.46 52.48
N ASN C 439 -118.62 85.56 51.60
CA ASN C 439 -117.93 84.38 51.01
C ASN C 439 -117.12 84.58 49.72
N SER C 440 -116.73 85.81 49.40
CA SER C 440 -115.88 86.03 48.24
C SER C 440 -114.42 85.99 48.67
N ALA C 441 -113.57 85.51 47.76
CA ALA C 441 -112.21 85.17 48.11
C ALA C 441 -111.19 85.57 47.05
N ILE C 442 -109.97 85.79 47.50
CA ILE C 442 -108.81 85.96 46.63
C ILE C 442 -107.77 84.96 47.11
N GLU C 443 -107.28 84.15 46.20
CA GLU C 443 -106.29 83.14 46.53
C GLU C 443 -105.03 83.34 45.70
N TRP C 444 -103.91 83.58 46.38
CA TRP C 444 -102.60 83.56 45.74
C TRP C 444 -102.11 82.13 45.93
N ASN C 445 -101.56 81.53 44.89
CA ASN C 445 -101.10 80.14 44.96
C ASN C 445 -99.65 79.94 44.51
N ALA C 446 -98.93 81.05 44.32
CA ALA C 446 -97.54 81.03 43.90
C ALA C 446 -96.67 81.98 44.71
N ILE C 447 -96.85 81.99 46.03
CA ILE C 447 -96.02 82.79 46.92
C ILE C 447 -94.74 82.01 47.21
N ASN C 448 -93.60 82.57 46.83
CA ASN C 448 -92.33 81.87 46.87
C ASN C 448 -91.34 82.52 47.82
N ASN C 449 -90.86 81.75 48.80
CA ASN C 449 -89.93 82.26 49.79
C ASN C 449 -88.62 81.53 49.79
N MET C 450 -87.56 82.26 50.10
CA MET C 450 -86.23 81.70 50.19
C MET C 450 -86.07 80.85 51.45
N THR C 451 -86.79 81.21 52.52
CA THR C 451 -86.64 80.56 53.82
C THR C 451 -87.99 80.39 54.52
N THR C 452 -88.05 79.37 55.38
CA THR C 452 -89.16 79.16 56.28
C THR C 452 -89.04 80.13 57.45
N GLY C 453 -90.12 80.82 57.80
CA GLY C 453 -90.10 81.74 58.94
C GLY C 453 -91.31 82.65 59.02
N THR C 454 -91.19 83.68 59.83
CA THR C 454 -92.26 84.65 59.98
C THR C 454 -92.16 85.61 58.81
N LYS C 455 -93.28 85.82 58.12
CA LYS C 455 -93.34 86.80 57.05
C LYS C 455 -94.25 87.94 57.48
N ASN C 456 -93.84 89.17 57.19
CA ASN C 456 -94.74 90.31 57.26
C ASN C 456 -95.51 90.41 55.94
N VAL C 457 -96.84 90.33 56.03
CA VAL C 457 -97.70 90.42 54.84
C VAL C 457 -98.43 91.75 54.83
N LYS C 458 -98.02 92.64 53.92
CA LYS C 458 -98.57 93.98 53.87
C LYS C 458 -99.63 94.04 52.78
N PHE C 459 -100.86 94.28 53.19
CA PHE C 459 -101.96 94.43 52.25
C PHE C 459 -101.99 95.90 51.82
N ARG C 460 -102.20 96.13 50.53
CA ARG C 460 -102.47 97.47 50.02
C ARG C 460 -103.91 97.50 49.54
N TYR C 461 -104.72 98.33 50.18
CA TYR C 461 -106.17 98.31 50.01
C TYR C 461 -106.81 99.69 50.14
N ALA C 462 -108.09 99.76 49.76
CA ALA C 462 -108.87 100.97 49.91
C ALA C 462 -110.24 100.60 50.44
N LEU C 463 -110.76 101.44 51.32
CA LEU C 463 -112.07 101.25 51.90
C LEU C 463 -112.61 102.61 52.33
N GLU C 464 -113.76 103.01 51.78
CA GLU C 464 -114.27 104.37 51.97
C GLU C 464 -114.70 104.69 53.40
N SER C 465 -115.55 103.87 54.01
CA SER C 465 -116.13 104.22 55.33
C SER C 465 -116.07 103.17 56.45
N GLY C 466 -116.65 101.99 56.26
CA GLY C 466 -116.80 101.08 57.40
C GLY C 466 -115.52 100.51 57.99
N THR C 467 -115.69 99.39 58.69
CA THR C 467 -114.58 98.49 58.98
C THR C 467 -115.02 97.17 58.36
N ARG C 468 -114.12 96.51 57.62
CA ARG C 468 -114.49 95.30 56.91
C ARG C 468 -113.57 94.12 57.26
N ASN C 469 -114.18 93.03 57.71
CA ASN C 469 -113.49 91.89 58.30
C ASN C 469 -113.32 90.75 57.31
N LEU C 470 -112.12 90.15 57.29
CA LEU C 470 -111.86 88.96 56.48
C LEU C 470 -111.25 87.84 57.31
N ASP C 471 -111.52 86.60 56.92
CA ASP C 471 -110.75 85.45 57.38
C ASP C 471 -109.48 85.35 56.53
N ILE C 472 -108.39 84.87 57.14
CA ILE C 472 -107.13 84.70 56.44
C ILE C 472 -106.58 83.28 56.63
N TYR C 473 -106.25 82.63 55.52
CA TYR C 473 -105.79 81.24 55.51
C TYR C 473 -104.42 81.19 54.83
N VAL C 474 -103.45 80.55 55.49
CA VAL C 474 -102.14 80.33 54.87
C VAL C 474 -101.96 78.81 54.72
N ASN C 475 -101.64 78.37 53.51
CA ASN C 475 -101.43 76.95 53.21
C ASN C 475 -102.58 76.00 53.59
N GLY C 476 -103.80 76.53 53.63
CA GLY C 476 -104.99 75.71 53.94
C GLY C 476 -105.52 75.84 55.36
N THR C 477 -104.76 76.49 56.24
CA THR C 477 -105.17 76.66 57.65
C THR C 477 -105.59 78.11 57.91
N LYS C 478 -106.59 78.26 58.78
CA LYS C 478 -107.07 79.59 59.20
C LYS C 478 -106.17 80.12 60.31
N VAL C 479 -105.40 81.16 59.98
CA VAL C 479 -104.49 81.78 60.96
C VAL C 479 -105.10 82.96 61.72
N LEU C 480 -106.02 83.67 61.06
CA LEU C 480 -106.76 84.77 61.69
C LEU C 480 -108.19 84.71 61.22
N SER C 481 -109.12 85.03 62.13
CA SER C 481 -110.55 85.01 61.82
C SER C 481 -111.15 86.40 62.02
N ASN C 482 -111.90 86.88 61.04
CA ASN C 482 -112.47 88.24 61.05
C ASN C 482 -111.42 89.30 61.41
N GLU C 483 -110.33 89.32 60.64
CA GLU C 483 -109.29 90.33 60.77
C GLU C 483 -109.82 91.67 60.23
N PRO C 484 -109.72 92.75 61.04
CA PRO C 484 -110.35 94.00 60.60
C PRO C 484 -109.50 94.83 59.64
N PHE C 485 -110.11 95.23 58.52
CA PHE C 485 -109.51 96.24 57.65
C PHE C 485 -110.25 97.57 57.87
N THR C 486 -109.52 98.56 58.38
CA THR C 486 -110.08 99.86 58.78
C THR C 486 -110.17 100.81 57.60
N GLU C 487 -111.18 101.69 57.65
CA GLU C 487 -111.45 102.66 56.59
C GLU C 487 -110.21 103.47 56.21
N THR C 488 -110.03 103.70 54.91
CA THR C 488 -108.94 104.54 54.40
C THR C 488 -109.43 105.97 54.17
N GLY C 489 -110.74 106.18 54.19
CA GLY C 489 -111.34 107.50 53.93
C GLY C 489 -111.96 107.62 52.54
N SER C 490 -111.47 106.83 51.58
CA SER C 490 -112.00 106.89 50.23
C SER C 490 -111.57 105.70 49.37
N TRP C 491 -112.34 105.43 48.33
CA TRP C 491 -112.04 104.32 47.44
C TRP C 491 -110.78 104.58 46.61
N SER C 492 -110.29 105.82 46.54
CA SER C 492 -109.03 106.12 45.86
C SER C 492 -107.90 106.52 46.83
N THR C 493 -108.07 106.17 48.10
CA THR C 493 -107.02 106.33 49.09
C THR C 493 -106.54 104.92 49.47
N TRP C 494 -105.34 104.58 48.99
CA TRP C 494 -104.74 103.29 49.25
C TRP C 494 -103.95 103.34 50.55
N GLY C 495 -104.41 102.57 51.54
CA GLY C 495 -103.75 102.48 52.83
C GLY C 495 -103.02 101.15 52.92
N GLU C 496 -102.45 100.89 54.10
CA GLU C 496 -101.75 99.62 54.32
C GLU C 496 -102.12 98.97 55.63
N LYS C 497 -102.06 97.64 55.63
CA LYS C 497 -102.29 96.87 56.84
C LYS C 497 -101.37 95.67 56.80
N THR C 498 -100.66 95.46 57.90
CA THR C 498 -99.67 94.42 58.00
C THR C 498 -100.07 93.42 59.08
N ILE C 499 -100.02 92.13 58.72
CA ILE C 499 -100.17 91.03 59.66
C ILE C 499 -98.88 90.25 59.64
N GLN C 500 -98.73 89.35 60.61
CA GLN C 500 -97.59 88.46 60.69
C GLN C 500 -98.08 87.04 60.60
N VAL C 501 -97.62 86.33 59.58
CA VAL C 501 -97.94 84.91 59.43
C VAL C 501 -96.64 84.18 59.21
N ALA C 502 -96.72 82.86 59.17
CA ALA C 502 -95.56 82.03 58.91
C ALA C 502 -95.71 81.35 57.56
N MET C 503 -94.60 81.21 56.85
CA MET C 503 -94.56 80.46 55.59
C MET C 503 -93.32 79.57 55.52
N ASN C 504 -93.34 78.62 54.60
CA ASN C 504 -92.20 77.76 54.26
C ASN C 504 -91.36 78.33 53.13
N SER C 505 -90.20 77.70 52.91
CA SER C 505 -89.36 77.99 51.76
C SER C 505 -90.01 77.53 50.44
N GLY C 506 -91.06 76.75 50.51
CA GLY C 506 -91.77 76.31 49.31
C GLY C 506 -92.51 77.39 48.53
N VAL C 507 -93.36 76.92 47.62
CA VAL C 507 -94.48 77.68 47.11
C VAL C 507 -95.55 77.57 48.19
N ASN C 508 -96.20 78.68 48.52
CA ASN C 508 -97.25 78.69 49.54
C ASN C 508 -98.54 79.27 48.96
N THR C 509 -99.63 79.14 49.72
CA THR C 509 -100.86 79.84 49.37
C THR C 509 -101.30 80.79 50.48
N LEU C 510 -102.07 81.79 50.09
CA LEU C 510 -102.75 82.67 50.99
C LEU C 510 -104.15 82.92 50.42
N ARG C 511 -105.15 82.93 51.28
CA ARG C 511 -106.54 83.01 50.86
C ARG C 511 -107.26 83.94 51.83
N ILE C 512 -107.96 84.93 51.30
CA ILE C 512 -108.69 85.88 52.13
C ILE C 512 -110.16 85.92 51.72
N VAL C 513 -111.04 85.90 52.72
CA VAL C 513 -112.45 85.55 52.53
C VAL C 513 -113.34 86.52 53.31
N THR C 514 -114.37 87.05 52.64
CA THR C 514 -115.37 87.86 53.31
C THR C 514 -116.21 86.95 54.19
N THR C 515 -116.69 87.53 55.28
CA THR C 515 -117.27 86.77 56.36
C THR C 515 -118.55 87.43 56.90
N GLY C 516 -119.10 88.38 56.13
CA GLY C 516 -120.34 89.04 56.50
C GLY C 516 -120.33 90.55 56.52
N THR C 517 -119.18 91.17 56.39
CA THR C 517 -119.11 92.63 56.30
C THR C 517 -118.65 93.09 54.93
N GLU C 518 -118.66 92.19 53.94
CA GLU C 518 -118.12 92.48 52.60
C GLU C 518 -116.58 92.65 52.71
N GLY C 519 -115.91 93.18 51.70
CA GLY C 519 -114.49 93.48 51.81
C GLY C 519 -114.03 94.80 51.23
N PRO C 520 -112.77 95.15 51.48
CA PRO C 520 -112.13 96.31 50.88
C PRO C 520 -111.65 95.98 49.47
N ASN C 521 -111.43 96.99 48.64
CA ASN C 521 -110.83 96.77 47.33
C ASN C 521 -109.35 96.47 47.54
N MET C 522 -108.86 95.37 46.95
CA MET C 522 -107.50 94.91 47.22
C MET C 522 -106.59 95.15 46.03
N ASP C 523 -105.51 95.89 46.27
CA ASP C 523 -104.60 96.27 45.22
C ASP C 523 -103.51 95.22 45.02
N ASN C 524 -102.81 94.90 46.11
CA ASN C 524 -101.72 93.94 46.06
C ASN C 524 -101.32 93.44 47.44
N ILE C 525 -100.33 92.54 47.45
CA ILE C 525 -99.77 92.00 48.67
C ILE C 525 -98.26 92.20 48.59
N THR C 526 -97.64 92.59 49.70
CA THR C 526 -96.18 92.56 49.83
C THR C 526 -95.82 91.58 50.93
N VAL C 527 -94.99 90.60 50.58
CA VAL C 527 -94.53 89.59 51.51
C VAL C 527 -93.04 89.77 51.71
N THR C 528 -92.61 89.88 52.97
CA THR C 528 -91.20 90.10 53.30
C THR C 528 -90.82 89.29 54.53
N ALA C 529 -89.63 88.67 54.50
CA ALA C 529 -89.13 87.91 55.64
C ALA C 529 -88.87 88.86 56.81
N SER C 530 -89.26 88.43 58.02
CA SER C 530 -88.91 89.14 59.24
C SER C 530 -87.63 88.53 59.81
N ALA C 531 -86.71 89.39 60.22
CA ALA C 531 -85.41 88.94 60.71
C ALA C 531 -85.48 88.34 62.12
N LYS C 532 -84.60 87.39 62.39
CA LYS C 532 -84.41 86.89 63.75
C LYS C 532 -83.85 88.02 64.60
N GLY C 533 -84.57 88.38 65.65
CA GLY C 533 -84.20 89.51 66.51
C GLY C 533 -85.05 90.75 66.27
N GLU C 534 -86.01 90.66 65.35
CA GLU C 534 -86.97 91.73 65.10
C GLU C 534 -88.06 91.71 66.18
N ALA D 1 -16.23 -52.37 -48.34
CA ALA D 1 -16.91 -51.21 -48.99
C ALA D 1 -18.30 -51.60 -49.46
N SER D 2 -19.30 -50.81 -49.08
CA SER D 2 -20.70 -51.07 -49.49
C SER D 2 -21.47 -49.78 -49.79
N ASP D 3 -22.60 -49.93 -50.44
CA ASP D 3 -23.44 -48.79 -50.83
C ASP D 3 -24.00 -48.05 -49.62
N ALA D 4 -24.19 -46.75 -49.77
CA ALA D 4 -24.92 -45.95 -48.82
C ALA D 4 -26.32 -45.71 -49.38
N ASN D 5 -27.24 -46.62 -49.07
CA ASN D 5 -28.63 -46.52 -49.54
C ASN D 5 -29.41 -45.46 -48.76
N ILE D 6 -29.91 -44.46 -49.48
CA ILE D 6 -30.75 -43.42 -48.88
C ILE D 6 -32.19 -43.64 -49.33
N ASN D 7 -33.04 -44.06 -48.39
CA ASN D 7 -34.46 -44.30 -48.64
C ASN D 7 -35.32 -43.08 -48.27
N LEU D 8 -35.80 -42.36 -49.29
CA LEU D 8 -36.45 -41.06 -49.11
C LEU D 8 -37.94 -41.10 -48.73
N SER D 9 -38.60 -42.23 -48.94
CA SER D 9 -40.00 -42.37 -48.53
C SER D 9 -40.13 -42.84 -47.08
N SER D 10 -39.04 -43.34 -46.51
CA SER D 10 -39.02 -43.91 -45.16
C SER D 10 -38.61 -42.85 -44.14
N GLU D 11 -39.62 -42.23 -43.54
CA GLU D 11 -39.40 -41.06 -42.69
C GLU D 11 -39.14 -41.48 -41.25
N LYS D 12 -38.20 -40.80 -40.60
CA LYS D 12 -37.85 -41.04 -39.22
C LYS D 12 -38.32 -39.82 -38.43
N GLN D 13 -37.51 -39.31 -37.51
CA GLN D 13 -37.95 -38.22 -36.62
C GLN D 13 -38.03 -36.87 -37.30
N LEU D 14 -38.97 -36.04 -36.85
CA LEU D 14 -39.07 -34.67 -37.33
C LEU D 14 -38.01 -33.82 -36.61
N ILE D 15 -37.21 -33.12 -37.39
CA ILE D 15 -36.10 -32.34 -36.86
C ILE D 15 -36.58 -30.96 -36.40
N LYS D 16 -36.38 -30.68 -35.12
CA LYS D 16 -36.74 -29.38 -34.54
C LYS D 16 -35.58 -28.39 -34.61
N GLY D 17 -34.33 -28.84 -34.39
CA GLY D 17 -33.19 -27.96 -34.61
C GLY D 17 -31.94 -28.23 -33.79
N PHE D 18 -31.06 -27.23 -33.78
CA PHE D 18 -29.74 -27.33 -33.17
C PHE D 18 -29.38 -26.00 -32.56
N GLY D 19 -28.57 -26.01 -31.51
CA GLY D 19 -28.14 -24.76 -30.90
C GLY D 19 -27.39 -24.92 -29.59
N GLY D 20 -27.50 -23.92 -28.72
CA GLY D 20 -26.78 -23.92 -27.46
C GLY D 20 -27.41 -23.02 -26.42
N ILE D 21 -26.74 -22.89 -25.28
CA ILE D 21 -27.24 -22.06 -24.18
C ILE D 21 -26.46 -20.75 -24.05
N ASN D 22 -27.23 -19.67 -24.01
CA ASN D 22 -26.75 -18.37 -23.60
C ASN D 22 -26.92 -18.32 -22.09
N HIS D 23 -25.94 -17.79 -21.37
CA HIS D 23 -26.03 -17.76 -19.91
C HIS D 23 -25.32 -16.54 -19.31
N PRO D 24 -26.00 -15.37 -19.33
CA PRO D 24 -25.40 -14.10 -18.89
C PRO D 24 -24.92 -14.12 -17.43
N ALA D 25 -25.70 -14.74 -16.57
CA ALA D 25 -25.40 -14.78 -15.14
C ALA D 25 -24.01 -15.34 -14.84
N TRP D 26 -23.62 -16.39 -15.56
CA TRP D 26 -22.42 -17.15 -15.21
C TRP D 26 -21.22 -16.88 -16.11
N ILE D 27 -21.45 -16.65 -17.41
CA ILE D 27 -20.34 -16.42 -18.35
C ILE D 27 -20.41 -15.11 -19.15
N GLY D 28 -21.55 -14.42 -19.12
CA GLY D 28 -21.72 -13.17 -19.85
C GLY D 28 -22.49 -13.33 -21.15
N ASP D 29 -23.26 -12.31 -21.47
CA ASP D 29 -24.17 -12.31 -22.62
C ASP D 29 -23.41 -12.43 -23.95
N LEU D 30 -24.08 -12.97 -24.97
CA LEU D 30 -23.62 -12.78 -26.34
C LEU D 30 -23.76 -11.29 -26.67
N THR D 31 -22.81 -10.75 -27.42
CA THR D 31 -22.87 -9.38 -27.90
C THR D 31 -23.70 -9.40 -29.17
N ALA D 32 -23.94 -8.23 -29.75
CA ALA D 32 -24.74 -8.14 -30.96
C ALA D 32 -24.10 -8.94 -32.09
N ALA D 33 -22.82 -8.74 -32.33
CA ALA D 33 -22.14 -9.47 -33.40
C ALA D 33 -22.17 -10.99 -33.21
N GLN D 34 -22.09 -11.43 -31.95
CA GLN D 34 -22.13 -12.87 -31.66
C GLN D 34 -23.52 -13.49 -31.79
N ARG D 35 -24.58 -12.74 -31.50
CA ARG D 35 -25.95 -13.24 -31.76
C ARG D 35 -26.13 -13.58 -33.23
N GLU D 36 -25.64 -12.72 -34.12
CA GLU D 36 -25.79 -12.93 -35.57
C GLU D 36 -25.01 -14.15 -36.03
N THR D 37 -23.81 -14.32 -35.48
CA THR D 37 -22.94 -15.44 -35.83
C THR D 37 -23.50 -16.80 -35.40
N ALA D 38 -24.25 -16.80 -34.30
CA ALA D 38 -24.84 -18.02 -33.77
C ALA D 38 -26.15 -18.35 -34.47
N PHE D 39 -27.03 -17.36 -34.59
CA PHE D 39 -28.41 -17.63 -34.98
C PHE D 39 -28.78 -17.24 -36.41
N GLY D 40 -27.96 -16.40 -37.04
CA GLY D 40 -28.06 -16.22 -38.48
C GLY D 40 -27.66 -17.52 -39.18
N ASN D 41 -28.34 -17.84 -40.26
CA ASN D 41 -27.86 -18.85 -41.19
C ASN D 41 -26.90 -18.01 -42.02
N GLY D 42 -26.63 -18.38 -43.27
CA GLY D 42 -25.81 -17.49 -44.11
C GLY D 42 -24.33 -17.51 -43.78
N GLN D 43 -23.55 -16.81 -44.60
CA GLN D 43 -22.10 -17.04 -44.70
C GLN D 43 -21.34 -16.73 -43.41
N ASN D 44 -20.50 -17.67 -43.01
CA ASN D 44 -19.68 -17.57 -41.79
C ASN D 44 -20.47 -17.53 -40.48
N GLN D 45 -21.71 -18.04 -40.50
CA GLN D 45 -22.56 -18.05 -39.32
C GLN D 45 -23.03 -19.49 -39.05
N LEU D 46 -23.52 -19.75 -37.84
CA LEU D 46 -23.73 -21.12 -37.39
C LEU D 46 -25.04 -21.75 -37.85
N GLY D 47 -26.06 -20.95 -38.08
CA GLY D 47 -27.38 -21.45 -38.47
C GLY D 47 -28.10 -22.19 -37.35
N PHE D 48 -27.77 -21.89 -36.11
CA PHE D 48 -28.50 -22.46 -34.97
C PHE D 48 -29.95 -22.05 -35.07
N SER D 49 -30.82 -22.97 -34.67
CA SER D 49 -32.28 -22.75 -34.67
C SER D 49 -32.90 -22.92 -33.27
N ILE D 50 -32.09 -23.14 -32.24
CA ILE D 50 -32.61 -23.36 -30.88
C ILE D 50 -31.74 -22.64 -29.85
N LEU D 51 -32.38 -21.83 -29.03
CA LEU D 51 -31.70 -21.12 -27.94
C LEU D 51 -32.20 -21.69 -26.64
N ARG D 52 -31.27 -21.99 -25.73
CA ARG D 52 -31.63 -22.40 -24.38
C ARG D 52 -31.35 -21.24 -23.46
N ILE D 53 -32.20 -21.04 -22.46
CA ILE D 53 -32.00 -19.98 -21.49
C ILE D 53 -32.19 -20.46 -20.06
N TYR D 54 -31.57 -19.71 -19.16
CA TYR D 54 -31.62 -19.91 -17.73
C TYR D 54 -32.87 -19.30 -17.12
N VAL D 55 -33.53 -20.04 -16.23
CA VAL D 55 -34.55 -19.50 -15.33
C VAL D 55 -33.91 -19.29 -13.95
N ASP D 56 -33.54 -18.06 -13.65
CA ASP D 56 -32.96 -17.73 -12.36
C ASP D 56 -33.98 -17.97 -11.26
N ASP D 57 -33.51 -18.51 -10.11
CA ASP D 57 -34.34 -18.57 -8.90
C ASP D 57 -34.75 -17.17 -8.44
N ASN D 58 -33.89 -16.18 -8.69
CA ASN D 58 -34.20 -14.77 -8.41
C ASN D 58 -34.83 -14.08 -9.62
N ARG D 59 -36.14 -13.82 -9.52
CA ARG D 59 -36.90 -13.16 -10.58
C ARG D 59 -36.44 -11.73 -10.90
N ASN D 60 -35.79 -11.07 -9.96
CA ASN D 60 -35.19 -9.74 -10.24
C ASN D 60 -34.07 -9.78 -11.28
N ASN D 61 -33.63 -10.98 -11.69
CA ASN D 61 -32.59 -11.12 -12.71
C ASN D 61 -33.09 -11.67 -14.03
N TRP D 62 -34.40 -11.91 -14.12
CA TRP D 62 -35.00 -12.43 -15.36
C TRP D 62 -34.80 -11.51 -16.59
N TYR D 63 -34.72 -10.20 -16.37
CA TYR D 63 -34.46 -9.25 -17.45
C TYR D 63 -33.27 -9.66 -18.35
N ARG D 64 -32.26 -10.29 -17.75
CA ARG D 64 -30.99 -10.58 -18.44
C ARG D 64 -31.11 -11.43 -19.70
N GLU D 65 -32.18 -12.22 -19.81
CA GLU D 65 -32.38 -13.13 -20.95
C GLU D 65 -33.04 -12.48 -22.18
N VAL D 66 -33.71 -11.34 -21.99
CA VAL D 66 -34.61 -10.81 -23.02
C VAL D 66 -33.93 -10.47 -24.34
N ALA D 67 -32.89 -9.65 -24.28
CA ALA D 67 -32.27 -9.13 -25.49
C ALA D 67 -31.87 -10.25 -26.44
N THR D 68 -31.10 -11.22 -25.95
CA THR D 68 -30.65 -12.32 -26.82
C THR D 68 -31.84 -13.18 -27.26
N ALA D 69 -32.81 -13.38 -26.39
CA ALA D 69 -33.98 -14.20 -26.67
C ALA D 69 -34.86 -13.61 -27.76
N LYS D 70 -35.16 -12.31 -27.63
CA LYS D 70 -35.90 -11.59 -28.66
C LYS D 70 -35.18 -11.68 -30.01
N ARG D 71 -33.89 -11.38 -30.02
CA ARG D 71 -33.15 -11.40 -31.27
C ARG D 71 -33.15 -12.79 -31.89
N ALA D 72 -32.96 -13.82 -31.06
CA ALA D 72 -33.07 -15.21 -31.53
C ALA D 72 -34.41 -15.51 -32.19
N ILE D 73 -35.49 -14.99 -31.63
CA ILE D 73 -36.83 -15.21 -32.19
C ILE D 73 -37.07 -14.41 -33.48
N GLU D 74 -36.36 -13.30 -33.65
CA GLU D 74 -36.40 -12.57 -34.94
C GLU D 74 -35.65 -13.35 -36.04
N GLN D 75 -34.67 -14.15 -35.65
CA GLN D 75 -33.92 -15.01 -36.58
C GLN D 75 -34.59 -16.35 -36.89
N GLY D 76 -35.76 -16.60 -36.29
CA GLY D 76 -36.53 -17.82 -36.57
C GLY D 76 -36.21 -19.01 -35.67
N ALA D 77 -35.60 -18.76 -34.52
CA ALA D 77 -35.25 -19.84 -33.57
C ALA D 77 -36.39 -20.12 -32.59
N LEU D 78 -36.42 -21.36 -32.10
CA LEU D 78 -37.24 -21.75 -30.95
C LEU D 78 -36.46 -21.46 -29.68
N VAL D 79 -37.15 -21.07 -28.61
CA VAL D 79 -36.50 -20.74 -27.34
C VAL D 79 -37.08 -21.63 -26.24
N PHE D 80 -36.22 -22.24 -25.43
CA PHE D 80 -36.67 -22.98 -24.25
C PHE D 80 -35.81 -22.65 -23.04
N ALA D 81 -36.35 -22.89 -21.85
CA ALA D 81 -35.77 -22.40 -20.60
C ALA D 81 -35.67 -23.50 -19.56
N SER D 82 -34.53 -23.58 -18.87
CA SER D 82 -34.28 -24.59 -17.84
C SER D 82 -33.88 -23.94 -16.51
N PRO D 83 -34.62 -24.27 -15.42
CA PRO D 83 -34.29 -23.89 -14.05
C PRO D 83 -33.32 -24.86 -13.40
N TRP D 84 -32.45 -24.33 -12.54
CA TRP D 84 -31.52 -25.13 -11.73
C TRP D 84 -32.02 -25.26 -10.29
N ASN D 85 -32.53 -24.15 -9.73
CA ASN D 85 -33.09 -24.12 -8.37
C ASN D 85 -34.41 -23.38 -8.33
N PRO D 86 -35.31 -23.81 -7.44
CA PRO D 86 -36.48 -23.00 -7.11
C PRO D 86 -36.08 -21.82 -6.24
N PRO D 87 -36.98 -20.83 -6.08
CA PRO D 87 -36.68 -19.77 -5.12
C PRO D 87 -36.38 -20.36 -3.74
N SER D 88 -35.42 -19.79 -3.03
CA SER D 88 -34.84 -20.45 -1.85
C SER D 88 -35.78 -20.52 -0.64
N ASP D 89 -36.94 -19.88 -0.71
CA ASP D 89 -38.00 -20.10 0.27
C ASP D 89 -38.84 -21.35 -0.06
N MET D 90 -38.62 -21.94 -1.23
CA MET D 90 -39.24 -23.22 -1.60
C MET D 90 -38.34 -24.42 -1.35
N VAL D 91 -37.07 -24.16 -1.04
CA VAL D 91 -36.06 -25.21 -0.91
C VAL D 91 -35.81 -25.57 0.55
N GLU D 92 -35.54 -26.85 0.79
CA GLU D 92 -35.10 -27.32 2.11
C GLU D 92 -33.86 -28.21 1.94
N THR D 93 -33.00 -28.21 2.95
CA THR D 93 -31.84 -29.09 2.95
C THR D 93 -32.22 -30.45 3.54
N PHE D 94 -31.51 -31.48 3.10
CA PHE D 94 -31.62 -32.80 3.69
C PHE D 94 -30.30 -33.54 3.53
N ASN D 95 -30.22 -34.69 4.18
CA ASN D 95 -29.06 -35.54 4.12
C ASN D 95 -29.21 -36.61 3.05
N ARG D 96 -28.31 -36.59 2.09
CA ARG D 96 -28.38 -37.56 0.99
C ARG D 96 -27.06 -38.28 0.95
N ASN D 97 -27.00 -39.52 1.45
CA ASN D 97 -25.80 -40.34 1.30
C ASN D 97 -24.54 -39.73 1.93
N GLY D 98 -24.70 -38.88 2.95
CA GLY D 98 -23.56 -38.25 3.63
C GLY D 98 -23.22 -36.81 3.26
N ALA D 99 -23.85 -36.29 2.20
CA ALA D 99 -23.59 -34.92 1.73
C ALA D 99 -24.80 -34.04 2.03
N SER D 100 -24.56 -32.75 2.22
CA SER D 100 -25.66 -31.81 2.27
C SER D 100 -26.28 -31.71 0.87
N ALA D 101 -27.61 -31.66 0.81
CA ALA D 101 -28.34 -31.56 -0.45
C ALA D 101 -29.62 -30.76 -0.30
N LYS D 102 -30.11 -30.26 -1.43
CA LYS D 102 -31.33 -29.45 -1.51
C LYS D 102 -32.40 -30.19 -2.29
N ARG D 103 -33.66 -29.99 -1.91
CA ARG D 103 -34.78 -30.44 -2.72
C ARG D 103 -35.95 -29.47 -2.58
N LEU D 104 -36.93 -29.58 -3.48
CA LEU D 104 -38.14 -28.76 -3.42
C LEU D 104 -39.04 -29.25 -2.29
N LYS D 105 -39.43 -28.33 -1.40
CA LYS D 105 -40.35 -28.68 -0.32
C LYS D 105 -41.66 -29.24 -0.88
N TYR D 106 -42.09 -30.37 -0.31
CA TYR D 106 -43.27 -31.10 -0.78
C TYR D 106 -44.58 -30.27 -0.79
N ASP D 107 -44.68 -29.28 0.11
CA ASP D 107 -45.83 -28.37 0.12
C ASP D 107 -45.59 -27.02 -0.60
N LYS D 108 -44.54 -26.95 -1.43
CA LYS D 108 -44.34 -25.81 -2.35
C LYS D 108 -44.36 -26.23 -3.83
N TYR D 109 -44.96 -27.37 -4.15
CA TYR D 109 -44.99 -27.86 -5.53
C TYR D 109 -45.90 -26.98 -6.40
N ALA D 110 -47.01 -26.53 -5.82
CA ALA D 110 -47.92 -25.63 -6.50
C ALA D 110 -47.26 -24.26 -6.71
N ALA D 111 -46.60 -23.78 -5.65
CA ALA D 111 -45.88 -22.50 -5.68
C ALA D 111 -44.69 -22.50 -6.62
N TYR D 112 -44.07 -23.65 -6.84
CA TYR D 112 -43.01 -23.77 -7.84
C TYR D 112 -43.60 -23.82 -9.27
N ALA D 113 -44.75 -24.46 -9.43
CA ALA D 113 -45.48 -24.41 -10.72
C ALA D 113 -45.85 -22.97 -11.09
N GLN D 114 -46.24 -22.17 -10.10
CA GLN D 114 -46.58 -20.76 -10.33
C GLN D 114 -45.31 -19.99 -10.78
N HIS D 115 -44.25 -20.10 -9.98
CA HIS D 115 -42.93 -19.54 -10.34
C HIS D 115 -42.59 -19.80 -11.81
N LEU D 116 -42.66 -21.05 -12.25
CA LEU D 116 -42.43 -21.39 -13.66
C LEU D 116 -43.40 -20.67 -14.60
N ASN D 117 -44.69 -20.68 -14.27
CA ASN D 117 -45.68 -19.89 -15.05
C ASN D 117 -45.29 -18.42 -15.14
N ASP D 118 -44.78 -17.87 -14.04
CA ASP D 118 -44.42 -16.44 -13.98
C ASP D 118 -43.24 -16.09 -14.86
N PHE D 119 -42.29 -17.01 -14.99
CA PHE D 119 -41.18 -16.81 -15.91
C PHE D 119 -41.72 -16.77 -17.32
N VAL D 120 -42.69 -17.64 -17.61
CA VAL D 120 -43.23 -17.77 -18.96
C VAL D 120 -44.01 -16.52 -19.36
N THR D 121 -44.80 -15.99 -18.42
CA THR D 121 -45.56 -14.76 -18.61
C THR D 121 -44.61 -13.56 -18.74
N PHE D 122 -43.57 -13.52 -17.92
CA PHE D 122 -42.59 -12.43 -17.98
C PHE D 122 -41.94 -12.34 -19.37
N MET D 123 -41.51 -13.48 -19.89
CA MET D 123 -40.90 -13.53 -21.22
C MET D 123 -41.89 -13.18 -22.33
N LYS D 124 -43.13 -13.68 -22.20
CA LYS D 124 -44.22 -13.37 -23.13
C LYS D 124 -44.49 -11.85 -23.14
N ASN D 125 -44.51 -11.23 -21.96
CA ASN D 125 -44.65 -9.78 -21.82
C ASN D 125 -43.46 -8.97 -22.37
N ASN D 126 -42.35 -9.64 -22.68
CA ASN D 126 -41.21 -9.01 -23.37
C ASN D 126 -41.03 -9.50 -24.82
N GLY D 127 -42.09 -10.09 -25.38
CA GLY D 127 -42.08 -10.54 -26.79
C GLY D 127 -41.50 -11.92 -27.07
N VAL D 128 -41.32 -12.76 -26.05
CA VAL D 128 -40.71 -14.08 -26.23
C VAL D 128 -41.67 -15.19 -25.80
N ASP D 129 -42.24 -15.90 -26.77
CA ASP D 129 -43.14 -17.02 -26.50
C ASP D 129 -42.31 -18.27 -26.41
N LEU D 130 -42.12 -18.79 -25.19
CA LEU D 130 -41.26 -19.93 -24.99
C LEU D 130 -41.87 -21.17 -25.61
N TYR D 131 -41.06 -21.95 -26.31
CA TYR D 131 -41.53 -23.19 -26.88
C TYR D 131 -41.73 -24.22 -25.79
N ALA D 132 -40.85 -24.20 -24.79
CA ALA D 132 -40.91 -25.13 -23.69
C ALA D 132 -40.15 -24.62 -22.46
N ILE D 133 -40.61 -25.07 -21.30
CA ILE D 133 -39.91 -24.82 -20.06
C ILE D 133 -39.76 -26.17 -19.38
N SER D 134 -38.61 -26.38 -18.75
CA SER D 134 -38.27 -27.63 -18.10
C SER D 134 -38.51 -27.53 -16.61
N VAL D 135 -38.88 -28.66 -16.02
CA VAL D 135 -39.19 -28.78 -14.62
C VAL D 135 -37.90 -28.67 -13.80
N GLN D 136 -36.81 -29.23 -14.30
CA GLN D 136 -35.55 -29.19 -13.59
C GLN D 136 -34.41 -29.67 -14.48
N ASN D 137 -33.33 -28.90 -14.49
CA ASN D 137 -32.07 -29.33 -15.06
C ASN D 137 -31.41 -30.34 -14.14
N GLU D 138 -31.16 -31.53 -14.69
CA GLU D 138 -30.36 -32.57 -14.05
C GLU D 138 -30.71 -32.78 -12.58
N PRO D 139 -31.96 -33.20 -12.31
CA PRO D 139 -32.41 -33.59 -10.98
C PRO D 139 -31.61 -34.76 -10.38
N ASP D 140 -30.93 -35.52 -11.24
CA ASP D 140 -30.12 -36.68 -10.86
C ASP D 140 -28.59 -36.44 -10.89
N TYR D 141 -28.18 -35.18 -10.99
CA TYR D 141 -26.77 -34.82 -10.79
C TYR D 141 -26.74 -33.43 -10.15
N ALA D 142 -27.55 -33.27 -9.12
CA ALA D 142 -27.80 -31.96 -8.50
C ALA D 142 -27.00 -31.79 -7.22
N HIS D 143 -25.71 -32.07 -7.33
CA HIS D 143 -24.76 -31.82 -6.26
C HIS D 143 -24.76 -30.35 -5.88
N ASP D 144 -24.70 -29.50 -6.90
CA ASP D 144 -24.64 -28.06 -6.71
C ASP D 144 -25.98 -27.36 -6.90
N TRP D 145 -27.09 -28.09 -6.98
CA TRP D 145 -28.40 -27.46 -7.17
C TRP D 145 -29.51 -28.29 -6.52
N THR D 146 -30.66 -28.47 -7.18
CA THR D 146 -31.81 -29.10 -6.54
C THR D 146 -32.10 -30.52 -7.06
N TRP D 147 -32.05 -31.50 -6.14
CA TRP D 147 -32.37 -32.90 -6.41
C TRP D 147 -33.87 -33.16 -6.46
N TRP D 148 -34.27 -34.01 -7.41
CA TRP D 148 -35.57 -34.66 -7.40
C TRP D 148 -35.33 -36.14 -7.68
N THR D 149 -35.85 -37.00 -6.81
CA THR D 149 -35.89 -38.43 -7.09
C THR D 149 -36.95 -38.69 -8.17
N PRO D 150 -36.98 -39.91 -8.73
CA PRO D 150 -38.02 -40.27 -9.68
C PRO D 150 -39.48 -40.04 -9.19
N GLN D 151 -39.76 -40.38 -7.93
CA GLN D 151 -41.12 -40.22 -7.37
C GLN D 151 -41.50 -38.76 -7.13
N GLU D 152 -40.49 -37.94 -6.82
CA GLU D 152 -40.71 -36.50 -6.65
C GLU D 152 -41.08 -35.84 -7.97
N ILE D 153 -40.21 -36.04 -8.96
CA ILE D 153 -40.46 -35.62 -10.35
C ILE D 153 -41.86 -36.05 -10.83
N LEU D 154 -42.17 -37.34 -10.66
CA LEU D 154 -43.47 -37.90 -11.07
C LEU D 154 -44.63 -37.17 -10.43
N ARG D 155 -44.58 -37.02 -9.11
CA ARG D 155 -45.62 -36.31 -8.39
C ARG D 155 -45.85 -34.94 -9.01
N PHE D 156 -44.77 -34.25 -9.36
CA PHE D 156 -44.91 -32.93 -9.97
C PHE D 156 -45.55 -33.03 -11.37
N MET D 157 -45.16 -34.05 -12.14
CA MET D 157 -45.76 -34.26 -13.47
C MET D 157 -47.26 -34.58 -13.39
N LYS D 158 -47.68 -35.36 -12.40
CA LYS D 158 -49.09 -35.74 -12.28
C LYS D 158 -50.02 -34.62 -11.84
N GLU D 159 -49.57 -33.87 -10.83
CA GLU D 159 -50.42 -32.93 -10.10
C GLU D 159 -50.24 -31.46 -10.49
N ASN D 160 -49.02 -31.08 -10.86
CA ASN D 160 -48.67 -29.66 -11.01
C ASN D 160 -48.37 -29.24 -12.45
N ALA D 161 -47.66 -30.08 -13.17
CA ALA D 161 -47.34 -29.81 -14.57
C ALA D 161 -48.65 -29.74 -15.35
N GLY D 162 -48.72 -28.87 -16.34
CA GLY D 162 -49.99 -28.70 -17.05
C GLY D 162 -51.04 -27.88 -16.30
N SER D 163 -50.75 -27.50 -15.06
CA SER D 163 -51.21 -26.20 -14.55
C SER D 163 -50.28 -25.11 -15.15
N ILE D 164 -49.16 -25.54 -15.73
CA ILE D 164 -48.26 -24.68 -16.50
C ILE D 164 -48.90 -24.34 -17.86
N GLN D 165 -49.35 -23.10 -17.96
CA GLN D 165 -49.95 -22.57 -19.17
C GLN D 165 -48.94 -21.70 -19.94
N GLY D 166 -49.16 -21.60 -21.25
CA GLY D 166 -48.40 -20.69 -22.08
C GLY D 166 -47.23 -21.30 -22.85
N THR D 167 -46.82 -22.50 -22.47
CA THR D 167 -45.71 -23.17 -23.15
C THR D 167 -45.71 -24.69 -22.90
N ARG D 168 -44.86 -25.41 -23.62
CA ARG D 168 -44.72 -26.86 -23.42
C ARG D 168 -43.90 -27.20 -22.19
N VAL D 169 -44.24 -28.31 -21.55
CA VAL D 169 -43.52 -28.80 -20.39
C VAL D 169 -42.46 -29.82 -20.83
N MET D 170 -41.25 -29.64 -20.33
CA MET D 170 -40.13 -30.53 -20.63
C MET D 170 -39.66 -31.23 -19.35
N ALA D 171 -39.34 -32.51 -19.47
CA ALA D 171 -38.85 -33.28 -18.32
C ALA D 171 -38.22 -34.57 -18.79
N PRO D 172 -37.27 -35.15 -18.01
CA PRO D 172 -36.65 -34.69 -16.77
C PRO D 172 -35.22 -34.10 -16.91
N GLU D 173 -34.68 -34.06 -18.13
CA GLU D 173 -33.33 -33.56 -18.35
C GLU D 173 -32.33 -34.28 -17.44
N SER D 174 -32.34 -35.61 -17.53
CA SER D 174 -31.36 -36.46 -16.84
C SER D 174 -29.97 -36.09 -17.34
N PHE D 175 -28.97 -36.14 -16.47
CA PHE D 175 -27.58 -35.85 -16.88
C PHE D 175 -27.00 -36.88 -17.87
N GLN D 176 -27.55 -38.09 -17.90
CA GLN D 176 -26.94 -39.17 -18.69
C GLN D 176 -27.97 -40.04 -19.43
N TYR D 177 -29.11 -39.45 -19.75
CA TYR D 177 -30.23 -40.17 -20.36
C TYR D 177 -30.58 -41.45 -19.59
N LEU D 178 -30.56 -41.36 -18.26
CA LEU D 178 -30.92 -42.48 -17.39
C LEU D 178 -32.42 -42.66 -17.37
N LYS D 179 -32.85 -43.87 -17.70
CA LYS D 179 -34.24 -44.17 -17.96
C LYS D 179 -35.06 -44.21 -16.68
N ASN D 180 -34.40 -44.60 -15.57
CA ASN D 180 -35.06 -44.75 -14.29
C ASN D 180 -35.84 -43.51 -13.85
N ILE D 181 -35.39 -42.33 -14.27
CA ILE D 181 -36.05 -41.07 -13.87
C ILE D 181 -37.12 -40.59 -14.87
N SER D 182 -37.12 -41.13 -16.08
CA SER D 182 -38.18 -40.88 -17.05
C SER D 182 -39.22 -42.01 -17.16
N ASP D 183 -38.83 -43.24 -16.82
CA ASP D 183 -39.75 -44.39 -16.95
C ASP D 183 -41.08 -44.19 -16.22
N PRO D 184 -41.03 -43.79 -14.93
CA PRO D 184 -42.29 -43.57 -14.20
C PRO D 184 -43.23 -42.53 -14.83
N ILE D 185 -42.69 -41.55 -15.55
CA ILE D 185 -43.52 -40.59 -16.27
C ILE D 185 -44.21 -41.26 -17.46
N LEU D 186 -43.45 -41.92 -18.30
CA LEU D 186 -44.01 -42.63 -19.45
C LEU D 186 -45.07 -43.68 -19.02
N ASN D 187 -44.80 -44.39 -17.93
CA ASN D 187 -45.69 -45.46 -17.43
C ASN D 187 -46.99 -44.98 -16.77
N ASP D 188 -47.08 -43.69 -16.45
CA ASP D 188 -48.27 -43.16 -15.77
C ASP D 188 -49.01 -42.20 -16.72
N PRO D 189 -50.15 -42.66 -17.28
CA PRO D 189 -50.86 -41.92 -18.33
C PRO D 189 -51.23 -40.48 -18.00
N GLN D 190 -51.51 -40.20 -16.73
CA GLN D 190 -51.83 -38.85 -16.30
C GLN D 190 -50.59 -37.96 -16.29
N ALA D 191 -49.46 -38.51 -15.83
CA ALA D 191 -48.18 -37.79 -15.83
C ALA D 191 -47.71 -37.58 -17.26
N LEU D 192 -47.80 -38.65 -18.06
CA LEU D 192 -47.40 -38.62 -19.47
C LEU D 192 -48.19 -37.59 -20.26
N ALA D 193 -49.50 -37.52 -20.02
CA ALA D 193 -50.35 -36.53 -20.66
C ALA D 193 -49.96 -35.06 -20.37
N ASN D 194 -49.25 -34.81 -19.27
CA ASN D 194 -48.79 -33.45 -18.93
C ASN D 194 -47.34 -33.13 -19.38
N MET D 195 -46.63 -34.14 -19.88
CA MET D 195 -45.33 -33.92 -20.50
C MET D 195 -45.52 -33.75 -22.00
N ASP D 196 -44.95 -32.68 -22.55
CA ASP D 196 -44.99 -32.48 -24.00
C ASP D 196 -43.67 -32.87 -24.67
N ILE D 197 -42.56 -32.73 -23.94
CA ILE D 197 -41.22 -33.01 -24.46
C ILE D 197 -40.41 -33.78 -23.45
N LEU D 198 -39.83 -34.91 -23.89
CA LEU D 198 -38.82 -35.61 -23.11
C LEU D 198 -37.42 -35.08 -23.47
N GLY D 199 -36.80 -34.39 -22.52
CA GLY D 199 -35.44 -33.88 -22.69
C GLY D 199 -34.42 -34.69 -21.89
N ALA D 200 -33.23 -34.85 -22.46
CA ALA D 200 -32.15 -35.60 -21.83
C ALA D 200 -30.79 -34.99 -22.17
N HIS D 201 -29.88 -34.99 -21.19
CA HIS D 201 -28.48 -34.69 -21.46
C HIS D 201 -27.77 -36.01 -21.68
N THR D 202 -26.57 -35.97 -22.26
CA THR D 202 -25.87 -37.19 -22.64
C THR D 202 -24.42 -37.24 -22.17
N TYR D 203 -24.16 -36.71 -20.98
CA TYR D 203 -22.82 -36.81 -20.41
C TYR D 203 -22.53 -38.26 -20.01
N GLY D 204 -21.54 -38.86 -20.68
CA GLY D 204 -21.08 -40.21 -20.38
C GLY D 204 -21.96 -41.32 -20.94
N THR D 205 -22.97 -40.96 -21.74
CA THR D 205 -23.95 -41.93 -22.23
C THR D 205 -23.38 -42.80 -23.35
N GLN D 206 -23.49 -44.11 -23.17
CA GLN D 206 -23.00 -45.08 -24.17
C GLN D 206 -23.95 -45.14 -25.35
N ILE D 207 -23.39 -45.47 -26.51
CA ILE D 207 -24.18 -45.60 -27.74
C ILE D 207 -25.37 -46.53 -27.54
N LYS D 208 -25.18 -47.66 -26.86
CA LYS D 208 -26.26 -48.61 -26.62
C LYS D 208 -27.39 -48.07 -25.73
N ASP D 209 -27.12 -46.99 -24.99
CA ASP D 209 -28.12 -46.34 -24.15
C ASP D 209 -28.85 -45.15 -24.82
N PHE D 210 -28.58 -44.89 -26.10
CA PHE D 210 -29.31 -43.87 -26.86
C PHE D 210 -30.70 -44.33 -27.25
N ALA D 211 -30.86 -45.63 -27.51
CA ALA D 211 -32.16 -46.22 -27.78
C ALA D 211 -33.03 -46.12 -26.55
N TYR D 212 -34.35 -46.09 -26.76
CA TYR D 212 -35.29 -46.03 -25.63
C TYR D 212 -36.62 -46.68 -25.99
N PRO D 213 -36.66 -48.02 -26.04
CA PRO D 213 -37.85 -48.78 -26.45
C PRO D 213 -39.17 -48.28 -25.84
N LEU D 214 -39.15 -48.00 -24.53
CA LEU D 214 -40.35 -47.55 -23.82
C LEU D 214 -40.88 -46.24 -24.38
N PHE D 215 -39.97 -45.39 -24.86
CA PHE D 215 -40.36 -44.13 -25.46
C PHE D 215 -40.98 -44.38 -26.84
N LYS D 216 -40.44 -45.33 -27.60
CA LYS D 216 -41.06 -45.77 -28.87
C LYS D 216 -42.47 -46.29 -28.63
N GLN D 217 -42.64 -47.01 -27.54
CA GLN D 217 -43.91 -47.61 -27.19
C GLN D 217 -44.94 -46.56 -26.77
N LYS D 218 -44.63 -45.76 -25.76
CA LYS D 218 -45.63 -44.89 -25.13
C LYS D 218 -45.50 -43.39 -25.47
N GLY D 219 -44.51 -43.03 -26.29
CA GLY D 219 -44.20 -41.62 -26.54
C GLY D 219 -44.86 -40.94 -27.73
N ALA D 220 -45.97 -41.48 -28.22
CA ALA D 220 -46.65 -40.90 -29.39
C ALA D 220 -47.08 -39.44 -29.20
N GLY D 221 -46.60 -38.56 -30.09
CA GLY D 221 -46.98 -37.15 -30.06
C GLY D 221 -46.14 -36.33 -29.11
N LYS D 222 -45.20 -36.98 -28.43
CA LYS D 222 -44.27 -36.30 -27.54
C LYS D 222 -43.03 -35.98 -28.35
N GLU D 223 -42.42 -34.84 -28.08
CA GLU D 223 -41.14 -34.53 -28.70
C GLU D 223 -40.02 -35.13 -27.84
N LEU D 224 -38.84 -35.25 -28.44
CA LEU D 224 -37.69 -35.88 -27.82
C LEU D 224 -36.44 -35.05 -28.12
N TRP D 225 -35.86 -34.43 -27.09
CA TRP D 225 -34.78 -33.45 -27.26
C TRP D 225 -33.52 -33.82 -26.48
N MET D 226 -32.36 -33.73 -27.12
CA MET D 226 -31.09 -33.82 -26.40
C MET D 226 -30.69 -32.39 -26.05
N THR D 227 -30.92 -31.99 -24.80
CA THR D 227 -30.94 -30.56 -24.42
C THR D 227 -29.64 -29.97 -23.86
N GLU D 228 -28.63 -30.78 -23.60
CA GLU D 228 -27.33 -30.28 -23.18
C GLU D 228 -26.23 -31.34 -23.33
N VAL D 229 -25.11 -30.93 -23.92
CA VAL D 229 -23.89 -31.72 -23.88
C VAL D 229 -22.68 -30.88 -24.33
N TYR D 230 -21.49 -31.33 -23.96
CA TYR D 230 -20.28 -30.94 -24.66
C TYR D 230 -19.45 -32.19 -24.78
N VAL D 231 -18.74 -32.33 -25.90
CA VAL D 231 -17.94 -33.50 -26.21
C VAL D 231 -16.69 -33.17 -27.05
N PRO D 232 -15.59 -33.94 -26.88
CA PRO D 232 -15.43 -35.05 -25.93
C PRO D 232 -14.83 -34.61 -24.59
N ASN D 233 -14.54 -33.33 -24.45
CA ASN D 233 -13.92 -32.79 -23.25
C ASN D 233 -14.20 -31.31 -23.18
N SER D 234 -13.84 -30.69 -22.06
CA SER D 234 -13.91 -29.25 -21.90
C SER D 234 -12.52 -28.66 -21.69
N ASP D 235 -11.53 -29.22 -22.39
CA ASP D 235 -10.15 -28.79 -22.20
C ASP D 235 -9.96 -27.36 -22.71
N ASN D 236 -8.98 -26.67 -22.13
CA ASN D 236 -8.68 -25.29 -22.49
C ASN D 236 -8.12 -25.18 -23.91
N ASN D 237 -8.54 -24.14 -24.64
CA ASN D 237 -8.07 -23.87 -26.02
C ASN D 237 -8.19 -25.07 -26.98
N SER D 238 -9.18 -25.92 -26.72
CA SER D 238 -9.33 -27.20 -27.40
C SER D 238 -10.30 -27.18 -28.57
N ALA D 239 -11.03 -26.08 -28.75
CA ALA D 239 -12.09 -26.01 -29.77
C ALA D 239 -11.59 -26.14 -31.21
N ASP D 240 -10.31 -25.86 -31.45
CA ASP D 240 -9.74 -25.97 -32.79
C ASP D 240 -8.90 -27.22 -33.02
N ARG D 241 -8.83 -28.11 -32.04
CA ARG D 241 -8.06 -29.35 -32.17
C ARG D 241 -8.58 -30.24 -33.29
N TRP D 242 -7.65 -30.79 -34.06
CA TRP D 242 -7.97 -31.84 -35.03
C TRP D 242 -7.07 -33.03 -34.73
N PRO D 243 -7.61 -34.26 -34.85
CA PRO D 243 -8.95 -34.65 -35.30
C PRO D 243 -9.99 -34.73 -34.18
N GLU D 244 -9.62 -34.28 -32.98
CA GLU D 244 -10.52 -34.32 -31.82
C GLU D 244 -11.90 -33.75 -32.10
N ALA D 245 -11.97 -32.61 -32.78
CA ALA D 245 -13.24 -31.94 -33.07
C ALA D 245 -14.21 -32.79 -33.90
N LEU D 246 -13.69 -33.71 -34.69
CA LEU D 246 -14.54 -34.57 -35.52
C LEU D 246 -15.52 -35.39 -34.68
N ASP D 247 -15.20 -35.59 -33.40
CA ASP D 247 -16.09 -36.29 -32.48
C ASP D 247 -17.42 -35.57 -32.24
N VAL D 248 -17.44 -34.26 -32.46
CA VAL D 248 -18.69 -33.52 -32.34
C VAL D 248 -19.68 -34.09 -33.34
N SER D 249 -19.25 -34.22 -34.60
CA SER D 249 -20.14 -34.70 -35.66
C SER D 249 -20.50 -36.14 -35.41
N TYR D 250 -19.51 -36.97 -35.04
CA TYR D 250 -19.80 -38.35 -34.67
C TYR D 250 -20.86 -38.45 -33.56
N HIS D 251 -20.74 -37.60 -32.55
CA HIS D 251 -21.70 -37.63 -31.44
C HIS D 251 -23.10 -37.23 -31.91
N MET D 252 -23.16 -36.27 -32.83
CA MET D 252 -24.43 -35.79 -33.37
C MET D 252 -25.07 -36.85 -34.25
N HIS D 253 -24.27 -37.42 -35.16
CA HIS D 253 -24.72 -38.56 -35.95
C HIS D 253 -25.44 -39.56 -35.03
N ASN D 254 -24.80 -39.88 -33.90
CA ASN D 254 -25.34 -40.84 -32.96
C ASN D 254 -26.64 -40.39 -32.30
N ALA D 255 -26.74 -39.13 -31.90
CA ALA D 255 -27.97 -38.62 -31.32
C ALA D 255 -29.14 -38.71 -32.34
N MET D 256 -28.85 -38.39 -33.59
CA MET D 256 -29.83 -38.40 -34.67
C MET D 256 -30.29 -39.82 -35.06
N VAL D 257 -29.34 -40.74 -35.19
CA VAL D 257 -29.61 -42.07 -35.78
C VAL D 257 -29.80 -43.18 -34.73
N GLU D 258 -28.96 -43.21 -33.71
CA GLU D 258 -29.08 -44.20 -32.63
C GLU D 258 -30.11 -43.83 -31.56
N GLY D 259 -30.44 -42.54 -31.46
CA GLY D 259 -31.35 -42.07 -30.42
C GLY D 259 -32.64 -41.45 -30.94
N ASP D 260 -32.74 -41.25 -32.25
CA ASP D 260 -33.87 -40.55 -32.87
C ASP D 260 -34.18 -39.21 -32.20
N PHE D 261 -33.15 -38.47 -31.78
CA PHE D 261 -33.35 -37.15 -31.16
C PHE D 261 -33.78 -36.12 -32.21
N GLN D 262 -34.74 -35.27 -31.83
CA GLN D 262 -35.29 -34.24 -32.71
C GLN D 262 -34.58 -32.90 -32.57
N ALA D 263 -33.79 -32.76 -31.50
CA ALA D 263 -32.98 -31.55 -31.25
C ALA D 263 -31.66 -31.92 -30.59
N TYR D 264 -30.62 -31.13 -30.84
CA TYR D 264 -29.30 -31.36 -30.27
C TYR D 264 -28.74 -30.03 -29.83
N VAL D 265 -28.68 -29.84 -28.51
CA VAL D 265 -28.32 -28.55 -27.92
C VAL D 265 -27.02 -28.66 -27.12
N TRP D 266 -26.06 -27.83 -27.51
CA TRP D 266 -24.79 -27.75 -26.84
C TRP D 266 -24.95 -27.01 -25.52
N TRP D 267 -23.93 -27.13 -24.68
CA TRP D 267 -23.77 -26.28 -23.52
C TRP D 267 -23.34 -24.88 -24.03
N TYR D 268 -22.35 -24.22 -23.43
CA TYR D 268 -22.07 -22.81 -23.75
C TYR D 268 -21.77 -22.57 -25.23
N ILE D 269 -22.44 -21.59 -25.81
CA ILE D 269 -22.26 -21.25 -27.21
C ILE D 269 -20.89 -20.62 -27.45
N ARG D 270 -20.60 -19.58 -26.67
CA ARG D 270 -19.31 -18.92 -26.70
C ARG D 270 -18.44 -19.51 -25.62
N ARG D 271 -17.39 -20.21 -26.01
CA ARG D 271 -16.44 -20.76 -25.05
C ARG D 271 -15.21 -21.32 -25.74
N GLN D 272 -14.08 -21.36 -25.02
CA GLN D 272 -12.83 -21.92 -25.54
C GLN D 272 -12.89 -23.43 -25.86
N TYR D 273 -13.97 -24.09 -25.45
CA TYR D 273 -14.20 -25.48 -25.85
C TYR D 273 -15.56 -25.68 -26.54
N GLY D 274 -16.21 -24.58 -26.92
CA GLY D 274 -17.53 -24.62 -27.54
C GLY D 274 -17.46 -24.33 -29.03
N PRO D 275 -18.63 -24.18 -29.69
CA PRO D 275 -18.68 -23.93 -31.13
C PRO D 275 -18.24 -22.53 -31.53
N MET D 276 -18.29 -21.58 -30.61
CA MET D 276 -17.80 -20.23 -30.88
C MET D 276 -16.73 -19.90 -29.88
N LYS D 277 -15.59 -19.40 -30.38
CA LYS D 277 -14.48 -19.04 -29.53
C LYS D 277 -14.74 -17.70 -28.87
N GLU D 278 -13.89 -17.32 -27.91
CA GLU D 278 -14.09 -16.07 -27.19
C GLU D 278 -13.90 -14.84 -28.08
N ASP D 279 -13.13 -14.98 -29.16
CA ASP D 279 -12.97 -13.88 -30.13
C ASP D 279 -14.15 -13.78 -31.11
N GLY D 280 -15.15 -14.64 -30.96
CA GLY D 280 -16.41 -14.51 -31.70
C GLY D 280 -16.43 -15.29 -32.99
N THR D 281 -15.34 -16.01 -33.27
CA THR D 281 -15.26 -16.80 -34.48
C THR D 281 -15.70 -18.22 -34.22
N ILE D 282 -16.09 -18.91 -35.29
CA ILE D 282 -16.54 -20.28 -35.22
C ILE D 282 -15.35 -21.24 -35.19
N SER D 283 -15.40 -22.18 -34.24
CA SER D 283 -14.35 -23.18 -34.09
C SER D 283 -14.63 -24.42 -34.91
N LYS D 284 -13.61 -25.29 -35.00
CA LYS D 284 -13.72 -26.57 -35.67
C LYS D 284 -14.90 -27.41 -35.13
N ARG D 285 -15.09 -27.38 -33.82
CA ARG D 285 -16.28 -27.96 -33.20
C ARG D 285 -17.53 -27.29 -33.74
N GLY D 286 -17.50 -25.95 -33.78
CA GLY D 286 -18.58 -25.18 -34.37
C GLY D 286 -18.87 -25.61 -35.80
N TYR D 287 -17.80 -25.82 -36.56
CA TYR D 287 -17.94 -26.23 -37.96
C TYR D 287 -18.55 -27.62 -38.09
N ASN D 288 -18.24 -28.51 -37.15
CA ASN D 288 -18.87 -29.83 -37.12
C ASN D 288 -20.39 -29.73 -36.91
N MET D 289 -20.79 -28.95 -35.91
CA MET D 289 -22.21 -28.67 -35.66
C MET D 289 -22.90 -28.11 -36.90
N ALA D 290 -22.24 -27.17 -37.59
CA ALA D 290 -22.78 -26.52 -38.79
C ALA D 290 -23.15 -27.48 -39.92
N HIS D 291 -22.40 -28.57 -40.07
CA HIS D 291 -22.71 -29.58 -41.08
C HIS D 291 -24.10 -30.16 -40.94
N PHE D 292 -24.66 -30.06 -39.74
CA PHE D 292 -26.06 -30.37 -39.49
C PHE D 292 -26.91 -29.08 -39.46
N SER D 293 -26.52 -28.11 -38.64
CA SER D 293 -27.41 -26.98 -38.32
C SER D 293 -27.69 -26.03 -39.48
N LYS D 294 -26.70 -25.85 -40.36
CA LYS D 294 -26.83 -24.95 -41.51
C LYS D 294 -27.62 -25.54 -42.65
N PHE D 295 -27.80 -26.85 -42.68
CA PHE D 295 -28.38 -27.54 -43.83
C PHE D 295 -29.63 -28.35 -43.51
N VAL D 296 -29.64 -28.97 -42.33
CA VAL D 296 -30.81 -29.68 -41.83
C VAL D 296 -31.61 -28.68 -40.99
N ARG D 297 -32.54 -27.98 -41.65
CA ARG D 297 -33.28 -26.89 -41.05
C ARG D 297 -34.48 -27.44 -40.28
N PRO D 298 -35.05 -26.66 -39.35
CA PRO D 298 -36.26 -27.10 -38.66
C PRO D 298 -37.34 -27.45 -39.65
N GLY D 299 -38.09 -28.52 -39.37
CA GLY D 299 -39.15 -28.97 -40.26
C GLY D 299 -38.70 -29.97 -41.31
N TYR D 300 -37.39 -30.22 -41.41
CA TYR D 300 -36.86 -31.37 -42.15
C TYR D 300 -37.15 -32.64 -41.36
N VAL D 301 -37.21 -33.78 -42.04
CA VAL D 301 -37.28 -35.09 -41.37
C VAL D 301 -36.05 -35.91 -41.68
N ARG D 302 -35.57 -36.67 -40.70
CA ARG D 302 -34.53 -37.67 -40.95
C ARG D 302 -35.17 -38.82 -41.72
N VAL D 303 -34.40 -39.44 -42.62
CA VAL D 303 -34.87 -40.59 -43.37
C VAL D 303 -33.91 -41.77 -43.17
N ASP D 304 -34.39 -42.97 -43.50
CA ASP D 304 -33.64 -44.18 -43.29
C ASP D 304 -32.44 -44.21 -44.24
N ALA D 305 -31.24 -44.42 -43.69
CA ALA D 305 -30.03 -44.43 -44.48
C ALA D 305 -29.00 -45.40 -43.90
N THR D 306 -28.41 -46.25 -44.75
CA THR D 306 -27.32 -47.15 -44.33
C THR D 306 -26.34 -46.36 -43.46
N LYS D 307 -26.35 -46.64 -42.15
CA LYS D 307 -25.70 -45.77 -41.17
C LYS D 307 -24.17 -45.91 -41.05
N ASN D 308 -23.65 -47.07 -41.42
CA ASN D 308 -22.23 -47.39 -41.27
C ASN D 308 -21.77 -48.32 -42.42
N PRO D 309 -21.75 -47.80 -43.66
CA PRO D 309 -21.49 -48.59 -44.88
C PRO D 309 -20.07 -49.15 -45.01
N ASP D 310 -19.08 -48.37 -44.58
CA ASP D 310 -17.68 -48.83 -44.47
C ASP D 310 -17.23 -48.63 -43.01
N THR D 311 -16.26 -49.41 -42.57
CA THR D 311 -15.89 -49.52 -41.15
C THR D 311 -15.67 -48.20 -40.35
N ASN D 312 -15.22 -47.13 -41.01
CA ASN D 312 -15.00 -45.85 -40.31
C ASN D 312 -15.81 -44.71 -40.90
N THR D 313 -16.87 -45.07 -41.62
CA THR D 313 -17.73 -44.12 -42.28
C THR D 313 -19.13 -44.23 -41.69
N TYR D 314 -19.71 -43.08 -41.37
CA TYR D 314 -21.03 -43.01 -40.77
C TYR D 314 -21.86 -42.00 -41.53
N VAL D 315 -23.04 -42.45 -41.98
CA VAL D 315 -23.90 -41.67 -42.87
C VAL D 315 -25.28 -41.51 -42.28
N SER D 316 -25.81 -40.29 -42.37
CA SER D 316 -27.21 -40.00 -42.01
C SER D 316 -27.79 -39.04 -43.04
N ALA D 317 -29.11 -39.08 -43.19
CA ALA D 317 -29.79 -38.36 -44.27
C ALA D 317 -31.13 -37.79 -43.83
N TYR D 318 -31.50 -36.67 -44.47
CA TYR D 318 -32.65 -35.86 -44.08
C TYR D 318 -33.30 -35.25 -45.30
N LYS D 319 -34.60 -35.03 -45.24
CA LYS D 319 -35.30 -34.42 -46.37
C LYS D 319 -36.21 -33.29 -45.90
N GLY D 320 -36.29 -32.25 -46.72
CA GLY D 320 -37.11 -31.08 -46.41
C GLY D 320 -36.92 -29.98 -47.44
N ASP D 321 -37.95 -29.17 -47.66
CA ASP D 321 -37.88 -28.07 -48.59
C ASP D 321 -37.50 -28.56 -50.00
N ASN D 322 -38.07 -29.70 -50.39
CA ASN D 322 -37.81 -30.33 -51.68
C ASN D 322 -36.34 -30.74 -51.93
N LYS D 323 -35.60 -30.99 -50.85
CA LYS D 323 -34.19 -31.41 -50.92
C LYS D 323 -33.87 -32.66 -50.11
N VAL D 324 -32.71 -33.25 -50.40
CA VAL D 324 -32.07 -34.21 -49.51
C VAL D 324 -30.78 -33.59 -48.96
N VAL D 325 -30.54 -33.80 -47.67
CA VAL D 325 -29.27 -33.49 -47.03
C VAL D 325 -28.70 -34.80 -46.54
N ILE D 326 -27.42 -35.03 -46.82
CA ILE D 326 -26.69 -36.24 -46.38
C ILE D 326 -25.43 -35.79 -45.67
N VAL D 327 -25.16 -36.37 -44.51
CA VAL D 327 -23.99 -36.04 -43.72
C VAL D 327 -23.11 -37.28 -43.54
N ALA D 328 -21.94 -37.25 -44.16
CA ALA D 328 -21.04 -38.39 -44.22
C ALA D 328 -19.76 -38.07 -43.49
N ILE D 329 -19.41 -38.91 -42.53
CA ILE D 329 -18.23 -38.69 -41.72
C ILE D 329 -17.25 -39.80 -42.03
N ASN D 330 -15.98 -39.44 -42.17
CA ASN D 330 -14.92 -40.42 -42.28
C ASN D 330 -13.98 -40.23 -41.10
N ARG D 331 -14.12 -41.07 -40.08
CA ARG D 331 -13.31 -40.96 -38.87
C ARG D 331 -11.93 -41.59 -39.03
N GLY D 332 -11.72 -42.31 -40.14
CA GLY D 332 -10.47 -43.04 -40.36
C GLY D 332 -9.33 -42.18 -40.88
N THR D 333 -8.12 -42.75 -40.85
CA THR D 333 -6.90 -42.05 -41.25
C THR D 333 -6.53 -42.25 -42.73
N SER D 334 -7.40 -42.92 -43.49
CA SER D 334 -7.24 -43.03 -44.94
C SER D 334 -8.48 -42.49 -45.66
N ALA D 335 -8.26 -41.86 -46.81
CA ALA D 335 -9.37 -41.41 -47.66
C ALA D 335 -10.17 -42.62 -48.15
N ALA D 336 -11.47 -42.42 -48.35
CA ALA D 336 -12.37 -43.51 -48.72
C ALA D 336 -13.29 -43.10 -49.85
N SER D 337 -13.58 -44.04 -50.74
CA SER D 337 -14.55 -43.81 -51.80
C SER D 337 -15.90 -44.30 -51.27
N GLN D 338 -16.95 -43.50 -51.47
CA GLN D 338 -18.28 -43.88 -51.00
C GLN D 338 -19.32 -43.69 -52.10
N ARG D 339 -20.08 -44.75 -52.36
CA ARG D 339 -21.21 -44.68 -53.28
C ARG D 339 -22.50 -44.43 -52.49
N PHE D 340 -23.31 -43.49 -52.98
CA PHE D 340 -24.62 -43.19 -52.40
C PHE D 340 -25.71 -43.56 -53.40
N VAL D 341 -26.73 -44.27 -52.92
CA VAL D 341 -27.86 -44.68 -53.76
C VAL D 341 -29.18 -44.09 -53.28
N LEU D 342 -29.70 -43.11 -54.03
CA LEU D 342 -31.01 -42.52 -53.72
C LEU D 342 -32.12 -43.44 -54.18
N GLN D 343 -33.00 -43.81 -53.25
CA GLN D 343 -34.16 -44.67 -53.54
C GLN D 343 -35.45 -43.90 -53.27
N ASN D 344 -36.50 -44.20 -54.05
CA ASN D 344 -37.84 -43.66 -53.85
C ASN D 344 -37.92 -42.12 -53.87
N GLY D 345 -37.11 -41.55 -54.74
CA GLY D 345 -37.01 -40.10 -54.90
C GLY D 345 -35.94 -39.92 -55.95
N ASN D 346 -35.81 -38.72 -56.51
CA ASN D 346 -34.87 -38.50 -57.61
C ASN D 346 -34.21 -37.13 -57.61
N ALA D 347 -32.92 -37.13 -57.93
CA ALA D 347 -32.14 -35.91 -58.18
C ALA D 347 -31.21 -36.13 -59.37
N SER D 348 -30.61 -35.06 -59.86
CA SER D 348 -29.67 -35.13 -60.99
C SER D 348 -28.26 -34.68 -60.63
N THR D 349 -28.13 -33.62 -59.82
CA THR D 349 -26.82 -33.10 -59.40
C THR D 349 -26.76 -32.81 -57.89
N VAL D 350 -25.55 -32.87 -57.32
CA VAL D 350 -25.34 -32.77 -55.88
C VAL D 350 -24.21 -31.79 -55.52
N SER D 351 -24.51 -30.83 -54.64
CA SER D 351 -23.49 -29.96 -54.06
C SER D 351 -22.90 -30.65 -52.84
N SER D 352 -21.73 -30.21 -52.42
CA SER D 352 -21.11 -30.78 -51.23
C SER D 352 -20.14 -29.82 -50.58
N TYR D 353 -20.06 -29.89 -49.25
CA TYR D 353 -19.18 -29.06 -48.42
C TYR D 353 -18.42 -29.96 -47.47
N VAL D 354 -17.16 -29.66 -47.19
CA VAL D 354 -16.30 -30.52 -46.37
C VAL D 354 -15.49 -29.75 -45.34
N THR D 355 -15.37 -30.33 -44.15
CA THR D 355 -14.52 -29.80 -43.09
C THR D 355 -13.51 -30.86 -42.67
N ASP D 356 -12.24 -30.49 -42.65
CA ASP D 356 -11.17 -31.35 -42.17
C ASP D 356 -10.05 -30.47 -41.59
N SER D 357 -8.85 -31.02 -41.46
CA SER D 357 -7.74 -30.31 -40.81
C SER D 357 -7.37 -28.97 -41.43
N SER D 358 -7.60 -28.81 -42.74
CA SER D 358 -7.23 -27.58 -43.46
C SER D 358 -8.38 -26.75 -44.04
N ARG D 359 -9.61 -27.26 -44.04
CA ARG D 359 -10.76 -26.56 -44.62
C ARG D 359 -11.98 -26.52 -43.68
N ASN D 360 -12.80 -25.47 -43.81
CA ASN D 360 -14.06 -25.33 -43.10
C ASN D 360 -15.18 -25.05 -44.11
N LEU D 361 -16.15 -25.96 -44.21
CA LEU D 361 -17.26 -25.82 -45.16
C LEU D 361 -16.79 -25.38 -46.55
N ALA D 362 -15.76 -26.03 -47.07
CA ALA D 362 -15.24 -25.74 -48.41
C ALA D 362 -16.17 -26.33 -49.46
N SER D 363 -16.62 -25.48 -50.38
CA SER D 363 -17.49 -25.91 -51.48
C SER D 363 -16.71 -26.79 -52.43
N LEU D 364 -17.33 -27.87 -52.89
CA LEU D 364 -16.70 -28.74 -53.86
C LEU D 364 -17.49 -28.72 -55.16
N ALA D 365 -16.86 -29.25 -56.21
CA ALA D 365 -17.45 -29.27 -57.55
C ALA D 365 -18.72 -30.11 -57.55
N PRO D 366 -19.80 -29.62 -58.18
CA PRO D 366 -21.00 -30.43 -58.30
C PRO D 366 -20.70 -31.84 -58.80
N ILE D 367 -21.34 -32.84 -58.18
CA ILE D 367 -21.24 -34.23 -58.60
C ILE D 367 -22.63 -34.63 -59.05
N ASN D 368 -22.74 -35.16 -60.27
CA ASN D 368 -24.05 -35.50 -60.79
C ASN D 368 -24.39 -36.96 -60.59
N VAL D 369 -25.68 -37.26 -60.77
CA VAL D 369 -26.30 -38.52 -60.41
C VAL D 369 -26.70 -39.22 -61.70
N SER D 370 -26.44 -40.52 -61.78
CA SER D 370 -26.99 -41.34 -62.85
C SER D 370 -27.59 -42.54 -62.17
N ASN D 371 -28.87 -42.84 -62.45
CA ASN D 371 -29.52 -44.00 -61.85
C ASN D 371 -29.97 -43.84 -60.41
N GLY D 372 -29.95 -42.63 -59.87
CA GLY D 372 -30.12 -42.44 -58.44
C GLY D 372 -28.83 -42.67 -57.66
N ALA D 373 -27.72 -42.87 -58.38
CA ALA D 373 -26.45 -43.24 -57.77
C ALA D 373 -25.35 -42.23 -58.07
N PHE D 374 -24.50 -41.99 -57.08
CA PHE D 374 -23.31 -41.15 -57.27
C PHE D 374 -22.22 -41.54 -56.26
N THR D 375 -20.96 -41.36 -56.67
CA THR D 375 -19.80 -41.72 -55.86
C THR D 375 -19.04 -40.43 -55.53
N ALA D 376 -18.54 -40.35 -54.30
CA ALA D 376 -17.78 -39.18 -53.87
C ALA D 376 -16.66 -39.60 -52.94
N GLN D 377 -15.55 -38.87 -52.96
CA GLN D 377 -14.40 -39.19 -52.12
C GLN D 377 -14.50 -38.46 -50.79
N LEU D 378 -14.30 -39.19 -49.70
CA LEU D 378 -14.35 -38.65 -48.34
C LEU D 378 -12.93 -38.60 -47.78
N PRO D 379 -12.36 -37.39 -47.63
CA PRO D 379 -11.01 -37.32 -47.07
C PRO D 379 -10.90 -37.95 -45.69
N ALA D 380 -9.68 -38.39 -45.36
CA ALA D 380 -9.34 -38.88 -44.04
C ALA D 380 -9.73 -37.85 -43.00
N GLN D 381 -10.45 -38.29 -41.96
CA GLN D 381 -10.81 -37.43 -40.84
C GLN D 381 -11.52 -36.17 -41.33
N SER D 382 -12.68 -36.37 -41.94
CA SER D 382 -13.47 -35.26 -42.47
C SER D 382 -14.96 -35.48 -42.23
N VAL D 383 -15.71 -34.38 -42.21
CA VAL D 383 -17.16 -34.45 -42.36
C VAL D 383 -17.52 -33.69 -43.62
N THR D 384 -18.34 -34.35 -44.43
CA THR D 384 -18.81 -33.79 -45.68
C THR D 384 -20.34 -33.74 -45.61
N THR D 385 -20.92 -32.60 -46.00
CA THR D 385 -22.37 -32.51 -46.16
C THR D 385 -22.72 -32.41 -47.63
N PHE D 386 -23.77 -33.13 -48.04
CA PHE D 386 -24.23 -33.16 -49.43
C PHE D 386 -25.64 -32.57 -49.54
N VAL D 387 -25.92 -31.81 -50.58
CA VAL D 387 -27.27 -31.27 -50.81
C VAL D 387 -27.67 -31.44 -52.26
N ALA D 388 -28.89 -31.90 -52.49
CA ALA D 388 -29.40 -32.08 -53.84
C ALA D 388 -30.90 -31.88 -53.92
N ASN D 389 -31.34 -31.19 -54.96
CA ASN D 389 -32.76 -30.93 -55.15
C ASN D 389 -33.48 -32.17 -55.63
N LEU D 390 -34.73 -32.31 -55.23
CA LEU D 390 -35.53 -33.47 -55.61
C LEU D 390 -36.49 -33.09 -56.72
N SER D 391 -36.87 -34.07 -57.52
CA SER D 391 -37.85 -33.87 -58.60
C SER D 391 -39.26 -34.11 -58.10
N GLY D 392 -40.23 -33.57 -58.84
CA GLY D 392 -41.65 -33.73 -58.55
C GLY D 392 -42.09 -33.32 -57.16
N GLY D 393 -41.56 -32.21 -56.67
CA GLY D 393 -41.93 -31.71 -55.34
C GLY D 393 -42.67 -30.39 -55.40
N ASN D 394 -43.20 -29.96 -54.25
CA ASN D 394 -43.50 -28.54 -53.98
C ASN D 394 -43.93 -28.25 -52.52
N SER D 395 -45.22 -27.99 -52.31
CA SER D 395 -45.69 -27.63 -50.97
C SER D 395 -45.20 -26.25 -50.53
N GLY D 396 -44.51 -26.20 -49.38
CA GLY D 396 -44.02 -24.95 -48.81
C GLY D 396 -45.18 -24.11 -48.32
N GLY D 397 -45.44 -23.00 -49.00
CA GLY D 397 -46.52 -22.08 -48.62
C GLY D 397 -46.32 -20.68 -49.17
N ASN D 401 -43.30 -14.44 -53.12
CA ASN D 401 -42.80 -15.32 -54.17
C ASN D 401 -41.39 -14.98 -54.74
N THR D 402 -40.51 -14.31 -53.99
CA THR D 402 -40.81 -13.36 -52.92
C THR D 402 -40.24 -11.98 -53.29
N GLY D 403 -39.47 -11.92 -54.39
CA GLY D 403 -38.95 -10.67 -54.92
C GLY D 403 -37.43 -10.57 -54.86
N THR D 404 -36.82 -10.33 -56.01
CA THR D 404 -35.42 -9.90 -56.05
C THR D 404 -35.18 -8.79 -57.09
N THR D 405 -34.39 -7.81 -56.67
CA THR D 405 -34.17 -6.59 -57.43
C THR D 405 -32.72 -6.55 -57.90
N TYR D 406 -32.53 -6.16 -59.16
CA TYR D 406 -31.20 -6.05 -59.74
C TYR D 406 -30.99 -4.64 -60.23
N GLU D 407 -29.96 -3.98 -59.69
CA GLU D 407 -29.67 -2.60 -60.06
C GLU D 407 -29.23 -2.54 -61.52
N ALA D 408 -29.50 -1.40 -62.16
CA ALA D 408 -29.10 -1.19 -63.54
C ALA D 408 -27.66 -0.70 -63.65
N GLU D 409 -27.12 -0.19 -62.53
CA GLU D 409 -25.82 0.47 -62.52
C GLU D 409 -24.65 -0.44 -62.11
N THR D 410 -24.87 -1.32 -61.14
CA THR D 410 -23.84 -2.28 -60.69
C THR D 410 -24.29 -3.71 -61.01
N GLY D 411 -23.31 -4.60 -61.21
CA GLY D 411 -23.59 -5.98 -61.59
C GLY D 411 -24.07 -6.12 -63.02
N THR D 412 -23.74 -5.16 -63.88
CA THR D 412 -24.20 -5.17 -65.26
C THR D 412 -23.08 -4.87 -66.24
N THR D 413 -23.38 -5.14 -67.51
CA THR D 413 -22.51 -4.82 -68.61
C THR D 413 -23.22 -3.75 -69.45
N LEU D 414 -22.53 -2.65 -69.70
CA LEU D 414 -23.13 -1.49 -70.37
C LEU D 414 -22.51 -1.30 -71.75
N THR D 415 -23.34 -0.97 -72.73
CA THR D 415 -22.85 -0.61 -74.07
C THR D 415 -23.38 0.76 -74.47
N ASP D 416 -22.46 1.73 -74.52
CA ASP D 416 -22.75 3.11 -74.88
C ASP D 416 -23.84 3.72 -73.99
N ALA D 417 -23.59 3.62 -72.69
CA ALA D 417 -24.47 4.14 -71.65
C ALA D 417 -23.64 4.30 -70.39
N VAL D 418 -24.01 5.24 -69.54
CA VAL D 418 -23.21 5.59 -68.38
C VAL D 418 -24.07 5.69 -67.14
N VAL D 419 -23.46 5.50 -65.97
CA VAL D 419 -24.11 5.71 -64.69
C VAL D 419 -24.20 7.23 -64.43
N GLU D 420 -25.34 7.68 -63.91
CA GLU D 420 -25.53 9.08 -63.52
C GLU D 420 -26.34 9.19 -62.24
N THR D 421 -26.14 10.28 -61.52
CA THR D 421 -26.75 10.49 -60.20
C THR D 421 -27.32 11.89 -60.05
N LEU D 422 -27.70 12.50 -61.17
CA LEU D 422 -28.15 13.90 -61.19
C LEU D 422 -29.54 14.09 -60.61
N TYR D 423 -30.47 13.20 -60.96
CA TYR D 423 -31.83 13.29 -60.46
C TYR D 423 -31.98 12.28 -59.32
N PRO D 424 -32.44 12.72 -58.14
CA PRO D 424 -32.53 11.81 -57.00
C PRO D 424 -33.72 10.88 -57.14
N GLY D 425 -33.92 10.00 -56.14
CA GLY D 425 -35.05 9.08 -56.13
C GLY D 425 -34.68 7.64 -56.49
N TYR D 426 -33.53 7.49 -57.15
CA TYR D 426 -33.02 6.18 -57.54
C TYR D 426 -32.72 5.28 -56.34
N THR D 427 -32.74 3.97 -56.58
CA THR D 427 -32.28 2.98 -55.62
C THR D 427 -30.84 2.59 -55.96
N GLY D 428 -30.16 1.95 -55.00
CA GLY D 428 -28.77 1.54 -55.19
C GLY D 428 -27.83 2.73 -55.28
N SER D 429 -26.86 2.66 -56.18
CA SER D 429 -25.85 3.72 -56.31
C SER D 429 -26.13 4.76 -57.42
N GLY D 430 -27.13 4.50 -58.27
CA GLY D 430 -27.47 5.45 -59.34
C GLY D 430 -28.51 4.96 -60.34
N TYR D 431 -28.33 5.36 -61.60
CA TYR D 431 -29.18 4.90 -62.69
C TYR D 431 -28.41 4.96 -63.99
N VAL D 432 -28.94 4.32 -65.02
CA VAL D 432 -28.25 4.30 -66.30
C VAL D 432 -28.96 5.21 -67.29
N ASN D 433 -28.16 5.96 -68.06
CA ASN D 433 -28.70 6.83 -69.09
C ASN D 433 -28.17 6.37 -70.45
N PHE D 434 -29.08 6.07 -71.36
CA PHE D 434 -28.70 5.60 -72.70
C PHE D 434 -28.10 6.78 -73.47
N ASN D 435 -26.92 6.59 -74.05
CA ASN D 435 -26.25 7.67 -74.78
C ASN D 435 -26.78 7.83 -76.18
N ALA D 436 -26.94 6.71 -76.89
CA ALA D 436 -27.26 6.72 -78.31
C ALA D 436 -28.73 6.38 -78.58
N TYR D 437 -29.23 6.86 -79.71
CA TYR D 437 -30.61 6.62 -80.14
C TYR D 437 -30.83 5.16 -80.54
N THR D 438 -29.84 4.62 -81.21
CA THR D 438 -29.66 3.20 -81.47
C THR D 438 -28.18 3.05 -81.19
N ASN D 439 -27.66 1.95 -80.68
CA ASN D 439 -28.35 0.86 -80.01
C ASN D 439 -27.49 0.64 -78.78
N SER D 440 -27.61 1.57 -77.85
CA SER D 440 -27.02 1.41 -76.52
C SER D 440 -27.89 0.41 -75.78
N ALA D 441 -27.32 -0.22 -74.76
CA ALA D 441 -27.98 -1.32 -74.11
C ALA D 441 -27.51 -1.53 -72.69
N ILE D 442 -28.38 -2.15 -71.89
CA ILE D 442 -28.03 -2.71 -70.59
C ILE D 442 -28.19 -4.22 -70.67
N GLU D 443 -27.25 -4.93 -70.05
CA GLU D 443 -27.24 -6.40 -70.03
C GLU D 443 -27.02 -6.90 -68.62
N TRP D 444 -27.99 -7.66 -68.11
CA TRP D 444 -27.84 -8.40 -66.87
C TRP D 444 -27.53 -9.84 -67.24
N ASN D 445 -26.52 -10.42 -66.61
CA ASN D 445 -26.18 -11.83 -66.84
C ASN D 445 -26.04 -12.64 -65.56
N ALA D 446 -26.46 -12.08 -64.42
CA ALA D 446 -26.45 -12.77 -63.13
C ALA D 446 -27.86 -12.79 -62.51
N ILE D 447 -28.89 -13.01 -63.32
CA ILE D 447 -30.25 -13.14 -62.79
C ILE D 447 -30.60 -14.61 -62.53
N ASN D 448 -30.89 -14.88 -61.26
CA ASN D 448 -30.85 -16.20 -60.68
C ASN D 448 -32.21 -16.56 -60.09
N ASN D 449 -32.75 -17.71 -60.50
CA ASN D 449 -34.11 -18.09 -60.14
C ASN D 449 -34.19 -19.46 -59.48
N MET D 450 -35.00 -19.57 -58.43
CA MET D 450 -35.19 -20.87 -57.77
C MET D 450 -35.72 -21.93 -58.74
N THR D 451 -36.76 -21.57 -59.49
CA THR D 451 -37.39 -22.49 -60.45
C THR D 451 -37.33 -21.96 -61.87
N THR D 452 -37.68 -22.84 -62.81
CA THR D 452 -37.94 -22.48 -64.20
C THR D 452 -39.43 -22.12 -64.28
N GLY D 453 -39.75 -21.03 -64.97
CA GLY D 453 -41.15 -20.60 -65.07
C GLY D 453 -41.34 -19.17 -65.52
N THR D 454 -42.60 -18.75 -65.57
CA THR D 454 -42.96 -17.38 -65.95
C THR D 454 -42.51 -16.42 -64.86
N LYS D 455 -41.82 -15.36 -65.27
CA LYS D 455 -41.36 -14.30 -64.35
C LYS D 455 -41.96 -12.95 -64.71
N ASN D 456 -42.38 -12.19 -63.70
CA ASN D 456 -42.76 -10.80 -63.86
C ASN D 456 -41.54 -9.92 -63.71
N VAL D 457 -41.18 -9.20 -64.77
CA VAL D 457 -40.01 -8.33 -64.77
C VAL D 457 -40.44 -6.87 -64.68
N LYS D 458 -40.11 -6.23 -63.56
CA LYS D 458 -40.60 -4.88 -63.28
C LYS D 458 -39.50 -3.83 -63.45
N PHE D 459 -39.60 -3.05 -64.53
CA PHE D 459 -38.63 -1.99 -64.81
C PHE D 459 -38.97 -0.77 -63.99
N ARG D 460 -37.99 -0.22 -63.28
CA ARG D 460 -38.15 1.07 -62.63
C ARG D 460 -37.34 2.10 -63.42
N TYR D 461 -38.04 3.11 -63.95
CA TYR D 461 -37.43 4.04 -64.89
C TYR D 461 -38.07 5.44 -64.83
N ALA D 462 -37.45 6.39 -65.54
CA ALA D 462 -37.92 7.78 -65.57
C ALA D 462 -37.81 8.33 -66.99
N LEU D 463 -38.81 9.13 -67.37
CA LEU D 463 -38.88 9.64 -68.73
C LEU D 463 -39.70 10.92 -68.78
N GLU D 464 -39.03 12.03 -69.10
CA GLU D 464 -39.67 13.35 -69.06
C GLU D 464 -40.91 13.47 -69.94
N SER D 465 -40.76 13.31 -71.25
CA SER D 465 -41.88 13.53 -72.19
C SER D 465 -42.09 12.50 -73.32
N GLY D 466 -41.05 11.78 -73.72
CA GLY D 466 -41.19 10.86 -74.86
C GLY D 466 -42.09 9.66 -74.59
N THR D 467 -42.24 8.83 -75.63
CA THR D 467 -42.56 7.42 -75.46
C THR D 467 -41.43 6.70 -76.18
N ARG D 468 -40.48 6.17 -75.42
CA ARG D 468 -39.33 5.50 -76.01
C ARG D 468 -39.53 3.98 -76.06
N ASN D 469 -38.97 3.36 -77.10
CA ASN D 469 -39.18 1.95 -77.38
C ASN D 469 -37.88 1.17 -77.32
N LEU D 470 -37.86 0.11 -76.52
CA LEU D 470 -36.69 -0.76 -76.42
C LEU D 470 -37.01 -2.17 -76.91
N ASP D 471 -36.02 -2.79 -77.54
CA ASP D 471 -36.06 -4.22 -77.79
C ASP D 471 -35.66 -4.91 -76.51
N ILE D 472 -36.33 -6.02 -76.20
CA ILE D 472 -36.02 -6.81 -75.01
C ILE D 472 -35.65 -8.23 -75.39
N TYR D 473 -34.51 -8.68 -74.89
CA TYR D 473 -34.02 -10.04 -75.11
C TYR D 473 -33.95 -10.74 -73.78
N VAL D 474 -34.24 -12.04 -73.77
CA VAL D 474 -33.95 -12.90 -72.63
C VAL D 474 -33.17 -14.10 -73.12
N ASN D 475 -32.15 -14.49 -72.36
CA ASN D 475 -31.24 -15.57 -72.73
C ASN D 475 -30.90 -15.55 -74.20
N GLY D 476 -30.48 -14.39 -74.69
CA GLY D 476 -30.05 -14.22 -76.07
C GLY D 476 -31.16 -14.16 -77.10
N THR D 477 -32.40 -14.46 -76.73
CA THR D 477 -33.52 -14.45 -77.68
C THR D 477 -34.37 -13.19 -77.51
N LYS D 478 -34.92 -12.72 -78.62
CA LYS D 478 -35.72 -11.51 -78.67
C LYS D 478 -37.20 -11.76 -78.33
N VAL D 479 -37.57 -11.44 -77.09
CA VAL D 479 -38.93 -11.74 -76.57
C VAL D 479 -39.96 -10.62 -76.84
N LEU D 480 -39.51 -9.38 -76.89
CA LEU D 480 -40.37 -8.25 -77.20
C LEU D 480 -39.62 -7.26 -78.07
N SER D 481 -40.25 -6.85 -79.18
CA SER D 481 -39.64 -5.92 -80.13
C SER D 481 -40.25 -4.54 -79.98
N ASN D 482 -39.39 -3.54 -79.84
CA ASN D 482 -39.82 -2.14 -79.67
C ASN D 482 -40.93 -1.99 -78.64
N GLU D 483 -40.67 -2.51 -77.44
CA GLU D 483 -41.62 -2.40 -76.34
C GLU D 483 -41.69 -0.95 -75.86
N PRO D 484 -42.90 -0.38 -75.73
CA PRO D 484 -43.05 1.02 -75.35
C PRO D 484 -42.84 1.32 -73.87
N PHE D 485 -42.05 2.36 -73.58
CA PHE D 485 -41.97 2.95 -72.25
C PHE D 485 -42.59 4.35 -72.30
N THR D 486 -43.64 4.57 -71.52
CA THR D 486 -44.34 5.84 -71.49
C THR D 486 -43.75 6.84 -70.50
N GLU D 487 -44.00 8.12 -70.77
CA GLU D 487 -43.52 9.22 -69.94
C GLU D 487 -43.99 9.12 -68.49
N THR D 488 -43.06 9.40 -67.58
CA THR D 488 -43.38 9.55 -66.15
C THR D 488 -43.64 11.02 -65.81
N GLY D 489 -43.46 11.91 -66.79
CA GLY D 489 -43.73 13.34 -66.63
C GLY D 489 -42.51 14.18 -66.26
N SER D 490 -41.46 13.52 -65.76
CA SER D 490 -40.22 14.18 -65.35
C SER D 490 -39.08 13.19 -65.18
N TRP D 491 -37.85 13.69 -65.21
CA TRP D 491 -36.66 12.86 -65.00
C TRP D 491 -36.42 12.47 -63.55
N SER D 492 -37.18 13.04 -62.63
CA SER D 492 -37.05 12.70 -61.21
C SER D 492 -38.33 12.08 -60.67
N THR D 493 -39.21 11.63 -61.56
CA THR D 493 -40.36 10.80 -61.19
C THR D 493 -40.08 9.39 -61.70
N TRP D 494 -40.04 8.43 -60.77
CA TRP D 494 -39.65 7.06 -61.08
C TRP D 494 -40.88 6.18 -61.21
N GLY D 495 -41.18 5.80 -62.45
CA GLY D 495 -42.34 4.97 -62.76
C GLY D 495 -41.96 3.51 -62.91
N GLU D 496 -42.98 2.65 -62.88
CA GLU D 496 -42.82 1.21 -63.04
C GLU D 496 -43.51 0.74 -64.31
N LYS D 497 -43.04 -0.38 -64.85
CA LYS D 497 -43.62 -1.02 -66.03
C LYS D 497 -43.26 -2.51 -65.96
N THR D 498 -44.29 -3.36 -65.98
CA THR D 498 -44.12 -4.81 -65.83
C THR D 498 -44.39 -5.55 -67.13
N ILE D 499 -43.50 -6.50 -67.46
CA ILE D 499 -43.70 -7.44 -68.55
C ILE D 499 -43.65 -8.87 -68.02
N GLN D 500 -44.19 -9.81 -68.79
CA GLN D 500 -44.08 -11.22 -68.48
C GLN D 500 -43.12 -11.92 -69.44
N VAL D 501 -42.34 -12.82 -68.86
CA VAL D 501 -41.19 -13.44 -69.51
C VAL D 501 -41.05 -14.83 -68.91
N ALA D 502 -40.48 -15.77 -69.66
CA ALA D 502 -40.13 -17.09 -69.10
C ALA D 502 -38.62 -17.17 -68.86
N MET D 503 -38.21 -17.82 -67.77
CA MET D 503 -36.78 -18.05 -67.44
C MET D 503 -36.53 -19.40 -66.79
N ASN D 504 -35.34 -19.94 -67.01
CA ASN D 504 -34.86 -21.18 -66.37
C ASN D 504 -34.60 -21.04 -64.87
N SER D 505 -34.15 -22.13 -64.24
CA SER D 505 -33.82 -22.13 -62.82
C SER D 505 -32.38 -21.71 -62.56
N GLY D 506 -31.54 -21.69 -63.59
CA GLY D 506 -30.14 -21.34 -63.39
C GLY D 506 -29.87 -19.84 -63.44
N VAL D 507 -28.65 -19.52 -63.84
CA VAL D 507 -28.26 -18.16 -64.17
C VAL D 507 -28.92 -17.83 -65.52
N ASN D 508 -29.49 -16.63 -65.62
CA ASN D 508 -30.14 -16.17 -66.85
C ASN D 508 -29.52 -14.85 -67.32
N THR D 509 -29.89 -14.43 -68.54
CA THR D 509 -29.55 -13.09 -69.02
C THR D 509 -30.79 -12.32 -69.48
N LEU D 510 -30.67 -10.99 -69.42
CA LEU D 510 -31.67 -10.09 -69.95
C LEU D 510 -30.96 -8.88 -70.52
N ARG D 511 -31.33 -8.50 -71.72
CA ARG D 511 -30.64 -7.45 -72.45
C ARG D 511 -31.69 -6.51 -73.06
N ILE D 512 -31.55 -5.22 -72.77
CA ILE D 512 -32.45 -4.20 -73.30
C ILE D 512 -31.64 -3.19 -74.10
N VAL D 513 -32.13 -2.83 -75.28
CA VAL D 513 -31.33 -2.07 -76.23
C VAL D 513 -32.18 -1.03 -76.97
N THR D 514 -31.59 0.14 -77.21
CA THR D 514 -32.28 1.23 -77.89
C THR D 514 -32.43 0.94 -79.38
N THR D 515 -33.54 1.37 -79.94
CA THR D 515 -34.04 0.88 -81.20
C THR D 515 -34.26 2.03 -82.18
N GLY D 516 -33.66 3.17 -81.87
CA GLY D 516 -34.14 4.46 -82.32
C GLY D 516 -34.94 4.99 -81.14
N THR D 517 -35.22 6.29 -81.15
CA THR D 517 -35.90 6.98 -80.04
C THR D 517 -35.09 7.10 -78.75
N GLU D 518 -33.90 6.48 -78.66
CA GLU D 518 -33.13 6.44 -77.40
C GLU D 518 -33.96 5.65 -76.38
N GLY D 519 -33.58 5.69 -75.10
CA GLY D 519 -34.39 5.09 -74.05
C GLY D 519 -34.64 6.00 -72.86
N PRO D 520 -35.43 5.53 -71.89
CA PRO D 520 -35.58 6.22 -70.63
C PRO D 520 -34.35 6.00 -69.78
N ASN D 521 -34.26 6.72 -68.69
CA ASN D 521 -33.23 6.46 -67.69
C ASN D 521 -33.70 5.30 -66.82
N MET D 522 -32.83 4.31 -66.62
CA MET D 522 -33.23 3.04 -66.01
C MET D 522 -32.61 2.89 -64.64
N ASP D 523 -33.45 2.73 -63.62
CA ASP D 523 -32.99 2.58 -62.25
C ASP D 523 -32.68 1.12 -61.93
N ASN D 524 -33.66 0.23 -62.19
CA ASN D 524 -33.51 -1.18 -61.83
C ASN D 524 -34.59 -2.11 -62.41
N ILE D 525 -34.37 -3.41 -62.16
CA ILE D 525 -35.30 -4.48 -62.49
C ILE D 525 -35.71 -5.15 -61.20
N THR D 526 -36.99 -5.54 -61.09
CA THR D 526 -37.43 -6.46 -60.06
C THR D 526 -38.04 -7.70 -60.73
N VAL D 527 -37.45 -8.85 -60.45
CA VAL D 527 -37.91 -10.12 -60.99
C VAL D 527 -38.65 -10.91 -59.92
N THR D 528 -39.89 -11.27 -60.19
CA THR D 528 -40.66 -12.16 -59.31
C THR D 528 -41.28 -13.30 -60.10
N ALA D 529 -41.11 -14.52 -59.59
CA ALA D 529 -41.77 -15.70 -60.13
C ALA D 529 -43.26 -15.58 -59.88
N SER D 530 -44.06 -15.80 -60.94
CA SER D 530 -45.51 -15.91 -60.79
C SER D 530 -45.84 -17.39 -60.62
N ALA D 531 -46.86 -17.66 -59.81
CA ALA D 531 -47.21 -19.03 -59.43
C ALA D 531 -48.07 -19.73 -60.49
N LYS D 532 -48.15 -21.06 -60.37
CA LYS D 532 -49.19 -21.86 -60.99
C LYS D 532 -50.39 -21.84 -60.04
N GLY D 533 -51.53 -21.28 -60.41
CA GLY D 533 -51.73 -20.39 -61.56
C GLY D 533 -52.85 -19.43 -61.19
N GLU D 534 -52.83 -18.18 -61.65
CA GLU D 534 -51.91 -17.70 -62.68
C GLU D 534 -51.89 -16.17 -62.66
N ALA E 1 -47.90 59.69 4.68
CA ALA E 1 -47.31 58.94 3.52
C ALA E 1 -45.96 59.54 3.12
N SER E 2 -44.93 58.71 3.10
CA SER E 2 -43.59 59.16 2.78
C SER E 2 -42.78 57.98 2.24
N ASP E 3 -41.65 58.28 1.62
CA ASP E 3 -40.78 57.25 1.06
C ASP E 3 -40.13 56.41 2.14
N ALA E 4 -40.00 55.12 1.88
CA ALA E 4 -39.18 54.26 2.68
C ALA E 4 -37.83 54.14 1.97
N ASN E 5 -36.86 54.92 2.43
CA ASN E 5 -35.51 54.87 1.86
C ASN E 5 -34.70 53.71 2.47
N ILE E 6 -34.16 52.86 1.60
CA ILE E 6 -33.35 51.70 1.99
C ILE E 6 -31.89 51.92 1.55
N ASN E 7 -31.02 52.35 2.46
CA ASN E 7 -29.63 52.64 2.13
C ASN E 7 -28.74 51.39 2.26
N LEU E 8 -28.38 50.78 1.14
CA LEU E 8 -27.69 49.48 1.15
C LEU E 8 -26.21 49.54 1.55
N SER E 9 -25.59 50.71 1.50
CA SER E 9 -24.18 50.85 1.88
C SER E 9 -23.96 51.40 3.30
N SER E 10 -25.04 51.65 4.03
CA SER E 10 -24.96 52.02 5.44
C SER E 10 -25.34 50.81 6.28
N GLU E 11 -24.34 50.00 6.59
CA GLU E 11 -24.52 48.75 7.32
C GLU E 11 -24.79 49.03 8.80
N LYS E 12 -25.54 48.13 9.43
CA LYS E 12 -25.78 48.16 10.86
C LYS E 12 -25.28 46.82 11.41
N GLN E 13 -26.06 46.14 12.25
CA GLN E 13 -25.56 44.97 12.97
C GLN E 13 -25.52 43.72 12.08
N LEU E 14 -24.54 42.87 12.34
CA LEU E 14 -24.40 41.56 11.73
C LEU E 14 -25.43 40.63 12.38
N ILE E 15 -26.29 40.03 11.56
CA ILE E 15 -27.36 39.17 12.06
C ILE E 15 -26.87 37.75 12.30
N LYS E 16 -27.08 37.27 13.52
CA LYS E 16 -26.68 35.93 13.94
C LYS E 16 -27.83 34.95 13.79
N GLY E 17 -29.05 35.40 14.02
CA GLY E 17 -30.22 34.62 13.66
C GLY E 17 -31.40 34.76 14.59
N PHE E 18 -32.30 33.78 14.48
CA PHE E 18 -33.59 33.79 15.12
C PHE E 18 -33.89 32.36 15.56
N GLY E 19 -34.64 32.20 16.64
CA GLY E 19 -35.01 30.87 17.10
C GLY E 19 -35.74 30.83 18.43
N GLY E 20 -35.46 29.80 19.23
CA GLY E 20 -36.13 29.61 20.51
C GLY E 20 -35.47 28.54 21.35
N ILE E 21 -36.09 28.21 22.48
CA ILE E 21 -35.56 27.20 23.39
C ILE E 21 -36.35 25.90 23.27
N ASN E 22 -35.62 24.80 23.28
CA ASN E 22 -36.19 23.46 23.45
C ASN E 22 -35.86 23.11 24.89
N HIS E 23 -36.85 22.62 25.64
CA HIS E 23 -36.64 22.35 27.06
C HIS E 23 -37.28 21.01 27.46
N PRO E 24 -36.55 19.89 27.25
CA PRO E 24 -37.00 18.53 27.57
C PRO E 24 -37.50 18.35 28.99
N ALA E 25 -36.77 18.92 29.94
CA ALA E 25 -37.05 18.70 31.36
C ALA E 25 -38.34 19.36 31.86
N TRP E 26 -38.77 20.46 31.26
CA TRP E 26 -39.98 21.15 31.74
C TRP E 26 -41.22 20.93 30.86
N ILE E 27 -41.05 20.76 29.54
CA ILE E 27 -42.18 20.55 28.61
C ILE E 27 -42.05 19.36 27.63
N GLY E 28 -40.89 18.71 27.60
CA GLY E 28 -40.65 17.58 26.70
C GLY E 28 -39.96 17.98 25.41
N ASP E 29 -39.04 17.12 24.96
CA ASP E 29 -38.27 17.36 23.75
C ASP E 29 -39.18 17.52 22.55
N LEU E 30 -38.69 18.19 21.52
CA LEU E 30 -39.32 18.18 20.21
C LEU E 30 -39.25 16.76 19.69
N THR E 31 -40.25 16.35 18.93
CA THR E 31 -40.20 15.08 18.21
C THR E 31 -39.36 15.28 16.97
N ALA E 32 -39.03 14.18 16.31
CA ALA E 32 -38.20 14.20 15.10
C ALA E 32 -38.77 15.10 14.03
N ALA E 33 -40.08 15.02 13.81
CA ALA E 33 -40.74 15.86 12.83
C ALA E 33 -40.75 17.33 13.23
N GLN E 34 -40.96 17.61 14.52
CA GLN E 34 -40.95 19.00 15.04
C GLN E 34 -39.58 19.69 14.93
N ARG E 35 -38.50 18.91 15.01
CA ARG E 35 -37.15 19.44 14.78
C ARG E 35 -37.00 20.01 13.37
N GLU E 36 -37.60 19.35 12.39
CA GLU E 36 -37.48 19.74 10.98
C GLU E 36 -38.33 20.95 10.69
N THR E 37 -39.55 20.91 11.21
CA THR E 37 -40.48 22.03 11.17
C THR E 37 -39.89 23.30 11.75
N ALA E 38 -39.04 23.16 12.77
CA ALA E 38 -38.45 24.30 13.47
C ALA E 38 -37.17 24.81 12.81
N PHE E 39 -36.22 23.91 12.53
CA PHE E 39 -34.87 24.36 12.12
C PHE E 39 -34.54 24.21 10.64
N GLY E 40 -35.39 23.53 9.87
CA GLY E 40 -35.25 23.54 8.41
C GLY E 40 -35.83 24.83 7.86
N ASN E 41 -35.33 25.28 6.71
CA ASN E 41 -35.95 26.37 5.98
C ASN E 41 -36.74 25.72 4.84
N GLY E 42 -37.24 26.48 3.89
CA GLY E 42 -38.11 25.87 2.87
C GLY E 42 -39.51 25.54 3.40
N GLN E 43 -40.30 24.90 2.54
CA GLN E 43 -41.77 24.94 2.63
C GLN E 43 -42.34 24.44 3.97
N ASN E 44 -43.14 25.29 4.60
CA ASN E 44 -43.84 24.92 5.83
C ASN E 44 -42.88 24.71 7.02
N GLN E 45 -41.75 25.41 7.01
CA GLN E 45 -40.76 25.28 8.08
C GLN E 45 -40.35 26.67 8.54
N LEU E 46 -40.01 26.79 9.82
CA LEU E 46 -39.83 28.09 10.45
C LEU E 46 -38.54 28.79 10.04
N GLY E 47 -37.52 28.02 9.67
CA GLY E 47 -36.22 28.58 9.31
C GLY E 47 -35.41 29.06 10.51
N PHE E 48 -35.69 28.55 11.71
CA PHE E 48 -34.93 28.96 12.89
C PHE E 48 -33.45 28.58 12.77
N SER E 49 -32.59 29.51 13.16
CA SER E 49 -31.13 29.39 13.00
C SER E 49 -30.38 29.45 14.34
N ILE E 50 -31.11 29.57 15.45
CA ILE E 50 -30.54 29.56 16.79
C ILE E 50 -31.37 28.65 17.64
N LEU E 51 -30.72 27.71 18.33
CA LEU E 51 -31.35 26.92 19.38
C LEU E 51 -30.73 27.37 20.69
N ARG E 52 -31.59 27.52 21.69
CA ARG E 52 -31.14 27.74 23.07
C ARG E 52 -31.44 26.45 23.82
N ILE E 53 -30.55 26.05 24.73
CA ILE E 53 -30.83 24.90 25.58
C ILE E 53 -30.52 25.17 27.03
N TYR E 54 -30.93 24.20 27.85
CA TYR E 54 -30.81 24.23 29.29
C TYR E 54 -29.49 23.64 29.74
N VAL E 55 -28.91 24.24 30.78
CA VAL E 55 -27.86 23.62 31.55
C VAL E 55 -28.44 23.20 32.90
N ASP E 56 -28.87 21.95 33.01
CA ASP E 56 -29.42 21.44 34.26
C ASP E 56 -28.38 21.48 35.39
N ASP E 57 -28.82 21.80 36.60
CA ASP E 57 -27.93 21.74 37.78
C ASP E 57 -27.43 20.30 38.07
N ASN E 58 -28.14 19.30 37.56
CA ASN E 58 -27.83 17.89 37.76
C ASN E 58 -27.23 17.32 36.48
N ARG E 59 -25.92 17.13 36.48
CA ARG E 59 -25.22 16.62 35.30
C ARG E 59 -25.72 15.28 34.76
N ASN E 60 -26.42 14.50 35.58
CA ASN E 60 -27.00 13.23 35.11
C ASN E 60 -28.08 13.41 34.03
N ASN E 61 -28.69 14.60 33.95
CA ASN E 61 -29.75 14.90 32.96
C ASN E 61 -29.27 15.58 31.67
N TRP E 62 -27.97 15.86 31.57
CA TRP E 62 -27.43 16.59 30.42
C TRP E 62 -27.67 15.86 29.10
N TYR E 63 -27.75 14.52 29.15
CA TYR E 63 -28.00 13.74 27.96
C TYR E 63 -29.19 14.24 27.14
N ARG E 64 -30.25 14.68 27.83
CA ARG E 64 -31.54 15.04 27.21
C ARG E 64 -31.47 16.10 26.13
N GLU E 65 -30.42 16.92 26.17
CA GLU E 65 -30.23 17.99 25.20
C GLU E 65 -29.62 17.53 23.88
N VAL E 66 -28.95 16.38 23.89
CA VAL E 66 -28.04 16.01 22.79
C VAL E 66 -28.70 15.83 21.42
N ALA E 67 -29.74 15.01 21.36
CA ALA E 67 -30.39 14.67 20.11
C ALA E 67 -30.93 15.89 19.36
N THR E 68 -31.60 16.80 20.06
CA THR E 68 -32.16 17.98 19.41
C THR E 68 -31.07 18.97 19.02
N ALA E 69 -30.04 19.10 19.87
CA ALA E 69 -28.93 20.02 19.60
C ALA E 69 -28.10 19.57 18.41
N LYS E 70 -27.81 18.26 18.34
CA LYS E 70 -27.05 17.70 17.22
C LYS E 70 -27.78 17.96 15.92
N ARG E 71 -29.06 17.61 15.89
CA ARG E 71 -29.83 17.77 14.65
C ARG E 71 -29.81 19.22 14.19
N ALA E 72 -30.02 20.15 15.11
CA ALA E 72 -30.02 21.57 14.76
C ALA E 72 -28.66 22.05 14.23
N ILE E 73 -27.56 21.52 14.78
CA ILE E 73 -26.22 21.83 14.24
C ILE E 73 -26.05 21.32 12.80
N GLU E 74 -26.67 20.18 12.46
CA GLU E 74 -26.69 19.67 11.08
C GLU E 74 -27.51 20.57 10.17
N GLN E 75 -28.59 21.15 10.71
CA GLN E 75 -29.45 22.07 9.95
C GLN E 75 -28.90 23.50 9.83
N GLY E 76 -27.69 23.73 10.35
CA GLY E 76 -27.00 25.00 10.20
C GLY E 76 -27.12 25.95 11.40
N ALA E 77 -27.69 25.49 12.51
CA ALA E 77 -27.97 26.38 13.63
C ALA E 77 -26.80 26.53 14.62
N LEU E 78 -26.77 27.68 15.30
CA LEU E 78 -25.90 27.93 16.45
C LEU E 78 -26.61 27.56 17.73
N VAL E 79 -25.97 26.73 18.56
CA VAL E 79 -26.55 26.37 19.87
C VAL E 79 -25.86 27.11 21.02
N PHE E 80 -26.67 27.73 21.87
CA PHE E 80 -26.18 28.29 23.13
C PHE E 80 -26.98 27.76 24.30
N ALA E 81 -26.38 27.86 25.47
CA ALA E 81 -26.90 27.21 26.68
C ALA E 81 -27.03 28.19 27.85
N SER E 82 -28.05 27.99 28.68
CA SER E 82 -28.40 28.85 29.80
C SER E 82 -28.73 28.04 31.07
N PRO E 83 -27.99 28.30 32.16
CA PRO E 83 -28.28 27.70 33.45
C PRO E 83 -29.28 28.56 34.23
N TRP E 84 -30.10 27.90 35.09
CA TRP E 84 -31.01 28.57 36.02
C TRP E 84 -30.54 28.46 37.48
N ASN E 85 -29.97 27.32 37.85
CA ASN E 85 -29.37 27.14 39.18
C ASN E 85 -28.04 26.42 39.10
N PRO E 86 -27.08 26.79 39.95
CA PRO E 86 -25.94 25.89 40.11
C PRO E 86 -26.40 24.58 40.77
N PRO E 87 -25.52 23.57 40.83
CA PRO E 87 -25.80 22.40 41.67
C PRO E 87 -26.10 22.82 43.10
N SER E 88 -26.99 22.11 43.77
CA SER E 88 -27.59 22.60 45.02
C SER E 88 -26.61 22.70 46.21
N ASP E 89 -25.48 22.00 46.13
CA ASP E 89 -24.42 22.12 47.14
C ASP E 89 -23.62 23.43 47.06
N MET E 90 -23.75 24.15 45.95
CA MET E 90 -23.06 25.42 45.75
C MET E 90 -23.88 26.64 46.15
N VAL E 91 -25.14 26.39 46.48
CA VAL E 91 -26.12 27.43 46.71
C VAL E 91 -26.34 27.67 48.22
N GLU E 92 -26.65 28.91 48.60
CA GLU E 92 -27.07 29.21 49.97
C GLU E 92 -28.40 29.94 49.96
N THR E 93 -29.14 29.84 51.05
CA THR E 93 -30.40 30.53 51.19
C THR E 93 -30.23 31.75 52.08
N PHE E 94 -30.93 32.82 51.74
CA PHE E 94 -30.97 34.05 52.55
C PHE E 94 -32.33 34.72 52.39
N ASN E 95 -32.58 35.75 53.18
CA ASN E 95 -33.81 36.53 53.06
C ASN E 95 -33.59 37.79 52.23
N ARG E 96 -34.41 37.95 51.21
CA ARG E 96 -34.26 39.06 50.30
C ARG E 96 -35.58 39.77 50.17
N ASN E 97 -35.69 40.97 50.75
CA ASN E 97 -36.94 41.72 50.68
C ASN E 97 -38.14 41.03 51.31
N GLY E 98 -37.91 40.04 52.15
CA GLY E 98 -38.99 39.27 52.75
C GLY E 98 -39.06 37.82 52.34
N ALA E 99 -38.62 37.50 51.13
CA ALA E 99 -38.74 36.14 50.61
C ALA E 99 -37.51 35.31 50.95
N SER E 100 -37.71 33.99 50.99
CA SER E 100 -36.59 33.06 51.02
C SER E 100 -35.98 33.10 49.62
N ALA E 101 -34.67 33.29 49.55
CA ALA E 101 -33.99 33.45 48.26
C ALA E 101 -32.71 32.65 48.24
N LYS E 102 -32.31 32.26 47.02
CA LYS E 102 -31.08 31.52 46.80
C LYS E 102 -30.07 32.38 46.06
N ARG E 103 -28.79 32.14 46.34
CA ARG E 103 -27.69 32.70 45.55
C ARG E 103 -26.51 31.74 45.57
N LEU E 104 -25.58 31.93 44.66
CA LEU E 104 -24.36 31.14 44.64
C LEU E 104 -23.42 31.56 45.76
N LYS E 105 -23.03 30.61 46.59
CA LYS E 105 -22.07 30.80 47.69
C LYS E 105 -20.78 31.36 47.13
N TYR E 106 -20.21 32.35 47.85
CA TYR E 106 -19.07 33.10 47.33
C TYR E 106 -17.81 32.23 47.20
N ASP E 107 -17.65 31.25 48.10
CA ASP E 107 -16.51 30.32 48.03
C ASP E 107 -16.69 29.19 46.98
N LYS E 108 -17.80 29.20 46.24
CA LYS E 108 -18.05 28.21 45.19
C LYS E 108 -17.99 28.79 43.78
N TYR E 109 -17.63 30.06 43.64
CA TYR E 109 -17.57 30.67 42.31
C TYR E 109 -16.69 29.85 41.36
N ALA E 110 -15.56 29.38 41.86
CA ALA E 110 -14.62 28.60 41.03
C ALA E 110 -15.24 27.27 40.64
N ALA E 111 -15.91 26.63 41.59
CA ALA E 111 -16.59 25.36 41.36
C ALA E 111 -17.73 25.49 40.35
N TYR E 112 -18.44 26.62 40.38
CA TYR E 112 -19.49 26.89 39.41
C TYR E 112 -18.92 27.05 37.98
N ALA E 113 -17.76 27.68 37.86
CA ALA E 113 -17.10 27.82 36.55
C ALA E 113 -16.73 26.46 35.97
N GLN E 114 -16.27 25.55 36.80
CA GLN E 114 -15.93 24.21 36.37
C GLN E 114 -17.18 23.44 35.94
N HIS E 115 -18.28 23.65 36.69
CA HIS E 115 -19.56 23.06 36.35
C HIS E 115 -20.03 23.48 34.95
N LEU E 116 -19.89 24.76 34.63
CA LEU E 116 -20.21 25.25 33.28
C LEU E 116 -19.23 24.73 32.21
N ASN E 117 -17.94 24.70 32.53
CA ASN E 117 -16.95 24.10 31.64
C ASN E 117 -17.25 22.64 31.37
N ASP E 118 -17.58 21.89 32.41
CA ASP E 118 -17.91 20.48 32.24
C ASP E 118 -19.09 20.29 31.29
N PHE E 119 -20.07 21.19 31.34
CA PHE E 119 -21.22 21.10 30.43
C PHE E 119 -20.78 21.26 28.99
N VAL E 120 -19.87 22.20 28.76
CA VAL E 120 -19.32 22.46 27.43
C VAL E 120 -18.48 21.27 26.98
N THR E 121 -17.65 20.76 27.86
CA THR E 121 -16.87 19.55 27.61
C THR E 121 -17.77 18.33 27.34
N PHE E 122 -18.88 18.21 28.07
CA PHE E 122 -19.82 17.10 27.83
C PHE E 122 -20.46 17.17 26.46
N MET E 123 -20.89 18.36 26.05
CA MET E 123 -21.57 18.54 24.76
C MET E 123 -20.60 18.40 23.58
N LYS E 124 -19.36 18.84 23.78
CA LYS E 124 -18.33 18.71 22.76
C LYS E 124 -18.02 17.23 22.51
N ASN E 125 -17.95 16.44 23.58
CA ASN E 125 -17.69 15.00 23.49
C ASN E 125 -18.78 14.25 22.74
N ASN E 126 -20.03 14.70 22.91
CA ASN E 126 -21.17 14.06 22.24
C ASN E 126 -21.62 14.85 21.00
N GLY E 127 -20.68 15.55 20.36
CA GLY E 127 -20.87 16.09 19.01
C GLY E 127 -21.54 17.45 18.87
N VAL E 128 -21.38 18.31 19.87
CA VAL E 128 -22.08 19.61 19.91
C VAL E 128 -21.17 20.73 20.43
N ASP E 129 -20.63 21.53 19.49
CA ASP E 129 -19.82 22.68 19.84
C ASP E 129 -20.72 23.87 20.14
N LEU E 130 -20.83 24.25 21.41
CA LEU E 130 -21.69 25.38 21.80
C LEU E 130 -21.09 26.72 21.40
N TYR E 131 -21.91 27.59 20.82
CA TYR E 131 -21.48 28.92 20.45
C TYR E 131 -21.30 29.82 21.67
N ALA E 132 -22.11 29.58 22.71
CA ALA E 132 -22.05 30.38 23.93
C ALA E 132 -22.67 29.69 25.13
N ILE E 133 -22.13 29.99 26.32
CA ILE E 133 -22.76 29.59 27.56
C ILE E 133 -22.93 30.83 28.45
N SER E 134 -24.04 30.88 29.18
CA SER E 134 -24.42 32.06 29.95
C SER E 134 -24.15 31.82 31.43
N VAL E 135 -23.81 32.89 32.13
CA VAL E 135 -23.48 32.79 33.54
C VAL E 135 -24.73 32.48 34.37
N GLN E 136 -25.86 33.08 34.00
CA GLN E 136 -27.13 32.91 34.73
C GLN E 136 -28.32 33.45 33.94
N ASN E 137 -29.39 32.67 33.84
CA ASN E 137 -30.67 33.18 33.33
C ASN E 137 -31.38 34.06 34.35
N GLU E 138 -31.71 35.29 33.95
CA GLU E 138 -32.47 36.24 34.79
C GLU E 138 -32.01 36.25 36.25
N PRO E 139 -30.75 36.66 36.47
CA PRO E 139 -30.23 36.82 37.80
C PRO E 139 -30.99 37.91 38.59
N ASP E 140 -31.68 38.81 37.90
CA ASP E 140 -32.48 39.86 38.55
C ASP E 140 -33.99 39.60 38.55
N TYR E 141 -34.39 38.35 38.29
CA TYR E 141 -35.78 37.94 38.47
C TYR E 141 -35.79 36.48 38.85
N ALA E 142 -35.10 36.16 39.94
CA ALA E 142 -34.79 34.78 40.30
C ALA E 142 -35.55 34.32 41.52
N HIS E 143 -36.79 34.78 41.63
CA HIS E 143 -37.70 34.33 42.67
C HIS E 143 -37.70 32.81 42.76
N ASP E 144 -37.67 32.13 41.61
CA ASP E 144 -37.78 30.67 41.58
C ASP E 144 -36.49 29.94 41.23
N TRP E 145 -35.39 30.67 41.10
CA TRP E 145 -34.09 30.08 40.82
C TRP E 145 -32.99 30.84 41.56
N THR E 146 -31.84 31.11 40.95
CA THR E 146 -30.71 31.67 41.69
C THR E 146 -30.44 33.16 41.42
N TRP E 147 -30.47 33.97 42.50
CA TRP E 147 -30.23 35.41 42.44
C TRP E 147 -28.74 35.72 42.36
N TRP E 148 -28.39 36.70 41.51
CA TRP E 148 -27.10 37.39 41.57
C TRP E 148 -27.38 38.89 41.53
N THR E 149 -26.67 39.66 42.35
CA THR E 149 -26.69 41.12 42.26
C THR E 149 -25.72 41.59 41.16
N PRO E 150 -25.84 42.83 40.70
CA PRO E 150 -24.88 43.41 39.75
C PRO E 150 -23.40 43.18 40.11
N GLN E 151 -23.05 43.38 41.38
CA GLN E 151 -21.66 43.20 41.82
C GLN E 151 -21.22 41.75 41.90
N GLU E 152 -22.14 40.87 42.25
CA GLU E 152 -21.87 39.43 42.23
C GLU E 152 -21.58 38.92 40.81
N ILE E 153 -22.37 39.39 39.84
CA ILE E 153 -22.13 39.09 38.43
C ILE E 153 -20.77 39.61 37.99
N LEU E 154 -20.45 40.81 38.44
CA LEU E 154 -19.15 41.45 38.16
C LEU E 154 -18.01 40.62 38.71
N ARG E 155 -18.12 40.22 39.97
CA ARG E 155 -17.11 39.39 40.63
C ARG E 155 -16.78 38.13 39.84
N PHE E 156 -17.82 37.49 39.29
CA PHE E 156 -17.63 36.23 38.52
C PHE E 156 -17.07 36.54 37.15
N MET E 157 -17.49 37.65 36.55
CA MET E 157 -16.98 38.03 35.23
C MET E 157 -15.52 38.41 35.31
N LYS E 158 -15.11 39.02 36.42
CA LYS E 158 -13.71 39.38 36.65
C LYS E 158 -12.82 38.18 36.99
N GLU E 159 -13.26 37.36 37.92
CA GLU E 159 -12.36 36.36 38.53
C GLU E 159 -12.45 34.95 37.97
N ASN E 160 -13.63 34.60 37.44
CA ASN E 160 -13.95 33.23 37.06
C ASN E 160 -14.24 33.02 35.58
N ALA E 161 -15.06 33.90 34.99
CA ALA E 161 -15.28 33.85 33.55
C ALA E 161 -13.97 34.21 32.89
N GLY E 162 -13.56 33.47 31.89
CA GLY E 162 -12.18 33.59 31.39
C GLY E 162 -11.37 32.35 31.73
N SER E 163 -11.74 31.68 32.82
CA SER E 163 -11.40 30.27 33.00
C SER E 163 -12.38 29.39 32.19
N ILE E 164 -13.48 29.99 31.72
CA ILE E 164 -14.43 29.32 30.83
C ILE E 164 -13.85 29.19 29.43
N GLN E 165 -13.58 27.94 29.05
CA GLN E 165 -12.89 27.60 27.81
C GLN E 165 -13.81 26.77 26.93
N GLY E 166 -13.56 26.81 25.63
CA GLY E 166 -14.23 25.94 24.69
C GLY E 166 -15.49 26.53 24.09
N THR E 167 -15.88 27.72 24.55
CA THR E 167 -17.03 28.44 24.02
C THR E 167 -17.02 29.91 24.45
N ARG E 168 -17.96 30.68 23.92
CA ARG E 168 -18.10 32.07 24.32
C ARG E 168 -18.89 32.18 25.64
N VAL E 169 -18.61 33.25 26.38
CA VAL E 169 -19.29 33.56 27.64
C VAL E 169 -20.32 34.67 27.42
N MET E 170 -21.56 34.43 27.84
CA MET E 170 -22.66 35.39 27.72
C MET E 170 -23.17 35.86 29.09
N ALA E 171 -23.59 37.12 29.17
CA ALA E 171 -24.01 37.73 30.43
C ALA E 171 -24.69 39.08 30.17
N PRO E 172 -25.62 39.50 31.04
CA PRO E 172 -26.15 38.88 32.26
C PRO E 172 -27.56 38.29 32.14
N GLU E 173 -28.15 38.33 30.94
CA GLU E 173 -29.51 37.81 30.68
C GLU E 173 -30.57 38.37 31.63
N SER E 174 -30.60 39.71 31.73
CA SER E 174 -31.60 40.40 32.52
C SER E 174 -33.00 40.16 31.97
N PHE E 175 -33.97 39.96 32.87
CA PHE E 175 -35.35 39.71 32.47
C PHE E 175 -35.98 40.83 31.65
N GLN E 176 -35.43 42.04 31.76
CA GLN E 176 -36.05 43.23 31.18
C GLN E 176 -35.03 44.19 30.56
N TYR E 177 -33.81 43.72 30.36
CA TYR E 177 -32.72 44.51 29.75
C TYR E 177 -32.34 45.69 30.63
N LEU E 178 -32.30 45.46 31.94
CA LEU E 178 -31.91 46.49 32.89
C LEU E 178 -30.41 46.70 32.79
N LYS E 179 -30.04 47.95 32.54
CA LYS E 179 -28.66 48.37 32.34
C LYS E 179 -27.87 48.38 33.65
N ASN E 180 -28.57 48.43 34.77
CA ASN E 180 -27.91 48.42 36.08
C ASN E 180 -27.11 47.13 36.36
N ILE E 181 -27.47 46.02 35.73
CA ILE E 181 -26.79 44.73 35.96
C ILE E 181 -25.73 44.37 34.90
N SER E 182 -25.70 45.13 33.80
CA SER E 182 -24.67 45.00 32.77
C SER E 182 -23.69 46.19 32.71
N ASP E 183 -24.11 47.37 33.17
CA ASP E 183 -23.22 48.55 33.23
C ASP E 183 -21.85 48.31 33.87
N PRO E 184 -21.81 47.64 35.04
CA PRO E 184 -20.52 47.35 35.69
C PRO E 184 -19.59 46.42 34.89
N ILE E 185 -20.14 45.59 34.02
CA ILE E 185 -19.29 44.77 33.15
C ILE E 185 -18.62 45.70 32.15
N LEU E 186 -19.44 46.48 31.46
CA LEU E 186 -18.97 47.37 30.40
C LEU E 186 -18.00 48.45 30.92
N ASN E 187 -18.16 48.87 32.17
CA ASN E 187 -17.28 49.89 32.77
C ASN E 187 -16.01 49.35 33.41
N ASP E 188 -15.86 48.03 33.50
CA ASP E 188 -14.61 47.43 33.99
C ASP E 188 -13.95 46.67 32.84
N PRO E 189 -12.79 47.17 32.37
CA PRO E 189 -12.12 46.53 31.23
C PRO E 189 -11.77 45.05 31.41
N GLN E 190 -11.47 44.61 32.62
CA GLN E 190 -11.11 43.20 32.83
C GLN E 190 -12.35 42.29 32.70
N ALA E 191 -13.47 42.73 33.30
CA ALA E 191 -14.73 42.03 33.16
C ALA E 191 -15.15 42.00 31.69
N LEU E 192 -15.13 43.16 31.06
CA LEU E 192 -15.49 43.31 29.66
C LEU E 192 -14.69 42.36 28.75
N ALA E 193 -13.40 42.18 29.05
CA ALA E 193 -12.55 41.29 28.28
C ALA E 193 -12.96 39.81 28.42
N ASN E 194 -13.63 39.46 29.51
CA ASN E 194 -14.12 38.09 29.70
C ASN E 194 -15.56 37.85 29.25
N MET E 195 -16.26 38.88 28.81
CA MET E 195 -17.60 38.75 28.21
C MET E 195 -17.49 38.81 26.70
N ASP E 196 -18.04 37.81 26.01
CA ASP E 196 -18.06 37.78 24.56
C ASP E 196 -19.42 38.21 23.99
N ILE E 197 -20.51 37.83 24.67
CA ILE E 197 -21.85 38.21 24.24
C ILE E 197 -22.63 38.83 25.40
N LEU E 198 -23.27 39.97 25.17
CA LEU E 198 -24.23 40.54 26.09
C LEU E 198 -25.60 40.02 25.71
N GLY E 199 -26.21 39.24 26.60
CA GLY E 199 -27.54 38.69 26.40
C GLY E 199 -28.57 39.40 27.28
N ALA E 200 -29.77 39.61 26.74
CA ALA E 200 -30.84 40.30 27.44
C ALA E 200 -32.21 39.72 27.09
N HIS E 201 -33.07 39.54 28.08
CA HIS E 201 -34.48 39.25 27.82
C HIS E 201 -35.21 40.59 27.82
N THR E 202 -36.38 40.64 27.20
CA THR E 202 -37.10 41.90 27.12
C THR E 202 -38.56 41.85 27.64
N TYR E 203 -38.80 41.23 28.79
CA TYR E 203 -40.15 41.22 29.38
C TYR E 203 -40.53 42.59 29.94
N GLY E 204 -41.55 43.20 29.35
CA GLY E 204 -41.99 44.55 29.74
C GLY E 204 -41.03 45.67 29.38
N THR E 205 -40.01 45.37 28.57
CA THR E 205 -39.01 46.38 28.25
C THR E 205 -39.66 47.38 27.31
N GLN E 206 -39.52 48.67 27.64
CA GLN E 206 -40.16 49.72 26.84
C GLN E 206 -39.27 50.08 25.68
N ILE E 207 -39.90 50.51 24.59
CA ILE E 207 -39.21 50.84 23.35
C ILE E 207 -38.00 51.74 23.61
N LYS E 208 -38.18 52.71 24.51
CA LYS E 208 -37.13 53.67 24.83
C LYS E 208 -35.97 53.08 25.62
N ASP E 209 -36.09 51.83 26.07
CA ASP E 209 -35.02 51.15 26.79
C ASP E 209 -34.31 50.10 25.93
N PHE E 210 -34.72 49.98 24.67
CA PHE E 210 -34.05 49.10 23.71
C PHE E 210 -32.69 49.68 23.33
N ALA E 211 -32.60 51.00 23.31
CA ALA E 211 -31.34 51.68 23.04
C ALA E 211 -30.41 51.51 24.24
N TYR E 212 -29.11 51.36 23.97
CA TYR E 212 -28.13 51.19 25.03
C TYR E 212 -26.85 51.97 24.75
N PRO E 213 -26.86 53.29 25.02
CA PRO E 213 -25.71 54.13 24.70
C PRO E 213 -24.36 53.62 25.19
N LEU E 214 -24.29 53.04 26.39
CA LEU E 214 -23.01 52.61 26.95
C LEU E 214 -22.41 51.43 26.18
N PHE E 215 -23.27 50.56 25.63
CA PHE E 215 -22.81 49.45 24.83
C PHE E 215 -22.32 49.95 23.46
N LYS E 216 -22.92 51.02 22.97
CA LYS E 216 -22.48 51.65 21.71
C LYS E 216 -21.11 52.27 21.91
N GLN E 217 -20.85 52.72 23.13
CA GLN E 217 -19.60 53.36 23.47
C GLN E 217 -18.47 52.35 23.69
N LYS E 218 -18.73 51.30 24.45
CA LYS E 218 -17.66 50.41 24.91
C LYS E 218 -17.73 48.97 24.41
N GLY E 219 -18.76 48.64 23.64
CA GLY E 219 -19.03 47.25 23.27
C GLY E 219 -18.50 46.77 21.94
N ALA E 220 -17.48 47.42 21.40
CA ALA E 220 -16.92 47.03 20.10
C ALA E 220 -16.28 45.65 20.17
N GLY E 221 -16.70 44.76 19.26
CA GLY E 221 -16.20 43.38 19.20
C GLY E 221 -17.05 42.39 19.98
N LYS E 222 -18.01 42.91 20.75
CA LYS E 222 -18.90 42.07 21.55
C LYS E 222 -20.20 41.89 20.79
N GLU E 223 -20.85 40.74 20.98
CA GLU E 223 -22.18 40.51 20.38
C GLU E 223 -23.29 40.94 21.35
N LEU E 224 -24.48 41.16 20.81
CA LEU E 224 -25.64 41.62 21.56
C LEU E 224 -26.85 40.79 21.13
N TRP E 225 -27.33 39.92 22.03
CA TRP E 225 -28.43 39.03 21.72
C TRP E 225 -29.64 39.23 22.63
N MET E 226 -30.82 39.15 22.02
CA MET E 226 -32.08 39.10 22.74
C MET E 226 -32.45 37.62 22.87
N THR E 227 -32.23 37.06 24.06
CA THR E 227 -32.14 35.60 24.23
C THR E 227 -33.41 34.90 24.73
N GLU E 228 -34.40 35.67 25.21
CA GLU E 228 -35.69 35.12 25.58
C GLU E 228 -36.79 36.17 25.65
N VAL E 229 -37.90 35.90 24.99
CA VAL E 229 -39.15 36.60 25.24
C VAL E 229 -40.33 35.77 24.71
N TYR E 230 -41.53 36.09 25.20
CA TYR E 230 -42.76 35.78 24.48
C TYR E 230 -43.61 37.02 24.58
N VAL E 231 -44.46 37.24 23.59
CA VAL E 231 -45.08 38.52 23.40
C VAL E 231 -46.35 38.37 22.54
N PRO E 232 -47.42 39.13 22.82
CA PRO E 232 -47.68 40.08 23.91
C PRO E 232 -48.24 39.44 25.19
N ASN E 233 -48.53 38.15 25.15
CA ASN E 233 -49.05 37.45 26.32
C ASN E 233 -48.82 35.96 26.18
N SER E 234 -49.16 35.22 27.23
CA SER E 234 -49.05 33.77 27.23
C SER E 234 -50.43 33.14 27.37
N ASP E 235 -51.43 33.73 26.72
CA ASP E 235 -52.82 33.27 26.87
C ASP E 235 -53.00 31.89 26.27
N ASN E 236 -53.92 31.14 26.87
CA ASN E 236 -54.25 29.80 26.39
C ASN E 236 -54.86 29.89 24.98
N ASN E 237 -54.45 28.98 24.11
CA ASN E 237 -54.98 28.92 22.73
C ASN E 237 -54.96 30.26 22.00
N SER E 238 -53.88 31.01 22.21
CA SER E 238 -53.77 32.38 21.72
C SER E 238 -52.94 32.51 20.44
N ALA E 239 -52.16 31.49 20.12
CA ALA E 239 -51.12 31.62 19.08
C ALA E 239 -51.66 31.98 17.69
N ASP E 240 -52.94 31.72 17.42
CA ASP E 240 -53.55 32.04 16.12
C ASP E 240 -54.50 33.26 16.17
N ARG E 241 -54.45 34.04 17.24
CA ARG E 241 -55.30 35.24 17.32
C ARG E 241 -54.79 36.32 16.38
N TRP E 242 -55.70 36.95 15.65
CA TRP E 242 -55.35 38.03 14.74
C TRP E 242 -56.29 39.20 15.04
N PRO E 243 -55.75 40.44 15.08
CA PRO E 243 -54.41 40.92 14.76
C PRO E 243 -53.38 40.79 15.90
N GLU E 244 -53.75 40.15 17.01
CA GLU E 244 -52.86 40.07 18.16
C GLU E 244 -51.46 39.55 17.82
N ALA E 245 -51.40 38.53 16.97
CA ALA E 245 -50.13 37.89 16.60
C ALA E 245 -49.18 38.82 15.83
N LEU E 246 -49.70 39.92 15.30
CA LEU E 246 -48.90 40.88 14.53
C LEU E 246 -47.90 41.63 15.42
N ASP E 247 -48.24 41.71 16.70
CA ASP E 247 -47.36 42.29 17.73
C ASP E 247 -46.01 41.58 17.81
N VAL E 248 -45.96 40.31 17.38
CA VAL E 248 -44.69 39.58 17.30
C VAL E 248 -43.72 40.22 16.32
N SER E 249 -44.15 40.48 15.09
CA SER E 249 -43.24 41.04 14.08
C SER E 249 -42.87 42.48 14.42
N TYR E 250 -43.82 43.22 14.99
CA TYR E 250 -43.53 44.57 15.48
C TYR E 250 -42.41 44.50 16.53
N HIS E 251 -42.58 43.62 17.50
CA HIS E 251 -41.61 43.47 18.59
C HIS E 251 -40.20 43.10 18.10
N MET E 252 -40.13 42.28 17.06
CA MET E 252 -38.86 41.96 16.38
C MET E 252 -38.34 43.19 15.61
N HIS E 253 -39.23 43.89 14.93
CA HIS E 253 -38.87 45.16 14.28
C HIS E 253 -38.14 46.06 15.28
N ASN E 254 -38.73 46.23 16.46
CA ASN E 254 -38.10 47.03 17.50
C ASN E 254 -36.79 46.44 18.05
N ALA E 255 -36.73 45.12 18.21
CA ALA E 255 -35.46 44.49 18.60
C ALA E 255 -34.35 44.78 17.58
N MET E 256 -34.69 44.71 16.28
CA MET E 256 -33.72 44.90 15.21
C MET E 256 -33.34 46.37 14.97
N VAL E 257 -34.33 47.24 15.02
CA VAL E 257 -34.17 48.65 14.65
C VAL E 257 -33.90 49.57 15.85
N GLU E 258 -34.62 49.38 16.94
CA GLU E 258 -34.46 50.25 18.11
C GLU E 258 -33.32 49.79 19.05
N GLY E 259 -33.10 48.47 19.10
CA GLY E 259 -32.08 47.91 19.97
C GLY E 259 -30.84 47.35 19.29
N ASP E 260 -30.84 47.30 17.96
CA ASP E 260 -29.72 46.76 17.17
C ASP E 260 -29.32 45.36 17.59
N PHE E 261 -30.29 44.55 18.01
CA PHE E 261 -30.02 43.18 18.44
C PHE E 261 -29.62 42.33 17.25
N GLN E 262 -28.64 41.47 17.46
CA GLN E 262 -28.12 40.61 16.42
C GLN E 262 -28.80 39.25 16.44
N ALA E 263 -29.57 39.00 17.49
CA ALA E 263 -30.31 37.76 17.61
C ALA E 263 -31.63 37.97 18.35
N TYR E 264 -32.60 37.12 18.04
CA TYR E 264 -33.92 37.18 18.63
C TYR E 264 -34.38 35.76 18.86
N VAL E 265 -34.44 35.36 20.14
CA VAL E 265 -34.74 34.00 20.53
C VAL E 265 -36.02 34.03 21.37
N TRP E 266 -36.97 33.18 21.01
CA TRP E 266 -38.26 33.08 21.70
C TRP E 266 -38.12 32.13 22.87
N TRP E 267 -39.13 32.14 23.74
CA TRP E 267 -39.28 31.14 24.82
C TRP E 267 -39.62 29.78 24.18
N TYR E 268 -40.51 28.98 24.79
CA TYR E 268 -40.80 27.63 24.28
C TYR E 268 -41.18 27.66 22.81
N ILE E 269 -40.45 26.92 21.99
CA ILE E 269 -40.74 26.81 20.56
C ILE E 269 -42.12 26.19 20.33
N ARG E 270 -42.35 25.03 20.96
CA ARG E 270 -43.63 24.33 20.89
C ARG E 270 -44.48 24.66 22.10
N ARG E 271 -45.53 25.43 21.89
CA ARG E 271 -46.45 25.80 22.97
C ARG E 271 -47.71 26.40 22.34
N GLN E 272 -48.78 26.48 23.11
CA GLN E 272 -50.08 27.01 22.62
C GLN E 272 -50.10 28.54 22.44
N TYR E 273 -49.04 29.21 22.89
CA TYR E 273 -48.90 30.66 22.73
C TYR E 273 -47.57 30.98 22.03
N GLY E 274 -46.99 29.97 21.38
CA GLY E 274 -45.68 30.08 20.76
C GLY E 274 -45.76 29.90 19.27
N PRO E 275 -44.59 29.89 18.59
CA PRO E 275 -44.54 29.83 17.13
C PRO E 275 -44.91 28.48 16.53
N MET E 276 -44.90 27.43 17.35
CA MET E 276 -45.37 26.11 16.91
C MET E 276 -46.44 25.66 17.89
N LYS E 277 -47.57 25.21 17.36
CA LYS E 277 -48.67 24.75 18.20
C LYS E 277 -48.40 23.34 18.68
N GLU E 278 -49.18 22.89 19.67
CA GLU E 278 -48.99 21.55 20.24
C GLU E 278 -49.20 20.44 19.21
N ASP E 279 -49.93 20.72 18.14
CA ASP E 279 -50.10 19.73 17.05
C ASP E 279 -48.98 19.75 15.99
N GLY E 280 -47.90 20.49 16.26
CA GLY E 280 -46.74 20.54 15.37
C GLY E 280 -46.83 21.53 14.21
N THR E 281 -47.96 22.21 14.05
CA THR E 281 -48.14 23.16 12.95
C THR E 281 -47.76 24.57 13.38
N ILE E 282 -47.32 25.36 12.41
CA ILE E 282 -46.89 26.73 12.63
C ILE E 282 -48.11 27.61 12.90
N SER E 283 -47.97 28.53 13.85
CA SER E 283 -49.04 29.46 14.22
C SER E 283 -48.87 30.82 13.56
N LYS E 284 -49.90 31.66 13.68
CA LYS E 284 -49.83 33.06 13.25
C LYS E 284 -48.67 33.79 13.91
N ARG E 285 -48.38 33.45 15.16
CA ARG E 285 -47.21 34.00 15.83
C ARG E 285 -45.94 33.45 15.16
N GLY E 286 -45.93 32.16 14.86
CA GLY E 286 -44.83 31.54 14.12
C GLY E 286 -44.60 32.20 12.77
N TYR E 287 -45.67 32.40 12.01
CA TYR E 287 -45.55 33.00 10.69
C TYR E 287 -44.95 34.41 10.79
N ASN E 288 -45.33 35.18 11.81
CA ASN E 288 -44.69 36.48 12.06
C ASN E 288 -43.18 36.40 12.27
N MET E 289 -42.72 35.40 13.02
CA MET E 289 -41.28 35.20 13.19
C MET E 289 -40.64 34.78 11.87
N ALA E 290 -41.27 33.80 11.20
CA ALA E 290 -40.85 33.34 9.86
C ALA E 290 -40.58 34.46 8.88
N HIS E 291 -41.36 35.53 8.97
CA HIS E 291 -41.14 36.71 8.11
C HIS E 291 -39.71 37.28 8.24
N PHE E 292 -39.08 37.07 9.38
CA PHE E 292 -37.66 37.40 9.58
C PHE E 292 -36.77 36.19 9.32
N SER E 293 -37.00 35.10 10.05
CA SER E 293 -36.09 33.95 10.09
C SER E 293 -35.83 33.25 8.76
N LYS E 294 -36.87 33.11 7.95
CA LYS E 294 -36.75 32.42 6.66
C LYS E 294 -35.97 33.25 5.64
N PHE E 295 -35.98 34.57 5.81
CA PHE E 295 -35.47 35.49 4.80
C PHE E 295 -34.16 36.19 5.22
N VAL E 296 -34.05 36.53 6.50
CA VAL E 296 -32.85 37.18 7.02
C VAL E 296 -31.97 36.11 7.67
N ARG E 297 -31.07 35.51 6.88
CA ARG E 297 -30.25 34.38 7.30
C ARG E 297 -29.00 34.78 8.10
N PRO E 298 -28.39 33.81 8.83
CA PRO E 298 -27.16 34.13 9.54
C PRO E 298 -26.07 34.67 8.61
N GLY E 299 -25.43 35.77 9.02
CA GLY E 299 -24.43 36.44 8.18
C GLY E 299 -24.98 37.59 7.35
N TYR E 300 -26.30 37.77 7.31
CA TYR E 300 -26.87 38.99 6.72
C TYR E 300 -26.55 40.17 7.64
N VAL E 301 -26.65 41.38 7.10
CA VAL E 301 -26.52 42.60 7.89
C VAL E 301 -27.77 43.45 7.76
N ARG E 302 -28.12 44.16 8.83
CA ARG E 302 -29.18 45.14 8.72
C ARG E 302 -28.60 46.39 8.06
N VAL E 303 -29.41 47.05 7.24
CA VAL E 303 -28.97 48.27 6.59
C VAL E 303 -29.94 49.39 6.98
N ASP E 304 -29.46 50.62 6.92
CA ASP E 304 -30.24 51.76 7.35
C ASP E 304 -31.49 51.88 6.48
N ALA E 305 -32.65 52.01 7.13
CA ALA E 305 -33.90 52.23 6.43
C ALA E 305 -34.86 53.10 7.24
N THR E 306 -35.51 54.06 6.57
CA THR E 306 -36.58 54.87 7.16
C THR E 306 -37.50 53.96 7.96
N LYS E 307 -37.58 54.15 9.26
CA LYS E 307 -38.16 53.13 10.15
C LYS E 307 -39.68 53.22 10.32
N ASN E 308 -40.26 54.39 10.04
CA ASN E 308 -41.68 54.63 10.33
C ASN E 308 -42.23 55.65 9.33
N PRO E 309 -42.36 55.24 8.03
CA PRO E 309 -42.59 56.16 6.91
C PRO E 309 -44.02 56.70 6.79
N ASP E 310 -44.96 55.97 7.35
CA ASP E 310 -46.33 56.42 7.56
C ASP E 310 -46.69 56.01 8.98
N THR E 311 -47.69 56.66 9.55
CA THR E 311 -47.98 56.57 10.98
C THR E 311 -48.09 55.14 11.55
N ASN E 312 -48.74 54.22 10.84
CA ASN E 312 -48.87 52.85 11.33
C ASN E 312 -47.95 51.84 10.64
N THR E 313 -47.12 52.33 9.73
CA THR E 313 -46.25 51.49 8.91
C THR E 313 -44.83 51.49 9.47
N TYR E 314 -44.21 50.32 9.54
CA TYR E 314 -42.87 50.16 10.13
C TYR E 314 -42.00 49.33 9.20
N VAL E 315 -40.83 49.86 8.87
CA VAL E 315 -39.96 49.23 7.89
C VAL E 315 -38.56 48.95 8.44
N SER E 316 -38.05 47.77 8.14
CA SER E 316 -36.64 47.45 8.39
C SER E 316 -36.12 46.67 7.19
N ALA E 317 -34.81 46.72 6.99
CA ALA E 317 -34.21 46.09 5.81
C ALA E 317 -32.86 45.47 6.15
N TYR E 318 -32.47 44.49 5.33
CA TYR E 318 -31.26 43.72 5.54
C TYR E 318 -30.65 43.37 4.18
N LYS E 319 -29.40 42.96 4.18
CA LYS E 319 -28.82 42.42 2.93
C LYS E 319 -27.87 41.30 3.20
N GLY E 320 -27.68 40.47 2.19
CA GLY E 320 -26.79 39.32 2.28
C GLY E 320 -27.03 38.39 1.11
N ASP E 321 -26.03 37.54 0.84
CA ASP E 321 -26.11 36.60 -0.27
C ASP E 321 -26.67 37.27 -1.53
N ASN E 322 -26.16 38.48 -1.82
CA ASN E 322 -26.54 39.25 -3.01
C ASN E 322 -28.02 39.62 -3.14
N LYS E 323 -28.74 39.67 -2.01
CA LYS E 323 -30.16 40.03 -2.02
C LYS E 323 -30.43 41.11 -0.99
N VAL E 324 -31.46 41.90 -1.22
CA VAL E 324 -31.99 42.80 -0.20
C VAL E 324 -33.33 42.25 0.29
N VAL E 325 -33.50 42.24 1.62
CA VAL E 325 -34.75 41.84 2.26
C VAL E 325 -35.36 43.06 2.92
N ILE E 326 -36.69 43.15 2.87
CA ILE E 326 -37.39 44.26 3.53
C ILE E 326 -38.64 43.71 4.21
N VAL E 327 -38.76 43.98 5.50
CA VAL E 327 -39.92 43.57 6.27
C VAL E 327 -40.76 44.82 6.58
N ALA E 328 -42.01 44.81 6.13
CA ALA E 328 -42.87 45.96 6.16
C ALA E 328 -44.14 45.64 6.92
N ILE E 329 -44.39 46.37 8.01
CA ILE E 329 -45.54 46.11 8.85
C ILE E 329 -46.53 47.25 8.74
N ASN E 330 -47.79 46.89 8.47
CA ASN E 330 -48.91 47.80 8.62
C ASN E 330 -49.78 47.36 9.80
N ARG E 331 -49.80 48.17 10.86
CA ARG E 331 -50.55 47.88 12.07
C ARG E 331 -51.96 48.49 12.06
N GLY E 332 -52.22 49.41 11.15
CA GLY E 332 -53.51 50.11 11.10
C GLY E 332 -54.60 49.26 10.49
N THR E 333 -55.84 49.68 10.68
CA THR E 333 -57.00 48.96 10.15
C THR E 333 -57.30 49.27 8.68
N SER E 334 -56.62 50.26 8.10
CA SER E 334 -56.79 50.57 6.67
C SER E 334 -55.57 50.16 5.86
N ALA E 335 -55.81 49.72 4.62
CA ALA E 335 -54.74 49.38 3.69
C ALA E 335 -53.90 50.62 3.38
N ALA E 336 -52.67 50.40 2.93
CA ALA E 336 -51.74 51.52 2.71
C ALA E 336 -50.86 51.29 1.50
N SER E 337 -50.41 52.41 0.93
CA SER E 337 -49.56 52.41 -0.26
C SER E 337 -48.18 52.91 0.15
N GLN E 338 -47.17 52.07 -0.02
CA GLN E 338 -45.82 52.41 0.42
C GLN E 338 -44.86 52.32 -0.75
N ARG E 339 -44.14 53.42 -1.00
CA ARG E 339 -43.09 53.45 -1.99
C ARG E 339 -41.76 53.14 -1.30
N PHE E 340 -40.97 52.28 -1.93
CA PHE E 340 -39.66 51.91 -1.43
C PHE E 340 -38.62 52.40 -2.41
N VAL E 341 -37.56 52.99 -1.88
CA VAL E 341 -36.50 53.57 -2.69
C VAL E 341 -35.17 52.92 -2.29
N LEU E 342 -34.60 52.15 -3.20
CA LEU E 342 -33.30 51.53 -3.00
C LEU E 342 -32.20 52.51 -3.36
N GLN E 343 -31.32 52.79 -2.41
CA GLN E 343 -30.18 53.66 -2.64
C GLN E 343 -28.88 52.87 -2.45
N ASN E 344 -27.89 53.19 -3.27
CA ASN E 344 -26.56 52.61 -3.17
C ASN E 344 -26.56 51.10 -3.37
N GLY E 345 -27.39 50.68 -4.32
CA GLY E 345 -27.50 49.30 -4.75
C GLY E 345 -28.68 49.26 -5.70
N ASN E 346 -28.72 48.27 -6.60
CA ASN E 346 -29.75 48.23 -7.63
C ASN E 346 -30.39 46.86 -7.83
N ALA E 347 -31.69 46.86 -8.14
CA ALA E 347 -32.45 45.65 -8.46
C ALA E 347 -33.48 45.95 -9.56
N SER E 348 -33.96 44.90 -10.23
CA SER E 348 -34.93 45.06 -11.33
C SER E 348 -36.29 44.42 -11.07
N THR E 349 -36.35 43.44 -10.16
CA THR E 349 -37.61 42.84 -9.74
C THR E 349 -37.58 42.51 -8.26
N VAL E 350 -38.75 42.45 -7.63
CA VAL E 350 -38.91 42.15 -6.21
C VAL E 350 -40.00 41.08 -6.03
N SER E 351 -39.66 39.93 -5.43
CA SER E 351 -40.66 38.97 -4.95
C SER E 351 -41.20 39.49 -3.62
N SER E 352 -42.27 38.87 -3.14
CA SER E 352 -42.92 39.33 -1.91
C SER E 352 -43.86 38.28 -1.31
N TYR E 353 -44.01 38.31 0.01
CA TYR E 353 -44.81 37.35 0.76
C TYR E 353 -45.55 38.04 1.89
N VAL E 354 -46.83 37.72 2.10
CA VAL E 354 -47.64 38.41 3.11
C VAL E 354 -48.40 37.47 4.05
N THR E 355 -48.44 37.85 5.33
CA THR E 355 -49.29 37.19 6.30
C THR E 355 -50.32 38.19 6.85
N ASP E 356 -51.58 37.74 6.93
CA ASP E 356 -52.64 38.52 7.54
C ASP E 356 -53.75 37.59 8.06
N SER E 357 -54.95 38.12 8.29
CA SER E 357 -56.05 37.33 8.89
C SER E 357 -56.36 36.01 8.18
N SER E 358 -56.19 35.97 6.86
CA SER E 358 -56.54 34.79 6.06
C SER E 358 -55.35 34.17 5.30
N ARG E 359 -54.18 34.79 5.35
CA ARG E 359 -53.02 34.30 4.59
C ARG E 359 -51.78 34.11 5.45
N ASN E 360 -51.00 33.10 5.12
CA ASN E 360 -49.72 32.79 5.76
C ASN E 360 -48.62 32.70 4.70
N LEU E 361 -47.68 33.64 4.72
CA LEU E 361 -46.57 33.67 3.75
C LEU E 361 -47.00 33.41 2.31
N ALA E 362 -48.08 34.07 1.91
CA ALA E 362 -48.65 33.90 0.57
C ALA E 362 -47.81 34.68 -0.44
N SER E 363 -47.29 33.97 -1.43
CA SER E 363 -46.50 34.59 -2.50
C SER E 363 -47.35 35.50 -3.36
N LEU E 364 -46.81 36.67 -3.70
CA LEU E 364 -47.52 37.64 -4.54
C LEU E 364 -46.86 37.79 -5.92
N ALA E 365 -47.54 38.54 -6.79
CA ALA E 365 -47.04 38.83 -8.12
C ALA E 365 -45.73 39.63 -8.06
N PRO E 366 -44.70 39.20 -8.83
CA PRO E 366 -43.44 39.95 -8.85
C PRO E 366 -43.67 41.43 -9.17
N ILE E 367 -43.18 42.31 -8.30
CA ILE E 367 -43.29 43.75 -8.54
C ILE E 367 -41.97 44.21 -9.17
N ASN E 368 -42.08 45.25 -9.98
CA ASN E 368 -41.00 45.70 -10.85
C ASN E 368 -40.34 46.97 -10.34
N VAL E 369 -39.01 47.05 -10.48
CA VAL E 369 -38.22 48.19 -9.99
C VAL E 369 -37.80 49.06 -11.19
N SER E 370 -38.23 50.32 -11.17
CA SER E 370 -37.84 51.28 -12.22
C SER E 370 -37.15 52.47 -11.58
N ASN E 371 -35.97 52.81 -12.11
CA ASN E 371 -35.00 53.64 -11.40
C ASN E 371 -34.51 52.80 -10.22
N GLY E 372 -34.76 53.25 -8.99
CA GLY E 372 -34.56 52.41 -7.82
C GLY E 372 -35.77 52.46 -6.89
N ALA E 373 -36.97 52.47 -7.47
CA ALA E 373 -38.19 52.61 -6.69
C ALA E 373 -39.29 51.64 -7.12
N PHE E 374 -40.11 51.25 -6.16
CA PHE E 374 -41.32 50.48 -6.41
C PHE E 374 -42.33 50.75 -5.31
N THR E 375 -43.58 50.41 -5.59
CA THR E 375 -44.68 50.66 -4.67
C THR E 375 -45.42 49.35 -4.49
N ALA E 376 -45.88 49.09 -3.28
CA ALA E 376 -46.73 47.93 -3.03
C ALA E 376 -47.87 48.30 -2.11
N GLN E 377 -48.92 47.49 -2.16
CA GLN E 377 -50.03 47.62 -1.23
C GLN E 377 -49.68 46.80 0.02
N LEU E 378 -49.74 47.45 1.18
CA LEU E 378 -49.60 46.76 2.46
C LEU E 378 -51.00 46.63 3.05
N PRO E 379 -51.56 45.40 3.05
CA PRO E 379 -52.91 45.24 3.59
C PRO E 379 -53.08 45.73 5.04
N ALA E 380 -54.32 45.96 5.44
CA ALA E 380 -54.68 46.14 6.84
C ALA E 380 -54.09 45.03 7.70
N GLN E 381 -53.53 45.38 8.84
CA GLN E 381 -53.07 44.41 9.84
C GLN E 381 -52.32 43.21 9.24
N SER E 382 -51.18 43.53 8.64
CA SER E 382 -50.36 42.55 7.92
C SER E 382 -48.87 42.88 8.02
N VAL E 383 -48.06 41.86 7.74
CA VAL E 383 -46.62 42.02 7.57
C VAL E 383 -46.26 41.47 6.19
N THR E 384 -45.40 42.18 5.48
CA THR E 384 -44.98 41.77 4.15
C THR E 384 -43.47 41.72 4.10
N THR E 385 -42.92 40.65 3.55
CA THR E 385 -41.48 40.51 3.38
C THR E 385 -41.13 40.55 1.90
N PHE E 386 -40.29 41.52 1.50
CA PHE E 386 -39.83 41.68 0.12
C PHE E 386 -38.39 41.18 -0.04
N VAL E 387 -38.14 40.47 -1.13
CA VAL E 387 -36.81 39.97 -1.45
C VAL E 387 -36.48 40.33 -2.91
N ALA E 388 -35.33 40.97 -3.12
CA ALA E 388 -34.90 41.34 -4.47
C ALA E 388 -33.44 40.99 -4.69
N ASN E 389 -33.12 40.59 -5.92
CA ASN E 389 -31.74 40.26 -6.30
C ASN E 389 -30.99 41.52 -6.69
N LEU E 390 -29.88 41.76 -5.99
CA LEU E 390 -29.05 42.93 -6.26
C LEU E 390 -28.05 42.64 -7.37
N SER E 391 -27.63 43.71 -8.05
CA SER E 391 -26.75 43.61 -9.20
C SER E 391 -25.32 43.93 -8.80
N GLY E 392 -24.37 43.50 -9.64
CA GLY E 392 -22.95 43.74 -9.39
C GLY E 392 -22.33 42.81 -8.36
N GLY E 393 -23.08 41.81 -7.94
CA GLY E 393 -22.66 40.98 -6.82
C GLY E 393 -22.04 39.66 -7.24
N ASN E 394 -21.29 39.08 -6.29
CA ASN E 394 -20.96 37.65 -6.26
C ASN E 394 -20.15 37.30 -5.00
N SER E 395 -20.25 36.04 -4.57
CA SER E 395 -19.46 35.54 -3.45
C SER E 395 -18.89 34.16 -3.78
N GLY E 396 -17.93 33.72 -2.96
CA GLY E 396 -17.20 32.46 -3.19
C GLY E 396 -15.71 32.68 -3.28
N THR E 402 -25.17 23.74 -6.42
CA THR E 402 -24.32 22.88 -7.24
C THR E 402 -24.86 21.44 -7.32
N GLY E 403 -25.57 21.13 -8.41
CA GLY E 403 -25.91 19.74 -8.76
C GLY E 403 -27.38 19.34 -8.61
N THR E 404 -28.22 19.76 -9.55
CA THR E 404 -29.65 19.43 -9.54
C THR E 404 -30.01 18.33 -10.55
N THR E 405 -30.85 17.37 -10.14
CA THR E 405 -31.21 16.25 -11.02
C THR E 405 -32.69 16.25 -11.43
N TYR E 406 -32.94 16.01 -12.71
CA TYR E 406 -34.30 15.93 -13.26
C TYR E 406 -34.49 14.59 -13.95
N GLU E 407 -35.42 13.78 -13.45
CA GLU E 407 -35.71 12.48 -14.05
C GLU E 407 -36.23 12.62 -15.47
N ALA E 408 -35.95 11.61 -16.29
CA ALA E 408 -36.41 11.59 -17.68
C ALA E 408 -37.87 11.18 -17.80
N GLU E 409 -38.35 10.43 -16.80
CA GLU E 409 -39.67 9.77 -16.86
C GLU E 409 -40.83 10.62 -16.30
N THR E 410 -40.54 11.40 -15.26
CA THR E 410 -41.53 12.27 -14.61
C THR E 410 -41.18 13.73 -14.79
N GLY E 411 -42.20 14.58 -14.91
CA GLY E 411 -42.00 16.01 -15.09
C GLY E 411 -41.46 16.37 -16.46
N THR E 412 -41.81 15.56 -17.46
CA THR E 412 -41.30 15.72 -18.82
C THR E 412 -42.39 15.44 -19.85
N THR E 413 -42.25 16.01 -21.04
CA THR E 413 -43.18 15.79 -22.14
C THR E 413 -42.53 14.84 -23.14
N LEU E 414 -43.16 13.67 -23.32
CA LEU E 414 -42.62 12.61 -24.17
C LEU E 414 -43.27 12.61 -25.56
N THR E 415 -42.46 12.50 -26.60
CA THR E 415 -42.96 12.44 -27.97
C THR E 415 -42.57 11.08 -28.57
N ASP E 416 -43.54 10.17 -28.64
CA ASP E 416 -43.34 8.81 -29.15
C ASP E 416 -42.20 8.13 -28.41
N ALA E 417 -42.33 8.12 -27.08
CA ALA E 417 -41.37 7.51 -26.18
C ALA E 417 -42.15 7.05 -24.95
N VAL E 418 -41.62 6.09 -24.19
CA VAL E 418 -42.37 5.45 -23.11
C VAL E 418 -41.49 5.18 -21.88
N VAL E 419 -42.10 5.26 -20.71
CA VAL E 419 -41.44 4.93 -19.45
C VAL E 419 -41.34 3.42 -19.28
N GLU E 420 -40.16 2.94 -18.88
CA GLU E 420 -39.93 1.51 -18.64
C GLU E 420 -39.15 1.26 -17.36
N THR E 421 -39.11 0.00 -16.95
CA THR E 421 -38.44 -0.41 -15.71
C THR E 421 -37.82 -1.82 -15.81
N LEU E 422 -37.57 -2.27 -17.03
CA LEU E 422 -37.12 -3.63 -17.27
C LEU E 422 -35.69 -3.82 -16.75
N TYR E 423 -34.79 -2.96 -17.20
CA TYR E 423 -33.40 -2.96 -16.76
C TYR E 423 -33.31 -2.17 -15.45
N PRO E 424 -32.63 -2.73 -14.44
CA PRO E 424 -32.48 -2.02 -13.17
C PRO E 424 -31.27 -1.10 -13.16
N GLY E 425 -31.02 -0.43 -12.03
CA GLY E 425 -29.90 0.49 -11.88
C GLY E 425 -30.26 1.96 -12.04
N TYR E 426 -31.50 2.23 -12.46
CA TYR E 426 -31.95 3.60 -12.72
C TYR E 426 -32.29 4.34 -11.44
N THR E 427 -32.21 5.67 -11.52
CA THR E 427 -32.70 6.56 -10.47
C THR E 427 -34.20 6.78 -10.66
N GLY E 428 -34.89 7.13 -9.58
CA GLY E 428 -36.32 7.48 -9.66
C GLY E 428 -37.26 6.30 -9.95
N SER E 429 -38.31 6.55 -10.73
CA SER E 429 -39.36 5.55 -10.99
C SER E 429 -39.13 4.78 -12.29
N GLY E 430 -38.07 5.11 -13.02
CA GLY E 430 -37.71 4.37 -14.21
C GLY E 430 -36.81 5.13 -15.15
N TYR E 431 -37.04 4.93 -16.45
CA TYR E 431 -36.25 5.56 -17.50
C TYR E 431 -37.06 5.57 -18.78
N VAL E 432 -36.56 6.28 -19.79
CA VAL E 432 -37.33 6.50 -21.00
C VAL E 432 -36.71 5.80 -22.20
N ASN E 433 -37.56 5.17 -23.00
CA ASN E 433 -37.17 4.49 -24.23
C ASN E 433 -37.66 5.30 -25.44
N PHE E 434 -36.74 5.63 -26.35
CA PHE E 434 -37.09 6.29 -27.60
C PHE E 434 -37.63 5.26 -28.58
N ASN E 435 -38.84 5.46 -29.08
CA ASN E 435 -39.53 4.44 -29.89
C ASN E 435 -39.41 4.58 -31.41
N ALA E 436 -38.63 5.53 -31.89
CA ALA E 436 -38.48 5.73 -33.34
C ALA E 436 -37.06 6.09 -33.74
N TYR E 437 -36.63 5.59 -34.91
CA TYR E 437 -35.31 5.89 -35.45
C TYR E 437 -35.11 7.40 -35.61
N THR E 438 -36.17 8.08 -36.04
CA THR E 438 -36.11 9.54 -36.18
C THR E 438 -37.26 10.26 -35.45
N ASN E 439 -36.81 11.22 -34.65
CA ASN E 439 -37.57 12.25 -33.92
C ASN E 439 -38.67 11.91 -32.91
N SER E 440 -38.36 10.93 -32.05
CA SER E 440 -38.99 10.83 -30.75
C SER E 440 -38.24 11.77 -29.82
N ALA E 441 -38.91 12.27 -28.79
CA ALA E 441 -38.29 13.30 -27.97
C ALA E 441 -38.65 13.25 -26.50
N ILE E 442 -37.76 13.83 -25.70
CA ILE E 442 -38.00 14.08 -24.29
C ILE E 442 -37.78 15.57 -24.09
N GLU E 443 -38.72 16.22 -23.40
CA GLU E 443 -38.60 17.64 -23.08
C GLU E 443 -38.74 17.87 -21.59
N TRP E 444 -37.73 18.51 -21.02
CA TRP E 444 -37.78 19.04 -19.68
C TRP E 444 -38.12 20.52 -19.78
N ASN E 445 -39.22 20.98 -19.18
CA ASN E 445 -39.54 22.43 -19.12
C ASN E 445 -39.76 22.95 -17.70
N ALA E 446 -38.94 22.48 -16.78
CA ALA E 446 -38.91 23.01 -15.42
C ALA E 446 -37.48 23.02 -14.90
N ILE E 447 -36.53 23.27 -15.78
CA ILE E 447 -35.13 23.38 -15.37
C ILE E 447 -34.93 24.77 -14.78
N ASN E 448 -34.75 24.80 -13.46
CA ASN E 448 -34.71 26.05 -12.69
C ASN E 448 -33.29 26.34 -12.21
N ASN E 449 -32.80 27.55 -12.50
CA ASN E 449 -31.42 27.93 -12.19
C ASN E 449 -31.35 29.22 -11.37
N MET E 450 -30.30 29.37 -10.57
CA MET E 450 -30.12 30.60 -9.77
C MET E 450 -29.54 31.76 -10.58
N THR E 451 -28.75 31.45 -11.60
CA THR E 451 -28.04 32.46 -12.40
C THR E 451 -28.05 32.14 -13.88
N THR E 452 -27.85 33.17 -14.70
CA THR E 452 -27.57 32.99 -16.10
C THR E 452 -26.07 32.66 -16.27
N GLY E 453 -25.77 31.60 -17.01
CA GLY E 453 -24.38 31.24 -17.26
C GLY E 453 -24.22 29.93 -18.00
N THR E 454 -22.97 29.51 -18.14
CA THR E 454 -22.67 28.20 -18.70
C THR E 454 -23.05 27.12 -17.69
N LYS E 455 -23.77 26.10 -18.17
CA LYS E 455 -24.23 24.98 -17.36
C LYS E 455 -23.72 23.65 -17.91
N ASN E 456 -23.28 22.78 -17.00
CA ASN E 456 -22.96 21.40 -17.37
C ASN E 456 -24.17 20.51 -17.29
N VAL E 457 -24.62 19.99 -18.43
CA VAL E 457 -25.75 19.06 -18.47
C VAL E 457 -25.22 17.63 -18.63
N LYS E 458 -25.47 16.80 -17.62
CA LYS E 458 -24.94 15.44 -17.58
C LYS E 458 -26.06 14.40 -17.73
N PHE E 459 -26.06 13.71 -18.86
CA PHE E 459 -27.07 12.69 -19.15
C PHE E 459 -26.64 11.37 -18.55
N ARG E 460 -27.57 10.69 -17.86
CA ARG E 460 -27.32 9.32 -17.41
C ARG E 460 -28.11 8.38 -18.33
N TYR E 461 -27.42 7.44 -18.96
CA TYR E 461 -28.02 6.66 -20.04
C TYR E 461 -27.40 5.26 -20.22
N ALA E 462 -28.14 4.40 -20.92
CA ALA E 462 -27.65 3.05 -21.22
C ALA E 462 -27.72 2.80 -22.71
N LEU E 463 -26.71 2.13 -23.24
CA LEU E 463 -26.64 1.84 -24.66
C LEU E 463 -25.77 0.61 -24.92
N GLU E 464 -26.37 -0.47 -25.41
CA GLU E 464 -25.67 -1.76 -25.46
C GLU E 464 -24.51 -1.80 -26.46
N SER E 465 -24.77 -1.42 -27.71
CA SER E 465 -23.73 -1.56 -28.76
C SER E 465 -23.49 -0.33 -29.64
N GLY E 466 -24.54 0.35 -30.09
CA GLY E 466 -24.33 1.43 -31.07
C GLY E 466 -23.61 2.69 -30.58
N THR E 467 -23.51 3.66 -31.50
CA THR E 467 -23.39 5.06 -31.14
C THR E 467 -24.62 5.74 -31.73
N ARG E 468 -25.43 6.36 -30.89
CA ARG E 468 -26.71 6.91 -31.31
C ARG E 468 -26.71 8.42 -31.09
N ASN E 469 -27.17 9.14 -32.11
CA ASN E 469 -27.07 10.59 -32.15
C ASN E 469 -28.40 11.26 -31.83
N LEU E 470 -28.34 12.34 -31.04
CA LEU E 470 -29.53 13.12 -30.69
C LEU E 470 -29.28 14.61 -31.03
N ASP E 471 -30.30 15.27 -31.58
CA ASP E 471 -30.29 16.72 -31.61
C ASP E 471 -30.63 17.19 -30.21
N ILE E 472 -30.14 18.37 -29.85
CA ILE E 472 -30.38 18.95 -28.53
C ILE E 472 -30.78 20.42 -28.64
N TYR E 473 -31.97 20.74 -28.16
CA TYR E 473 -32.47 22.10 -28.14
C TYR E 473 -32.47 22.59 -26.71
N VAL E 474 -32.04 23.84 -26.51
CA VAL E 474 -32.21 24.51 -25.22
C VAL E 474 -33.01 25.79 -25.45
N ASN E 475 -34.08 25.95 -24.67
CA ASN E 475 -35.03 27.05 -24.84
C ASN E 475 -35.49 27.29 -26.28
N GLY E 476 -35.73 26.19 -27.00
CA GLY E 476 -36.31 26.26 -28.34
C GLY E 476 -35.30 26.44 -29.45
N THR E 477 -34.05 26.73 -29.09
CA THR E 477 -32.99 26.84 -30.08
C THR E 477 -32.16 25.57 -30.07
N LYS E 478 -31.85 25.09 -31.27
CA LYS E 478 -30.98 23.93 -31.44
C LYS E 478 -29.55 24.34 -31.17
N VAL E 479 -28.97 23.81 -30.11
CA VAL E 479 -27.60 24.14 -29.71
C VAL E 479 -26.57 23.11 -30.19
N LEU E 480 -26.98 21.86 -30.34
CA LEU E 480 -26.08 20.82 -30.86
C LEU E 480 -26.77 19.95 -31.89
N SER E 481 -26.03 19.53 -32.91
CA SER E 481 -26.59 18.77 -34.03
C SER E 481 -25.95 17.39 -34.09
N ASN E 482 -26.78 16.35 -33.95
CA ASN E 482 -26.32 14.95 -33.92
C ASN E 482 -25.20 14.66 -32.91
N GLU E 483 -25.43 15.06 -31.67
CA GLU E 483 -24.48 14.81 -30.59
C GLU E 483 -24.37 13.29 -30.37
N PRO E 484 -23.14 12.74 -30.41
CA PRO E 484 -23.02 11.28 -30.33
C PRO E 484 -23.04 10.74 -28.91
N PHE E 485 -23.92 9.78 -28.67
CA PHE E 485 -23.94 9.04 -27.42
C PHE E 485 -23.28 7.69 -27.65
N THR E 486 -22.26 7.39 -26.84
CA THR E 486 -21.40 6.23 -27.01
C THR E 486 -21.96 5.00 -26.26
N GLU E 487 -21.62 3.80 -26.72
CA GLU E 487 -22.11 2.56 -26.09
C GLU E 487 -21.60 2.41 -24.65
N THR E 488 -22.49 1.95 -23.76
CA THR E 488 -22.10 1.64 -22.39
C THR E 488 -21.86 0.14 -22.20
N GLY E 489 -22.07 -0.65 -23.24
CA GLY E 489 -21.79 -2.08 -23.21
C GLY E 489 -22.94 -2.98 -22.75
N SER E 490 -24.07 -2.39 -22.39
CA SER E 490 -25.23 -3.15 -21.94
C SER E 490 -26.39 -2.24 -21.54
N TRP E 491 -27.62 -2.75 -21.62
CA TRP E 491 -28.81 -1.94 -21.36
C TRP E 491 -29.05 -1.65 -19.88
N SER E 492 -28.26 -2.28 -19.01
CA SER E 492 -28.30 -2.02 -17.58
C SER E 492 -26.98 -1.45 -17.06
N THR E 493 -26.01 -1.20 -17.94
CA THR E 493 -24.84 -0.40 -17.57
C THR E 493 -25.16 1.05 -17.89
N TRP E 494 -25.30 1.84 -16.84
CA TRP E 494 -25.64 3.26 -16.92
C TRP E 494 -24.36 4.09 -16.94
N GLY E 495 -24.16 4.82 -18.04
CA GLY E 495 -23.00 5.68 -18.23
C GLY E 495 -23.38 7.14 -18.23
N GLU E 496 -22.43 8.00 -18.55
CA GLU E 496 -22.58 9.44 -18.35
C GLU E 496 -21.89 10.24 -19.44
N LYS E 497 -22.60 11.24 -19.95
CA LYS E 497 -22.11 12.10 -21.01
C LYS E 497 -22.48 13.54 -20.65
N THR E 498 -21.46 14.40 -20.57
CA THR E 498 -21.64 15.78 -20.15
C THR E 498 -21.54 16.70 -21.35
N ILE E 499 -22.46 17.67 -21.43
CA ILE E 499 -22.37 18.72 -22.43
C ILE E 499 -22.39 20.08 -21.74
N GLN E 500 -21.89 21.08 -22.45
CA GLN E 500 -21.95 22.47 -22.00
C GLN E 500 -22.95 23.23 -22.84
N VAL E 501 -23.88 23.91 -22.17
CA VAL E 501 -24.81 24.83 -22.83
C VAL E 501 -25.00 26.01 -21.90
N ALA E 502 -25.72 27.03 -22.36
CA ALA E 502 -26.01 28.21 -21.53
C ALA E 502 -27.51 28.29 -21.20
N MET E 503 -27.83 28.69 -19.97
CA MET E 503 -29.22 28.87 -19.54
C MET E 503 -29.39 30.18 -18.75
N ASN E 504 -30.64 30.59 -18.61
CA ASN E 504 -31.02 31.79 -17.84
C ASN E 504 -31.42 31.44 -16.41
N SER E 505 -31.53 32.48 -15.59
CA SER E 505 -31.77 32.33 -14.15
C SER E 505 -33.18 31.88 -13.73
N GLY E 506 -34.15 31.93 -14.63
CA GLY E 506 -35.50 31.47 -14.28
C GLY E 506 -35.72 30.01 -14.64
N VAL E 507 -36.87 29.75 -15.24
CA VAL E 507 -37.23 28.44 -15.74
C VAL E 507 -36.63 28.26 -17.14
N ASN E 508 -36.21 27.05 -17.48
CA ASN E 508 -35.70 26.74 -18.83
C ASN E 508 -36.24 25.45 -19.39
N THR E 509 -36.03 25.27 -20.69
CA THR E 509 -36.48 24.09 -21.42
C THR E 509 -35.29 23.42 -22.11
N LEU E 510 -35.30 22.09 -22.10
CA LEU E 510 -34.29 21.29 -22.80
C LEU E 510 -34.98 20.13 -23.49
N ARG E 511 -34.64 19.89 -24.75
CA ARG E 511 -35.32 18.91 -25.56
C ARG E 511 -34.32 18.06 -26.35
N ILE E 512 -34.46 16.74 -26.27
CA ILE E 512 -33.61 15.85 -27.02
C ILE E 512 -34.45 14.98 -27.96
N VAL E 513 -33.99 14.84 -29.19
CA VAL E 513 -34.78 14.27 -30.27
C VAL E 513 -33.91 13.31 -31.08
N THR E 514 -34.47 12.17 -31.49
CA THR E 514 -33.73 11.21 -32.34
C THR E 514 -33.63 11.69 -33.80
N THR E 515 -32.59 11.25 -34.49
CA THR E 515 -32.20 11.81 -35.79
C THR E 515 -31.94 10.79 -36.91
N GLY E 516 -32.37 9.55 -36.69
CA GLY E 516 -32.14 8.46 -37.65
C GLY E 516 -31.23 7.34 -37.14
N THR E 517 -30.90 7.38 -35.86
CA THR E 517 -30.15 6.30 -35.22
C THR E 517 -30.79 5.88 -33.90
N GLU E 518 -32.09 6.15 -33.72
CA GLU E 518 -32.78 6.01 -32.43
C GLU E 518 -32.09 6.85 -31.33
N GLY E 519 -32.51 6.69 -30.07
CA GLY E 519 -31.74 7.17 -28.94
C GLY E 519 -31.32 6.04 -28.01
N PRO E 520 -30.44 6.35 -27.05
CA PRO E 520 -30.18 5.41 -25.96
C PRO E 520 -31.33 5.45 -24.97
N ASN E 521 -31.31 4.57 -23.97
CA ASN E 521 -32.29 4.62 -22.89
C ASN E 521 -31.86 5.67 -21.86
N MET E 522 -32.77 6.57 -21.50
CA MET E 522 -32.38 7.78 -20.76
C MET E 522 -32.93 7.78 -19.36
N ASP E 523 -32.02 7.80 -18.38
CA ASP E 523 -32.44 7.76 -16.99
C ASP E 523 -32.84 9.14 -16.46
N ASN E 524 -31.89 10.07 -16.50
CA ASN E 524 -32.08 11.40 -15.91
C ASN E 524 -31.05 12.40 -16.46
N ILE E 525 -31.22 13.67 -16.09
CA ILE E 525 -30.17 14.67 -16.32
C ILE E 525 -29.79 15.36 -15.02
N THR E 526 -28.56 15.86 -14.99
CA THR E 526 -28.06 16.66 -13.89
C THR E 526 -27.53 17.97 -14.49
N VAL E 527 -28.10 19.09 -14.07
CA VAL E 527 -27.67 20.42 -14.51
C VAL E 527 -26.85 21.07 -13.41
N THR E 528 -25.59 21.40 -13.71
CA THR E 528 -24.68 22.01 -12.73
C THR E 528 -24.02 23.26 -13.30
N ALA E 529 -24.06 24.35 -12.53
CA ALA E 529 -23.45 25.62 -12.97
C ALA E 529 -21.93 25.50 -13.01
N SER E 530 -21.35 26.03 -14.08
CA SER E 530 -19.90 26.12 -14.22
C SER E 530 -19.50 27.55 -13.85
N ALA E 531 -18.52 27.68 -12.97
CA ALA E 531 -18.13 28.98 -12.43
C ALA E 531 -17.29 29.79 -13.43
N LYS E 532 -17.17 31.09 -13.15
CA LYS E 532 -16.22 31.98 -13.83
C LYS E 532 -14.82 31.62 -13.32
N GLY E 533 -13.82 31.40 -14.18
CA GLY E 533 -13.89 31.58 -15.63
C GLY E 533 -14.65 30.51 -16.44
N GLU E 534 -13.99 29.50 -17.04
CA GLU E 534 -12.56 29.45 -17.30
C GLU E 534 -12.33 29.82 -18.77
N ALA F 1 -17.53 6.62 -8.55
CA ALA F 1 -18.50 6.42 -7.43
C ALA F 1 -17.88 6.02 -6.06
N SER F 2 -17.04 4.99 -6.00
CA SER F 2 -16.55 4.26 -7.15
C SER F 2 -16.56 2.79 -6.89
N ASP F 3 -17.38 2.06 -7.64
CA ASP F 3 -17.31 0.61 -7.62
C ASP F 3 -16.06 0.18 -8.40
N ALA F 4 -15.40 -0.88 -7.94
CA ALA F 4 -14.43 -1.53 -8.79
C ALA F 4 -15.20 -2.57 -9.58
N ASN F 5 -15.62 -2.22 -10.79
CA ASN F 5 -16.37 -3.16 -11.62
C ASN F 5 -15.48 -4.19 -12.29
N ILE F 6 -15.69 -5.45 -11.94
CA ILE F 6 -14.91 -6.55 -12.50
C ILE F 6 -15.76 -7.23 -13.58
N ASN F 7 -15.42 -7.02 -14.84
CA ASN F 7 -16.12 -7.65 -15.96
C ASN F 7 -15.39 -8.91 -16.42
N LEU F 8 -15.98 -10.07 -16.10
CA LEU F 8 -15.32 -11.37 -16.25
C LEU F 8 -15.42 -12.00 -17.64
N SER F 9 -16.34 -11.53 -18.45
CA SER F 9 -16.44 -11.99 -19.84
C SER F 9 -15.56 -11.17 -20.80
N SER F 10 -15.07 -10.02 -20.33
CA SER F 10 -14.21 -9.16 -21.15
C SER F 10 -12.73 -9.45 -20.90
N GLU F 11 -12.12 -10.20 -21.81
CA GLU F 11 -10.76 -10.67 -21.64
C GLU F 11 -9.73 -9.78 -22.28
N LYS F 12 -8.58 -9.73 -21.62
CA LYS F 12 -7.46 -8.95 -22.09
C LYS F 12 -6.34 -9.93 -22.40
N GLN F 13 -5.14 -9.67 -21.93
CA GLN F 13 -3.99 -10.45 -22.33
C GLN F 13 -3.84 -11.76 -21.57
N LEU F 14 -3.22 -12.71 -22.25
CA LEU F 14 -2.90 -14.00 -21.69
C LEU F 14 -1.64 -13.88 -20.85
N ILE F 15 -1.74 -14.18 -19.56
CA ILE F 15 -0.61 -14.06 -18.66
C ILE F 15 0.36 -15.21 -18.89
N LYS F 16 1.65 -14.87 -19.02
CA LYS F 16 2.70 -15.88 -19.18
C LYS F 16 3.49 -16.13 -17.90
N GLY F 17 3.68 -15.09 -17.10
CA GLY F 17 4.27 -15.26 -15.78
C GLY F 17 5.15 -14.14 -15.28
N PHE F 18 5.85 -14.44 -14.19
CA PHE F 18 6.56 -13.47 -13.40
C PHE F 18 7.86 -14.09 -12.94
N GLY F 19 8.93 -13.29 -12.87
CA GLY F 19 10.21 -13.80 -12.43
C GLY F 19 11.33 -12.78 -12.47
N GLY F 20 12.54 -13.28 -12.71
CA GLY F 20 13.71 -12.44 -12.74
C GLY F 20 14.87 -13.21 -13.32
N ILE F 21 16.06 -12.61 -13.27
CA ILE F 21 17.23 -13.18 -13.92
C ILE F 21 18.15 -13.81 -12.89
N ASN F 22 18.70 -14.97 -13.27
CA ASN F 22 19.84 -15.61 -12.59
C ASN F 22 21.09 -15.37 -13.43
N HIS F 23 22.17 -14.88 -12.81
CA HIS F 23 23.35 -14.52 -13.57
C HIS F 23 24.65 -15.00 -12.91
N PRO F 24 24.98 -16.29 -13.08
CA PRO F 24 26.18 -16.88 -12.46
C PRO F 24 27.44 -16.05 -12.66
N ALA F 25 27.63 -15.54 -13.87
CA ALA F 25 28.88 -14.90 -14.25
C ALA F 25 29.16 -13.58 -13.55
N TRP F 26 28.13 -12.81 -13.22
CA TRP F 26 28.32 -11.47 -12.68
C TRP F 26 28.07 -11.35 -11.17
N ILE F 27 27.14 -12.17 -10.64
CA ILE F 27 26.79 -12.17 -9.22
C ILE F 27 26.74 -13.56 -8.54
N GLY F 28 26.98 -14.62 -9.30
CA GLY F 28 26.98 -15.98 -8.75
C GLY F 28 25.61 -16.64 -8.75
N ASP F 29 25.61 -17.95 -8.98
CA ASP F 29 24.41 -18.76 -9.12
C ASP F 29 23.58 -18.76 -7.84
N LEU F 30 22.27 -18.94 -8.00
CA LEU F 30 21.39 -19.23 -6.87
C LEU F 30 21.82 -20.56 -6.27
N THR F 31 21.74 -20.66 -4.94
CA THR F 31 21.97 -21.92 -4.22
C THR F 31 20.77 -22.83 -4.45
N ALA F 32 20.88 -24.07 -3.97
CA ALA F 32 19.77 -25.02 -4.06
C ALA F 32 18.52 -24.53 -3.34
N ALA F 33 18.67 -23.94 -2.16
CA ALA F 33 17.51 -23.49 -1.38
C ALA F 33 16.91 -22.17 -1.88
N GLN F 34 17.71 -21.36 -2.56
CA GLN F 34 17.20 -20.13 -3.17
C GLN F 34 16.37 -20.43 -4.41
N ARG F 35 16.77 -21.46 -5.17
CA ARG F 35 15.98 -21.95 -6.29
C ARG F 35 14.57 -22.33 -5.85
N GLU F 36 14.44 -22.92 -4.67
CA GLU F 36 13.12 -23.33 -4.16
C GLU F 36 12.32 -22.14 -3.68
N THR F 37 12.95 -21.25 -2.93
CA THR F 37 12.30 -19.99 -2.54
C THR F 37 11.81 -19.18 -3.75
N ALA F 38 12.55 -19.25 -4.86
CA ALA F 38 12.24 -18.43 -6.03
C ALA F 38 11.16 -19.03 -6.88
N PHE F 39 11.30 -20.32 -7.24
CA PHE F 39 10.45 -20.91 -8.28
C PHE F 39 9.36 -21.85 -7.77
N GLY F 40 9.54 -22.46 -6.61
CA GLY F 40 8.43 -23.17 -5.99
C GLY F 40 7.34 -22.15 -5.70
N ASN F 41 6.08 -22.57 -5.77
CA ASN F 41 5.00 -21.74 -5.24
C ASN F 41 4.85 -22.14 -3.77
N GLY F 42 3.66 -22.02 -3.19
CA GLY F 42 3.50 -22.47 -1.82
C GLY F 42 4.25 -21.63 -0.79
N GLN F 43 4.38 -22.21 0.39
CA GLN F 43 4.68 -21.46 1.60
C GLN F 43 6.08 -20.87 1.63
N ASN F 44 6.15 -19.55 1.81
CA ASN F 44 7.41 -18.84 1.95
C ASN F 44 8.25 -18.85 0.66
N GLN F 45 7.56 -18.98 -0.48
CA GLN F 45 8.20 -18.99 -1.80
C GLN F 45 7.51 -17.94 -2.67
N LEU F 46 8.24 -17.41 -3.64
CA LEU F 46 7.75 -16.31 -4.48
C LEU F 46 6.74 -16.71 -5.56
N GLY F 47 6.87 -17.93 -6.06
CA GLY F 47 5.97 -18.43 -7.10
C GLY F 47 6.33 -17.94 -8.50
N PHE F 48 7.58 -17.53 -8.68
CA PHE F 48 8.07 -17.13 -10.01
C PHE F 48 7.89 -18.29 -10.98
N SER F 49 7.45 -17.95 -12.19
CA SER F 49 7.24 -18.90 -13.29
C SER F 49 8.00 -18.51 -14.57
N ILE F 50 8.91 -17.54 -14.46
CA ILE F 50 9.77 -17.15 -15.59
C ILE F 50 11.17 -16.91 -15.10
N LEU F 51 12.14 -17.57 -15.75
CA LEU F 51 13.55 -17.38 -15.47
C LEU F 51 14.22 -16.83 -16.70
N ARG F 52 14.99 -15.76 -16.52
CA ARG F 52 15.78 -15.21 -17.61
C ARG F 52 17.21 -15.62 -17.36
N ILE F 53 17.92 -16.08 -18.39
CA ILE F 53 19.35 -16.39 -18.27
C ILE F 53 20.19 -15.66 -19.33
N TYR F 54 21.50 -15.65 -19.04
CA TYR F 54 22.52 -15.00 -19.86
C TYR F 54 22.97 -15.91 -21.00
N VAL F 55 23.16 -15.34 -22.20
CA VAL F 55 23.83 -16.01 -23.31
C VAL F 55 25.24 -15.44 -23.43
N ASP F 56 26.21 -16.05 -22.76
CA ASP F 56 27.58 -15.54 -22.74
C ASP F 56 28.12 -15.50 -24.16
N ASP F 57 28.97 -14.51 -24.44
CA ASP F 57 29.69 -14.49 -25.73
C ASP F 57 30.71 -15.64 -25.85
N ASN F 58 31.18 -16.14 -24.70
CA ASN F 58 32.06 -17.31 -24.64
C ASN F 58 31.29 -18.61 -24.37
N ARG F 59 31.11 -19.42 -25.42
CA ARG F 59 30.41 -20.70 -25.32
C ARG F 59 30.98 -21.68 -24.28
N ASN F 60 32.24 -21.52 -23.87
CA ASN F 60 32.83 -22.36 -22.83
C ASN F 60 32.26 -22.13 -21.43
N ASN F 61 31.47 -21.07 -21.26
CA ASN F 61 30.86 -20.74 -19.96
C ASN F 61 29.38 -21.07 -19.91
N TRP F 62 28.84 -21.57 -21.01
CA TRP F 62 27.40 -21.82 -21.10
C TRP F 62 26.92 -22.81 -20.03
N TYR F 63 27.81 -23.74 -19.63
CA TYR F 63 27.51 -24.76 -18.61
C TYR F 63 26.90 -24.18 -17.33
N ARG F 64 27.28 -22.96 -16.99
CA ARG F 64 26.92 -22.33 -15.73
C ARG F 64 25.43 -22.11 -15.54
N GLU F 65 24.67 -22.09 -16.64
CA GLU F 65 23.23 -21.87 -16.58
C GLU F 65 22.42 -23.15 -16.32
N VAL F 66 23.01 -24.32 -16.51
CA VAL F 66 22.25 -25.57 -16.62
C VAL F 66 21.44 -25.93 -15.37
N ALA F 67 22.11 -25.98 -14.23
CA ALA F 67 21.48 -26.42 -12.99
C ALA F 67 20.23 -25.63 -12.66
N THR F 68 20.35 -24.31 -12.59
CA THR F 68 19.23 -23.47 -12.20
C THR F 68 18.09 -23.55 -13.23
N ALA F 69 18.45 -23.53 -14.51
CA ALA F 69 17.45 -23.67 -15.59
C ALA F 69 16.71 -24.99 -15.50
N LYS F 70 17.46 -26.09 -15.35
CA LYS F 70 16.86 -27.43 -15.20
C LYS F 70 15.93 -27.51 -14.00
N ARG F 71 16.35 -26.94 -12.88
CA ARG F 71 15.50 -26.97 -11.70
C ARG F 71 14.22 -26.17 -11.94
N ALA F 72 14.38 -25.01 -12.57
CA ALA F 72 13.26 -24.14 -12.87
C ALA F 72 12.23 -24.84 -13.74
N ILE F 73 12.69 -25.52 -14.81
CA ILE F 73 11.77 -26.27 -15.67
C ILE F 73 11.02 -27.37 -14.91
N GLU F 74 11.67 -28.05 -13.95
CA GLU F 74 10.97 -29.03 -13.11
C GLU F 74 9.80 -28.39 -12.33
N GLN F 75 9.97 -27.13 -11.93
CA GLN F 75 8.94 -26.38 -11.18
C GLN F 75 7.89 -25.69 -12.06
N GLY F 76 7.91 -25.96 -13.36
CA GLY F 76 6.91 -25.42 -14.29
C GLY F 76 7.18 -24.02 -14.80
N ALA F 77 8.44 -23.59 -14.73
CA ALA F 77 8.82 -22.25 -15.19
C ALA F 77 9.27 -22.27 -16.64
N LEU F 78 8.95 -21.18 -17.35
CA LEU F 78 9.46 -20.92 -18.69
C LEU F 78 10.83 -20.28 -18.56
N VAL F 79 11.76 -20.66 -19.44
CA VAL F 79 13.12 -20.12 -19.42
C VAL F 79 13.42 -19.38 -20.72
N PHE F 80 13.90 -18.14 -20.63
CA PHE F 80 14.30 -17.39 -21.83
C PHE F 80 15.69 -16.78 -21.65
N ALA F 81 16.39 -16.59 -22.75
CA ALA F 81 17.79 -16.18 -22.70
C ALA F 81 18.04 -14.88 -23.45
N SER F 82 19.00 -14.09 -22.92
CA SER F 82 19.36 -12.81 -23.49
C SER F 82 20.87 -12.69 -23.67
N PRO F 83 21.31 -12.33 -24.89
CA PRO F 83 22.71 -12.01 -25.14
C PRO F 83 23.01 -10.54 -24.87
N TRP F 84 24.21 -10.25 -24.38
CA TRP F 84 24.70 -8.87 -24.23
C TRP F 84 25.65 -8.51 -25.38
N ASN F 85 26.55 -9.43 -25.72
CA ASN F 85 27.45 -9.24 -26.86
C ASN F 85 27.47 -10.50 -27.71
N PRO F 86 27.78 -10.35 -29.00
CA PRO F 86 28.23 -11.49 -29.80
C PRO F 86 29.68 -11.84 -29.47
N PRO F 87 30.16 -12.98 -29.98
CA PRO F 87 31.57 -13.35 -29.89
C PRO F 87 32.48 -12.24 -30.41
N SER F 88 33.58 -12.01 -29.72
CA SER F 88 34.45 -10.85 -29.97
C SER F 88 35.04 -10.78 -31.39
N ASP F 89 35.09 -11.91 -32.10
CA ASP F 89 35.54 -11.94 -33.50
C ASP F 89 34.43 -11.63 -34.52
N MET F 90 33.20 -11.43 -34.05
CA MET F 90 32.10 -10.99 -34.90
C MET F 90 31.84 -9.52 -34.73
N VAL F 91 32.46 -8.93 -33.71
CA VAL F 91 32.25 -7.53 -33.34
C VAL F 91 33.31 -6.65 -34.01
N GLU F 92 32.95 -5.41 -34.29
CA GLU F 92 33.88 -4.39 -34.75
C GLU F 92 33.54 -3.10 -34.04
N THR F 93 34.54 -2.26 -33.83
CA THR F 93 34.36 -1.03 -33.07
C THR F 93 34.10 0.16 -34.01
N PHE F 94 33.48 1.21 -33.47
CA PHE F 94 33.21 2.44 -34.23
C PHE F 94 32.90 3.60 -33.30
N ASN F 95 33.06 4.82 -33.81
CA ASN F 95 32.70 6.01 -33.05
C ASN F 95 31.26 6.39 -33.32
N ARG F 96 30.55 6.67 -32.23
CA ARG F 96 29.15 6.96 -32.24
C ARG F 96 29.02 8.16 -31.34
N ASN F 97 28.98 9.36 -31.91
CA ASN F 97 28.87 10.60 -31.12
C ASN F 97 30.04 10.84 -30.14
N GLY F 98 31.26 10.55 -30.59
CA GLY F 98 32.45 10.79 -29.78
C GLY F 98 33.00 9.54 -29.13
N ALA F 99 32.16 8.87 -28.35
CA ALA F 99 32.57 7.68 -27.61
C ALA F 99 32.88 6.51 -28.53
N SER F 100 33.73 5.60 -28.06
CA SER F 100 33.97 4.33 -28.75
C SER F 100 32.80 3.39 -28.48
N ALA F 101 32.35 2.68 -29.51
CA ALA F 101 31.18 1.83 -29.42
C ALA F 101 31.35 0.58 -30.27
N LYS F 102 30.66 -0.50 -29.86
CA LYS F 102 30.74 -1.79 -30.55
C LYS F 102 29.46 -2.07 -31.34
N ARG F 103 29.58 -2.83 -32.41
CA ARG F 103 28.43 -3.36 -33.12
C ARG F 103 28.75 -4.72 -33.73
N LEU F 104 27.71 -5.43 -34.15
CA LEU F 104 27.87 -6.67 -34.90
C LEU F 104 28.30 -6.31 -36.31
N LYS F 105 29.29 -7.06 -36.83
CA LYS F 105 29.76 -6.86 -38.21
C LYS F 105 28.70 -7.34 -39.19
N TYR F 106 28.42 -6.51 -40.18
CA TYR F 106 27.31 -6.75 -41.10
C TYR F 106 27.41 -8.10 -41.80
N ASP F 107 28.62 -8.51 -42.13
CA ASP F 107 28.86 -9.78 -42.83
C ASP F 107 28.91 -11.00 -41.88
N LYS F 108 28.65 -10.77 -40.58
CA LYS F 108 28.62 -11.84 -39.57
C LYS F 108 27.21 -12.11 -39.03
N TYR F 109 26.20 -11.45 -39.60
CA TYR F 109 24.83 -11.63 -39.15
C TYR F 109 24.38 -13.10 -39.20
N ALA F 110 24.85 -13.85 -40.20
CA ALA F 110 24.54 -15.28 -40.31
C ALA F 110 25.33 -16.11 -39.29
N ALA F 111 26.54 -15.65 -38.98
CA ALA F 111 27.35 -16.28 -37.96
C ALA F 111 26.69 -16.08 -36.60
N TYR F 112 26.36 -14.84 -36.28
CA TYR F 112 25.68 -14.52 -35.03
C TYR F 112 24.41 -15.36 -34.82
N ALA F 113 23.66 -15.57 -35.90
CA ALA F 113 22.42 -16.37 -35.82
C ALA F 113 22.71 -17.83 -35.45
N GLN F 114 23.80 -18.35 -35.99
CA GLN F 114 24.26 -19.71 -35.69
C GLN F 114 24.70 -19.85 -34.21
N HIS F 115 25.52 -18.91 -33.75
CA HIS F 115 25.94 -18.83 -32.34
C HIS F 115 24.73 -18.93 -31.37
N LEU F 116 23.68 -18.16 -31.65
CA LEU F 116 22.44 -18.24 -30.87
C LEU F 116 21.77 -19.63 -30.99
N ASN F 117 21.73 -20.16 -32.21
CA ASN F 117 21.21 -21.50 -32.45
C ASN F 117 21.98 -22.56 -31.70
N ASP F 118 23.29 -22.37 -31.59
CA ASP F 118 24.13 -23.31 -30.87
C ASP F 118 23.84 -23.28 -29.38
N PHE F 119 23.62 -22.08 -28.82
CA PHE F 119 23.22 -21.95 -27.41
C PHE F 119 21.93 -22.74 -27.17
N VAL F 120 20.96 -22.56 -28.06
CA VAL F 120 19.68 -23.27 -27.94
C VAL F 120 19.90 -24.79 -27.92
N THR F 121 20.70 -25.29 -28.87
CA THR F 121 20.96 -26.74 -28.97
C THR F 121 21.76 -27.25 -27.77
N PHE F 122 22.69 -26.44 -27.28
CA PHE F 122 23.45 -26.79 -26.09
C PHE F 122 22.54 -27.00 -24.88
N MET F 123 21.56 -26.11 -24.74
CA MET F 123 20.62 -26.15 -23.62
C MET F 123 19.63 -27.30 -23.77
N LYS F 124 19.16 -27.52 -25.00
CA LYS F 124 18.26 -28.64 -25.29
C LYS F 124 18.97 -29.95 -24.96
N ASN F 125 20.16 -30.13 -25.53
CA ASN F 125 21.02 -31.27 -25.20
C ASN F 125 21.09 -31.52 -23.70
N ASN F 126 21.11 -30.43 -22.92
CA ASN F 126 21.12 -30.51 -21.45
C ASN F 126 19.75 -30.42 -20.79
N GLY F 127 18.70 -30.89 -21.47
CA GLY F 127 17.37 -30.98 -20.88
C GLY F 127 16.63 -29.67 -20.64
N VAL F 128 17.09 -28.59 -21.26
CA VAL F 128 16.43 -27.28 -21.14
C VAL F 128 16.02 -26.78 -22.51
N ASP F 129 14.72 -26.87 -22.81
CA ASP F 129 14.16 -26.27 -24.01
C ASP F 129 13.75 -24.84 -23.69
N LEU F 130 14.34 -23.87 -24.40
CA LEU F 130 14.10 -22.46 -24.17
C LEU F 130 12.79 -22.04 -24.80
N TYR F 131 11.99 -21.25 -24.08
CA TYR F 131 10.78 -20.68 -24.67
C TYR F 131 11.14 -19.65 -25.74
N ALA F 132 12.21 -18.88 -25.50
CA ALA F 132 12.62 -17.79 -26.37
C ALA F 132 14.09 -17.46 -26.20
N ILE F 133 14.67 -16.91 -27.26
CA ILE F 133 15.99 -16.32 -27.20
C ILE F 133 15.91 -14.92 -27.81
N SER F 134 16.54 -13.97 -27.15
CA SER F 134 16.50 -12.57 -27.55
C SER F 134 17.63 -12.27 -28.51
N VAL F 135 17.38 -11.37 -29.45
CA VAL F 135 18.41 -10.99 -30.41
C VAL F 135 19.50 -10.20 -29.72
N GLN F 136 19.10 -9.34 -28.79
CA GLN F 136 20.02 -8.43 -28.13
C GLN F 136 19.35 -7.69 -26.99
N ASN F 137 20.06 -7.63 -25.87
CA ASN F 137 19.65 -6.87 -24.71
C ASN F 137 20.02 -5.40 -24.89
N GLU F 138 19.02 -4.53 -24.76
CA GLU F 138 19.22 -3.08 -24.81
C GLU F 138 20.16 -2.67 -25.93
N PRO F 139 19.72 -2.91 -27.19
CA PRO F 139 20.51 -2.48 -28.33
C PRO F 139 20.59 -0.95 -28.46
N ASP F 140 19.63 -0.25 -27.84
CA ASP F 140 19.61 1.22 -27.79
C ASP F 140 20.13 1.81 -26.47
N TYR F 141 20.90 1.03 -25.70
CA TYR F 141 21.62 1.58 -24.53
C TYR F 141 22.87 0.74 -24.30
N ALA F 142 23.58 0.46 -25.39
CA ALA F 142 24.66 -0.51 -25.38
C ALA F 142 26.02 0.15 -25.27
N HIS F 143 26.14 1.07 -24.32
CA HIS F 143 27.40 1.74 -24.03
C HIS F 143 28.48 0.70 -23.76
N ASP F 144 28.15 -0.26 -22.90
CA ASP F 144 29.11 -1.24 -22.39
C ASP F 144 28.98 -2.60 -23.05
N TRP F 145 28.11 -2.69 -24.06
CA TRP F 145 27.97 -3.91 -24.86
C TRP F 145 27.78 -3.57 -26.35
N THR F 146 26.96 -4.32 -27.09
CA THR F 146 26.87 -4.20 -28.57
C THR F 146 25.62 -3.43 -29.04
N TRP F 147 25.85 -2.33 -29.76
CA TRP F 147 24.78 -1.46 -30.29
C TRP F 147 24.22 -1.96 -31.60
N TRP F 148 22.91 -1.88 -31.74
CA TRP F 148 22.24 -2.04 -33.03
C TRP F 148 21.35 -0.81 -33.23
N THR F 149 21.42 -0.20 -34.40
CA THR F 149 20.44 0.82 -34.79
C THR F 149 19.15 0.08 -35.15
N PRO F 150 18.02 0.80 -35.20
CA PRO F 150 16.76 0.18 -35.62
C PRO F 150 16.84 -0.58 -36.96
N GLN F 151 17.59 -0.04 -37.93
CA GLN F 151 17.70 -0.67 -39.24
C GLN F 151 18.55 -1.95 -39.19
N GLU F 152 19.59 -1.94 -38.37
CA GLU F 152 20.43 -3.13 -38.15
C GLU F 152 19.62 -4.28 -37.52
N ILE F 153 18.84 -3.96 -36.50
CA ILE F 153 17.87 -4.90 -35.92
C ILE F 153 16.95 -5.49 -37.00
N LEU F 154 16.36 -4.61 -37.81
CA LEU F 154 15.40 -5.00 -38.85
C LEU F 154 16.02 -5.97 -39.84
N ARG F 155 17.18 -5.62 -40.35
CA ARG F 155 17.91 -6.45 -41.31
C ARG F 155 18.08 -7.87 -40.77
N PHE F 156 18.48 -7.96 -39.50
CA PHE F 156 18.63 -9.27 -38.85
C PHE F 156 17.31 -10.01 -38.73
N MET F 157 16.24 -9.30 -38.38
CA MET F 157 14.90 -9.88 -38.26
C MET F 157 14.38 -10.35 -39.63
N LYS F 158 14.63 -9.55 -40.67
CA LYS F 158 14.26 -9.93 -42.03
C LYS F 158 15.01 -11.18 -42.52
N GLU F 159 16.33 -11.16 -42.39
CA GLU F 159 17.22 -12.09 -43.11
C GLU F 159 17.80 -13.26 -42.30
N ASN F 160 17.90 -13.12 -40.98
CA ASN F 160 18.65 -14.08 -40.16
C ASN F 160 17.81 -14.78 -39.09
N ALA F 161 17.02 -14.01 -38.36
CA ALA F 161 15.96 -14.55 -37.52
C ALA F 161 15.08 -15.40 -38.42
N GLY F 162 14.42 -16.41 -37.86
CA GLY F 162 13.65 -17.33 -38.70
C GLY F 162 14.48 -18.48 -39.22
N SER F 163 15.79 -18.28 -39.36
CA SER F 163 16.73 -19.40 -39.41
C SER F 163 16.98 -19.89 -37.97
N ILE F 164 16.45 -19.18 -36.99
CA ILE F 164 16.49 -19.62 -35.60
C ILE F 164 15.35 -20.60 -35.34
N GLN F 165 15.73 -21.86 -35.16
CA GLN F 165 14.80 -22.94 -34.82
C GLN F 165 14.98 -23.32 -33.37
N GLY F 166 14.13 -24.22 -32.88
CA GLY F 166 14.25 -24.76 -31.52
C GLY F 166 13.65 -23.90 -30.43
N THR F 167 13.39 -22.62 -30.75
CA THR F 167 12.83 -21.70 -29.78
C THR F 167 12.26 -20.49 -30.48
N ARG F 168 11.58 -19.64 -29.73
CA ARG F 168 11.04 -18.40 -30.26
C ARG F 168 12.08 -17.28 -30.28
N VAL F 169 11.89 -16.35 -31.21
CA VAL F 169 12.72 -15.17 -31.38
C VAL F 169 12.08 -14.00 -30.64
N MET F 170 12.83 -13.36 -29.75
CA MET F 170 12.38 -12.17 -29.03
C MET F 170 13.20 -10.98 -29.50
N ALA F 171 12.53 -9.82 -29.64
CA ALA F 171 13.19 -8.54 -29.90
C ALA F 171 12.28 -7.36 -29.57
N PRO F 172 12.86 -6.15 -29.36
CA PRO F 172 14.27 -5.76 -29.40
C PRO F 172 14.90 -5.44 -28.03
N GLU F 173 14.19 -5.75 -26.94
CA GLU F 173 14.63 -5.42 -25.57
C GLU F 173 15.24 -4.01 -25.44
N SER F 174 14.52 -3.02 -25.95
CA SER F 174 14.85 -1.62 -25.74
C SER F 174 14.87 -1.33 -24.24
N PHE F 175 15.84 -0.55 -23.78
CA PHE F 175 15.94 -0.21 -22.36
C PHE F 175 14.76 0.59 -21.80
N GLN F 176 14.01 1.26 -22.69
CA GLN F 176 12.92 2.15 -22.25
C GLN F 176 11.63 1.97 -23.07
N TYR F 177 11.51 0.83 -23.75
CA TYR F 177 10.32 0.54 -24.55
C TYR F 177 10.14 1.60 -25.66
N LEU F 178 11.25 2.00 -26.26
CA LEU F 178 11.22 3.05 -27.27
C LEU F 178 10.69 2.47 -28.56
N LYS F 179 9.63 3.07 -29.07
CA LYS F 179 8.90 2.51 -30.19
C LYS F 179 9.71 2.59 -31.48
N ASN F 180 10.61 3.56 -31.56
CA ASN F 180 11.42 3.74 -32.77
C ASN F 180 12.23 2.50 -33.18
N ILE F 181 12.64 1.70 -32.21
CA ILE F 181 13.46 0.51 -32.51
C ILE F 181 12.63 -0.77 -32.75
N SER F 182 11.34 -0.71 -32.39
CA SER F 182 10.41 -1.82 -32.70
C SER F 182 9.44 -1.55 -33.87
N ASP F 183 9.13 -0.28 -34.16
CA ASP F 183 8.23 0.06 -35.28
C ASP F 183 8.64 -0.59 -36.61
N PRO F 184 9.92 -0.52 -36.98
CA PRO F 184 10.32 -1.09 -38.28
C PRO F 184 10.02 -2.58 -38.43
N ILE F 185 10.12 -3.34 -37.34
CA ILE F 185 9.77 -4.77 -37.36
C ILE F 185 8.27 -4.95 -37.61
N LEU F 186 7.47 -4.18 -36.89
CA LEU F 186 6.01 -4.24 -37.01
C LEU F 186 5.50 -3.79 -38.39
N ASN F 187 6.17 -2.81 -38.98
CA ASN F 187 5.77 -2.25 -40.27
C ASN F 187 6.24 -3.06 -41.48
N ASP F 188 7.23 -3.94 -41.27
CA ASP F 188 7.70 -4.84 -42.31
C ASP F 188 7.09 -6.23 -42.09
N PRO F 189 6.22 -6.69 -43.00
CA PRO F 189 5.53 -7.99 -42.86
C PRO F 189 6.45 -9.22 -42.85
N GLN F 190 7.60 -9.12 -43.49
CA GLN F 190 8.61 -10.19 -43.49
C GLN F 190 9.27 -10.29 -42.10
N ALA F 191 9.78 -9.16 -41.61
CA ALA F 191 10.43 -9.12 -40.30
C ALA F 191 9.49 -9.64 -39.22
N LEU F 192 8.26 -9.11 -39.22
CA LEU F 192 7.24 -9.44 -38.22
C LEU F 192 6.95 -10.94 -38.08
N ALA F 193 6.93 -11.64 -39.22
CA ALA F 193 6.60 -13.07 -39.26
C ALA F 193 7.70 -13.97 -38.67
N ASN F 194 8.90 -13.43 -38.49
CA ASN F 194 10.02 -14.13 -37.86
C ASN F 194 10.13 -13.84 -36.36
N MET F 195 9.64 -12.68 -35.94
CA MET F 195 9.50 -12.37 -34.52
C MET F 195 8.32 -13.14 -33.92
N ASP F 196 8.49 -13.63 -32.70
CA ASP F 196 7.41 -14.27 -31.95
C ASP F 196 7.00 -13.45 -30.71
N ILE F 197 7.99 -13.01 -29.95
CA ILE F 197 7.77 -12.23 -28.73
C ILE F 197 8.42 -10.86 -28.84
N LEU F 198 7.62 -9.80 -28.63
CA LEU F 198 8.14 -8.45 -28.47
C LEU F 198 8.50 -8.23 -27.01
N GLY F 199 9.81 -8.16 -26.74
CA GLY F 199 10.33 -7.94 -25.39
C GLY F 199 10.78 -6.51 -25.21
N ALA F 200 10.49 -5.94 -24.05
CA ALA F 200 10.88 -4.56 -23.73
C ALA F 200 11.29 -4.40 -22.26
N HIS F 201 12.21 -3.48 -21.99
CA HIS F 201 12.55 -3.04 -20.63
C HIS F 201 11.82 -1.73 -20.36
N THR F 202 11.76 -1.31 -19.10
CA THR F 202 11.00 -0.12 -18.76
C THR F 202 11.74 0.88 -17.86
N TYR F 203 13.05 1.01 -18.07
CA TYR F 203 13.86 1.95 -17.30
C TYR F 203 13.57 3.38 -17.76
N GLY F 204 12.91 4.13 -16.89
CA GLY F 204 12.51 5.51 -17.17
C GLY F 204 11.25 5.65 -18.03
N THR F 205 10.55 4.54 -18.28
CA THR F 205 9.38 4.61 -19.15
C THR F 205 8.20 5.24 -18.42
N GLN F 206 7.71 6.37 -18.94
CA GLN F 206 6.57 7.05 -18.35
C GLN F 206 5.27 6.30 -18.66
N ILE F 207 4.28 6.49 -17.80
CA ILE F 207 3.01 5.76 -17.87
C ILE F 207 2.36 5.87 -19.25
N LYS F 208 2.40 7.06 -19.84
CA LYS F 208 1.81 7.27 -21.17
C LYS F 208 2.46 6.43 -22.28
N ASP F 209 3.69 5.99 -22.07
CA ASP F 209 4.42 5.23 -23.07
C ASP F 209 4.35 3.71 -22.89
N PHE F 210 3.52 3.26 -21.96
CA PHE F 210 3.22 1.84 -21.80
C PHE F 210 2.30 1.33 -22.91
N ALA F 211 1.38 2.18 -23.39
CA ALA F 211 0.50 1.83 -24.51
C ALA F 211 1.28 1.81 -25.81
N TYR F 212 0.86 0.93 -26.72
CA TYR F 212 1.55 0.78 -27.99
C TYR F 212 0.58 0.47 -29.14
N PRO F 213 -0.13 1.49 -29.64
CA PRO F 213 -1.20 1.34 -30.64
C PRO F 213 -0.80 0.52 -31.87
N LEU F 214 0.42 0.70 -32.35
CA LEU F 214 0.88 -0.02 -33.53
C LEU F 214 0.92 -1.53 -33.27
N PHE F 215 1.32 -1.92 -32.06
CA PHE F 215 1.35 -3.33 -31.69
C PHE F 215 -0.07 -3.91 -31.63
N LYS F 216 -1.04 -3.10 -31.19
CA LYS F 216 -2.45 -3.53 -31.21
C LYS F 216 -2.87 -3.77 -32.67
N GLN F 217 -2.71 -2.71 -33.46
CA GLN F 217 -2.89 -2.74 -34.92
C GLN F 217 -2.36 -4.04 -35.56
N LYS F 218 -1.06 -4.32 -35.38
CA LYS F 218 -0.35 -5.29 -36.22
C LYS F 218 0.21 -6.54 -35.50
N GLY F 219 0.03 -6.63 -34.18
CA GLY F 219 0.71 -7.66 -33.39
C GLY F 219 -0.11 -8.86 -32.99
N ALA F 220 -1.21 -9.11 -33.69
CA ALA F 220 -2.02 -10.30 -33.44
C ALA F 220 -1.12 -11.54 -33.57
N GLY F 221 -1.21 -12.44 -32.59
CA GLY F 221 -0.46 -13.69 -32.62
C GLY F 221 0.97 -13.58 -32.09
N LYS F 222 1.36 -12.38 -31.66
CA LYS F 222 2.69 -12.14 -31.09
C LYS F 222 2.51 -11.94 -29.60
N GLU F 223 3.51 -12.35 -28.82
CA GLU F 223 3.47 -12.11 -27.37
C GLU F 223 4.12 -10.77 -27.05
N LEU F 224 3.81 -10.23 -25.87
CA LEU F 224 4.38 -8.97 -25.39
C LEU F 224 4.90 -9.13 -23.96
N TRP F 225 6.22 -9.04 -23.80
CA TRP F 225 6.89 -9.27 -22.53
C TRP F 225 7.70 -8.07 -22.02
N MET F 226 7.56 -7.79 -20.73
CA MET F 226 8.40 -6.83 -20.03
C MET F 226 9.55 -7.62 -19.39
N THR F 227 10.72 -7.59 -20.02
CA THR F 227 11.79 -8.56 -19.75
C THR F 227 12.89 -8.15 -18.75
N GLU F 228 12.95 -6.87 -18.39
CA GLU F 228 13.87 -6.43 -17.33
C GLU F 228 13.48 -5.09 -16.75
N VAL F 229 13.50 -5.01 -15.43
CA VAL F 229 13.41 -3.75 -14.71
C VAL F 229 13.73 -3.98 -13.24
N TYR F 230 14.06 -2.90 -12.55
CA TYR F 230 13.97 -2.86 -11.11
C TYR F 230 13.46 -1.47 -10.75
N VAL F 231 12.76 -1.39 -9.65
CA VAL F 231 11.99 -0.21 -9.31
C VAL F 231 11.96 -0.13 -7.79
N PRO F 232 11.98 1.10 -7.24
CA PRO F 232 12.17 2.40 -7.91
C PRO F 232 13.63 2.84 -7.98
N ASN F 233 14.54 2.03 -7.46
CA ASN F 233 15.97 2.36 -7.44
C ASN F 233 16.79 1.15 -7.08
N SER F 234 18.11 1.28 -7.15
CA SER F 234 19.06 0.24 -6.77
C SER F 234 19.87 0.65 -5.54
N ASP F 235 19.24 1.41 -4.64
CA ASP F 235 19.90 1.87 -3.42
C ASP F 235 20.31 0.68 -2.56
N ASN F 236 21.30 0.88 -1.70
CA ASN F 236 21.76 -0.16 -0.78
C ASN F 236 20.73 -0.49 0.29
N ASN F 237 20.66 -1.77 0.66
CA ASN F 237 19.79 -2.25 1.75
C ASN F 237 18.36 -1.72 1.71
N SER F 238 17.85 -1.57 0.49
CA SER F 238 16.59 -0.87 0.26
C SER F 238 15.39 -1.79 0.06
N ALA F 239 15.64 -3.09 -0.09
CA ALA F 239 14.59 -4.04 -0.47
C ALA F 239 13.47 -4.18 0.57
N ASP F 240 13.80 -3.96 1.84
CA ASP F 240 12.79 -4.05 2.92
C ASP F 240 12.14 -2.71 3.32
N ARG F 241 12.54 -1.61 2.69
CA ARG F 241 12.00 -0.28 3.01
C ARG F 241 10.54 -0.12 2.61
N TRP F 242 9.69 0.18 3.59
CA TRP F 242 8.30 0.56 3.33
C TRP F 242 8.20 2.06 3.60
N PRO F 243 7.31 2.77 2.87
CA PRO F 243 6.42 2.37 1.78
C PRO F 243 7.05 2.43 0.37
N GLU F 244 8.37 2.55 0.30
CA GLU F 244 9.10 2.58 -0.97
C GLU F 244 8.91 1.29 -1.80
N ALA F 245 8.76 0.16 -1.13
CA ALA F 245 8.55 -1.14 -1.79
C ALA F 245 7.20 -1.25 -2.50
N LEU F 246 6.22 -0.47 -2.06
CA LEU F 246 4.89 -0.48 -2.66
C LEU F 246 4.88 -0.02 -4.13
N ASP F 247 5.92 0.71 -4.54
CA ASP F 247 6.09 1.11 -5.95
C ASP F 247 6.21 -0.08 -6.91
N VAL F 248 6.62 -1.24 -6.38
CA VAL F 248 6.80 -2.43 -7.20
C VAL F 248 5.46 -2.92 -7.75
N SER F 249 4.50 -3.15 -6.86
CA SER F 249 3.16 -3.61 -7.27
C SER F 249 2.46 -2.58 -8.16
N TYR F 250 2.69 -1.29 -7.90
CA TYR F 250 2.11 -0.22 -8.72
C TYR F 250 2.66 -0.30 -10.14
N HIS F 251 3.97 -0.46 -10.25
CA HIS F 251 4.61 -0.60 -11.56
C HIS F 251 4.12 -1.84 -12.31
N MET F 252 3.95 -2.92 -11.57
CA MET F 252 3.37 -4.15 -12.11
C MET F 252 1.94 -3.90 -12.55
N HIS F 253 1.18 -3.20 -11.72
CA HIS F 253 -0.20 -2.84 -12.07
C HIS F 253 -0.21 -2.08 -13.38
N ASN F 254 0.75 -1.18 -13.54
CA ASN F 254 0.85 -0.39 -14.77
C ASN F 254 1.26 -1.23 -15.97
N ALA F 255 2.21 -2.14 -15.79
CA ALA F 255 2.57 -3.06 -16.87
C ALA F 255 1.36 -3.88 -17.33
N MET F 256 0.64 -4.47 -16.37
CA MET F 256 -0.52 -5.31 -16.69
C MET F 256 -1.67 -4.54 -17.36
N VAL F 257 -2.00 -3.36 -16.81
CA VAL F 257 -3.20 -2.62 -17.19
C VAL F 257 -2.93 -1.54 -18.25
N GLU F 258 -1.88 -0.75 -18.05
CA GLU F 258 -1.53 0.32 -19.00
C GLU F 258 -0.71 -0.21 -20.17
N GLY F 259 -0.02 -1.34 -19.94
CA GLY F 259 0.87 -1.91 -20.94
C GLY F 259 0.34 -3.13 -21.66
N ASP F 260 -0.61 -3.84 -21.04
CA ASP F 260 -1.14 -5.11 -21.55
C ASP F 260 -0.06 -6.19 -21.64
N PHE F 261 0.94 -6.09 -20.77
CA PHE F 261 2.08 -7.00 -20.79
C PHE F 261 1.70 -8.40 -20.28
N GLN F 262 2.18 -9.41 -20.99
CA GLN F 262 1.89 -10.81 -20.69
C GLN F 262 2.89 -11.40 -19.69
N ALA F 263 4.02 -10.72 -19.53
CA ALA F 263 5.06 -11.17 -18.60
C ALA F 263 5.69 -9.97 -17.92
N TYR F 264 6.11 -10.15 -16.67
CA TYR F 264 6.83 -9.14 -15.91
C TYR F 264 8.05 -9.77 -15.24
N VAL F 265 9.24 -9.40 -15.73
CA VAL F 265 10.49 -10.03 -15.30
C VAL F 265 11.49 -9.04 -14.71
N TRP F 266 11.91 -9.33 -13.49
CA TRP F 266 12.83 -8.49 -12.74
C TRP F 266 14.27 -8.69 -13.19
N TRP F 267 15.11 -7.74 -12.81
CA TRP F 267 16.56 -7.86 -12.88
C TRP F 267 17.01 -8.90 -11.82
N TYR F 268 18.18 -8.77 -11.21
CA TYR F 268 18.72 -9.84 -10.35
C TYR F 268 17.68 -10.29 -9.35
N ILE F 269 17.44 -11.61 -9.31
CA ILE F 269 16.51 -12.20 -8.34
C ILE F 269 17.03 -11.99 -6.92
N ARG F 270 18.30 -12.33 -6.70
CA ARG F 270 18.93 -12.21 -5.40
C ARG F 270 19.78 -10.94 -5.37
N ARG F 271 19.34 -9.98 -4.56
CA ARG F 271 20.10 -8.74 -4.40
C ARG F 271 19.58 -7.92 -3.23
N GLN F 272 20.44 -7.06 -2.69
CA GLN F 272 20.05 -6.16 -1.60
C GLN F 272 19.00 -5.12 -1.99
N TYR F 273 18.66 -5.04 -3.27
CA TYR F 273 17.53 -4.23 -3.73
C TYR F 273 16.53 -5.06 -4.55
N GLY F 274 16.61 -6.39 -4.41
CA GLY F 274 15.82 -7.30 -5.23
C GLY F 274 14.70 -7.93 -4.42
N PRO F 275 13.99 -8.89 -5.03
CA PRO F 275 12.90 -9.60 -4.35
C PRO F 275 13.41 -10.66 -3.35
N MET F 276 14.67 -11.05 -3.47
CA MET F 276 15.30 -11.96 -2.53
C MET F 276 16.57 -11.30 -2.04
N LYS F 277 16.79 -11.37 -0.73
CA LYS F 277 17.95 -10.72 -0.11
C LYS F 277 19.11 -11.70 -0.12
N GLU F 278 20.29 -11.20 0.26
CA GLU F 278 21.49 -12.03 0.26
C GLU F 278 21.41 -13.18 1.27
N ASP F 279 20.55 -13.06 2.28
CA ASP F 279 20.32 -14.16 3.23
C ASP F 279 19.24 -15.15 2.77
N GLY F 280 18.72 -14.94 1.57
CA GLY F 280 17.82 -15.89 0.96
C GLY F 280 16.37 -15.85 1.43
N THR F 281 15.97 -14.76 2.08
CA THR F 281 14.55 -14.57 2.46
C THR F 281 13.85 -13.60 1.51
N ILE F 282 12.54 -13.70 1.48
CA ILE F 282 11.72 -12.84 0.63
C ILE F 282 11.66 -11.43 1.22
N SER F 283 12.11 -10.47 0.43
CA SER F 283 12.07 -9.05 0.78
C SER F 283 10.67 -8.44 0.63
N LYS F 284 10.49 -7.21 1.11
CA LYS F 284 9.21 -6.48 0.94
C LYS F 284 8.93 -6.18 -0.52
N ARG F 285 9.98 -5.92 -1.29
CA ARG F 285 9.84 -5.77 -2.73
C ARG F 285 9.38 -7.10 -3.32
N GLY F 286 9.93 -8.19 -2.79
CA GLY F 286 9.57 -9.53 -3.21
C GLY F 286 8.14 -9.91 -2.88
N TYR F 287 7.65 -9.48 -1.72
CA TYR F 287 6.26 -9.73 -1.36
C TYR F 287 5.31 -8.96 -2.27
N ASN F 288 5.68 -7.72 -2.61
CA ASN F 288 4.90 -6.96 -3.59
C ASN F 288 4.79 -7.69 -4.92
N MET F 289 5.90 -8.28 -5.37
CA MET F 289 5.89 -9.13 -6.57
C MET F 289 4.95 -10.32 -6.34
N ALA F 290 5.10 -11.00 -5.22
CA ALA F 290 4.30 -12.19 -4.88
C ALA F 290 2.79 -12.05 -5.02
N HIS F 291 2.26 -10.84 -4.81
CA HIS F 291 0.81 -10.61 -4.95
C HIS F 291 0.24 -10.93 -6.33
N PHE F 292 1.09 -10.84 -7.36
CA PHE F 292 0.72 -11.27 -8.70
C PHE F 292 1.14 -12.71 -8.93
N SER F 293 2.40 -13.03 -8.68
CA SER F 293 3.01 -14.27 -9.14
C SER F 293 2.56 -15.51 -8.39
N LYS F 294 2.32 -15.38 -7.08
CA LYS F 294 1.80 -16.49 -6.28
C LYS F 294 0.36 -16.86 -6.60
N PHE F 295 -0.38 -15.92 -7.19
CA PHE F 295 -1.82 -16.08 -7.44
C PHE F 295 -2.22 -16.10 -8.93
N VAL F 296 -1.65 -15.17 -9.72
CA VAL F 296 -1.94 -15.07 -11.17
C VAL F 296 -0.99 -15.98 -11.97
N ARG F 297 -1.42 -17.23 -12.17
CA ARG F 297 -0.53 -18.26 -12.74
C ARG F 297 -0.47 -18.21 -14.27
N PRO F 298 0.54 -18.86 -14.86
CA PRO F 298 0.57 -19.01 -16.32
C PRO F 298 -0.73 -19.65 -16.82
N GLY F 299 -1.33 -19.08 -17.87
CA GLY F 299 -2.61 -19.56 -18.39
C GLY F 299 -3.79 -18.68 -18.02
N TYR F 300 -3.66 -17.93 -16.92
CA TYR F 300 -4.70 -16.96 -16.53
C TYR F 300 -4.79 -15.84 -17.56
N VAL F 301 -5.99 -15.27 -17.71
CA VAL F 301 -6.16 -14.07 -18.52
C VAL F 301 -6.48 -12.90 -17.61
N ARG F 302 -6.05 -11.70 -18.02
CA ARG F 302 -6.52 -10.48 -17.39
C ARG F 302 -7.92 -10.17 -17.90
N VAL F 303 -8.77 -9.71 -17.01
CA VAL F 303 -10.14 -9.36 -17.37
C VAL F 303 -10.31 -7.87 -17.14
N ASP F 304 -11.29 -7.27 -17.80
CA ASP F 304 -11.47 -5.84 -17.75
C ASP F 304 -11.99 -5.43 -16.36
N ALA F 305 -11.29 -4.52 -15.70
CA ALA F 305 -11.72 -3.98 -14.42
C ALA F 305 -11.42 -2.48 -14.27
N THR F 306 -12.22 -1.80 -13.45
CA THR F 306 -11.99 -0.38 -13.12
C THR F 306 -10.63 -0.20 -12.46
N LYS F 307 -9.72 0.49 -13.15
CA LYS F 307 -8.31 0.54 -12.75
C LYS F 307 -7.98 1.54 -11.65
N ASN F 308 -8.74 2.63 -11.57
CA ASN F 308 -8.48 3.70 -10.60
C ASN F 308 -9.81 4.17 -10.01
N PRO F 309 -10.41 3.36 -9.11
CA PRO F 309 -11.74 3.68 -8.57
C PRO F 309 -11.75 4.88 -7.60
N ASP F 310 -10.81 4.91 -6.66
CA ASP F 310 -10.64 6.08 -5.79
C ASP F 310 -9.30 6.75 -6.14
N THR F 311 -9.00 7.88 -5.51
CA THR F 311 -7.85 8.71 -5.88
C THR F 311 -6.49 7.99 -5.78
N ASN F 312 -6.27 7.23 -4.70
CA ASN F 312 -4.99 6.51 -4.52
C ASN F 312 -5.16 4.99 -4.54
N THR F 313 -6.24 4.50 -5.14
CA THR F 313 -6.50 3.07 -5.20
C THR F 313 -6.47 2.56 -6.64
N TYR F 314 -5.71 1.48 -6.85
CA TYR F 314 -5.51 0.92 -8.19
C TYR F 314 -5.92 -0.54 -8.22
N VAL F 315 -6.57 -0.96 -9.30
CA VAL F 315 -7.15 -2.31 -9.36
C VAL F 315 -6.90 -2.99 -10.71
N SER F 316 -6.37 -4.21 -10.66
CA SER F 316 -6.36 -5.10 -11.82
C SER F 316 -7.01 -6.42 -11.43
N ALA F 317 -7.45 -7.19 -12.42
CA ALA F 317 -8.15 -8.44 -12.17
C ALA F 317 -7.88 -9.48 -13.26
N TYR F 318 -7.87 -10.75 -12.86
CA TYR F 318 -7.48 -11.88 -13.71
C TYR F 318 -8.37 -13.08 -13.45
N LYS F 319 -8.51 -13.93 -14.46
CA LYS F 319 -9.41 -15.07 -14.41
C LYS F 319 -8.72 -16.31 -15.00
N GLY F 320 -8.78 -17.42 -14.27
CA GLY F 320 -8.25 -18.71 -14.72
C GLY F 320 -8.46 -19.79 -13.68
N ASP F 321 -8.40 -21.05 -14.10
CA ASP F 321 -8.60 -22.19 -13.18
C ASP F 321 -9.92 -22.04 -12.38
N ASN F 322 -10.96 -21.53 -13.05
CA ASN F 322 -12.26 -21.27 -12.43
C ASN F 322 -12.21 -20.29 -11.24
N LYS F 323 -11.27 -19.35 -11.25
CA LYS F 323 -11.17 -18.33 -10.19
C LYS F 323 -11.11 -16.91 -10.76
N VAL F 324 -11.53 -15.95 -9.94
CA VAL F 324 -11.20 -14.54 -10.16
C VAL F 324 -10.05 -14.21 -9.22
N VAL F 325 -9.15 -13.36 -9.68
CA VAL F 325 -8.11 -12.78 -8.84
C VAL F 325 -8.14 -11.28 -9.07
N ILE F 326 -8.12 -10.52 -7.97
CA ILE F 326 -8.12 -9.05 -8.01
C ILE F 326 -6.96 -8.57 -7.15
N VAL F 327 -6.15 -7.66 -7.68
CA VAL F 327 -5.05 -7.06 -6.92
C VAL F 327 -5.36 -5.60 -6.62
N ALA F 328 -5.32 -5.24 -5.33
CA ALA F 328 -5.73 -3.91 -4.87
C ALA F 328 -4.58 -3.16 -4.20
N ILE F 329 -4.25 -1.98 -4.71
CA ILE F 329 -3.16 -1.20 -4.12
C ILE F 329 -3.72 0.09 -3.60
N ASN F 330 -3.44 0.41 -2.32
CA ASN F 330 -3.82 1.70 -1.75
C ASN F 330 -2.54 2.46 -1.42
N ARG F 331 -2.21 3.45 -2.23
CA ARG F 331 -0.95 4.18 -2.07
C ARG F 331 -1.10 5.39 -1.14
N GLY F 332 -2.31 5.66 -0.67
CA GLY F 332 -2.56 6.80 0.22
C GLY F 332 -2.19 6.53 1.68
N THR F 333 -2.16 7.60 2.48
CA THR F 333 -1.81 7.53 3.90
C THR F 333 -2.98 7.18 4.83
N SER F 334 -4.18 7.05 4.26
CA SER F 334 -5.36 6.68 5.06
C SER F 334 -6.02 5.43 4.51
N ALA F 335 -6.54 4.60 5.43
CA ALA F 335 -7.31 3.43 5.06
C ALA F 335 -8.51 3.85 4.23
N ALA F 336 -9.16 2.87 3.61
CA ALA F 336 -10.20 3.15 2.63
C ALA F 336 -11.06 1.92 2.43
N SER F 337 -12.35 2.16 2.20
CA SER F 337 -13.29 1.09 1.92
C SER F 337 -13.49 1.05 0.41
N GLN F 338 -13.48 -0.17 -0.14
CA GLN F 338 -13.64 -0.39 -1.58
C GLN F 338 -14.66 -1.51 -1.84
N ARG F 339 -15.70 -1.19 -2.62
CA ARG F 339 -16.69 -2.18 -3.04
C ARG F 339 -16.29 -2.77 -4.39
N PHE F 340 -16.36 -4.09 -4.51
CA PHE F 340 -16.05 -4.77 -5.76
C PHE F 340 -17.30 -5.43 -6.32
N VAL F 341 -17.59 -5.17 -7.59
CA VAL F 341 -18.75 -5.77 -8.24
C VAL F 341 -18.29 -6.74 -9.34
N LEU F 342 -18.71 -7.99 -9.20
CA LEU F 342 -18.45 -9.03 -10.20
C LEU F 342 -19.58 -9.07 -11.22
N GLN F 343 -19.23 -8.87 -12.48
CA GLN F 343 -20.20 -8.86 -13.59
C GLN F 343 -19.90 -9.99 -14.57
N ASN F 344 -20.96 -10.55 -15.17
CA ASN F 344 -20.85 -11.65 -16.13
C ASN F 344 -20.11 -12.87 -15.57
N GLY F 345 -20.30 -13.10 -14.28
CA GLY F 345 -19.67 -14.19 -13.56
C GLY F 345 -20.06 -14.06 -12.10
N ASN F 346 -20.07 -15.18 -11.37
CA ASN F 346 -20.64 -15.19 -10.02
C ASN F 346 -19.79 -15.95 -9.01
N ALA F 347 -19.62 -15.36 -7.83
CA ALA F 347 -18.95 -16.02 -6.70
C ALA F 347 -19.80 -15.83 -5.45
N SER F 348 -19.49 -16.62 -4.41
CA SER F 348 -20.21 -16.55 -3.14
C SER F 348 -19.32 -16.17 -1.93
N THR F 349 -18.04 -16.53 -1.96
CA THR F 349 -17.08 -16.09 -0.92
C THR F 349 -15.78 -15.59 -1.54
N VAL F 350 -14.97 -14.91 -0.74
CA VAL F 350 -13.72 -14.32 -1.22
C VAL F 350 -12.65 -14.37 -0.14
N SER F 351 -11.52 -14.99 -0.48
CA SER F 351 -10.34 -15.00 0.40
C SER F 351 -9.51 -13.77 0.09
N SER F 352 -8.53 -13.49 0.94
CA SER F 352 -7.69 -12.31 0.76
C SER F 352 -6.43 -12.33 1.62
N TYR F 353 -5.34 -11.81 1.06
CA TYR F 353 -4.04 -11.77 1.72
C TYR F 353 -3.51 -10.35 1.55
N VAL F 354 -2.87 -9.81 2.59
CA VAL F 354 -2.52 -8.38 2.64
C VAL F 354 -1.07 -8.17 3.07
N THR F 355 -0.42 -7.21 2.42
CA THR F 355 0.96 -6.85 2.73
C THR F 355 1.05 -5.34 2.93
N ASP F 356 1.74 -4.94 4.00
CA ASP F 356 1.96 -3.53 4.31
C ASP F 356 3.22 -3.39 5.17
N SER F 357 3.33 -2.29 5.92
CA SER F 357 4.49 -2.04 6.79
C SER F 357 4.74 -3.14 7.82
N SER F 358 3.67 -3.75 8.34
CA SER F 358 3.78 -4.74 9.43
C SER F 358 3.44 -6.19 9.07
N ARG F 359 2.87 -6.43 7.90
CA ARG F 359 2.49 -7.80 7.49
C ARG F 359 2.97 -8.17 6.09
N ASN F 360 3.03 -9.48 5.83
CA ASN F 360 3.45 -10.04 4.56
C ASN F 360 2.48 -11.15 4.20
N LEU F 361 1.70 -10.96 3.14
CA LEU F 361 0.74 -11.99 2.70
C LEU F 361 0.05 -12.68 3.89
N ALA F 362 -0.64 -11.89 4.70
CA ALA F 362 -1.40 -12.43 5.84
C ALA F 362 -2.84 -12.71 5.43
N SER F 363 -3.31 -13.94 5.68
CA SER F 363 -4.70 -14.31 5.41
C SER F 363 -5.69 -13.47 6.20
N LEU F 364 -6.76 -13.04 5.54
CA LEU F 364 -7.88 -12.36 6.19
C LEU F 364 -9.13 -13.23 6.13
N ALA F 365 -10.08 -12.92 7.00
CA ALA F 365 -11.30 -13.71 7.13
C ALA F 365 -12.11 -13.73 5.83
N PRO F 366 -12.79 -14.85 5.54
CA PRO F 366 -13.57 -14.88 4.30
C PRO F 366 -14.71 -13.86 4.31
N ILE F 367 -14.67 -12.95 3.34
CA ILE F 367 -15.78 -12.03 3.10
C ILE F 367 -16.65 -12.74 2.09
N ASN F 368 -17.95 -12.45 2.10
CA ASN F 368 -18.85 -13.10 1.14
C ASN F 368 -19.62 -12.15 0.24
N VAL F 369 -20.16 -12.73 -0.82
CA VAL F 369 -20.65 -12.01 -1.98
C VAL F 369 -22.14 -12.20 -2.11
N SER F 370 -22.89 -11.10 -2.02
CA SER F 370 -24.33 -11.12 -2.20
C SER F 370 -24.67 -10.29 -3.43
N ASN F 371 -25.46 -10.88 -4.34
CA ASN F 371 -25.74 -10.29 -5.65
C ASN F 371 -24.50 -9.73 -6.35
N GLY F 372 -23.45 -10.55 -6.39
CA GLY F 372 -22.21 -10.21 -7.09
C GLY F 372 -21.55 -8.93 -6.62
N ALA F 373 -21.48 -8.73 -5.31
CA ALA F 373 -20.81 -7.55 -4.75
C ALA F 373 -20.26 -7.83 -3.35
N PHE F 374 -19.08 -7.28 -3.06
CA PHE F 374 -18.47 -7.41 -1.74
C PHE F 374 -17.54 -6.24 -1.44
N THR F 375 -17.52 -5.82 -0.17
CA THR F 375 -16.73 -4.68 0.26
C THR F 375 -15.57 -5.18 1.10
N ALA F 376 -14.49 -4.40 1.15
CA ALA F 376 -13.33 -4.75 1.96
C ALA F 376 -12.49 -3.53 2.29
N GLN F 377 -11.78 -3.61 3.41
CA GLN F 377 -10.94 -2.53 3.91
C GLN F 377 -9.53 -2.67 3.36
N LEU F 378 -9.08 -1.66 2.62
CA LEU F 378 -7.71 -1.64 2.10
C LEU F 378 -6.87 -0.75 3.02
N PRO F 379 -6.00 -1.36 3.85
CA PRO F 379 -5.16 -0.55 4.73
C PRO F 379 -4.33 0.49 3.99
N ALA F 380 -3.97 1.56 4.70
CA ALA F 380 -3.12 2.60 4.15
C ALA F 380 -1.78 2.02 3.71
N GLN F 381 -1.30 2.48 2.54
CA GLN F 381 -0.03 2.04 1.97
C GLN F 381 0.10 0.51 1.96
N SER F 382 -0.86 -0.13 1.28
CA SER F 382 -0.95 -1.58 1.25
C SER F 382 -1.36 -2.11 -0.13
N VAL F 383 -1.16 -3.42 -0.29
CA VAL F 383 -1.65 -4.14 -1.44
C VAL F 383 -2.36 -5.39 -0.93
N THR F 384 -3.55 -5.65 -1.47
CA THR F 384 -4.38 -6.76 -1.06
C THR F 384 -4.69 -7.60 -2.27
N THR F 385 -4.48 -8.92 -2.19
CA THR F 385 -4.89 -9.81 -3.28
C THR F 385 -6.09 -10.64 -2.85
N PHE F 386 -7.14 -10.58 -3.67
CA PHE F 386 -8.37 -11.35 -3.44
C PHE F 386 -8.41 -12.54 -4.38
N VAL F 387 -9.09 -13.60 -3.96
CA VAL F 387 -9.27 -14.82 -4.75
C VAL F 387 -10.64 -15.39 -4.45
N ALA F 388 -11.42 -15.68 -5.48
CA ALA F 388 -12.76 -16.26 -5.30
C ALA F 388 -13.01 -17.34 -6.35
N ASN F 389 -13.82 -18.33 -6.00
CA ASN F 389 -14.19 -19.38 -6.93
C ASN F 389 -15.42 -18.97 -7.74
N LEU F 390 -15.41 -19.31 -9.04
CA LEU F 390 -16.48 -18.92 -9.95
C LEU F 390 -17.47 -20.05 -10.19
N SER F 391 -18.68 -19.67 -10.60
CA SER F 391 -19.74 -20.65 -10.81
C SER F 391 -19.91 -20.98 -12.30
N GLY F 392 -20.49 -22.15 -12.55
CA GLY F 392 -20.84 -22.58 -13.89
C GLY F 392 -19.69 -23.02 -14.79
N GLY F 393 -18.51 -23.23 -14.22
CA GLY F 393 -17.31 -23.57 -15.00
C GLY F 393 -16.68 -24.90 -14.64
N ASN F 394 -15.80 -25.38 -15.52
CA ASN F 394 -14.87 -26.50 -15.23
C ASN F 394 -13.95 -26.89 -16.39
N SER F 395 -12.92 -27.68 -16.05
CA SER F 395 -11.97 -28.27 -17.00
C SER F 395 -11.24 -29.37 -16.22
N GLY F 396 -10.39 -30.15 -16.89
CA GLY F 396 -9.68 -31.24 -16.21
C GLY F 396 -8.70 -32.02 -17.05
N GLY F 397 -7.47 -31.51 -17.15
CA GLY F 397 -6.38 -32.17 -17.88
C GLY F 397 -6.32 -31.77 -19.34
N ASN F 401 -8.83 -37.93 -11.89
CA ASN F 401 -7.49 -37.36 -11.98
C ASN F 401 -7.05 -36.65 -10.70
N THR F 402 -6.73 -37.42 -9.67
CA THR F 402 -6.32 -36.86 -8.37
C THR F 402 -5.80 -37.95 -7.44
N GLY F 403 -5.58 -37.57 -6.19
CA GLY F 403 -5.30 -38.54 -5.16
C GLY F 403 -4.69 -37.91 -3.94
N THR F 404 -5.53 -37.32 -3.10
CA THR F 404 -5.10 -36.85 -1.79
C THR F 404 -5.03 -38.06 -0.85
N THR F 405 -3.89 -38.24 -0.19
CA THR F 405 -3.67 -39.35 0.72
C THR F 405 -3.64 -38.82 2.16
N TYR F 406 -4.50 -39.38 3.01
CA TYR F 406 -4.51 -39.04 4.42
C TYR F 406 -4.07 -40.28 5.17
N GLU F 407 -3.02 -40.15 5.96
CA GLU F 407 -2.51 -41.24 6.77
C GLU F 407 -3.51 -41.56 7.88
N ALA F 408 -3.53 -42.84 8.26
CA ALA F 408 -4.40 -43.31 9.33
C ALA F 408 -3.81 -43.04 10.71
N GLU F 409 -2.50 -42.85 10.77
CA GLU F 409 -1.75 -42.85 12.04
C GLU F 409 -1.64 -41.47 12.67
N THR F 410 -1.48 -40.45 11.83
CA THR F 410 -1.42 -39.05 12.27
C THR F 410 -2.61 -38.30 11.69
N GLY F 411 -3.01 -37.21 12.34
CA GLY F 411 -4.11 -36.37 11.84
C GLY F 411 -5.47 -37.05 11.87
N THR F 412 -5.66 -37.91 12.84
CA THR F 412 -6.90 -38.65 13.05
C THR F 412 -7.13 -38.80 14.55
N THR F 413 -8.39 -38.94 14.97
CA THR F 413 -8.69 -39.33 16.35
C THR F 413 -8.97 -40.83 16.40
N LEU F 414 -8.26 -41.51 17.30
CA LEU F 414 -8.34 -42.96 17.42
C LEU F 414 -9.07 -43.34 18.69
N THR F 415 -10.01 -44.27 18.57
CA THR F 415 -10.73 -44.80 19.73
C THR F 415 -10.30 -46.23 19.90
N ASP F 416 -9.63 -46.52 21.02
CA ASP F 416 -9.24 -47.88 21.36
C ASP F 416 -8.44 -48.50 20.20
N ALA F 417 -7.48 -47.73 19.70
CA ALA F 417 -6.66 -48.13 18.56
C ALA F 417 -5.27 -47.50 18.68
N VAL F 418 -4.26 -48.21 18.20
CA VAL F 418 -2.88 -47.80 18.46
C VAL F 418 -2.07 -47.79 17.17
N VAL F 419 -1.08 -46.90 17.12
CA VAL F 419 -0.14 -46.83 16.01
C VAL F 419 0.90 -47.92 16.19
N GLU F 420 1.25 -48.60 15.11
CA GLU F 420 2.32 -49.60 15.15
C GLU F 420 3.23 -49.52 13.92
N THR F 421 4.41 -50.14 14.02
CA THR F 421 5.41 -50.14 12.95
C THR F 421 6.08 -51.49 12.69
N LEU F 422 5.59 -52.55 13.33
CA LEU F 422 6.26 -53.87 13.25
C LEU F 422 6.39 -54.35 11.81
N TYR F 423 5.28 -54.36 11.10
CA TYR F 423 5.25 -54.88 9.73
C TYR F 423 5.59 -53.78 8.73
N PRO F 424 6.47 -54.06 7.74
CA PRO F 424 6.92 -53.00 6.83
C PRO F 424 6.06 -52.86 5.58
N GLY F 425 6.33 -51.82 4.80
CA GLY F 425 5.61 -51.60 3.54
C GLY F 425 4.52 -50.55 3.64
N TYR F 426 4.30 -50.04 4.84
CA TYR F 426 3.36 -48.95 5.07
C TYR F 426 3.84 -47.66 4.40
N THR F 427 2.93 -46.71 4.24
CA THR F 427 3.27 -45.34 3.87
C THR F 427 3.23 -44.50 5.14
N GLY F 428 3.94 -43.37 5.13
CA GLY F 428 3.99 -42.49 6.31
C GLY F 428 4.73 -43.11 7.48
N SER F 429 4.34 -42.73 8.70
CA SER F 429 5.07 -43.12 9.90
C SER F 429 4.61 -44.42 10.56
N GLY F 430 3.60 -45.07 9.98
CA GLY F 430 3.12 -46.34 10.52
C GLY F 430 1.76 -46.74 9.97
N TYR F 431 1.02 -47.49 10.79
CA TYR F 431 -0.33 -47.93 10.48
C TYR F 431 -1.10 -48.06 11.78
N VAL F 432 -2.38 -48.42 11.71
CA VAL F 432 -3.19 -48.51 12.92
C VAL F 432 -3.72 -49.92 13.16
N ASN F 433 -3.74 -50.30 14.44
CA ASN F 433 -4.22 -51.58 14.90
C ASN F 433 -5.49 -51.35 15.72
N PHE F 434 -6.60 -51.97 15.32
CA PHE F 434 -7.84 -51.92 16.10
C PHE F 434 -7.71 -52.86 17.31
N ASN F 435 -7.83 -52.33 18.53
CA ASN F 435 -7.66 -53.13 19.74
C ASN F 435 -8.89 -53.97 20.03
N ALA F 436 -10.03 -53.29 20.22
CA ALA F 436 -11.28 -53.96 20.57
C ALA F 436 -11.88 -54.70 19.40
N TYR F 437 -12.57 -55.79 19.70
CA TYR F 437 -13.40 -56.47 18.70
C TYR F 437 -14.50 -55.51 18.25
N THR F 438 -15.20 -54.90 19.20
CA THR F 438 -16.56 -54.38 18.93
C THR F 438 -16.80 -52.87 18.77
N ASN F 439 -15.86 -52.00 19.18
CA ASN F 439 -16.05 -50.54 18.99
C ASN F 439 -14.81 -49.62 18.92
N SER F 440 -13.65 -50.15 18.54
CA SER F 440 -12.51 -49.29 18.23
C SER F 440 -12.73 -48.62 16.87
N ALA F 441 -12.19 -47.41 16.71
CA ALA F 441 -12.43 -46.61 15.52
C ALA F 441 -11.27 -45.71 15.13
N ILE F 442 -11.23 -45.36 13.85
CA ILE F 442 -10.37 -44.31 13.31
C ILE F 442 -11.28 -43.26 12.71
N GLU F 443 -11.03 -41.99 13.06
CA GLU F 443 -11.80 -40.88 12.49
C GLU F 443 -10.91 -39.84 11.82
N TRP F 444 -11.10 -39.67 10.52
CA TRP F 444 -10.53 -38.53 9.79
C TRP F 444 -11.55 -37.40 9.90
N ASN F 445 -11.10 -36.20 10.25
CA ASN F 445 -11.97 -35.02 10.25
C ASN F 445 -11.38 -33.79 9.56
N ALA F 446 -10.33 -33.99 8.75
CA ALA F 446 -9.71 -32.91 7.99
C ALA F 446 -9.62 -33.24 6.50
N ILE F 447 -10.55 -34.04 5.98
CA ILE F 447 -10.54 -34.34 4.54
C ILE F 447 -11.28 -33.26 3.76
N ASN F 448 -10.57 -32.72 2.79
CA ASN F 448 -10.88 -31.44 2.19
C ASN F 448 -11.07 -31.60 0.69
N ASN F 449 -12.22 -31.17 0.19
CA ASN F 449 -12.56 -31.35 -1.21
C ASN F 449 -12.78 -30.02 -1.92
N MET F 450 -12.42 -29.95 -3.20
CA MET F 450 -12.71 -28.77 -4.00
C MET F 450 -14.21 -28.69 -4.30
N THR F 451 -14.81 -29.84 -4.60
CA THR F 451 -16.17 -29.90 -5.11
C THR F 451 -17.06 -30.86 -4.31
N THR F 452 -18.36 -30.65 -4.42
CA THR F 452 -19.35 -31.61 -3.92
C THR F 452 -19.57 -32.67 -4.99
N GLY F 453 -19.60 -33.93 -4.58
CA GLY F 453 -19.72 -35.01 -5.54
C GLY F 453 -19.46 -36.38 -4.97
N THR F 454 -19.53 -37.37 -5.84
CA THR F 454 -19.15 -38.72 -5.51
C THR F 454 -17.64 -38.76 -5.41
N LYS F 455 -17.12 -39.33 -4.32
CA LYS F 455 -15.69 -39.54 -4.13
C LYS F 455 -15.41 -41.02 -4.04
N ASN F 456 -14.30 -41.43 -4.64
CA ASN F 456 -13.78 -42.76 -4.44
C ASN F 456 -12.83 -42.75 -3.25
N VAL F 457 -13.11 -43.59 -2.25
CA VAL F 457 -12.23 -43.73 -1.09
C VAL F 457 -11.57 -45.11 -1.17
N LYS F 458 -10.25 -45.11 -1.22
CA LYS F 458 -9.46 -46.32 -1.36
C LYS F 458 -8.70 -46.56 -0.07
N PHE F 459 -8.98 -47.67 0.58
CA PHE F 459 -8.30 -48.06 1.81
C PHE F 459 -7.09 -48.90 1.45
N ARG F 460 -5.96 -48.58 2.06
CA ARG F 460 -4.78 -49.44 1.98
C ARG F 460 -4.64 -50.13 3.33
N TYR F 461 -4.67 -51.47 3.34
CA TYR F 461 -4.74 -52.22 4.58
C TYR F 461 -4.08 -53.58 4.50
N ALA F 462 -3.92 -54.21 5.65
CA ALA F 462 -3.39 -55.57 5.76
C ALA F 462 -4.27 -56.43 6.66
N LEU F 463 -4.48 -57.68 6.27
CA LEU F 463 -5.22 -58.63 7.09
C LEU F 463 -4.70 -60.04 6.83
N GLU F 464 -4.19 -60.69 7.87
CA GLU F 464 -3.60 -62.03 7.73
C GLU F 464 -4.59 -63.02 7.14
N SER F 465 -5.69 -63.30 7.83
CA SER F 465 -6.59 -64.41 7.42
C SER F 465 -8.12 -64.16 7.52
N GLY F 466 -8.58 -63.41 8.51
CA GLY F 466 -10.02 -63.22 8.70
C GLY F 466 -10.72 -62.52 7.54
N THR F 467 -12.03 -62.32 7.71
CA THR F 467 -12.74 -61.32 6.94
C THR F 467 -13.36 -60.40 7.98
N ARG F 468 -12.79 -59.22 8.11
CA ARG F 468 -13.21 -58.30 9.14
C ARG F 468 -14.15 -57.27 8.53
N ASN F 469 -15.18 -56.89 9.30
CA ASN F 469 -16.23 -55.98 8.82
C ASN F 469 -16.21 -54.68 9.59
N LEU F 470 -16.38 -53.56 8.88
CA LEU F 470 -16.43 -52.23 9.51
C LEU F 470 -17.68 -51.41 9.10
N ASP F 471 -18.31 -50.76 10.07
CA ASP F 471 -19.30 -49.70 9.82
C ASP F 471 -18.59 -48.44 9.33
N ILE F 472 -19.11 -47.83 8.28
CA ILE F 472 -18.47 -46.65 7.69
C ILE F 472 -19.43 -45.47 7.64
N TYR F 473 -18.96 -44.34 8.17
CA TYR F 473 -19.73 -43.11 8.29
C TYR F 473 -19.04 -42.00 7.52
N VAL F 474 -19.84 -41.08 6.97
CA VAL F 474 -19.35 -39.88 6.31
C VAL F 474 -20.14 -38.73 6.91
N ASN F 475 -19.42 -37.74 7.46
CA ASN F 475 -20.05 -36.63 8.17
C ASN F 475 -21.10 -37.10 9.19
N GLY F 476 -20.76 -38.14 9.94
CA GLY F 476 -21.65 -38.68 10.97
C GLY F 476 -22.80 -39.58 10.51
N THR F 477 -22.97 -39.74 9.20
CA THR F 477 -24.06 -40.57 8.67
C THR F 477 -23.53 -41.92 8.24
N LYS F 478 -24.24 -42.98 8.62
CA LYS F 478 -23.85 -44.34 8.24
C LYS F 478 -24.18 -44.62 6.77
N VAL F 479 -23.14 -44.78 5.96
CA VAL F 479 -23.29 -44.96 4.51
C VAL F 479 -23.13 -46.42 4.08
N LEU F 480 -22.50 -47.22 4.94
CA LEU F 480 -22.34 -48.66 4.73
C LEU F 480 -22.25 -49.31 6.09
N SER F 481 -22.96 -50.41 6.29
CA SER F 481 -22.89 -51.14 7.56
C SER F 481 -22.24 -52.52 7.33
N ASN F 482 -21.32 -52.88 8.21
CA ASN F 482 -20.57 -54.14 8.11
C ASN F 482 -19.94 -54.39 6.73
N GLU F 483 -19.18 -53.41 6.28
CA GLU F 483 -18.44 -53.51 5.02
C GLU F 483 -17.31 -54.54 5.17
N PRO F 484 -17.19 -55.48 4.21
CA PRO F 484 -16.26 -56.60 4.41
C PRO F 484 -14.85 -56.34 3.91
N PHE F 485 -13.89 -56.42 4.83
CA PHE F 485 -12.47 -56.32 4.49
C PHE F 485 -11.87 -57.72 4.37
N THR F 486 -11.55 -58.10 3.13
CA THR F 486 -11.06 -59.43 2.82
C THR F 486 -9.58 -59.59 3.15
N GLU F 487 -9.21 -60.80 3.54
CA GLU F 487 -7.81 -61.14 3.90
C GLU F 487 -6.84 -60.80 2.78
N THR F 488 -5.71 -60.21 3.15
CA THR F 488 -4.58 -60.03 2.23
C THR F 488 -3.64 -61.24 2.31
N GLY F 489 -3.80 -62.06 3.34
CA GLY F 489 -2.98 -63.27 3.48
C GLY F 489 -1.75 -63.10 4.37
N SER F 490 -1.47 -61.89 4.80
CA SER F 490 -0.29 -61.61 5.65
C SER F 490 -0.33 -60.19 6.19
N TRP F 491 0.15 -60.01 7.42
CA TRP F 491 0.14 -58.69 8.07
C TRP F 491 1.07 -57.69 7.38
N SER F 492 2.02 -58.20 6.59
CA SER F 492 2.94 -57.37 5.81
C SER F 492 2.56 -57.23 4.33
N THR F 493 1.52 -57.93 3.90
CA THR F 493 1.00 -57.78 2.53
C THR F 493 -0.12 -56.74 2.49
N TRP F 494 0.16 -55.60 1.86
CA TRP F 494 -0.77 -54.48 1.77
C TRP F 494 -1.65 -54.55 0.52
N GLY F 495 -2.97 -54.60 0.73
CA GLY F 495 -3.94 -54.66 -0.37
C GLY F 495 -4.72 -53.37 -0.51
N GLU F 496 -5.80 -53.42 -1.30
CA GLU F 496 -6.63 -52.24 -1.54
C GLU F 496 -8.13 -52.57 -1.59
N LYS F 497 -8.91 -51.57 -1.22
CA LYS F 497 -10.37 -51.68 -1.21
C LYS F 497 -10.97 -50.31 -1.44
N THR F 498 -11.69 -50.16 -2.54
CA THR F 498 -12.35 -48.88 -2.87
C THR F 498 -13.86 -48.92 -2.65
N ILE F 499 -14.37 -47.84 -2.06
CA ILE F 499 -15.80 -47.61 -1.92
C ILE F 499 -16.14 -46.24 -2.51
N GLN F 500 -17.41 -46.06 -2.87
CA GLN F 500 -17.89 -44.81 -3.47
C GLN F 500 -18.84 -44.10 -2.51
N VAL F 501 -18.46 -42.89 -2.10
CA VAL F 501 -19.29 -42.11 -1.16
C VAL F 501 -19.50 -40.67 -1.66
N ALA F 502 -20.49 -40.01 -1.09
CA ALA F 502 -20.75 -38.60 -1.39
C ALA F 502 -20.18 -37.67 -0.31
N MET F 503 -19.34 -36.72 -0.73
CA MET F 503 -18.82 -35.68 0.15
C MET F 503 -19.16 -34.27 -0.34
N ASN F 504 -18.99 -33.30 0.56
CA ASN F 504 -19.19 -31.88 0.27
C ASN F 504 -17.87 -31.22 -0.11
N SER F 505 -17.96 -30.02 -0.67
CA SER F 505 -16.76 -29.24 -1.02
C SER F 505 -15.99 -28.75 0.20
N GLY F 506 -16.63 -28.68 1.37
CA GLY F 506 -15.93 -28.16 2.54
C GLY F 506 -15.04 -29.18 3.24
N VAL F 507 -14.91 -29.02 4.55
CA VAL F 507 -14.22 -30.01 5.37
C VAL F 507 -15.21 -31.16 5.64
N ASN F 508 -14.71 -32.39 5.65
CA ASN F 508 -15.53 -33.57 5.85
C ASN F 508 -14.92 -34.50 6.88
N THR F 509 -15.74 -35.40 7.40
CA THR F 509 -15.27 -36.43 8.32
C THR F 509 -15.56 -37.82 7.74
N LEU F 510 -14.67 -38.75 8.03
CA LEU F 510 -14.89 -40.16 7.70
C LEU F 510 -14.51 -40.98 8.93
N ARG F 511 -15.46 -41.78 9.40
CA ARG F 511 -15.27 -42.60 10.57
C ARG F 511 -15.41 -44.06 10.17
N ILE F 512 -14.46 -44.91 10.57
CA ILE F 512 -14.61 -46.35 10.36
C ILE F 512 -14.49 -47.04 11.71
N VAL F 513 -15.37 -48.00 11.96
CA VAL F 513 -15.44 -48.62 13.27
C VAL F 513 -15.72 -50.12 13.19
N THR F 514 -15.21 -50.84 14.18
CA THR F 514 -15.35 -52.30 14.23
C THR F 514 -16.67 -52.71 14.87
N THR F 515 -17.14 -53.90 14.49
CA THR F 515 -18.54 -54.29 14.66
C THR F 515 -18.91 -55.71 15.19
N GLY F 516 -18.17 -56.35 16.09
CA GLY F 516 -16.74 -56.34 16.13
C GLY F 516 -16.25 -57.71 15.73
N THR F 517 -15.79 -57.82 14.49
CA THR F 517 -14.91 -58.92 14.09
C THR F 517 -13.50 -58.36 14.12
N GLU F 518 -13.27 -57.38 14.99
CA GLU F 518 -12.10 -56.50 14.96
C GLU F 518 -11.99 -55.83 13.60
N GLY F 519 -10.98 -55.00 13.40
CA GLY F 519 -10.67 -54.46 12.09
C GLY F 519 -9.29 -54.85 11.61
N PRO F 520 -9.08 -54.76 10.28
CA PRO F 520 -7.75 -54.95 9.73
C PRO F 520 -6.80 -53.83 10.13
N ASN F 521 -5.53 -53.98 9.79
CA ASN F 521 -4.56 -52.95 10.05
C ASN F 521 -4.63 -51.91 8.94
N MET F 522 -4.78 -50.64 9.32
CA MET F 522 -5.12 -49.59 8.37
C MET F 522 -3.96 -48.64 8.16
N ASP F 523 -3.41 -48.66 6.94
CA ASP F 523 -2.28 -47.84 6.60
C ASP F 523 -2.70 -46.41 6.26
N ASN F 524 -3.64 -46.28 5.33
CA ASN F 524 -4.05 -44.98 4.84
C ASN F 524 -5.29 -45.04 3.97
N ILE F 525 -5.78 -43.86 3.60
CA ILE F 525 -6.79 -43.75 2.58
C ILE F 525 -6.37 -42.76 1.48
N THR F 526 -6.88 -43.02 0.28
CA THR F 526 -6.80 -42.08 -0.82
C THR F 526 -8.22 -41.66 -1.19
N VAL F 527 -8.44 -40.37 -1.39
CA VAL F 527 -9.73 -39.85 -1.79
C VAL F 527 -9.64 -39.17 -3.15
N THR F 528 -10.30 -39.73 -4.15
CA THR F 528 -10.28 -39.12 -5.47
C THR F 528 -11.69 -38.77 -5.96
N ALA F 529 -11.81 -37.57 -6.53
CA ALA F 529 -13.07 -37.12 -7.13
C ALA F 529 -13.44 -38.00 -8.32
N SER F 530 -14.69 -38.46 -8.33
CA SER F 530 -15.22 -39.24 -9.44
C SER F 530 -15.82 -38.29 -10.47
N ALA F 531 -15.31 -38.35 -11.70
CA ALA F 531 -15.75 -37.43 -12.76
C ALA F 531 -17.20 -37.68 -13.16
N LYS F 532 -17.87 -36.61 -13.57
CA LYS F 532 -19.20 -36.70 -14.18
C LYS F 532 -19.10 -37.46 -15.49
N GLY F 533 -19.93 -38.50 -15.64
CA GLY F 533 -19.96 -39.26 -16.88
C GLY F 533 -19.33 -40.64 -16.81
N GLU F 534 -18.97 -41.07 -15.60
CA GLU F 534 -18.61 -42.46 -15.32
C GLU F 534 -17.54 -43.02 -16.27
N ALA G 1 77.10 -21.96 29.52
CA ALA G 1 75.76 -21.67 30.11
C ALA G 1 75.61 -22.20 31.54
N SER G 2 75.97 -23.47 31.74
CA SER G 2 75.71 -24.13 33.03
C SER G 2 76.55 -25.39 33.24
N ASP G 3 76.71 -25.78 34.50
CA ASP G 3 77.53 -26.93 34.89
C ASP G 3 76.90 -28.28 34.55
N ALA G 4 77.74 -29.24 34.22
CA ALA G 4 77.30 -30.62 34.02
C ALA G 4 77.63 -31.39 35.29
N ASN G 5 76.63 -31.58 36.16
CA ASN G 5 76.84 -32.36 37.38
C ASN G 5 76.78 -33.85 37.09
N ILE G 6 77.74 -34.61 37.63
CA ILE G 6 77.79 -36.06 37.44
C ILE G 6 77.61 -36.74 38.79
N ASN G 7 76.37 -37.07 39.14
CA ASN G 7 76.12 -37.68 40.45
C ASN G 7 76.39 -39.19 40.46
N LEU G 8 77.57 -39.56 40.95
CA LEU G 8 78.05 -40.93 40.84
C LEU G 8 77.36 -41.93 41.78
N SER G 9 76.71 -41.42 42.83
CA SER G 9 75.95 -42.27 43.76
C SER G 9 74.45 -42.36 43.42
N SER G 10 74.02 -41.68 42.36
CA SER G 10 72.64 -41.78 41.89
C SER G 10 72.58 -42.67 40.67
N GLU G 11 72.37 -43.96 40.89
CA GLU G 11 72.45 -44.98 39.84
C GLU G 11 71.15 -45.08 39.06
N LYS G 12 71.27 -45.39 37.77
CA LYS G 12 70.14 -45.57 36.89
C LYS G 12 70.20 -46.99 36.35
N GLN G 13 70.05 -47.22 35.05
CA GLN G 13 69.86 -48.60 34.57
C GLN G 13 71.17 -49.38 34.49
N LEU G 14 71.05 -50.70 34.60
CA LEU G 14 72.16 -51.61 34.39
C LEU G 14 72.33 -51.83 32.90
N ILE G 15 73.51 -51.48 32.37
CA ILE G 15 73.77 -51.52 30.92
C ILE G 15 74.11 -52.93 30.47
N LYS G 16 73.30 -53.48 29.58
CA LYS G 16 73.57 -54.81 29.02
C LYS G 16 74.52 -54.77 27.84
N GLY G 17 74.45 -53.71 27.03
CA GLY G 17 75.41 -53.53 25.95
C GLY G 17 74.87 -52.94 24.67
N PHE G 18 75.67 -53.06 23.62
CA PHE G 18 75.40 -52.45 22.33
C PHE G 18 75.79 -53.45 21.28
N GLY G 19 75.19 -53.36 20.12
CA GLY G 19 75.52 -54.26 19.04
C GLY G 19 74.64 -54.05 17.82
N GLY G 20 74.33 -55.14 17.13
CA GLY G 20 73.54 -55.07 15.91
C GLY G 20 73.19 -56.48 15.51
N ILE G 21 72.60 -56.60 14.32
CA ILE G 21 72.22 -57.89 13.77
C ILE G 21 73.11 -58.31 12.62
N ASN G 22 73.38 -59.61 12.60
CA ASN G 22 74.03 -60.31 11.53
C ASN G 22 72.92 -61.11 10.85
N HIS G 23 72.79 -61.01 9.53
CA HIS G 23 71.70 -61.67 8.82
C HIS G 23 72.20 -62.39 7.57
N PRO G 24 72.74 -63.62 7.74
CA PRO G 24 73.31 -64.34 6.60
C PRO G 24 72.34 -64.56 5.44
N ALA G 25 71.08 -64.79 5.76
CA ALA G 25 70.05 -65.09 4.74
C ALA G 25 69.74 -63.93 3.80
N TRP G 26 69.78 -62.70 4.29
CA TRP G 26 69.36 -61.56 3.47
C TRP G 26 70.52 -60.74 2.90
N ILE G 27 71.67 -60.78 3.58
CA ILE G 27 72.85 -60.00 3.19
C ILE G 27 74.21 -60.71 3.33
N GLY G 28 74.21 -61.98 3.74
CA GLY G 28 75.45 -62.72 3.88
C GLY G 28 76.10 -62.51 5.22
N ASP G 29 76.82 -63.54 5.66
CA ASP G 29 77.41 -63.62 7.00
C ASP G 29 78.62 -62.68 7.10
N LEU G 30 78.92 -62.22 8.31
CA LEU G 30 80.19 -61.52 8.57
C LEU G 30 81.33 -62.51 8.33
N THR G 31 82.40 -62.03 7.71
CA THR G 31 83.61 -62.83 7.50
C THR G 31 84.32 -62.95 8.83
N ALA G 32 85.34 -63.78 8.89
CA ALA G 32 86.14 -63.98 10.11
C ALA G 32 86.73 -62.69 10.65
N ALA G 33 87.17 -61.82 9.74
CA ALA G 33 87.82 -60.55 10.09
C ALA G 33 86.81 -59.54 10.63
N GLN G 34 85.68 -59.44 9.96
CA GLN G 34 84.58 -58.58 10.38
C GLN G 34 84.00 -58.97 11.76
N ARG G 35 84.04 -60.25 12.12
CA ARG G 35 83.61 -60.67 13.46
C ARG G 35 84.49 -60.03 14.54
N GLU G 36 85.78 -59.86 14.24
CA GLU G 36 86.72 -59.23 15.18
C GLU G 36 86.45 -57.74 15.30
N THR G 37 86.35 -57.04 14.17
CA THR G 37 86.04 -55.62 14.14
C THR G 37 84.71 -55.31 14.84
N ALA G 38 83.75 -56.22 14.73
CA ALA G 38 82.46 -56.02 15.36
C ALA G 38 82.52 -56.29 16.87
N PHE G 39 82.91 -57.50 17.25
CA PHE G 39 82.75 -57.96 18.64
C PHE G 39 84.01 -58.01 19.47
N GLY G 40 85.14 -57.63 18.89
CA GLY G 40 86.33 -57.33 19.65
C GLY G 40 86.21 -55.91 20.19
N ASN G 41 87.01 -55.60 21.20
CA ASN G 41 87.18 -54.24 21.67
C ASN G 41 88.66 -53.95 21.49
N GLY G 42 89.14 -52.80 21.94
CA GLY G 42 90.52 -52.43 21.62
C GLY G 42 90.70 -52.06 20.14
N GLN G 43 91.91 -51.64 19.80
CA GLN G 43 92.18 -50.74 18.67
C GLN G 43 91.45 -51.10 17.39
N ASN G 44 90.72 -50.12 16.84
CA ASN G 44 90.11 -50.23 15.53
C ASN G 44 89.03 -51.32 15.47
N GLN G 45 88.32 -51.50 16.58
CA GLN G 45 87.20 -52.44 16.68
C GLN G 45 86.07 -51.77 17.46
N LEU G 46 84.84 -52.20 17.20
CA LEU G 46 83.65 -51.45 17.65
C LEU G 46 83.28 -51.66 19.12
N GLY G 47 83.65 -52.81 19.68
CA GLY G 47 83.35 -53.12 21.06
C GLY G 47 81.96 -53.65 21.32
N PHE G 48 81.30 -54.20 20.31
CA PHE G 48 79.91 -54.65 20.48
C PHE G 48 79.86 -55.85 21.42
N SER G 49 78.86 -55.84 22.30
CA SER G 49 78.65 -56.90 23.29
C SER G 49 77.29 -57.61 23.14
N ILE G 50 76.47 -57.17 22.18
CA ILE G 50 75.20 -57.84 21.87
C ILE G 50 75.12 -58.17 20.38
N LEU G 51 74.78 -59.42 20.07
CA LEU G 51 74.56 -59.88 18.71
C LEU G 51 73.12 -60.35 18.57
N ARG G 52 72.39 -59.76 17.63
CA ARG G 52 71.07 -60.25 17.31
C ARG G 52 71.15 -61.22 16.13
N ILE G 53 70.32 -62.25 16.15
CA ILE G 53 70.23 -63.21 15.05
C ILE G 53 68.78 -63.54 14.67
N TYR G 54 68.65 -64.17 13.51
CA TYR G 54 67.39 -64.51 12.87
C TYR G 54 66.93 -65.92 13.26
N VAL G 55 65.63 -66.06 13.51
CA VAL G 55 64.98 -67.37 13.62
C VAL G 55 64.20 -67.62 12.34
N ASP G 56 64.83 -68.32 11.40
CA ASP G 56 64.24 -68.66 10.12
C ASP G 56 63.02 -69.55 10.36
N ASP G 57 61.97 -69.34 9.57
CA ASP G 57 60.76 -70.18 9.64
C ASP G 57 61.04 -71.59 9.07
N ASN G 58 62.07 -71.69 8.22
CA ASN G 58 62.60 -72.96 7.73
C ASN G 58 63.80 -73.43 8.57
N ARG G 59 63.55 -74.37 9.48
CA ARG G 59 64.55 -74.92 10.39
C ARG G 59 65.77 -75.61 9.73
N ASN G 60 65.68 -75.89 8.43
CA ASN G 60 66.83 -76.41 7.68
C ASN G 60 67.89 -75.33 7.38
N ASN G 61 67.63 -74.09 7.78
CA ASN G 61 68.55 -72.99 7.55
C ASN G 61 69.14 -72.40 8.82
N TRP G 62 68.82 -73.02 9.95
CA TRP G 62 69.29 -72.52 11.24
C TRP G 62 70.81 -72.64 11.37
N TYR G 63 71.42 -73.59 10.67
CA TYR G 63 72.87 -73.78 10.69
C TYR G 63 73.63 -72.49 10.36
N ARG G 64 73.09 -71.67 9.46
CA ARG G 64 73.81 -70.48 8.98
C ARG G 64 74.14 -69.48 10.07
N GLU G 65 73.47 -69.60 11.22
CA GLU G 65 73.69 -68.70 12.33
C GLU G 65 74.84 -69.11 13.26
N VAL G 66 75.30 -70.35 13.15
CA VAL G 66 76.14 -70.94 14.19
C VAL G 66 77.51 -70.28 14.30
N ALA G 67 78.22 -70.15 13.18
CA ALA G 67 79.61 -69.70 13.20
C ALA G 67 79.80 -68.31 13.83
N THR G 68 79.02 -67.33 13.42
CA THR G 68 79.20 -65.97 13.92
C THR G 68 78.77 -65.84 15.38
N ALA G 69 77.70 -66.55 15.75
CA ALA G 69 77.20 -66.56 17.12
C ALA G 69 78.14 -67.28 18.10
N LYS G 70 78.75 -68.38 17.66
CA LYS G 70 79.76 -69.09 18.45
C LYS G 70 80.94 -68.17 18.74
N ARG G 71 81.48 -67.55 17.69
CA ARG G 71 82.62 -66.66 17.85
C ARG G 71 82.23 -65.50 18.77
N ALA G 72 81.05 -64.92 18.54
CA ALA G 72 80.56 -63.81 19.37
C ALA G 72 80.47 -64.17 20.86
N ILE G 73 80.12 -65.41 21.16
CA ILE G 73 80.13 -65.85 22.57
C ILE G 73 81.55 -65.90 23.12
N GLU G 74 82.50 -66.37 22.32
CA GLU G 74 83.92 -66.33 22.70
C GLU G 74 84.43 -64.92 22.98
N GLN G 75 83.94 -63.93 22.24
CA GLN G 75 84.28 -62.51 22.49
C GLN G 75 83.45 -61.90 23.63
N GLY G 76 82.61 -62.71 24.25
CA GLY G 76 81.91 -62.33 25.48
C GLY G 76 80.58 -61.65 25.25
N ALA G 77 80.04 -61.73 24.04
CA ALA G 77 78.78 -61.06 23.73
C ALA G 77 77.56 -61.88 24.19
N LEU G 78 76.45 -61.18 24.41
CA LEU G 78 75.16 -61.81 24.63
C LEU G 78 74.51 -61.99 23.27
N VAL G 79 73.83 -63.10 23.06
CA VAL G 79 73.19 -63.39 21.78
C VAL G 79 71.71 -63.58 22.00
N PHE G 80 70.89 -62.88 21.22
CA PHE G 80 69.44 -63.06 21.26
C PHE G 80 68.91 -63.23 19.85
N ALA G 81 67.72 -63.80 19.71
CA ALA G 81 67.15 -64.14 18.41
C ALA G 81 65.71 -63.64 18.25
N SER G 82 65.35 -63.32 17.01
CA SER G 82 64.02 -62.81 16.68
C SER G 82 63.48 -63.52 15.45
N PRO G 83 62.23 -64.02 15.54
CA PRO G 83 61.50 -64.58 14.42
C PRO G 83 60.73 -63.50 13.65
N TRP G 84 60.57 -63.70 12.35
CA TRP G 84 59.75 -62.82 11.51
C TRP G 84 58.45 -63.51 11.14
N ASN G 85 58.54 -64.79 10.76
CA ASN G 85 57.37 -65.59 10.45
C ASN G 85 57.46 -66.93 11.16
N PRO G 86 56.31 -67.49 11.54
CA PRO G 86 56.29 -68.90 11.91
C PRO G 86 56.36 -69.78 10.66
N PRO G 87 56.64 -71.07 10.82
CA PRO G 87 56.62 -72.00 9.67
C PRO G 87 55.31 -71.93 8.92
N SER G 88 55.36 -71.98 7.60
CA SER G 88 54.21 -71.66 6.75
C SER G 88 52.97 -72.55 7.00
N ASP G 89 53.17 -73.71 7.61
CA ASP G 89 52.05 -74.58 7.99
C ASP G 89 51.27 -74.05 9.20
N MET G 90 51.82 -73.05 9.89
CA MET G 90 51.18 -72.45 11.06
C MET G 90 50.55 -71.08 10.77
N VAL G 91 50.59 -70.65 9.52
CA VAL G 91 50.12 -69.32 9.15
C VAL G 91 48.89 -69.43 8.25
N GLU G 92 48.03 -68.42 8.32
CA GLU G 92 46.87 -68.30 7.43
C GLU G 92 46.80 -66.87 6.91
N THR G 93 45.86 -66.60 6.01
CA THR G 93 45.73 -65.26 5.43
C THR G 93 44.37 -64.63 5.71
N PHE G 94 44.37 -63.29 5.84
CA PHE G 94 43.15 -62.52 6.04
C PHE G 94 43.30 -61.13 5.40
N ASN G 95 42.18 -60.43 5.26
CA ASN G 95 42.21 -59.05 4.81
C ASN G 95 42.27 -58.21 6.05
N ARG G 96 43.23 -57.31 6.10
CA ARG G 96 43.41 -56.45 7.23
C ARG G 96 43.52 -55.09 6.62
N ASN G 97 42.49 -54.26 6.79
CA ASN G 97 42.53 -52.89 6.28
C ASN G 97 42.52 -52.76 4.75
N GLY G 98 42.42 -53.87 4.02
CA GLY G 98 42.54 -53.86 2.56
C GLY G 98 43.61 -54.79 2.01
N ALA G 99 44.72 -54.94 2.73
CA ALA G 99 45.84 -55.75 2.26
C ALA G 99 45.66 -57.21 2.65
N SER G 100 46.21 -58.13 1.86
CA SER G 100 46.35 -59.51 2.29
C SER G 100 47.41 -59.55 3.39
N ALA G 101 47.07 -60.17 4.52
CA ALA G 101 47.93 -60.20 5.69
C ALA G 101 48.09 -61.61 6.24
N LYS G 102 49.17 -61.84 7.00
CA LYS G 102 49.43 -63.15 7.62
C LYS G 102 49.32 -63.07 9.13
N ARG G 103 48.83 -64.14 9.74
CA ARG G 103 48.86 -64.29 11.21
C ARG G 103 49.14 -65.73 11.62
N LEU G 104 49.40 -65.93 12.90
CA LEU G 104 49.54 -67.26 13.47
C LEU G 104 48.14 -67.84 13.68
N LYS G 105 47.89 -69.02 13.12
CA LYS G 105 46.64 -69.75 13.38
C LYS G 105 46.50 -69.98 14.87
N TYR G 106 45.31 -69.75 15.41
CA TYR G 106 45.08 -69.79 16.86
C TYR G 106 45.24 -71.19 17.49
N ASP G 107 45.06 -72.24 16.69
CA ASP G 107 45.30 -73.61 17.18
C ASP G 107 46.75 -74.09 17.00
N LYS G 108 47.62 -73.21 16.49
CA LYS G 108 49.05 -73.50 16.38
C LYS G 108 49.90 -72.68 17.34
N TYR G 109 49.28 -71.99 18.29
CA TYR G 109 50.04 -71.22 19.27
C TYR G 109 51.02 -72.10 20.06
N ALA G 110 50.59 -73.32 20.42
CA ALA G 110 51.45 -74.23 21.18
C ALA G 110 52.55 -74.84 20.32
N ALA G 111 52.27 -75.07 19.05
CA ALA G 111 53.27 -75.57 18.09
C ALA G 111 54.37 -74.54 17.82
N TYR G 112 53.96 -73.27 17.66
CA TYR G 112 54.92 -72.18 17.43
C TYR G 112 55.88 -72.03 18.60
N ALA G 113 55.37 -72.19 19.82
CA ALA G 113 56.21 -72.13 21.01
C ALA G 113 57.24 -73.26 21.03
N GLN G 114 56.85 -74.42 20.52
CA GLN G 114 57.77 -75.55 20.40
C GLN G 114 58.78 -75.31 19.25
N HIS G 115 58.34 -74.60 18.21
CA HIS G 115 59.25 -74.17 17.15
C HIS G 115 60.34 -73.26 17.74
N LEU G 116 59.94 -72.27 18.52
CA LEU G 116 60.90 -71.39 19.19
C LEU G 116 61.78 -72.14 20.20
N ASN G 117 61.20 -73.10 20.91
CA ASN G 117 61.97 -73.94 21.84
C ASN G 117 63.03 -74.77 21.15
N ASP G 118 62.69 -75.29 19.97
CA ASP G 118 63.61 -76.10 19.20
C ASP G 118 64.72 -75.28 18.55
N PHE G 119 64.46 -74.01 18.24
CA PHE G 119 65.55 -73.13 17.81
C PHE G 119 66.55 -72.96 18.95
N VAL G 120 66.04 -72.88 20.18
CA VAL G 120 66.88 -72.70 21.36
C VAL G 120 67.75 -73.93 21.60
N THR G 121 67.13 -75.11 21.63
CA THR G 121 67.89 -76.36 21.79
C THR G 121 68.87 -76.62 20.65
N PHE G 122 68.56 -76.10 19.46
CA PHE G 122 69.49 -76.20 18.33
C PHE G 122 70.77 -75.38 18.58
N MET G 123 70.61 -74.13 18.99
CA MET G 123 71.77 -73.28 19.25
C MET G 123 72.58 -73.80 20.43
N LYS G 124 71.90 -74.22 21.49
CA LYS G 124 72.55 -74.83 22.65
C LYS G 124 73.35 -76.08 22.26
N ASN G 125 72.75 -76.93 21.44
CA ASN G 125 73.43 -78.15 20.96
C ASN G 125 74.67 -77.84 20.14
N ASN G 126 74.73 -76.65 19.55
CA ASN G 126 75.93 -76.20 18.82
C ASN G 126 76.71 -75.12 19.55
N GLY G 127 76.69 -75.16 20.88
CA GLY G 127 77.58 -74.36 21.72
C GLY G 127 77.12 -72.94 22.02
N VAL G 128 75.87 -72.63 21.70
CA VAL G 128 75.38 -71.26 21.79
C VAL G 128 74.17 -71.16 22.75
N ASP G 129 74.40 -70.66 23.95
CA ASP G 129 73.33 -70.41 24.90
C ASP G 129 72.73 -69.04 24.57
N LEU G 130 71.47 -69.01 24.13
CA LEU G 130 70.84 -67.74 23.79
C LEU G 130 70.44 -67.00 25.07
N TYR G 131 70.71 -65.71 25.12
CA TYR G 131 70.33 -64.90 26.26
C TYR G 131 68.83 -64.68 26.26
N ALA G 132 68.26 -64.56 25.07
CA ALA G 132 66.81 -64.36 24.93
C ALA G 132 66.32 -64.73 23.53
N ILE G 133 65.05 -65.11 23.46
CA ILE G 133 64.38 -65.28 22.18
C ILE G 133 63.05 -64.53 22.21
N SER G 134 62.78 -63.83 21.11
CA SER G 134 61.64 -62.94 20.97
C SER G 134 60.44 -63.65 20.33
N VAL G 135 59.23 -63.21 20.69
CA VAL G 135 57.99 -63.84 20.25
C VAL G 135 57.73 -63.50 18.77
N GLN G 136 57.95 -62.24 18.41
CA GLN G 136 57.75 -61.76 17.06
C GLN G 136 58.49 -60.44 16.82
N ASN G 137 59.14 -60.33 15.67
CA ASN G 137 59.70 -59.05 15.22
C ASN G 137 58.58 -58.18 14.68
N GLU G 138 58.43 -56.98 15.23
CA GLU G 138 57.50 -56.00 14.71
C GLU G 138 56.13 -56.57 14.35
N PRO G 139 55.43 -57.07 15.37
CA PRO G 139 54.07 -57.58 15.16
C PRO G 139 53.08 -56.51 14.70
N ASP G 140 53.34 -55.24 15.05
CA ASP G 140 52.49 -54.10 14.65
C ASP G 140 52.99 -53.37 13.39
N TYR G 141 53.92 -53.96 12.66
CA TYR G 141 54.31 -53.46 11.35
C TYR G 141 54.72 -54.62 10.46
N ALA G 142 53.80 -55.57 10.32
CA ALA G 142 54.06 -56.85 9.65
C ALA G 142 53.38 -56.96 8.29
N HIS G 143 53.42 -55.87 7.53
CA HIS G 143 52.94 -55.87 6.17
C HIS G 143 53.58 -57.00 5.38
N ASP G 144 54.90 -57.17 5.55
CA ASP G 144 55.66 -58.19 4.83
C ASP G 144 56.03 -59.41 5.67
N TRP G 145 55.42 -59.57 6.86
CA TRP G 145 55.61 -60.77 7.67
C TRP G 145 54.34 -61.13 8.45
N THR G 146 54.43 -61.52 9.73
CA THR G 146 53.27 -62.03 10.48
C THR G 146 52.73 -61.02 11.50
N TRP G 147 51.44 -60.66 11.37
CA TRP G 147 50.79 -59.69 12.28
C TRP G 147 50.32 -60.33 13.57
N TRP G 148 50.52 -59.64 14.68
CA TRP G 148 49.84 -59.97 15.93
C TRP G 148 49.18 -58.71 16.44
N THR G 149 47.90 -58.82 16.80
CA THR G 149 47.21 -57.80 17.57
C THR G 149 47.74 -57.83 19.00
N PRO G 150 47.53 -56.72 19.75
CA PRO G 150 47.81 -56.70 21.19
C PRO G 150 47.22 -57.87 22.00
N GLN G 151 45.98 -58.27 21.69
CA GLN G 151 45.35 -59.42 22.38
C GLN G 151 45.92 -60.77 21.95
N GLU G 152 46.37 -60.86 20.70
CA GLU G 152 47.03 -62.08 20.21
C GLU G 152 48.37 -62.31 20.93
N ILE G 153 49.19 -61.27 21.02
CA ILE G 153 50.44 -61.31 21.80
C ILE G 153 50.15 -61.69 23.26
N LEU G 154 49.18 -61.04 23.88
CA LEU G 154 48.84 -61.30 25.30
C LEU G 154 48.52 -62.78 25.55
N ARG G 155 47.71 -63.38 24.68
CA ARG G 155 47.33 -64.79 24.81
C ARG G 155 48.54 -65.74 24.75
N PHE G 156 49.50 -65.45 23.88
CA PHE G 156 50.73 -66.24 23.85
C PHE G 156 51.49 -66.06 25.15
N MET G 157 51.63 -64.81 25.58
CA MET G 157 52.37 -64.49 26.78
C MET G 157 51.76 -65.11 28.03
N LYS G 158 50.42 -65.18 28.08
CA LYS G 158 49.72 -65.82 29.19
C LYS G 158 49.80 -67.34 29.15
N GLU G 159 49.64 -67.93 27.96
CA GLU G 159 49.44 -69.38 27.84
C GLU G 159 50.67 -70.17 27.39
N ASN G 160 51.42 -69.65 26.43
CA ASN G 160 52.47 -70.43 25.77
C ASN G 160 53.90 -70.07 26.14
N ALA G 161 54.18 -68.78 26.34
CA ALA G 161 55.50 -68.34 26.80
C ALA G 161 55.76 -69.03 28.13
N GLY G 162 57.01 -69.03 28.60
CA GLY G 162 57.30 -69.67 29.89
C GLY G 162 57.14 -71.19 29.91
N SER G 163 56.53 -71.75 28.86
CA SER G 163 56.82 -73.12 28.46
C SER G 163 58.07 -73.11 27.56
N ILE G 164 58.53 -71.91 27.20
CA ILE G 164 59.87 -71.71 26.66
C ILE G 164 60.86 -71.67 27.82
N GLN G 165 61.69 -72.71 27.91
CA GLN G 165 62.86 -72.73 28.80
C GLN G 165 64.11 -72.67 27.94
N GLY G 166 65.27 -72.67 28.60
CA GLY G 166 66.54 -72.57 27.90
C GLY G 166 67.03 -71.15 27.78
N THR G 167 66.10 -70.21 27.57
CA THR G 167 66.41 -68.77 27.52
C THR G 167 65.29 -67.92 28.11
N ARG G 168 65.54 -66.61 28.14
CA ARG G 168 64.56 -65.61 28.54
C ARG G 168 63.65 -65.24 27.38
N VAL G 169 62.42 -64.80 27.70
CA VAL G 169 61.46 -64.38 26.68
C VAL G 169 61.47 -62.87 26.50
N MET G 170 61.53 -62.44 25.24
CA MET G 170 61.51 -61.04 24.88
C MET G 170 60.19 -60.73 24.16
N ALA G 171 59.59 -59.59 24.48
CA ALA G 171 58.33 -59.19 23.86
C ALA G 171 58.08 -57.70 24.08
N PRO G 172 57.35 -57.05 23.14
CA PRO G 172 56.81 -57.49 21.86
C PRO G 172 57.57 -56.95 20.63
N GLU G 173 58.66 -56.22 20.85
CA GLU G 173 59.42 -55.63 19.75
C GLU G 173 58.52 -54.84 18.79
N SER G 174 57.81 -53.86 19.34
CA SER G 174 57.05 -52.92 18.53
C SER G 174 57.99 -52.12 17.63
N PHE G 175 57.61 -51.96 16.36
CA PHE G 175 58.40 -51.15 15.43
C PHE G 175 58.65 -49.71 15.91
N GLN G 176 57.72 -49.16 16.69
CA GLN G 176 57.81 -47.76 17.13
C GLN G 176 57.63 -47.60 18.64
N TYR G 177 57.92 -48.64 19.41
CA TYR G 177 57.78 -48.58 20.87
C TYR G 177 56.39 -48.05 21.29
N LEU G 178 55.36 -48.67 20.70
CA LEU G 178 53.96 -48.33 20.98
C LEU G 178 53.44 -49.10 22.17
N LYS G 179 53.04 -48.36 23.21
CA LYS G 179 52.68 -48.92 24.50
C LYS G 179 51.40 -49.75 24.46
N ASN G 180 50.56 -49.49 23.46
CA ASN G 180 49.31 -50.24 23.30
C ASN G 180 49.52 -51.74 23.10
N ILE G 181 50.67 -52.14 22.56
CA ILE G 181 50.95 -53.57 22.31
C ILE G 181 51.72 -54.24 23.46
N SER G 182 52.30 -53.44 24.36
CA SER G 182 52.92 -53.95 25.60
C SER G 182 52.12 -53.66 26.89
N ASP G 183 51.28 -52.63 26.90
CA ASP G 183 50.45 -52.32 28.08
C ASP G 183 49.65 -53.52 28.60
N PRO G 184 49.06 -54.31 27.69
CA PRO G 184 48.33 -55.48 28.18
C PRO G 184 49.21 -56.51 28.89
N ILE G 185 50.47 -56.66 28.48
CA ILE G 185 51.38 -57.61 29.16
C ILE G 185 51.70 -57.13 30.57
N LEU G 186 52.12 -55.86 30.70
CA LEU G 186 52.47 -55.29 32.00
C LEU G 186 51.30 -55.25 32.99
N ASN G 187 50.08 -55.07 32.48
CA ASN G 187 48.88 -55.01 33.31
C ASN G 187 48.32 -56.36 33.76
N ASP G 188 48.86 -57.46 33.25
CA ASP G 188 48.38 -58.81 33.58
C ASP G 188 49.49 -59.59 34.29
N PRO G 189 49.38 -59.76 35.62
CA PRO G 189 50.45 -60.35 36.45
C PRO G 189 51.09 -61.62 35.91
N GLN G 190 50.30 -62.51 35.31
CA GLN G 190 50.79 -63.82 34.84
C GLN G 190 51.32 -63.77 33.40
N ALA G 191 50.89 -62.78 32.63
CA ALA G 191 51.52 -62.48 31.34
C ALA G 191 52.88 -61.86 31.62
N LEU G 192 52.88 -60.85 32.48
CA LEU G 192 54.11 -60.19 32.93
C LEU G 192 55.14 -61.17 33.50
N ALA G 193 54.70 -62.21 34.20
CA ALA G 193 55.61 -63.15 34.84
C ALA G 193 56.31 -64.08 33.84
N ASN G 194 55.75 -64.20 32.63
CA ASN G 194 56.38 -64.97 31.54
C ASN G 194 57.15 -64.09 30.56
N MET G 195 57.30 -62.82 30.91
CA MET G 195 58.15 -61.93 30.16
C MET G 195 59.38 -61.66 31.01
N ASP G 196 60.54 -61.72 30.38
CA ASP G 196 61.80 -61.41 31.05
C ASP G 196 62.40 -60.13 30.50
N ILE G 197 62.37 -59.98 29.17
CA ILE G 197 62.84 -58.76 28.52
C ILE G 197 61.70 -58.10 27.75
N LEU G 198 61.53 -56.81 27.97
CA LEU G 198 60.65 -55.99 27.14
C LEU G 198 61.49 -55.31 26.06
N GLY G 199 61.30 -55.74 24.81
CA GLY G 199 62.01 -55.18 23.67
C GLY G 199 61.16 -54.23 22.83
N ALA G 200 61.82 -53.21 22.26
CA ALA G 200 61.20 -52.23 21.37
C ALA G 200 62.15 -51.77 20.26
N HIS G 201 61.59 -51.45 19.10
CA HIS G 201 62.32 -50.73 18.08
C HIS G 201 61.87 -49.29 18.22
N THR G 202 62.59 -48.37 17.59
CA THR G 202 62.26 -46.95 17.73
C THR G 202 62.16 -46.25 16.37
N TYR G 203 61.59 -46.93 15.38
CA TYR G 203 61.47 -46.35 14.03
C TYR G 203 60.45 -45.22 13.97
N GLY G 204 60.97 -43.99 14.00
CA GLY G 204 60.15 -42.78 13.99
C GLY G 204 59.63 -42.38 15.36
N THR G 205 60.15 -43.02 16.41
CA THR G 205 59.67 -42.80 17.77
C THR G 205 60.14 -41.45 18.25
N GLN G 206 59.19 -40.64 18.71
CA GLN G 206 59.51 -39.33 19.18
C GLN G 206 60.07 -39.40 20.59
N ILE G 207 60.94 -38.43 20.86
CA ILE G 207 61.71 -38.32 22.08
C ILE G 207 60.82 -38.37 23.34
N LYS G 208 59.63 -37.77 23.24
CA LYS G 208 58.68 -37.75 24.35
C LYS G 208 58.04 -39.12 24.61
N ASP G 209 58.05 -40.00 23.60
CA ASP G 209 57.52 -41.37 23.74
C ASP G 209 58.56 -42.39 24.28
N PHE G 210 59.79 -41.96 24.54
CA PHE G 210 60.83 -42.88 25.04
C PHE G 210 60.55 -43.30 26.48
N ALA G 211 59.87 -42.42 27.22
CA ALA G 211 59.50 -42.70 28.59
C ALA G 211 58.31 -43.64 28.61
N TYR G 212 58.19 -44.38 29.70
CA TYR G 212 57.15 -45.40 29.82
C TYR G 212 56.84 -45.64 31.30
N PRO G 213 56.01 -44.76 31.91
CA PRO G 213 55.64 -44.81 33.32
C PRO G 213 55.15 -46.19 33.79
N LEU G 214 54.33 -46.83 32.99
CA LEU G 214 53.78 -48.15 33.33
C LEU G 214 54.85 -49.25 33.47
N PHE G 215 55.96 -49.11 32.75
CA PHE G 215 57.09 -50.03 32.92
C PHE G 215 57.83 -49.69 34.21
N LYS G 216 57.98 -48.40 34.49
CA LYS G 216 58.58 -47.94 35.75
C LYS G 216 57.79 -48.46 36.93
N GLN G 217 56.47 -48.42 36.79
CA GLN G 217 55.53 -48.82 37.84
C GLN G 217 55.48 -50.34 38.05
N LYS G 218 55.51 -51.12 36.97
CA LYS G 218 55.27 -52.57 37.07
C LYS G 218 56.43 -53.49 36.63
N GLY G 219 57.53 -52.91 36.16
CA GLY G 219 58.57 -53.67 35.48
C GLY G 219 59.76 -54.12 36.30
N ALA G 220 59.77 -53.78 37.59
CA ALA G 220 60.86 -54.21 38.47
C ALA G 220 61.26 -55.65 38.16
N GLY G 221 62.55 -55.88 37.96
CA GLY G 221 63.08 -57.23 37.68
C GLY G 221 63.14 -57.59 36.20
N LYS G 222 62.48 -56.80 35.35
CA LYS G 222 62.45 -57.05 33.91
C LYS G 222 63.48 -56.16 33.25
N GLU G 223 64.06 -56.65 32.15
CA GLU G 223 65.03 -55.86 31.39
C GLU G 223 64.35 -55.04 30.29
N LEU G 224 64.96 -53.93 29.91
CA LEU G 224 64.44 -53.05 28.86
C LEU G 224 65.48 -52.88 27.75
N TRP G 225 65.18 -53.44 26.58
CA TRP G 225 66.12 -53.48 25.46
C TRP G 225 65.59 -52.78 24.20
N MET G 226 66.39 -51.86 23.64
CA MET G 226 66.09 -51.27 22.32
C MET G 226 66.78 -52.12 21.26
N THR G 227 65.98 -52.95 20.58
CA THR G 227 66.51 -54.10 19.85
C THR G 227 66.77 -53.91 18.35
N GLU G 228 66.25 -52.82 17.78
CA GLU G 228 66.51 -52.50 16.38
C GLU G 228 66.23 -51.05 16.03
N VAL G 229 67.19 -50.43 15.33
CA VAL G 229 66.97 -49.19 14.64
C VAL G 229 68.15 -48.95 13.69
N TYR G 230 67.94 -48.07 12.71
CA TYR G 230 69.01 -47.35 12.06
C TYR G 230 68.56 -45.92 11.99
N VAL G 231 69.51 -45.02 11.77
CA VAL G 231 69.26 -43.61 12.01
C VAL G 231 70.38 -42.75 11.41
N PRO G 232 70.04 -41.58 10.83
CA PRO G 232 68.70 -41.01 10.68
C PRO G 232 67.96 -41.49 9.43
N ASN G 233 68.60 -42.36 8.64
CA ASN G 233 68.05 -42.84 7.38
C ASN G 233 68.88 -44.03 6.90
N SER G 234 68.45 -44.62 5.79
CA SER G 234 69.21 -45.67 5.14
C SER G 234 69.69 -45.19 3.78
N ASP G 235 70.13 -43.94 3.66
CA ASP G 235 70.54 -43.44 2.35
C ASP G 235 71.77 -44.18 1.83
N ASN G 236 71.90 -44.23 0.51
CA ASN G 236 73.04 -44.84 -0.13
C ASN G 236 74.35 -44.12 0.21
N ASN G 237 75.41 -44.89 0.46
CA ASN G 237 76.75 -44.34 0.74
C ASN G 237 76.70 -43.19 1.72
N SER G 238 75.91 -43.35 2.77
CA SER G 238 75.59 -42.28 3.70
C SER G 238 76.32 -42.36 5.04
N ALA G 239 76.99 -43.48 5.29
CA ALA G 239 77.50 -43.79 6.63
C ALA G 239 78.67 -42.93 7.07
N ASP G 240 79.37 -42.31 6.10
CA ASP G 240 80.47 -41.41 6.43
C ASP G 240 80.10 -39.92 6.30
N ARG G 241 78.85 -39.62 5.97
CA ARG G 241 78.41 -38.22 5.85
C ARG G 241 78.44 -37.51 7.19
N TRP G 242 79.08 -36.35 7.25
CA TRP G 242 79.07 -35.49 8.43
C TRP G 242 78.42 -34.16 8.05
N PRO G 243 77.67 -33.54 8.99
CA PRO G 243 77.41 -33.92 10.39
C PRO G 243 76.25 -34.87 10.63
N GLU G 244 75.65 -35.39 9.56
CA GLU G 244 74.54 -36.34 9.65
C GLU G 244 74.80 -37.47 10.67
N ALA G 245 75.93 -38.14 10.54
CA ALA G 245 76.28 -39.29 11.40
C ALA G 245 76.25 -38.99 12.90
N LEU G 246 76.40 -37.72 13.27
CA LEU G 246 76.33 -37.32 14.67
C LEU G 246 74.97 -37.60 15.32
N ASP G 247 73.92 -37.66 14.51
CA ASP G 247 72.59 -38.04 14.97
C ASP G 247 72.55 -39.41 15.66
N VAL G 248 73.51 -40.27 15.35
CA VAL G 248 73.56 -41.61 15.93
C VAL G 248 73.85 -41.58 17.43
N SER G 249 74.87 -40.82 17.84
CA SER G 249 75.15 -40.65 19.26
C SER G 249 74.03 -39.90 19.97
N TYR G 250 73.41 -38.94 19.28
CA TYR G 250 72.30 -38.19 19.87
C TYR G 250 71.17 -39.16 20.19
N HIS G 251 70.78 -39.96 19.21
CA HIS G 251 69.75 -40.97 19.39
C HIS G 251 70.08 -41.96 20.53
N MET G 252 71.35 -42.34 20.64
CA MET G 252 71.80 -43.22 21.72
C MET G 252 71.77 -42.50 23.06
N HIS G 253 72.07 -41.21 23.06
CA HIS G 253 71.90 -40.38 24.26
C HIS G 253 70.46 -40.43 24.75
N ASN G 254 69.53 -40.35 23.81
CA ASN G 254 68.11 -40.37 24.16
C ASN G 254 67.62 -41.75 24.61
N ALA G 255 68.14 -42.81 23.99
CA ALA G 255 67.78 -44.15 24.42
C ALA G 255 68.24 -44.41 25.85
N MET G 256 69.47 -43.98 26.13
CA MET G 256 70.08 -44.14 27.45
C MET G 256 69.47 -43.23 28.52
N VAL G 257 69.11 -42.00 28.17
CA VAL G 257 68.69 -41.00 29.16
C VAL G 257 67.20 -40.72 29.18
N GLU G 258 66.52 -40.76 28.03
CA GLU G 258 65.09 -40.51 27.99
C GLU G 258 64.27 -41.80 28.14
N GLY G 259 64.84 -42.91 27.68
CA GLY G 259 64.15 -44.19 27.73
C GLY G 259 64.65 -45.17 28.77
N ASP G 260 65.77 -44.86 29.42
CA ASP G 260 66.44 -45.78 30.36
C ASP G 260 66.70 -47.15 29.76
N PHE G 261 67.02 -47.19 28.48
CA PHE G 261 67.31 -48.45 27.81
C PHE G 261 68.59 -49.06 28.33
N GLN G 262 68.54 -50.36 28.59
CA GLN G 262 69.69 -51.11 29.03
C GLN G 262 70.46 -51.64 27.83
N ALA G 263 69.81 -51.68 26.67
CA ALA G 263 70.46 -52.17 25.44
C ALA G 263 70.11 -51.30 24.23
N TYR G 264 71.10 -51.10 23.36
CA TYR G 264 70.94 -50.40 22.09
C TYR G 264 71.47 -51.25 20.93
N VAL G 265 70.57 -51.84 20.17
CA VAL G 265 70.93 -52.73 19.08
C VAL G 265 70.56 -52.14 17.71
N TRP G 266 71.56 -52.04 16.85
CA TRP G 266 71.41 -51.53 15.50
C TRP G 266 70.80 -52.59 14.60
N TRP G 267 70.35 -52.18 13.42
CA TRP G 267 69.94 -53.08 12.34
C TRP G 267 71.24 -53.68 11.73
N TYR G 268 71.34 -53.85 10.41
CA TYR G 268 72.50 -54.53 9.78
C TYR G 268 73.84 -53.96 10.27
N ILE G 269 74.69 -54.85 10.80
CA ILE G 269 76.02 -54.46 11.25
C ILE G 269 76.85 -53.97 10.07
N ARG G 270 76.91 -54.77 9.01
CA ARG G 270 77.66 -54.45 7.79
C ARG G 270 76.72 -53.92 6.72
N ARG G 271 76.75 -52.61 6.50
CA ARG G 271 75.95 -52.01 5.43
C ARG G 271 76.52 -50.63 5.10
N GLN G 272 76.16 -50.12 3.92
CA GLN G 272 76.60 -48.78 3.45
C GLN G 272 75.99 -47.62 4.24
N TYR G 273 74.96 -47.91 5.03
CA TYR G 273 74.38 -46.92 5.94
C TYR G 273 74.53 -47.37 7.40
N GLY G 274 75.45 -48.29 7.66
CA GLY G 274 75.61 -48.88 9.00
C GLY G 274 76.95 -48.58 9.65
N PRO G 275 77.23 -49.20 10.81
CA PRO G 275 78.44 -48.93 11.58
C PRO G 275 79.72 -49.53 10.99
N MET G 276 79.60 -50.64 10.27
CA MET G 276 80.72 -51.20 9.52
C MET G 276 80.37 -51.10 8.06
N LYS G 277 81.28 -50.50 7.28
CA LYS G 277 81.08 -50.37 5.84
C LYS G 277 81.24 -51.71 5.14
N GLU G 278 80.96 -51.74 3.83
CA GLU G 278 81.09 -52.96 3.04
C GLU G 278 82.57 -53.39 2.89
N ASP G 279 83.49 -52.43 2.94
CA ASP G 279 84.92 -52.77 2.91
C ASP G 279 85.48 -53.21 4.30
N GLY G 280 84.61 -53.31 5.31
CA GLY G 280 84.98 -53.86 6.61
C GLY G 280 85.57 -52.83 7.56
N THR G 281 85.57 -51.56 7.15
CA THR G 281 86.11 -50.50 7.98
C THR G 281 84.98 -49.86 8.77
N ILE G 282 85.34 -49.18 9.85
CA ILE G 282 84.35 -48.52 10.70
C ILE G 282 83.98 -47.16 10.12
N SER G 283 82.67 -46.94 9.98
CA SER G 283 82.13 -45.69 9.44
C SER G 283 81.97 -44.65 10.53
N LYS G 284 81.61 -43.43 10.16
CA LYS G 284 81.38 -42.38 11.14
C LYS G 284 80.26 -42.79 12.08
N ARG G 285 79.18 -43.31 11.52
CA ARG G 285 78.08 -43.79 12.34
C ARG G 285 78.57 -44.85 13.34
N GLY G 286 79.46 -45.72 12.89
CA GLY G 286 80.09 -46.73 13.72
C GLY G 286 80.87 -46.14 14.88
N TYR G 287 81.67 -45.11 14.61
CA TYR G 287 82.41 -44.42 15.65
C TYR G 287 81.45 -43.77 16.64
N ASN G 288 80.35 -43.21 16.15
CA ASN G 288 79.32 -42.68 17.04
C ASN G 288 78.80 -43.73 18.02
N MET G 289 78.57 -44.95 17.55
CA MET G 289 78.21 -46.05 18.45
C MET G 289 79.38 -46.37 19.40
N ALA G 290 80.61 -46.30 18.87
CA ALA G 290 81.82 -46.64 19.62
C ALA G 290 82.03 -45.80 20.88
N HIS G 291 81.65 -44.53 20.80
CA HIS G 291 81.73 -43.63 21.96
C HIS G 291 81.00 -44.18 23.17
N PHE G 292 80.00 -45.02 22.93
CA PHE G 292 79.33 -45.77 23.98
C PHE G 292 79.88 -47.18 24.12
N SER G 293 79.94 -47.92 23.01
CA SER G 293 80.18 -49.36 23.06
C SER G 293 81.56 -49.75 23.57
N LYS G 294 82.59 -49.04 23.11
CA LYS G 294 83.96 -49.31 23.51
C LYS G 294 84.25 -48.97 24.97
N PHE G 295 83.47 -48.03 25.54
CA PHE G 295 83.76 -47.49 26.88
C PHE G 295 82.76 -47.90 27.98
N VAL G 296 81.48 -47.98 27.63
CA VAL G 296 80.42 -48.36 28.57
C VAL G 296 80.13 -49.85 28.39
N ARG G 297 80.86 -50.66 29.15
CA ARG G 297 80.91 -52.10 28.95
C ARG G 297 79.76 -52.80 29.70
N PRO G 298 79.49 -54.06 29.37
CA PRO G 298 78.41 -54.78 30.08
C PRO G 298 78.65 -54.79 31.60
N GLY G 299 77.62 -54.44 32.37
CA GLY G 299 77.74 -54.42 33.83
C GLY G 299 77.94 -53.03 34.42
N TYR G 300 78.30 -52.05 33.58
CA TYR G 300 78.31 -50.67 34.03
C TYR G 300 76.87 -50.23 34.34
N VAL G 301 76.74 -49.12 35.04
CA VAL G 301 75.43 -48.52 35.32
C VAL G 301 75.46 -47.09 34.85
N ARG G 302 74.38 -46.62 34.23
CA ARG G 302 74.23 -45.20 33.96
C ARG G 302 74.07 -44.53 35.31
N VAL G 303 74.52 -43.28 35.40
CA VAL G 303 74.38 -42.50 36.63
C VAL G 303 73.78 -41.15 36.29
N ASP G 304 73.11 -40.55 37.27
CA ASP G 304 72.44 -39.27 37.09
C ASP G 304 73.42 -38.17 36.68
N ALA G 305 73.09 -37.45 35.62
CA ALA G 305 73.90 -36.33 35.17
C ALA G 305 73.04 -35.28 34.48
N THR G 306 73.38 -34.01 34.69
CA THR G 306 72.76 -32.91 33.96
C THR G 306 72.79 -33.27 32.48
N LYS G 307 71.61 -33.37 31.87
CA LYS G 307 71.49 -33.95 30.54
C LYS G 307 71.61 -32.95 29.39
N ASN G 308 71.33 -31.68 29.67
CA ASN G 308 71.32 -30.65 28.62
C ASN G 308 71.80 -29.31 29.18
N PRO G 309 73.08 -29.23 29.59
CA PRO G 309 73.63 -28.04 30.26
C PRO G 309 73.73 -26.80 29.39
N ASP G 310 73.94 -26.97 28.08
CA ASP G 310 73.95 -25.87 27.12
C ASP G 310 72.95 -26.22 26.02
N THR G 311 72.46 -25.22 25.31
CA THR G 311 71.39 -25.39 24.31
C THR G 311 71.59 -26.60 23.39
N ASN G 312 72.81 -26.76 22.87
CA ASN G 312 73.12 -27.85 21.93
C ASN G 312 74.03 -28.93 22.50
N THR G 313 74.18 -28.95 23.82
CA THR G 313 75.07 -29.89 24.48
C THR G 313 74.26 -30.89 25.28
N TYR G 314 74.62 -32.17 25.13
CA TYR G 314 73.85 -33.26 25.69
C TYR G 314 74.77 -34.27 26.32
N VAL G 315 74.55 -34.56 27.60
CA VAL G 315 75.47 -35.35 28.41
C VAL G 315 74.79 -36.54 29.06
N SER G 316 75.47 -37.68 29.04
CA SER G 316 75.08 -38.85 29.82
C SER G 316 76.35 -39.35 30.49
N ALA G 317 76.20 -40.23 31.46
CA ALA G 317 77.35 -40.69 32.25
C ALA G 317 77.10 -42.03 32.91
N TYR G 318 78.18 -42.79 33.03
CA TYR G 318 78.11 -44.19 33.44
C TYR G 318 79.26 -44.48 34.37
N LYS G 319 79.13 -45.58 35.10
CA LYS G 319 80.08 -45.93 36.14
C LYS G 319 80.25 -47.46 36.21
N GLY G 320 81.49 -47.92 36.30
CA GLY G 320 81.80 -49.35 36.38
C GLY G 320 83.30 -49.64 36.31
N ASP G 321 83.73 -50.76 36.88
CA ASP G 321 85.13 -51.14 36.84
C ASP G 321 86.02 -50.03 37.39
N ASN G 322 85.55 -49.32 38.42
CA ASN G 322 86.30 -48.25 39.06
C ASN G 322 86.60 -47.05 38.15
N LYS G 323 85.73 -46.79 37.19
CA LYS G 323 85.87 -45.63 36.31
C LYS G 323 84.56 -44.90 36.14
N VAL G 324 84.66 -43.61 35.80
CA VAL G 324 83.54 -42.82 35.32
C VAL G 324 83.67 -42.58 33.82
N VAL G 325 82.57 -42.74 33.11
CA VAL G 325 82.51 -42.48 31.68
C VAL G 325 81.47 -41.39 31.45
N ILE G 326 81.83 -40.40 30.63
CA ILE G 326 80.92 -39.32 30.27
C ILE G 326 80.93 -39.18 28.75
N VAL G 327 79.75 -39.21 28.14
CA VAL G 327 79.60 -38.93 26.72
C VAL G 327 78.99 -37.54 26.54
N ALA G 328 79.71 -36.69 25.83
CA ALA G 328 79.31 -35.30 25.61
C ALA G 328 79.13 -35.06 24.14
N ILE G 329 77.95 -34.61 23.75
CA ILE G 329 77.68 -34.30 22.36
C ILE G 329 77.47 -32.80 22.26
N ASN G 330 78.16 -32.16 21.32
CA ASN G 330 77.83 -30.78 20.95
C ASN G 330 77.28 -30.77 19.54
N ARG G 331 75.97 -30.61 19.40
CA ARG G 331 75.32 -30.66 18.09
C ARG G 331 75.47 -29.38 17.27
N GLY G 332 75.79 -28.26 17.93
CA GLY G 332 75.83 -26.95 17.27
C GLY G 332 77.04 -26.68 16.40
N THR G 333 76.98 -25.56 15.68
CA THR G 333 78.00 -25.16 14.71
C THR G 333 79.19 -24.41 15.33
N SER G 334 79.04 -24.02 16.59
CA SER G 334 80.10 -23.34 17.33
C SER G 334 80.65 -24.24 18.42
N ALA G 335 81.97 -24.21 18.61
CA ALA G 335 82.62 -24.90 19.72
C ALA G 335 82.17 -24.29 21.05
N ALA G 336 82.06 -25.13 22.07
CA ALA G 336 81.61 -24.69 23.40
C ALA G 336 82.55 -25.14 24.50
N SER G 337 82.58 -24.35 25.57
CA SER G 337 83.29 -24.69 26.78
C SER G 337 82.30 -25.37 27.73
N GLN G 338 82.68 -26.53 28.28
CA GLN G 338 81.78 -27.24 29.20
C GLN G 338 82.47 -27.67 30.50
N ARG G 339 81.99 -27.15 31.62
CA ARG G 339 82.54 -27.53 32.93
C ARG G 339 81.77 -28.71 33.51
N PHE G 340 82.49 -29.79 33.79
CA PHE G 340 81.92 -30.98 34.39
C PHE G 340 82.25 -31.01 35.88
N VAL G 341 81.31 -31.44 36.69
CA VAL G 341 81.48 -31.56 38.14
C VAL G 341 81.15 -32.97 38.60
N LEU G 342 82.14 -33.64 39.19
CA LEU G 342 81.95 -34.98 39.76
C LEU G 342 81.49 -34.91 41.22
N GLN G 343 80.32 -35.48 41.49
CA GLN G 343 79.75 -35.47 42.83
C GLN G 343 79.64 -36.88 43.35
N ASN G 344 79.96 -37.05 44.63
CA ASN G 344 79.84 -38.34 45.32
C ASN G 344 80.74 -39.44 44.75
N GLY G 345 81.86 -39.00 44.18
CA GLY G 345 82.93 -39.87 43.69
C GLY G 345 84.09 -38.95 43.34
N ASN G 346 85.30 -39.48 43.23
CA ASN G 346 86.47 -38.61 43.10
C ASN G 346 87.52 -39.11 42.11
N ALA G 347 88.11 -38.17 41.37
CA ALA G 347 89.13 -38.46 40.35
C ALA G 347 90.14 -37.32 40.26
N SER G 348 91.29 -37.58 39.62
CA SER G 348 92.36 -36.59 39.45
C SER G 348 92.72 -36.25 37.98
N THR G 349 92.66 -37.24 37.08
CA THR G 349 92.88 -36.98 35.65
C THR G 349 91.76 -37.57 34.78
N VAL G 350 91.53 -36.94 33.63
CA VAL G 350 90.50 -37.39 32.70
C VAL G 350 91.09 -37.67 31.32
N SER G 351 90.95 -38.93 30.87
CA SER G 351 91.24 -39.29 29.49
C SER G 351 90.05 -38.90 28.65
N SER G 352 90.30 -38.58 27.37
CA SER G 352 89.27 -38.03 26.52
C SER G 352 89.51 -38.41 25.05
N TYR G 353 88.44 -38.75 24.34
CA TYR G 353 88.52 -39.16 22.93
C TYR G 353 87.40 -38.49 22.14
N VAL G 354 87.72 -37.93 20.97
CA VAL G 354 86.71 -37.15 20.21
C VAL G 354 86.60 -37.56 18.75
N THR G 355 85.36 -37.47 18.24
CA THR G 355 85.01 -37.75 16.85
C THR G 355 84.29 -36.53 16.26
N ASP G 356 84.72 -36.11 15.08
CA ASP G 356 84.06 -35.02 14.36
C ASP G 356 84.36 -35.13 12.85
N SER G 357 84.24 -34.03 12.10
CA SER G 357 84.44 -34.03 10.65
C SER G 357 85.75 -34.66 10.20
N SER G 358 86.83 -34.38 10.94
CA SER G 358 88.16 -34.81 10.55
C SER G 358 88.76 -35.95 11.38
N ARG G 359 88.23 -36.23 12.57
CA ARG G 359 88.84 -37.22 13.48
C ARG G 359 87.90 -38.34 13.90
N ASN G 360 88.51 -39.45 14.31
CA ASN G 360 87.81 -40.64 14.77
C ASN G 360 88.44 -41.17 16.05
N LEU G 361 87.80 -40.88 17.19
CA LEU G 361 88.27 -41.38 18.49
C LEU G 361 89.71 -41.01 18.77
N ALA G 362 90.05 -39.76 18.48
CA ALA G 362 91.40 -39.26 18.68
C ALA G 362 91.61 -38.95 20.15
N SER G 363 92.70 -39.47 20.72
CA SER G 363 93.06 -39.16 22.11
C SER G 363 93.51 -37.71 22.26
N LEU G 364 92.96 -37.04 23.27
CA LEU G 364 93.36 -35.66 23.57
C LEU G 364 94.32 -35.63 24.76
N ALA G 365 94.79 -34.44 25.11
CA ALA G 365 95.67 -34.27 26.26
C ALA G 365 94.91 -34.58 27.55
N PRO G 366 95.54 -35.32 28.48
CA PRO G 366 94.89 -35.54 29.76
C PRO G 366 94.53 -34.20 30.42
N ILE G 367 93.28 -34.05 30.83
CA ILE G 367 92.84 -32.88 31.55
C ILE G 367 92.80 -33.26 33.01
N ASN G 368 93.26 -32.37 33.87
CA ASN G 368 93.32 -32.67 35.29
C ASN G 368 92.14 -32.07 36.04
N VAL G 369 91.77 -32.74 37.13
CA VAL G 369 90.62 -32.40 37.92
C VAL G 369 91.12 -31.63 39.14
N SER G 370 90.52 -30.47 39.39
CA SER G 370 90.80 -29.70 40.60
C SER G 370 89.53 -29.69 41.44
N ASN G 371 89.65 -30.18 42.67
CA ASN G 371 88.49 -30.52 43.49
C ASN G 371 87.77 -31.66 42.76
N GLY G 372 86.51 -31.48 42.38
CA GLY G 372 85.82 -32.45 41.50
C GLY G 372 85.39 -31.84 40.17
N ALA G 373 86.11 -30.80 39.74
CA ALA G 373 85.70 -30.02 38.58
C ALA G 373 86.76 -30.05 37.49
N PHE G 374 86.30 -30.08 36.24
CA PHE G 374 87.18 -29.93 35.09
C PHE G 374 86.41 -29.36 33.91
N THR G 375 87.11 -28.58 33.09
CA THR G 375 86.53 -27.92 31.93
C THR G 375 87.17 -28.49 30.69
N ALA G 376 86.40 -28.64 29.63
CA ALA G 376 86.93 -29.16 28.37
C ALA G 376 86.22 -28.53 27.17
N GLN G 377 86.98 -28.36 26.10
CA GLN G 377 86.48 -27.72 24.89
C GLN G 377 85.79 -28.77 24.04
N LEU G 378 84.57 -28.46 23.58
CA LEU G 378 83.80 -29.36 22.73
C LEU G 378 83.67 -28.78 21.33
N PRO G 379 84.38 -29.38 20.35
CA PRO G 379 84.32 -28.90 18.98
C PRO G 379 82.92 -28.80 18.38
N ALA G 380 82.79 -28.00 17.33
CA ALA G 380 81.56 -27.89 16.57
C ALA G 380 81.16 -29.27 16.03
N GLN G 381 79.90 -29.67 16.26
CA GLN G 381 79.37 -30.94 15.76
C GLN G 381 80.29 -32.13 16.04
N SER G 382 80.41 -32.47 17.33
CA SER G 382 81.32 -33.49 17.79
C SER G 382 80.73 -34.28 18.94
N VAL G 383 81.36 -35.43 19.21
CA VAL G 383 81.06 -36.20 20.40
C VAL G 383 82.39 -36.53 21.05
N THR G 384 82.45 -36.41 22.37
CA THR G 384 83.65 -36.71 23.12
C THR G 384 83.28 -37.70 24.22
N THR G 385 84.17 -38.65 24.49
CA THR G 385 83.96 -39.59 25.59
C THR G 385 85.09 -39.49 26.61
N PHE G 386 84.72 -39.12 27.84
CA PHE G 386 85.67 -38.98 28.94
C PHE G 386 85.72 -40.23 29.80
N VAL G 387 86.92 -40.65 30.18
CA VAL G 387 87.15 -41.77 31.10
C VAL G 387 88.10 -41.30 32.19
N ALA G 388 87.89 -41.76 33.43
CA ALA G 388 88.74 -41.35 34.55
C ALA G 388 88.66 -42.33 35.71
N ASN G 389 89.81 -42.62 36.33
CA ASN G 389 89.89 -43.56 37.44
C ASN G 389 89.34 -42.95 38.73
N LEU G 390 88.52 -43.72 39.45
CA LEU G 390 87.86 -43.24 40.65
C LEU G 390 88.62 -43.69 41.90
N SER G 391 88.66 -42.80 42.90
CA SER G 391 89.40 -43.06 44.14
C SER G 391 88.62 -44.02 45.02
N GLY G 392 89.34 -44.69 45.91
CA GLY G 392 88.75 -45.56 46.93
C GLY G 392 87.96 -46.75 46.43
N GLY G 393 88.31 -47.27 45.26
CA GLY G 393 87.62 -48.43 44.69
C GLY G 393 88.48 -49.67 44.61
N ASN G 394 87.83 -50.82 44.44
CA ASN G 394 88.49 -52.07 44.03
C ASN G 394 87.55 -53.27 43.89
N SER G 395 87.99 -54.21 43.06
CA SER G 395 87.39 -55.54 42.89
C SER G 395 88.26 -56.31 41.89
N GLY G 396 87.96 -57.60 41.70
CA GLY G 396 88.66 -58.40 40.69
C GLY G 396 88.41 -59.89 40.81
N GLY G 397 89.31 -60.64 41.47
CA GLY G 397 90.55 -60.11 42.05
C GLY G 397 91.65 -59.94 41.00
N ASN G 401 94.83 -61.87 39.66
CA ASN G 401 95.05 -61.94 38.21
C ASN G 401 96.48 -61.54 37.86
N THR G 402 96.89 -61.77 36.61
CA THR G 402 98.31 -61.90 36.29
C THR G 402 98.74 -61.89 34.81
N GLY G 403 99.82 -61.15 34.54
CA GLY G 403 100.81 -61.54 33.53
C GLY G 403 101.03 -60.75 32.26
N THR G 404 101.92 -59.76 32.31
CA THR G 404 102.41 -59.08 31.10
C THR G 404 103.88 -59.40 30.83
N THR G 405 104.17 -59.89 29.61
CA THR G 405 105.54 -60.26 29.23
C THR G 405 106.13 -59.23 28.29
N TYR G 406 107.35 -58.81 28.60
CA TYR G 406 108.09 -57.87 27.76
C TYR G 406 109.38 -58.56 27.29
N GLU G 407 109.59 -58.54 25.98
CA GLU G 407 110.78 -59.14 25.40
C GLU G 407 112.01 -58.31 25.73
N ALA G 408 113.17 -58.96 25.79
CA ALA G 408 114.43 -58.31 26.11
C ALA G 408 115.11 -57.79 24.85
N GLU G 409 114.86 -58.48 23.74
CA GLU G 409 115.56 -58.19 22.47
C GLU G 409 115.02 -56.95 21.76
N THR G 410 113.70 -56.77 21.79
CA THR G 410 113.03 -55.67 21.11
C THR G 410 112.26 -54.78 22.10
N GLY G 411 112.09 -53.51 21.74
CA GLY G 411 111.38 -52.55 22.58
C GLY G 411 112.18 -52.06 23.78
N THR G 412 113.49 -52.29 23.74
CA THR G 412 114.39 -51.97 24.84
C THR G 412 115.52 -51.09 24.33
N THR G 413 116.27 -50.51 25.26
CA THR G 413 117.45 -49.75 24.93
C THR G 413 118.65 -50.55 25.42
N LEU G 414 119.53 -50.95 24.48
CA LEU G 414 120.65 -51.82 24.78
C LEU G 414 121.95 -51.03 24.93
N THR G 415 122.71 -51.35 25.97
CA THR G 415 124.01 -50.72 26.18
C THR G 415 125.08 -51.79 26.12
N ASP G 416 125.89 -51.74 25.06
CA ASP G 416 127.02 -52.65 24.89
C ASP G 416 126.57 -54.11 25.01
N ALA G 417 125.53 -54.44 24.24
CA ALA G 417 124.90 -55.77 24.25
C ALA G 417 124.17 -55.98 22.93
N VAL G 418 123.84 -57.22 22.59
CA VAL G 418 123.26 -57.50 21.27
C VAL G 418 122.24 -58.65 21.25
N VAL G 419 121.33 -58.63 20.28
CA VAL G 419 120.39 -59.72 20.04
C VAL G 419 121.09 -60.88 19.31
N GLU G 420 120.72 -62.11 19.63
CA GLU G 420 121.27 -63.32 19.00
C GLU G 420 120.22 -64.43 19.00
N THR G 421 120.35 -65.38 18.07
CA THR G 421 119.37 -66.47 17.90
C THR G 421 119.99 -67.86 17.91
N LEU G 422 121.24 -67.96 18.33
CA LEU G 422 121.98 -69.21 18.25
C LEU G 422 121.27 -70.34 18.98
N TYR G 423 121.04 -70.13 20.28
CA TYR G 423 120.44 -71.12 21.14
C TYR G 423 118.90 -70.99 21.10
N PRO G 424 118.19 -72.10 20.78
CA PRO G 424 116.72 -72.03 20.66
C PRO G 424 116.05 -72.10 22.03
N GLY G 425 114.72 -72.05 22.03
CA GLY G 425 113.92 -72.11 23.26
C GLY G 425 113.56 -70.76 23.85
N TYR G 426 113.90 -69.69 23.14
CA TYR G 426 113.58 -68.33 23.58
C TYR G 426 112.18 -67.95 23.13
N THR G 427 111.62 -66.88 23.71
CA THR G 427 110.38 -66.27 23.22
C THR G 427 110.71 -65.06 22.34
N GLY G 428 109.70 -64.58 21.63
CA GLY G 428 109.87 -63.46 20.71
C GLY G 428 110.77 -63.78 19.54
N SER G 429 111.59 -62.82 19.15
CA SER G 429 112.49 -62.94 17.99
C SER G 429 113.93 -63.32 18.38
N GLY G 430 114.20 -63.46 19.67
CA GLY G 430 115.55 -63.77 20.12
C GLY G 430 115.79 -63.53 21.60
N TYR G 431 117.06 -63.34 21.94
CA TYR G 431 117.47 -63.05 23.32
C TYR G 431 118.69 -62.13 23.30
N VAL G 432 119.01 -61.56 24.46
CA VAL G 432 120.07 -60.56 24.55
C VAL G 432 121.35 -61.10 25.20
N ASN G 433 122.49 -60.74 24.60
CA ASN G 433 123.81 -61.11 25.11
C ASN G 433 124.59 -59.88 25.57
N PHE G 434 124.93 -59.85 26.86
CA PHE G 434 125.80 -58.83 27.45
C PHE G 434 127.25 -58.98 27.01
N ASN G 435 127.82 -57.94 26.40
CA ASN G 435 129.16 -58.03 25.76
C ASN G 435 130.35 -57.81 26.69
N ALA G 436 130.21 -56.92 27.66
CA ALA G 436 131.32 -56.58 28.56
C ALA G 436 131.07 -57.13 29.96
N TYR G 437 132.16 -57.53 30.60
CA TYR G 437 132.16 -58.11 31.95
C TYR G 437 131.48 -57.26 32.97
N THR G 438 131.72 -55.98 32.86
CA THR G 438 131.37 -55.04 33.88
C THR G 438 130.69 -53.98 33.11
N ASN G 439 129.46 -53.60 33.41
CA ASN G 439 128.76 -52.52 32.69
C ASN G 439 127.84 -52.61 31.44
N SER G 440 127.35 -53.79 31.09
CA SER G 440 126.50 -53.91 29.90
C SER G 440 125.09 -53.76 30.38
N ALA G 441 124.13 -53.29 29.60
CA ALA G 441 122.81 -53.14 30.20
C ALA G 441 121.67 -53.23 29.21
N ILE G 442 120.51 -53.61 29.75
CA ILE G 442 119.24 -53.59 29.02
C ILE G 442 118.29 -52.69 29.82
N GLU G 443 117.53 -51.84 29.11
CA GLU G 443 116.57 -50.97 29.76
C GLU G 443 115.19 -51.01 29.09
N TRP G 444 114.19 -51.41 29.86
CA TRP G 444 112.78 -51.35 29.44
C TRP G 444 112.25 -49.96 29.84
N ASN G 445 111.63 -49.26 28.91
CA ASN G 445 111.11 -47.89 29.14
C ASN G 445 109.62 -47.79 28.85
N ALA G 446 108.91 -48.91 28.89
CA ALA G 446 107.50 -48.92 28.52
C ALA G 446 106.70 -49.98 29.28
N ILE G 447 107.08 -50.28 30.52
CA ILE G 447 106.34 -51.27 31.30
C ILE G 447 105.16 -50.61 32.03
N ASN G 448 103.98 -51.04 31.62
CA ASN G 448 102.71 -50.36 31.87
C ASN G 448 101.87 -51.16 32.84
N ASN G 449 101.62 -50.57 34.01
CA ASN G 449 100.83 -51.20 35.07
C ASN G 449 99.52 -50.45 35.26
N MET G 450 98.55 -51.13 35.86
CA MET G 450 97.26 -50.51 36.14
C MET G 450 97.18 -49.89 37.53
N THR G 451 97.90 -50.50 38.49
CA THR G 451 97.93 -50.04 39.87
C THR G 451 99.37 -49.84 40.36
N THR G 452 99.54 -48.91 41.29
CA THR G 452 100.79 -48.76 42.01
C THR G 452 100.84 -49.86 43.06
N GLY G 453 101.88 -50.69 43.02
CA GLY G 453 102.01 -51.74 44.01
C GLY G 453 103.28 -52.56 43.94
N THR G 454 103.37 -53.49 44.88
CA THR G 454 104.41 -54.50 44.85
C THR G 454 104.21 -55.39 43.63
N LYS G 455 105.29 -55.61 42.89
CA LYS G 455 105.27 -56.37 41.64
C LYS G 455 106.28 -57.50 41.70
N ASN G 456 105.91 -58.63 41.11
CA ASN G 456 106.84 -59.70 40.86
C ASN G 456 107.40 -59.55 39.45
N VAL G 457 108.72 -59.47 39.33
CA VAL G 457 109.39 -59.40 38.05
C VAL G 457 110.14 -60.70 37.82
N LYS G 458 109.72 -61.46 36.80
CA LYS G 458 110.26 -62.78 36.51
C LYS G 458 111.18 -62.72 35.30
N PHE G 459 112.46 -63.03 35.51
CA PHE G 459 113.46 -63.02 34.44
C PHE G 459 113.61 -64.40 33.82
N ARG G 460 113.49 -64.51 32.51
CA ARG G 460 113.76 -65.77 31.82
C ARG G 460 115.14 -65.69 31.17
N TYR G 461 116.04 -66.57 31.60
CA TYR G 461 117.44 -66.45 31.24
C TYR G 461 118.13 -67.79 31.10
N ALA G 462 119.35 -67.75 30.58
CA ALA G 462 120.16 -68.96 30.40
C ALA G 462 121.60 -68.67 30.79
N LEU G 463 122.26 -69.69 31.32
CA LEU G 463 123.58 -69.52 31.88
C LEU G 463 124.24 -70.87 32.06
N GLU G 464 125.27 -71.14 31.25
CA GLU G 464 125.88 -72.48 31.17
C GLU G 464 126.47 -72.97 32.50
N SER G 465 127.42 -72.23 33.06
CA SER G 465 128.06 -72.64 34.33
C SER G 465 128.23 -71.57 35.42
N GLY G 466 128.41 -70.31 35.07
CA GLY G 466 128.72 -69.30 36.09
C GLY G 466 127.61 -68.98 37.10
N THR G 467 127.98 -68.25 38.15
CA THR G 467 127.01 -67.45 38.91
C THR G 467 127.31 -65.99 38.54
N ARG G 468 126.31 -65.28 38.05
CA ARG G 468 126.53 -63.94 37.48
C ARG G 468 125.60 -62.89 38.10
N ASN G 469 126.20 -61.79 38.55
CA ASN G 469 125.51 -60.80 39.34
C ASN G 469 125.15 -59.56 38.52
N LEU G 470 123.97 -58.99 38.78
CA LEU G 470 123.51 -57.78 38.09
C LEU G 470 122.96 -56.75 39.09
N ASP G 471 123.31 -55.49 38.86
CA ASP G 471 122.66 -54.36 39.51
C ASP G 471 121.33 -54.13 38.81
N ILE G 472 120.28 -53.82 39.58
CA ILE G 472 118.93 -53.66 39.05
C ILE G 472 118.35 -52.30 39.47
N TYR G 473 117.75 -51.61 38.51
CA TYR G 473 117.21 -50.28 38.71
C TYR G 473 115.75 -50.24 38.31
N VAL G 474 114.88 -49.80 39.23
CA VAL G 474 113.49 -49.51 38.93
C VAL G 474 113.30 -48.00 39.03
N ASN G 475 112.79 -47.41 37.94
CA ASN G 475 112.61 -45.96 37.79
C ASN G 475 113.78 -45.09 38.24
N GLY G 476 114.99 -45.58 38.01
CA GLY G 476 116.21 -44.80 38.24
C GLY G 476 116.91 -45.08 39.56
N THR G 477 116.32 -45.90 40.42
CA THR G 477 116.91 -46.20 41.74
C THR G 477 117.40 -47.64 41.86
N LYS G 478 118.60 -47.79 42.39
CA LYS G 478 119.17 -49.12 42.60
C LYS G 478 118.48 -49.82 43.79
N VAL G 479 117.63 -50.78 43.46
CA VAL G 479 116.84 -51.52 44.45
C VAL G 479 117.53 -52.82 44.85
N LEU G 480 118.31 -53.40 43.94
CA LEU G 480 119.14 -54.56 44.27
C LEU G 480 120.51 -54.35 43.66
N SER G 481 121.56 -54.60 44.45
CA SER G 481 122.93 -54.52 43.98
C SER G 481 123.54 -55.92 43.91
N ASN G 482 124.18 -56.23 42.79
CA ASN G 482 124.76 -57.57 42.56
C ASN G 482 123.79 -58.70 42.87
N GLU G 483 122.62 -58.67 42.24
CA GLU G 483 121.65 -59.74 42.38
C GLU G 483 122.19 -60.99 41.68
N PRO G 484 122.30 -62.12 42.41
CA PRO G 484 122.92 -63.34 41.85
C PRO G 484 122.02 -64.15 40.94
N PHE G 485 122.43 -64.32 39.68
CA PHE G 485 121.79 -65.24 38.75
C PHE G 485 122.59 -66.56 38.72
N THR G 486 121.91 -67.64 39.06
CA THR G 486 122.55 -68.95 39.21
C THR G 486 122.53 -69.74 37.89
N GLU G 487 123.51 -70.62 37.71
CA GLU G 487 123.67 -71.40 36.47
C GLU G 487 122.42 -72.20 36.15
N THR G 488 122.02 -72.20 34.88
CA THR G 488 120.94 -73.06 34.40
C THR G 488 121.48 -74.41 33.93
N GLY G 489 122.76 -74.45 33.56
CA GLY G 489 123.40 -75.70 33.15
C GLY G 489 123.88 -75.66 31.71
N SER G 490 123.23 -74.83 30.90
CA SER G 490 123.56 -74.69 29.48
C SER G 490 122.93 -73.42 28.90
N TRP G 491 123.50 -72.92 27.82
CA TRP G 491 122.96 -71.77 27.11
C TRP G 491 121.64 -72.04 26.38
N SER G 492 121.23 -73.30 26.28
CA SER G 492 119.92 -73.61 25.69
C SER G 492 118.94 -74.05 26.75
N THR G 493 119.35 -73.96 28.02
CA THR G 493 118.46 -74.23 29.14
C THR G 493 118.03 -72.90 29.74
N TRP G 494 116.74 -72.61 29.61
CA TRP G 494 116.14 -71.40 30.13
C TRP G 494 115.51 -71.67 31.47
N GLY G 495 115.99 -70.98 32.50
CA GLY G 495 115.41 -71.02 33.82
C GLY G 495 114.78 -69.68 34.15
N GLU G 496 114.18 -69.60 35.33
CA GLU G 496 113.45 -68.42 35.74
C GLU G 496 113.94 -67.96 37.11
N LYS G 497 113.92 -66.64 37.31
CA LYS G 497 114.26 -66.06 38.59
C LYS G 497 113.35 -64.89 38.86
N THR G 498 112.79 -64.84 40.06
CA THR G 498 111.82 -63.84 40.44
C THR G 498 112.35 -62.90 41.52
N ILE G 499 112.02 -61.62 41.38
CA ILE G 499 112.30 -60.60 42.38
C ILE G 499 111.04 -59.80 42.66
N GLN G 500 111.01 -59.16 43.82
CA GLN G 500 109.94 -58.28 44.21
C GLN G 500 110.46 -56.84 44.23
N VAL G 501 109.71 -55.96 43.57
CA VAL G 501 110.01 -54.53 43.56
C VAL G 501 108.68 -53.79 43.62
N ALA G 502 108.72 -52.46 43.56
CA ALA G 502 107.48 -51.68 43.53
C ALA G 502 107.47 -50.80 42.31
N MET G 503 106.31 -50.67 41.68
CA MET G 503 106.14 -49.80 40.51
C MET G 503 104.87 -48.94 40.63
N ASN G 504 104.89 -47.79 39.97
CA ASN G 504 103.72 -46.90 39.83
C ASN G 504 102.79 -47.36 38.71
N SER G 505 101.57 -46.83 38.71
CA SER G 505 100.54 -47.22 37.75
C SER G 505 100.79 -46.72 36.32
N GLY G 506 101.66 -45.74 36.15
CA GLY G 506 101.97 -45.28 34.79
C GLY G 506 102.94 -46.18 34.01
N VAL G 507 103.71 -45.53 33.15
CA VAL G 507 104.86 -46.15 32.51
C VAL G 507 105.96 -46.22 33.55
N ASN G 508 106.76 -47.30 33.53
CA ASN G 508 107.94 -47.43 34.40
C ASN G 508 109.17 -47.90 33.62
N THR G 509 110.33 -47.68 34.22
CA THR G 509 111.58 -48.11 33.61
C THR G 509 112.31 -49.09 34.49
N LEU G 510 112.88 -50.12 33.87
CA LEU G 510 113.69 -51.09 34.56
C LEU G 510 114.96 -51.28 33.74
N ARG G 511 116.08 -51.23 34.45
CA ARG G 511 117.40 -51.29 33.85
C ARG G 511 118.21 -52.33 34.59
N ILE G 512 118.82 -53.25 33.84
CA ILE G 512 119.71 -54.24 34.43
C ILE G 512 121.07 -54.07 33.79
N VAL G 513 122.13 -54.12 34.61
CA VAL G 513 123.48 -53.93 34.09
C VAL G 513 124.49 -54.82 34.79
N THR G 514 125.52 -55.15 34.05
CA THR G 514 126.68 -55.94 34.47
C THR G 514 127.58 -55.27 35.52
N THR G 515 128.19 -56.07 36.37
CA THR G 515 128.88 -55.52 37.53
C THR G 515 130.33 -56.05 37.73
N GLY G 516 130.88 -56.71 36.71
CA GLY G 516 132.27 -57.21 36.75
C GLY G 516 132.41 -58.70 36.48
N THR G 517 131.26 -59.37 36.30
CA THR G 517 131.15 -60.78 35.96
C THR G 517 130.25 -61.06 34.72
N GLU G 518 130.03 -60.07 33.87
CA GLU G 518 129.14 -60.19 32.69
C GLU G 518 127.68 -60.46 33.15
N GLY G 519 126.87 -61.13 32.33
CA GLY G 519 125.50 -61.42 32.67
C GLY G 519 125.00 -62.65 31.94
N PRO G 520 123.84 -63.16 32.36
CA PRO G 520 123.23 -64.28 31.67
C PRO G 520 122.71 -63.83 30.32
N ASN G 521 122.43 -64.78 29.43
CA ASN G 521 121.71 -64.42 28.23
C ASN G 521 120.26 -64.19 28.64
N MET G 522 119.70 -63.04 28.26
CA MET G 522 118.41 -62.62 28.80
C MET G 522 117.33 -62.67 27.73
N ASP G 523 116.30 -63.47 28.00
CA ASP G 523 115.24 -63.75 27.04
C ASP G 523 114.15 -62.70 27.12
N ASN G 524 113.52 -62.61 28.29
CA ASN G 524 112.41 -61.69 28.52
C ASN G 524 112.25 -61.42 30.02
N ILE G 525 111.30 -60.56 30.34
CA ILE G 525 110.81 -60.43 31.71
C ILE G 525 109.29 -60.49 31.70
N THR G 526 108.73 -61.05 32.76
CA THR G 526 107.29 -61.00 33.01
C THR G 526 107.07 -60.18 34.30
N VAL G 527 106.09 -59.29 34.26
CA VAL G 527 105.75 -58.42 35.39
C VAL G 527 104.32 -58.71 35.84
N THR G 528 104.18 -59.09 37.10
CA THR G 528 102.87 -59.47 37.67
C THR G 528 102.67 -58.80 39.01
N ALA G 529 101.51 -58.15 39.19
CA ALA G 529 101.16 -57.52 40.46
C ALA G 529 100.90 -58.56 41.54
N SER G 530 101.37 -58.29 42.76
CA SER G 530 100.99 -59.04 43.95
C SER G 530 99.82 -58.33 44.62
N ALA G 531 98.78 -59.07 44.96
CA ALA G 531 97.57 -58.51 45.56
C ALA G 531 97.82 -58.09 47.01
N LYS G 532 97.00 -57.15 47.48
CA LYS G 532 97.03 -56.74 48.89
C LYS G 532 96.69 -57.93 49.78
N GLY G 533 97.59 -58.25 50.69
CA GLY G 533 97.42 -59.39 51.60
C GLY G 533 98.43 -60.48 51.36
N GLU G 534 98.54 -60.92 50.10
CA GLU G 534 99.47 -61.97 49.71
C GLU G 534 100.92 -61.56 50.00
N ALA H 1 6.24 -50.46 -14.58
CA ALA H 1 5.00 -50.29 -13.77
C ALA H 1 5.12 -50.96 -12.39
N SER H 2 4.67 -52.20 -12.27
CA SER H 2 4.53 -52.85 -10.98
C SER H 2 5.52 -54.00 -10.81
N ASP H 3 5.53 -54.59 -9.61
CA ASP H 3 6.39 -55.72 -9.32
C ASP H 3 5.69 -57.02 -9.67
N ALA H 4 6.49 -58.03 -9.99
CA ALA H 4 6.00 -59.38 -10.17
C ALA H 4 6.32 -60.14 -8.89
N ASN H 5 5.32 -60.28 -8.02
CA ASN H 5 5.48 -60.99 -6.76
C ASN H 5 5.39 -62.50 -6.98
N ILE H 6 6.48 -63.19 -6.70
CA ILE H 6 6.60 -64.63 -6.92
C ILE H 6 6.40 -65.35 -5.59
N ASN H 7 5.20 -65.86 -5.35
CA ASN H 7 4.87 -66.49 -4.07
C ASN H 7 5.12 -67.99 -4.05
N LEU H 8 6.29 -68.37 -3.52
CA LEU H 8 6.80 -69.72 -3.65
C LEU H 8 6.09 -70.77 -2.79
N SER H 9 5.29 -70.36 -1.82
CA SER H 9 4.58 -71.30 -0.94
C SER H 9 3.10 -71.46 -1.29
N SER H 10 2.64 -70.73 -2.30
CA SER H 10 1.27 -70.84 -2.79
C SER H 10 1.28 -71.65 -4.08
N GLU H 11 1.24 -72.97 -3.95
CA GLU H 11 1.37 -73.85 -5.10
C GLU H 11 0.06 -74.00 -5.86
N LYS H 12 0.20 -74.14 -7.17
CA LYS H 12 -0.91 -74.42 -8.06
C LYS H 12 -0.73 -75.84 -8.59
N GLN H 13 -0.78 -76.02 -9.91
CA GLN H 13 -0.82 -77.35 -10.50
C GLN H 13 0.55 -77.99 -10.59
N LEU H 14 0.54 -79.33 -10.48
CA LEU H 14 1.71 -80.15 -10.68
C LEU H 14 1.96 -80.23 -12.17
N ILE H 15 3.20 -80.07 -12.60
CA ILE H 15 3.52 -80.07 -14.02
C ILE H 15 3.92 -81.48 -14.47
N LYS H 16 3.25 -81.96 -15.51
CA LYS H 16 3.56 -83.26 -16.09
C LYS H 16 4.52 -83.12 -17.30
N GLY H 17 4.43 -82.01 -18.02
CA GLY H 17 5.41 -81.75 -19.06
C GLY H 17 4.88 -81.24 -20.38
N PHE H 18 5.73 -81.38 -21.40
CA PHE H 18 5.57 -80.66 -22.65
C PHE H 18 6.07 -81.53 -23.78
N GLY H 19 5.36 -81.53 -24.90
CA GLY H 19 5.76 -82.35 -26.02
C GLY H 19 5.05 -82.12 -27.33
N GLY H 20 4.95 -83.18 -28.11
CA GLY H 20 4.28 -83.14 -29.40
C GLY H 20 3.98 -84.54 -29.92
N ILE H 21 3.36 -84.61 -31.09
CA ILE H 21 2.94 -85.90 -31.64
C ILE H 21 3.93 -86.39 -32.67
N ASN H 22 4.19 -87.70 -32.64
CA ASN H 22 4.88 -88.39 -33.71
C ASN H 22 3.84 -89.12 -34.55
N HIS H 23 3.86 -88.89 -35.86
CA HIS H 23 2.86 -89.55 -36.70
C HIS H 23 3.44 -90.23 -37.96
N PRO H 24 4.04 -91.42 -37.79
CA PRO H 24 4.64 -92.14 -38.92
C PRO H 24 3.73 -92.31 -40.13
N ALA H 25 2.46 -92.64 -39.89
CA ALA H 25 1.54 -92.93 -40.98
C ALA H 25 1.28 -91.72 -41.87
N TRP H 26 1.12 -90.54 -41.28
CA TRP H 26 0.71 -89.38 -42.06
C TRP H 26 1.85 -88.45 -42.51
N ILE H 27 2.95 -88.44 -41.77
CA ILE H 27 4.09 -87.57 -42.10
C ILE H 27 5.47 -88.22 -42.02
N GLY H 28 5.57 -89.37 -41.39
CA GLY H 28 6.84 -90.10 -41.34
C GLY H 28 7.49 -90.01 -39.98
N ASP H 29 8.11 -91.10 -39.57
CA ASP H 29 8.76 -91.22 -38.27
C ASP H 29 9.84 -90.17 -38.07
N LEU H 30 10.16 -89.87 -36.82
CA LEU H 30 11.36 -89.10 -36.53
C LEU H 30 12.53 -90.03 -36.78
N THR H 31 13.58 -89.50 -37.41
CA THR H 31 14.84 -90.21 -37.57
C THR H 31 15.55 -90.29 -36.23
N ALA H 32 16.53 -91.20 -36.16
CA ALA H 32 17.33 -91.42 -34.96
C ALA H 32 17.86 -90.15 -34.31
N ALA H 33 18.26 -89.20 -35.14
CA ALA H 33 18.86 -87.95 -34.67
C ALA H 33 17.79 -86.99 -34.18
N GLN H 34 16.67 -86.93 -34.93
CA GLN H 34 15.51 -86.13 -34.56
C GLN H 34 14.91 -86.52 -33.19
N ARG H 35 15.00 -87.80 -32.82
CA ARG H 35 14.53 -88.24 -31.50
C ARG H 35 15.32 -87.59 -30.35
N GLU H 36 16.63 -87.43 -30.57
CA GLU H 36 17.52 -86.83 -29.57
C GLU H 36 17.22 -85.36 -29.41
N THR H 37 17.09 -84.69 -30.55
CA THR H 37 16.77 -83.27 -30.58
C THR H 37 15.45 -82.97 -29.88
N ALA H 38 14.47 -83.86 -30.01
CA ALA H 38 13.15 -83.66 -29.41
C ALA H 38 13.10 -84.02 -27.92
N PHE H 39 13.61 -85.18 -27.54
CA PHE H 39 13.36 -85.69 -26.19
C PHE H 39 14.54 -85.67 -25.23
N GLY H 40 15.74 -85.41 -25.74
CA GLY H 40 16.88 -85.11 -24.88
C GLY H 40 16.71 -83.71 -24.35
N ASN H 41 17.38 -83.42 -23.24
CA ASN H 41 17.51 -82.05 -22.74
C ASN H 41 18.97 -81.67 -22.99
N GLY H 42 19.46 -80.61 -22.37
CA GLY H 42 20.82 -80.15 -22.69
C GLY H 42 20.95 -79.64 -24.13
N GLN H 43 22.19 -79.36 -24.52
CA GLN H 43 22.48 -78.41 -25.62
C GLN H 43 21.85 -78.76 -26.97
N ASN H 44 21.11 -77.80 -27.52
CA ASN H 44 20.59 -77.90 -28.89
C ASN H 44 19.42 -78.90 -28.98
N GLN H 45 18.84 -79.24 -27.82
CA GLN H 45 17.74 -80.20 -27.71
C GLN H 45 16.57 -79.54 -26.98
N LEU H 46 15.34 -79.91 -27.36
CA LEU H 46 14.13 -79.24 -26.85
C LEU H 46 13.75 -79.60 -25.40
N GLY H 47 14.07 -80.81 -24.98
CA GLY H 47 13.75 -81.26 -23.63
C GLY H 47 12.29 -81.66 -23.45
N PHE H 48 11.67 -82.14 -24.52
CA PHE H 48 10.28 -82.59 -24.42
C PHE H 48 10.23 -83.78 -23.47
N SER H 49 9.20 -83.80 -22.64
CA SER H 49 9.00 -84.82 -21.62
C SER H 49 7.71 -85.61 -21.85
N ILE H 50 7.01 -85.32 -22.96
CA ILE H 50 5.77 -86.02 -23.33
C ILE H 50 5.71 -86.28 -24.83
N LEU H 51 5.38 -87.52 -25.17
CA LEU H 51 5.18 -87.93 -26.55
C LEU H 51 3.74 -88.37 -26.70
N ARG H 52 3.10 -87.93 -27.78
CA ARG H 52 1.78 -88.40 -28.16
C ARG H 52 1.95 -89.29 -29.38
N ILE H 53 1.17 -90.37 -29.45
CA ILE H 53 1.16 -91.27 -30.60
C ILE H 53 -0.27 -91.60 -31.06
N TYR H 54 -0.32 -92.27 -32.21
CA TYR H 54 -1.56 -92.58 -32.91
C TYR H 54 -1.99 -94.02 -32.63
N VAL H 55 -3.27 -94.23 -32.35
CA VAL H 55 -3.82 -95.59 -32.25
C VAL H 55 -4.52 -95.91 -33.56
N ASP H 56 -3.79 -96.48 -34.50
CA ASP H 56 -4.30 -96.75 -35.84
C ASP H 56 -5.51 -97.69 -35.75
N ASP H 57 -6.49 -97.48 -36.63
CA ASP H 57 -7.67 -98.36 -36.65
C ASP H 57 -7.32 -99.76 -37.15
N ASN H 58 -6.27 -99.85 -37.97
CA ASN H 58 -5.71 -101.13 -38.44
C ASN H 58 -4.56 -101.56 -37.53
N ARG H 59 -4.79 -102.61 -36.76
CA ARG H 59 -3.80 -103.15 -35.82
C ARG H 59 -2.48 -103.62 -36.44
N ASN H 60 -2.51 -103.97 -37.73
CA ASN H 60 -1.30 -104.38 -38.42
C ASN H 60 -0.28 -103.25 -38.62
N ASN H 61 -0.68 -102.00 -38.36
CA ASN H 61 0.25 -100.85 -38.43
C ASN H 61 0.80 -100.38 -37.07
N TRP H 62 0.44 -101.07 -35.98
CA TRP H 62 0.83 -100.62 -34.63
C TRP H 62 2.34 -100.65 -34.37
N TYR H 63 3.05 -101.53 -35.06
CA TYR H 63 4.49 -101.65 -34.93
C TYR H 63 5.21 -100.31 -35.17
N ARG H 64 4.65 -99.46 -36.03
CA ARG H 64 5.31 -98.21 -36.46
C ARG H 64 5.62 -97.27 -35.31
N GLU H 65 4.82 -97.34 -34.25
CA GLU H 65 4.96 -96.41 -33.12
C GLU H 65 6.07 -96.82 -32.17
N VAL H 66 6.53 -98.06 -32.25
CA VAL H 66 7.36 -98.65 -31.20
C VAL H 66 8.75 -98.01 -31.02
N ALA H 67 9.48 -97.83 -32.13
CA ALA H 67 10.87 -97.37 -32.07
C ALA H 67 11.03 -96.01 -31.38
N THR H 68 10.27 -95.03 -31.86
CA THR H 68 10.30 -93.69 -31.28
C THR H 68 9.74 -93.66 -29.85
N ALA H 69 8.75 -94.52 -29.59
CA ALA H 69 8.14 -94.60 -28.26
C ALA H 69 9.11 -95.15 -27.21
N LYS H 70 9.76 -96.27 -27.53
CA LYS H 70 10.79 -96.84 -26.65
C LYS H 70 11.87 -95.81 -26.33
N ARG H 71 12.36 -95.15 -27.37
CA ARG H 71 13.47 -94.19 -27.20
C ARG H 71 13.09 -93.01 -26.33
N ALA H 72 11.87 -92.49 -26.50
CA ALA H 72 11.33 -91.42 -25.67
C ALA H 72 11.31 -91.84 -24.20
N ILE H 73 10.91 -93.08 -23.95
CA ILE H 73 10.83 -93.60 -22.58
C ILE H 73 12.22 -93.71 -21.94
N GLU H 74 13.24 -94.05 -22.74
CA GLU H 74 14.63 -94.06 -22.26
C GLU H 74 15.09 -92.66 -21.85
N GLN H 75 14.60 -91.66 -22.58
CA GLN H 75 14.88 -90.25 -22.28
C GLN H 75 13.94 -89.67 -21.20
N GLY H 76 13.20 -90.54 -20.50
CA GLY H 76 12.40 -90.14 -19.35
C GLY H 76 11.03 -89.57 -19.65
N ALA H 77 10.63 -89.57 -20.92
CA ALA H 77 9.33 -89.03 -21.31
C ALA H 77 8.19 -89.98 -20.96
N LEU H 78 6.98 -89.41 -20.85
CA LEU H 78 5.76 -90.19 -20.76
C LEU H 78 5.18 -90.31 -22.17
N VAL H 79 4.48 -91.41 -22.43
CA VAL H 79 3.84 -91.63 -23.74
C VAL H 79 2.33 -91.85 -23.60
N PHE H 80 1.56 -91.22 -24.48
CA PHE H 80 0.11 -91.44 -24.54
C PHE H 80 -0.40 -91.53 -25.98
N ALA H 81 -1.53 -92.19 -26.16
CA ALA H 81 -2.02 -92.49 -27.49
C ALA H 81 -3.47 -92.03 -27.71
N SER H 82 -3.72 -91.47 -28.89
CA SER H 82 -5.05 -91.00 -29.28
C SER H 82 -5.56 -91.73 -30.52
N PRO H 83 -6.78 -92.27 -30.46
CA PRO H 83 -7.39 -92.88 -31.62
C PRO H 83 -8.22 -91.86 -32.39
N TRP H 84 -8.28 -92.01 -33.72
CA TRP H 84 -9.12 -91.16 -34.59
C TRP H 84 -10.37 -91.89 -35.06
N ASN H 85 -10.23 -93.19 -35.34
CA ASN H 85 -11.36 -94.05 -35.72
C ASN H 85 -11.25 -95.44 -35.12
N PRO H 86 -12.40 -96.04 -34.77
CA PRO H 86 -12.48 -97.46 -34.48
C PRO H 86 -12.24 -98.23 -35.76
N PRO H 87 -11.84 -99.50 -35.66
CA PRO H 87 -11.77 -100.35 -36.85
C PRO H 87 -13.05 -100.21 -37.66
N SER H 88 -12.96 -100.23 -38.97
CA SER H 88 -14.10 -99.80 -39.81
C SER H 88 -15.34 -100.69 -39.74
N ASP H 89 -15.23 -101.91 -39.20
CA ASP H 89 -16.42 -102.77 -39.02
C ASP H 89 -17.23 -102.41 -37.76
N MET H 90 -16.68 -101.52 -36.93
CA MET H 90 -17.39 -100.99 -35.75
C MET H 90 -18.04 -99.64 -36.05
N VAL H 91 -17.89 -99.15 -37.26
CA VAL H 91 -18.34 -97.82 -37.63
C VAL H 91 -19.65 -97.89 -38.43
N GLU H 92 -20.59 -97.00 -38.14
CA GLU H 92 -21.78 -96.78 -38.99
C GLU H 92 -21.83 -95.34 -39.51
N THR H 93 -22.43 -95.18 -40.69
CA THR H 93 -22.60 -93.87 -41.33
C THR H 93 -24.00 -93.29 -41.10
N PHE H 94 -24.07 -91.98 -40.93
CA PHE H 94 -25.35 -91.29 -40.74
C PHE H 94 -25.25 -89.88 -41.28
N ASN H 95 -26.41 -89.28 -41.52
CA ASN H 95 -26.47 -87.88 -41.87
C ASN H 95 -26.55 -87.05 -40.60
N ARG H 96 -25.66 -86.09 -40.50
CA ARG H 96 -25.61 -85.23 -39.36
C ARG H 96 -25.54 -83.83 -39.92
N ASN H 97 -26.67 -83.13 -39.92
CA ASN H 97 -26.68 -81.73 -40.35
C ASN H 97 -26.37 -81.50 -41.84
N GLY H 98 -26.58 -82.54 -42.65
CA GLY H 98 -26.42 -82.45 -44.10
C GLY H 98 -25.25 -83.25 -44.65
N ALA H 99 -24.31 -83.61 -43.79
CA ALA H 99 -23.08 -84.29 -44.22
C ALA H 99 -23.06 -85.77 -43.86
N SER H 100 -22.62 -86.60 -44.80
CA SER H 100 -22.22 -87.96 -44.49
C SER H 100 -21.23 -87.90 -43.34
N ALA H 101 -21.50 -88.66 -42.29
CA ALA H 101 -20.68 -88.65 -41.09
C ALA H 101 -20.58 -90.06 -40.52
N LYS H 102 -19.56 -90.30 -39.68
CA LYS H 102 -19.33 -91.60 -39.06
C LYS H 102 -19.44 -91.53 -37.54
N ARG H 103 -19.94 -92.61 -36.93
CA ARG H 103 -19.91 -92.79 -35.47
C ARG H 103 -19.68 -94.26 -35.11
N LEU H 104 -19.31 -94.51 -33.85
CA LEU H 104 -19.21 -95.87 -33.33
C LEU H 104 -20.61 -96.52 -33.24
N LYS H 105 -20.78 -97.66 -33.91
CA LYS H 105 -22.03 -98.42 -33.82
C LYS H 105 -22.33 -98.75 -32.38
N TYR H 106 -23.60 -98.62 -31.99
CA TYR H 106 -24.02 -98.72 -30.58
C TYR H 106 -23.79 -100.09 -29.96
N ASP H 107 -23.83 -101.14 -30.77
CA ASP H 107 -23.57 -102.51 -30.32
C ASP H 107 -22.07 -102.91 -30.38
N LYS H 108 -21.20 -101.94 -30.61
CA LYS H 108 -19.76 -102.19 -30.75
C LYS H 108 -18.92 -101.46 -29.72
N TYR H 109 -19.56 -100.91 -28.70
CA TYR H 109 -18.85 -100.20 -27.65
C TYR H 109 -17.89 -101.13 -26.92
N ALA H 110 -18.37 -102.30 -26.52
CA ALA H 110 -17.55 -103.26 -25.79
C ALA H 110 -16.37 -103.69 -26.67
N ALA H 111 -16.67 -104.03 -27.92
CA ALA H 111 -15.66 -104.40 -28.89
C ALA H 111 -14.67 -103.25 -29.16
N TYR H 112 -15.14 -102.00 -29.13
CA TYR H 112 -14.24 -100.84 -29.23
C TYR H 112 -13.27 -100.72 -28.05
N ALA H 113 -13.75 -100.99 -26.84
CA ALA H 113 -12.90 -100.97 -25.64
C ALA H 113 -11.81 -102.06 -25.69
N GLN H 114 -12.13 -103.22 -26.25
CA GLN H 114 -11.15 -104.29 -26.43
C GLN H 114 -10.08 -103.93 -27.50
N HIS H 115 -10.46 -103.13 -28.49
CA HIS H 115 -9.49 -102.62 -29.50
C HIS H 115 -8.44 -101.74 -28.82
N LEU H 116 -8.88 -100.89 -27.90
CA LEU H 116 -7.98 -100.02 -27.15
C LEU H 116 -7.16 -100.80 -26.12
N ASN H 117 -7.75 -101.78 -25.45
CA ASN H 117 -6.99 -102.69 -24.58
C ASN H 117 -5.92 -103.43 -25.36
N ASP H 118 -6.29 -103.96 -26.52
CA ASP H 118 -5.34 -104.66 -27.38
C ASP H 118 -4.18 -103.77 -27.80
N PHE H 119 -4.43 -102.48 -28.02
CA PHE H 119 -3.35 -101.57 -28.37
C PHE H 119 -2.40 -101.41 -27.18
N VAL H 120 -2.97 -101.27 -25.99
CA VAL H 120 -2.20 -101.09 -24.76
C VAL H 120 -1.34 -102.31 -24.47
N THR H 121 -1.89 -103.49 -24.78
CA THR H 121 -1.21 -104.76 -24.56
C THR H 121 -0.09 -104.98 -25.59
N PHE H 122 -0.35 -104.63 -26.84
CA PHE H 122 0.69 -104.68 -27.87
C PHE H 122 1.89 -103.80 -27.55
N MET H 123 1.65 -102.58 -27.07
CA MET H 123 2.73 -101.67 -26.68
C MET H 123 3.49 -102.20 -25.47
N LYS H 124 2.76 -102.70 -24.47
CA LYS H 124 3.39 -103.32 -23.30
C LYS H 124 4.28 -104.50 -23.70
N ASN H 125 3.79 -105.36 -24.59
CA ASN H 125 4.54 -106.52 -25.06
C ASN H 125 5.75 -106.15 -25.94
N ASN H 126 5.90 -104.86 -26.25
CA ASN H 126 7.07 -104.37 -26.99
C ASN H 126 7.90 -103.35 -26.22
N GLY H 127 7.71 -103.25 -24.90
CA GLY H 127 8.57 -102.43 -24.04
C GLY H 127 8.11 -101.00 -23.80
N VAL H 128 6.84 -100.72 -24.12
CA VAL H 128 6.27 -99.37 -23.96
C VAL H 128 5.06 -99.42 -23.03
N ASP H 129 5.19 -98.82 -21.85
CA ASP H 129 4.10 -98.72 -20.91
C ASP H 129 3.46 -97.35 -21.05
N LEU H 130 2.31 -97.30 -21.70
CA LEU H 130 1.60 -96.05 -21.94
C LEU H 130 1.19 -95.42 -20.63
N TYR H 131 1.31 -94.10 -20.54
CA TYR H 131 0.80 -93.38 -19.40
C TYR H 131 -0.73 -93.22 -19.49
N ALA H 132 -1.26 -93.08 -20.70
CA ALA H 132 -2.71 -92.99 -20.91
C ALA H 132 -3.12 -93.33 -22.34
N ILE H 133 -4.38 -93.70 -22.51
CA ILE H 133 -4.99 -93.79 -23.83
C ILE H 133 -6.25 -92.95 -23.83
N SER H 134 -6.56 -92.38 -24.99
CA SER H 134 -7.70 -91.48 -25.15
C SER H 134 -8.85 -92.22 -25.79
N VAL H 135 -10.07 -91.79 -25.45
CA VAL H 135 -11.26 -92.42 -25.97
C VAL H 135 -11.42 -92.08 -27.44
N GLN H 136 -11.24 -90.79 -27.75
CA GLN H 136 -11.40 -90.29 -29.12
C GLN H 136 -10.74 -88.92 -29.28
N ASN H 137 -9.96 -88.75 -30.34
CA ASN H 137 -9.48 -87.43 -30.73
C ASN H 137 -10.59 -86.58 -31.33
N GLU H 138 -10.83 -85.42 -30.73
CA GLU H 138 -11.83 -84.45 -31.23
C GLU H 138 -13.12 -85.10 -31.68
N PRO H 139 -13.85 -85.71 -30.73
CA PRO H 139 -15.18 -86.26 -31.04
C PRO H 139 -16.15 -85.20 -31.53
N ASP H 140 -15.89 -83.93 -31.20
CA ASP H 140 -16.76 -82.81 -31.58
C ASP H 140 -16.22 -81.99 -32.75
N TYR H 141 -15.29 -82.56 -33.52
CA TYR H 141 -14.86 -81.95 -34.79
C TYR H 141 -14.39 -83.05 -35.71
N ALA H 142 -15.28 -84.01 -35.93
CA ALA H 142 -14.95 -85.27 -36.57
C ALA H 142 -15.46 -85.37 -38.01
N HIS H 143 -15.38 -84.26 -38.74
CA HIS H 143 -15.77 -84.22 -40.15
C HIS H 143 -15.08 -85.33 -40.96
N ASP H 144 -13.82 -85.62 -40.61
CA ASP H 144 -13.03 -86.62 -41.35
C ASP H 144 -12.61 -87.84 -40.53
N TRP H 145 -13.23 -88.01 -39.37
CA TRP H 145 -13.02 -89.20 -38.56
C TRP H 145 -14.32 -89.66 -37.88
N THR H 146 -14.30 -89.94 -36.58
CA THR H 146 -15.47 -90.52 -35.93
C THR H 146 -16.10 -89.57 -34.91
N TRP H 147 -17.31 -89.14 -35.21
CA TRP H 147 -18.09 -88.27 -34.33
C TRP H 147 -18.65 -89.01 -33.11
N TRP H 148 -18.64 -88.33 -31.98
CA TRP H 148 -19.35 -88.74 -30.77
C TRP H 148 -20.07 -87.51 -30.19
N THR H 149 -21.32 -87.69 -29.75
CA THR H 149 -22.04 -86.71 -28.93
C THR H 149 -21.68 -86.87 -27.45
N PRO H 150 -22.00 -85.86 -26.62
CA PRO H 150 -21.87 -85.95 -25.16
C PRO H 150 -22.52 -87.20 -24.55
N GLN H 151 -23.74 -87.53 -24.96
CA GLN H 151 -24.41 -88.75 -24.50
C GLN H 151 -23.65 -90.03 -24.91
N GLU H 152 -23.13 -90.02 -26.13
CA GLU H 152 -22.38 -91.17 -26.63
C GLU H 152 -21.06 -91.36 -25.88
N ILE H 153 -20.31 -90.25 -25.72
CA ILE H 153 -19.11 -90.21 -24.87
C ILE H 153 -19.41 -90.68 -23.43
N LEU H 154 -20.42 -90.06 -22.81
CA LEU H 154 -20.79 -90.38 -21.44
C LEU H 154 -21.10 -91.86 -21.28
N ARG H 155 -21.89 -92.40 -22.20
CA ARG H 155 -22.21 -93.83 -22.17
C ARG H 155 -20.94 -94.68 -22.09
N PHE H 156 -19.98 -94.38 -22.95
CA PHE H 156 -18.74 -95.16 -22.99
C PHE H 156 -17.98 -95.06 -21.67
N MET H 157 -17.95 -93.86 -21.09
CA MET H 157 -17.20 -93.62 -19.87
C MET H 157 -17.77 -94.32 -18.64
N LYS H 158 -19.09 -94.55 -18.64
CA LYS H 158 -19.76 -95.27 -17.54
C LYS H 158 -19.69 -96.77 -17.69
N GLU H 159 -19.91 -97.25 -18.91
CA GLU H 159 -20.11 -98.68 -19.14
C GLU H 159 -18.89 -99.43 -19.61
N ASN H 160 -18.03 -98.75 -20.38
CA ASN H 160 -16.93 -99.44 -21.06
C ASN H 160 -15.53 -99.06 -20.57
N ALA H 161 -15.35 -97.78 -20.22
CA ALA H 161 -14.07 -97.29 -19.74
C ALA H 161 -13.78 -97.89 -18.37
N GLY H 162 -12.51 -98.11 -18.07
CA GLY H 162 -12.19 -98.77 -16.80
C GLY H 162 -12.44 -100.28 -16.79
N SER H 163 -12.99 -100.83 -17.86
CA SER H 163 -12.60 -102.16 -18.31
C SER H 163 -11.32 -102.01 -19.15
N ILE H 164 -10.92 -100.76 -19.42
CA ILE H 164 -9.61 -100.45 -19.97
C ILE H 164 -8.55 -100.53 -18.86
N GLN H 165 -7.72 -101.57 -18.96
CA GLN H 165 -6.71 -101.90 -17.94
C GLN H 165 -5.33 -101.65 -18.52
N GLY H 166 -4.35 -101.48 -17.64
CA GLY H 166 -2.95 -101.35 -18.05
C GLY H 166 -2.48 -99.95 -18.37
N THR H 167 -3.41 -98.98 -18.38
CA THR H 167 -3.07 -97.58 -18.56
C THR H 167 -4.20 -96.70 -18.02
N ARG H 168 -3.96 -95.39 -17.94
CA ARG H 168 -5.01 -94.43 -17.58
C ARG H 168 -5.87 -94.10 -18.79
N VAL H 169 -7.12 -93.70 -18.53
CA VAL H 169 -8.07 -93.32 -19.58
C VAL H 169 -8.21 -91.81 -19.67
N MET H 170 -8.08 -91.29 -20.90
CA MET H 170 -8.20 -89.87 -21.16
C MET H 170 -9.48 -89.60 -21.95
N ALA H 171 -10.15 -88.49 -21.65
CA ALA H 171 -11.33 -88.03 -22.39
C ALA H 171 -11.64 -86.57 -22.05
N PRO H 172 -12.31 -85.83 -22.97
CA PRO H 172 -12.79 -86.19 -24.31
C PRO H 172 -11.98 -85.62 -25.50
N GLU H 173 -10.93 -84.83 -25.23
CA GLU H 173 -10.10 -84.22 -26.28
C GLU H 173 -10.92 -83.40 -27.26
N SER H 174 -11.77 -82.55 -26.72
CA SER H 174 -12.51 -81.58 -27.51
C SER H 174 -11.56 -80.66 -28.27
N PHE H 175 -11.87 -80.41 -29.53
CA PHE H 175 -11.06 -79.55 -30.39
C PHE H 175 -10.85 -78.13 -29.86
N GLN H 176 -11.79 -77.63 -29.05
CA GLN H 176 -11.78 -76.23 -28.59
C GLN H 176 -12.03 -76.08 -27.07
N TYR H 177 -11.86 -77.16 -26.33
CA TYR H 177 -12.10 -77.20 -24.88
C TYR H 177 -13.55 -76.85 -24.54
N LEU H 178 -14.49 -77.39 -25.31
CA LEU H 178 -15.91 -77.10 -25.09
C LEU H 178 -16.39 -77.86 -23.87
N LYS H 179 -17.04 -77.16 -22.94
CA LYS H 179 -17.41 -77.74 -21.66
C LYS H 179 -18.61 -78.66 -21.76
N ASN H 180 -19.35 -78.55 -22.86
CA ASN H 180 -20.54 -79.39 -23.08
C ASN H 180 -20.24 -80.89 -23.26
N ILE H 181 -19.03 -81.22 -23.73
CA ILE H 181 -18.66 -82.63 -23.97
C ILE H 181 -17.91 -83.27 -22.78
N SER H 182 -17.56 -82.45 -21.80
CA SER H 182 -16.93 -82.91 -20.56
C SER H 182 -17.80 -82.75 -19.31
N ASP H 183 -18.74 -81.81 -19.32
CA ASP H 183 -19.61 -81.56 -18.14
C ASP H 183 -20.33 -82.83 -17.66
N PRO H 184 -20.92 -83.60 -18.59
CA PRO H 184 -21.60 -84.89 -18.27
C PRO H 184 -20.74 -85.97 -17.60
N ILE H 185 -19.44 -85.98 -17.88
CA ILE H 185 -18.56 -86.94 -17.26
C ILE H 185 -18.30 -86.49 -15.82
N LEU H 186 -17.95 -85.22 -15.67
CA LEU H 186 -17.74 -84.63 -14.36
C LEU H 186 -18.98 -84.73 -13.46
N ASN H 187 -20.17 -84.56 -14.04
CA ASN H 187 -21.41 -84.51 -13.25
C ASN H 187 -21.97 -85.87 -12.83
N ASP H 188 -21.42 -86.95 -13.37
CA ASP H 188 -21.86 -88.30 -13.08
C ASP H 188 -20.72 -89.05 -12.37
N PRO H 189 -20.91 -89.39 -11.07
CA PRO H 189 -19.77 -89.95 -10.31
C PRO H 189 -19.21 -91.29 -10.81
N GLN H 190 -20.05 -92.08 -11.48
CA GLN H 190 -19.61 -93.37 -12.04
C GLN H 190 -18.67 -93.20 -13.23
N ALA H 191 -19.02 -92.31 -14.15
CA ALA H 191 -18.18 -91.99 -15.30
C ALA H 191 -16.89 -91.33 -14.84
N LEU H 192 -17.03 -90.34 -13.97
CA LEU H 192 -15.89 -89.62 -13.41
C LEU H 192 -14.87 -90.55 -12.74
N ALA H 193 -15.36 -91.62 -12.11
CA ALA H 193 -14.49 -92.65 -11.52
C ALA H 193 -13.63 -93.38 -12.56
N ASN H 194 -14.09 -93.45 -13.81
CA ASN H 194 -13.36 -94.13 -14.89
C ASN H 194 -12.50 -93.21 -15.76
N MET H 195 -12.57 -91.89 -15.54
CA MET H 195 -11.70 -90.92 -16.20
C MET H 195 -10.53 -90.58 -15.29
N ASP H 196 -9.31 -90.66 -15.80
CA ASP H 196 -8.13 -90.31 -15.02
C ASP H 196 -7.59 -88.91 -15.39
N ILE H 197 -7.67 -88.59 -16.68
CA ILE H 197 -7.10 -87.38 -17.26
C ILE H 197 -8.16 -86.69 -18.12
N LEU H 198 -8.46 -85.42 -17.85
CA LEU H 198 -9.31 -84.65 -18.74
C LEU H 198 -8.44 -83.97 -19.78
N GLY H 199 -8.58 -84.39 -21.03
CA GLY H 199 -7.80 -83.83 -22.14
C GLY H 199 -8.63 -82.94 -23.04
N ALA H 200 -8.02 -81.87 -23.52
CA ALA H 200 -8.67 -80.88 -24.38
C ALA H 200 -7.66 -80.28 -25.35
N HIS H 201 -8.10 -80.02 -26.58
CA HIS H 201 -7.33 -79.21 -27.53
C HIS H 201 -7.84 -77.76 -27.38
N THR H 202 -7.07 -76.78 -27.85
CA THR H 202 -7.48 -75.38 -27.67
C THR H 202 -7.58 -74.57 -28.96
N TYR H 203 -7.90 -75.23 -30.07
CA TYR H 203 -8.03 -74.55 -31.37
C TYR H 203 -9.09 -73.46 -31.35
N GLY H 204 -8.65 -72.20 -31.40
CA GLY H 204 -9.58 -71.07 -31.36
C GLY H 204 -10.22 -70.82 -30.01
N THR H 205 -9.76 -71.53 -28.99
CA THR H 205 -10.25 -71.34 -27.63
C THR H 205 -9.79 -69.97 -27.17
N GLN H 206 -10.73 -69.14 -26.77
CA GLN H 206 -10.42 -67.80 -26.27
C GLN H 206 -9.98 -67.90 -24.81
N ILE H 207 -9.28 -66.87 -24.36
CA ILE H 207 -8.64 -66.86 -23.03
C ILE H 207 -9.66 -67.09 -21.91
N LYS H 208 -10.85 -66.49 -22.01
CA LYS H 208 -11.87 -66.61 -20.96
C LYS H 208 -12.44 -68.03 -20.86
N ASP H 209 -12.30 -68.82 -21.91
CA ASP H 209 -12.74 -70.21 -21.90
C ASP H 209 -11.65 -71.15 -21.35
N PHE H 210 -10.51 -70.59 -20.92
CA PHE H 210 -9.42 -71.41 -20.35
C PHE H 210 -9.75 -71.90 -18.94
N ALA H 211 -10.41 -71.09 -18.14
CA ALA H 211 -10.81 -71.52 -16.80
C ALA H 211 -11.93 -72.56 -16.92
N TYR H 212 -12.06 -73.44 -15.93
CA TYR H 212 -13.11 -74.45 -15.94
C TYR H 212 -13.54 -74.78 -14.51
N PRO H 213 -14.47 -73.98 -13.94
CA PRO H 213 -14.90 -74.10 -12.55
C PRO H 213 -15.45 -75.47 -12.15
N LEU H 214 -16.24 -76.12 -13.01
CA LEU H 214 -16.76 -77.45 -12.69
C LEU H 214 -15.63 -78.48 -12.54
N PHE H 215 -14.52 -78.29 -13.24
CA PHE H 215 -13.35 -79.14 -13.02
C PHE H 215 -12.72 -78.87 -11.67
N LYS H 216 -12.65 -77.60 -11.28
CA LYS H 216 -12.12 -77.20 -9.96
C LYS H 216 -12.94 -77.81 -8.84
N GLN H 217 -14.26 -77.82 -9.03
CA GLN H 217 -15.20 -78.34 -8.06
C GLN H 217 -15.15 -79.87 -7.95
N LYS H 218 -15.29 -80.56 -9.09
CA LYS H 218 -15.45 -82.02 -9.10
C LYS H 218 -14.25 -82.83 -9.58
N GLY H 219 -13.13 -82.17 -9.87
CA GLY H 219 -12.01 -82.84 -10.55
C GLY H 219 -10.86 -83.31 -9.70
N ALA H 220 -10.98 -83.23 -8.37
CA ALA H 220 -9.86 -83.55 -7.47
C ALA H 220 -9.28 -84.93 -7.75
N GLY H 221 -7.96 -85.00 -7.88
CA GLY H 221 -7.27 -86.25 -8.14
C GLY H 221 -7.30 -86.66 -9.60
N LYS H 222 -7.72 -85.74 -10.47
CA LYS H 222 -7.73 -86.01 -11.91
C LYS H 222 -6.74 -85.06 -12.55
N GLU H 223 -6.01 -85.56 -13.54
CA GLU H 223 -5.07 -84.71 -14.26
C GLU H 223 -5.80 -83.89 -15.33
N LEU H 224 -5.17 -82.79 -15.73
CA LEU H 224 -5.67 -81.87 -16.75
C LEU H 224 -4.59 -81.59 -17.81
N TRP H 225 -4.83 -82.06 -19.04
CA TRP H 225 -3.82 -82.05 -20.10
C TRP H 225 -4.29 -81.31 -21.36
N MET H 226 -3.46 -80.41 -21.87
CA MET H 226 -3.67 -79.77 -23.18
C MET H 226 -2.94 -80.61 -24.23
N THR H 227 -3.69 -81.43 -24.97
CA THR H 227 -3.13 -82.55 -25.71
C THR H 227 -2.90 -82.32 -27.22
N GLU H 228 -3.37 -81.20 -27.77
CA GLU H 228 -3.03 -80.82 -29.15
C GLU H 228 -3.34 -79.36 -29.45
N VAL H 229 -2.35 -78.65 -29.98
CA VAL H 229 -2.57 -77.35 -30.60
C VAL H 229 -1.36 -76.95 -31.43
N TYR H 230 -1.58 -76.07 -32.40
CA TYR H 230 -0.51 -75.26 -33.01
C TYR H 230 -0.99 -73.81 -33.09
N VAL H 231 -0.08 -72.87 -32.88
CA VAL H 231 -0.39 -71.44 -32.93
C VAL H 231 0.77 -70.63 -33.51
N PRO H 232 0.48 -69.43 -34.04
CA PRO H 232 -0.86 -68.85 -34.25
C PRO H 232 -1.48 -69.28 -35.59
N ASN H 233 -0.74 -70.06 -36.38
CA ASN H 233 -1.20 -70.54 -37.69
C ASN H 233 -0.37 -71.76 -38.14
N SER H 234 -0.70 -72.32 -39.28
CA SER H 234 0.10 -73.40 -39.89
C SER H 234 0.64 -72.96 -41.25
N ASP H 235 1.00 -71.68 -41.36
CA ASP H 235 1.47 -71.13 -42.62
C ASP H 235 2.74 -71.84 -43.07
N ASN H 236 2.90 -71.96 -44.38
CA ASN H 236 4.09 -72.54 -44.98
C ASN H 236 5.36 -71.77 -44.58
N ASN H 237 6.45 -72.51 -44.33
CA ASN H 237 7.74 -71.88 -44.00
C ASN H 237 7.59 -70.75 -42.99
N SER H 238 6.84 -70.99 -41.92
CA SER H 238 6.49 -69.95 -40.95
C SER H 238 7.18 -70.07 -39.60
N ALA H 239 7.77 -71.22 -39.31
CA ALA H 239 8.17 -71.54 -37.94
C ALA H 239 9.28 -70.63 -37.39
N ASP H 240 10.02 -69.95 -38.26
CA ASP H 240 11.05 -68.98 -37.81
C ASP H 240 10.62 -67.50 -37.84
N ARG H 241 9.41 -67.20 -38.30
CA ARG H 241 8.95 -65.81 -38.37
C ARG H 241 8.88 -65.14 -36.98
N TRP H 242 9.52 -63.99 -36.84
CA TRP H 242 9.44 -63.19 -35.62
C TRP H 242 8.75 -61.89 -35.97
N PRO H 243 7.99 -61.30 -35.03
CA PRO H 243 7.66 -61.72 -33.66
C PRO H 243 6.52 -62.73 -33.58
N GLU H 244 6.05 -63.19 -34.73
CA GLU H 244 4.93 -64.14 -34.80
C GLU H 244 5.11 -65.34 -33.85
N ALA H 245 6.31 -65.92 -33.82
CA ALA H 245 6.60 -67.11 -33.02
C ALA H 245 6.51 -66.91 -31.51
N LEU H 246 6.61 -65.65 -31.08
CA LEU H 246 6.46 -65.28 -29.67
C LEU H 246 5.09 -65.62 -29.13
N ASP H 247 4.10 -65.68 -30.01
CA ASP H 247 2.74 -66.08 -29.64
C ASP H 247 2.67 -67.51 -29.07
N VAL H 248 3.69 -68.32 -29.32
CA VAL H 248 3.73 -69.67 -28.74
C VAL H 248 3.92 -69.60 -27.21
N SER H 249 4.92 -68.85 -26.74
CA SER H 249 5.14 -68.69 -25.30
C SER H 249 3.96 -67.99 -24.60
N TYR H 250 3.36 -67.01 -25.29
CA TYR H 250 2.15 -66.37 -24.78
C TYR H 250 1.01 -67.37 -24.63
N HIS H 251 0.79 -68.20 -25.66
CA HIS H 251 -0.24 -69.25 -25.56
C HIS H 251 0.04 -70.25 -24.42
N MET H 252 1.28 -70.70 -24.31
CA MET H 252 1.70 -71.57 -23.22
C MET H 252 1.56 -70.91 -21.85
N HIS H 253 1.82 -69.60 -21.79
CA HIS H 253 1.62 -68.84 -20.55
C HIS H 253 0.15 -68.87 -20.14
N ASN H 254 -0.74 -68.75 -21.11
CA ASN H 254 -2.18 -68.80 -20.84
C ASN H 254 -2.66 -70.20 -20.47
N ALA H 255 -2.14 -71.22 -21.13
CA ALA H 255 -2.44 -72.60 -20.76
C ALA H 255 -2.08 -72.89 -19.29
N MET H 256 -0.89 -72.45 -18.89
CA MET H 256 -0.39 -72.66 -17.53
C MET H 256 -1.14 -71.83 -16.50
N VAL H 257 -1.35 -70.56 -16.82
CA VAL H 257 -1.81 -69.58 -15.83
C VAL H 257 -3.33 -69.41 -15.82
N GLU H 258 -3.93 -69.31 -16.99
CA GLU H 258 -5.39 -69.14 -17.14
C GLU H 258 -6.11 -70.48 -17.16
N GLY H 259 -5.45 -71.53 -17.65
CA GLY H 259 -6.05 -72.85 -17.74
C GLY H 259 -5.63 -73.86 -16.68
N ASP H 260 -4.59 -73.56 -15.91
CA ASP H 260 -4.00 -74.51 -14.94
C ASP H 260 -3.67 -75.88 -15.54
N PHE H 261 -3.29 -75.89 -16.81
CA PHE H 261 -2.96 -77.14 -17.49
C PHE H 261 -1.65 -77.71 -16.94
N GLN H 262 -1.60 -79.03 -16.84
CA GLN H 262 -0.45 -79.75 -16.29
C GLN H 262 0.44 -80.29 -17.41
N ALA H 263 -0.11 -80.33 -18.63
CA ALA H 263 0.60 -80.78 -19.80
C ALA H 263 0.23 -79.90 -20.97
N TYR H 264 1.21 -79.62 -21.81
CA TYR H 264 1.03 -78.83 -23.02
C TYR H 264 1.73 -79.55 -24.16
N VAL H 265 0.93 -80.18 -25.01
CA VAL H 265 1.42 -81.00 -26.09
C VAL H 265 1.02 -80.37 -27.42
N TRP H 266 2.02 -80.14 -28.26
CA TRP H 266 1.85 -79.58 -29.59
C TRP H 266 1.34 -80.65 -30.58
N TRP H 267 0.99 -80.21 -31.79
CA TRP H 267 0.70 -81.09 -32.94
C TRP H 267 2.06 -81.67 -33.46
N TYR H 268 2.25 -81.79 -34.79
CA TYR H 268 3.43 -82.48 -35.33
C TYR H 268 4.72 -81.83 -34.81
N ILE H 269 5.63 -82.64 -34.27
CA ILE H 269 6.90 -82.12 -33.78
C ILE H 269 7.74 -81.58 -34.94
N ARG H 270 7.81 -82.34 -36.02
CA ARG H 270 8.58 -81.97 -37.20
C ARG H 270 7.66 -81.47 -38.31
N ARG H 271 7.60 -80.15 -38.49
CA ARG H 271 6.78 -79.55 -39.54
C ARG H 271 7.24 -78.13 -39.81
N GLN H 272 7.11 -77.69 -41.05
CA GLN H 272 7.55 -76.35 -41.45
C GLN H 272 6.88 -75.22 -40.66
N TYR H 273 5.90 -75.56 -39.82
CA TYR H 273 5.29 -74.60 -38.89
C TYR H 273 5.33 -75.09 -37.44
N GLY H 274 6.18 -76.07 -37.16
CA GLY H 274 6.26 -76.67 -35.82
C GLY H 274 7.58 -76.36 -35.14
N PRO H 275 7.80 -76.91 -33.93
CA PRO H 275 9.00 -76.60 -33.15
C PRO H 275 10.32 -77.10 -33.74
N MET H 276 10.25 -78.17 -34.53
CA MET H 276 11.42 -78.68 -35.24
C MET H 276 11.12 -78.61 -36.73
N LYS H 277 12.05 -78.08 -37.51
CA LYS H 277 11.85 -77.91 -38.94
C LYS H 277 12.26 -79.19 -39.66
N GLU H 278 11.98 -79.25 -40.96
CA GLU H 278 12.25 -80.43 -41.77
C GLU H 278 13.75 -80.79 -41.84
N ASP H 279 14.61 -79.78 -41.81
CA ASP H 279 16.06 -80.01 -41.75
C ASP H 279 16.54 -80.50 -40.37
N GLY H 280 15.63 -80.70 -39.42
CA GLY H 280 15.97 -81.24 -38.10
C GLY H 280 16.39 -80.22 -37.06
N THR H 281 16.46 -78.94 -37.44
CA THR H 281 16.89 -77.88 -36.51
C THR H 281 15.69 -77.35 -35.74
N ILE H 282 15.95 -76.83 -34.54
CA ILE H 282 14.91 -76.16 -33.76
C ILE H 282 14.61 -74.80 -34.35
N SER H 283 13.31 -74.48 -34.45
CA SER H 283 12.84 -73.20 -34.96
C SER H 283 12.52 -72.22 -33.83
N LYS H 284 12.20 -70.99 -34.19
CA LYS H 284 11.87 -69.96 -33.21
C LYS H 284 10.70 -70.38 -32.34
N ARG H 285 9.68 -70.98 -32.96
CA ARG H 285 8.52 -71.49 -32.24
C ARG H 285 8.98 -72.58 -31.28
N GLY H 286 9.93 -73.41 -31.74
CA GLY H 286 10.54 -74.42 -30.89
C GLY H 286 11.23 -73.82 -29.69
N TYR H 287 12.07 -72.81 -29.93
CA TYR H 287 12.77 -72.13 -28.83
C TYR H 287 11.79 -71.51 -27.83
N ASN H 288 10.66 -70.99 -28.32
CA ASN H 288 9.57 -70.56 -27.43
C ASN H 288 9.08 -71.69 -26.53
N MET H 289 8.83 -72.85 -27.11
CA MET H 289 8.44 -74.01 -26.31
C MET H 289 9.53 -74.34 -25.29
N ALA H 290 10.79 -74.29 -25.74
CA ALA H 290 11.94 -74.68 -24.93
C ALA H 290 12.13 -73.84 -23.65
N HIS H 291 11.59 -72.62 -23.63
CA HIS H 291 11.65 -71.77 -22.44
C HIS H 291 10.85 -72.32 -21.27
N PHE H 292 9.87 -73.16 -21.58
CA PHE H 292 9.13 -73.94 -20.60
C PHE H 292 9.74 -75.33 -20.44
N SER H 293 9.89 -76.04 -21.54
CA SER H 293 10.20 -77.48 -21.51
C SER H 293 11.59 -77.86 -20.97
N LYS H 294 12.60 -77.05 -21.28
CA LYS H 294 13.97 -77.33 -20.84
C LYS H 294 14.21 -77.02 -19.36
N PHE H 295 13.38 -76.15 -18.78
CA PHE H 295 13.58 -75.64 -17.41
C PHE H 295 12.50 -76.08 -16.42
N VAL H 296 11.24 -76.06 -16.87
CA VAL H 296 10.11 -76.50 -16.07
C VAL H 296 9.92 -78.00 -16.28
N ARG H 297 10.70 -78.81 -15.55
CA ARG H 297 10.70 -80.27 -15.70
C ARG H 297 9.48 -80.94 -15.05
N PRO H 298 9.20 -82.20 -15.43
CA PRO H 298 8.19 -83.03 -14.76
C PRO H 298 8.37 -83.09 -13.25
N GLY H 299 7.29 -82.85 -12.50
CA GLY H 299 7.35 -82.91 -11.04
C GLY H 299 7.53 -81.55 -10.39
N TYR H 300 7.81 -80.51 -11.18
CA TYR H 300 7.72 -79.13 -10.71
C TYR H 300 6.25 -78.76 -10.53
N VAL H 301 6.01 -77.77 -9.68
CA VAL H 301 4.67 -77.21 -9.49
C VAL H 301 4.67 -75.75 -9.92
N ARG H 302 3.53 -75.28 -10.43
CA ARG H 302 3.36 -73.88 -10.74
C ARG H 302 3.06 -73.21 -9.41
N VAL H 303 3.63 -72.03 -9.21
CA VAL H 303 3.42 -71.25 -7.98
C VAL H 303 2.79 -69.93 -8.38
N ASP H 304 1.98 -69.37 -7.49
CA ASP H 304 1.23 -68.14 -7.78
C ASP H 304 2.20 -67.01 -8.09
N ALA H 305 1.87 -66.19 -9.07
CA ALA H 305 2.71 -65.05 -9.43
C ALA H 305 1.93 -63.96 -10.19
N THR H 306 2.30 -62.71 -9.96
CA THR H 306 1.70 -61.59 -10.69
C THR H 306 1.75 -61.88 -12.19
N LYS H 307 0.57 -62.04 -12.79
CA LYS H 307 0.48 -62.55 -14.17
C LYS H 307 0.73 -61.51 -15.27
N ASN H 308 0.44 -60.25 -14.99
CA ASN H 308 0.48 -59.17 -16.00
C ASN H 308 0.95 -57.87 -15.34
N PRO H 309 2.22 -57.83 -14.88
CA PRO H 309 2.79 -56.69 -14.13
C PRO H 309 2.85 -55.35 -14.87
N ASP H 310 3.17 -55.39 -16.16
CA ASP H 310 3.19 -54.20 -17.02
C ASP H 310 2.17 -54.45 -18.14
N THR H 311 1.84 -53.43 -18.93
CA THR H 311 0.83 -53.59 -19.98
C THR H 311 1.07 -54.80 -20.89
N ASN H 312 2.29 -54.95 -21.39
CA ASN H 312 2.61 -56.04 -22.32
C ASN H 312 3.55 -57.12 -21.75
N THR H 313 3.69 -57.17 -20.42
CA THR H 313 4.51 -58.19 -19.78
C THR H 313 3.66 -59.24 -19.12
N TYR H 314 3.96 -60.50 -19.42
CA TYR H 314 3.24 -61.61 -18.85
C TYR H 314 4.25 -62.49 -18.12
N VAL H 315 3.85 -63.02 -16.96
CA VAL H 315 4.77 -63.71 -16.08
C VAL H 315 4.10 -64.93 -15.45
N SER H 316 4.79 -66.06 -15.47
CA SER H 316 4.40 -67.24 -14.73
C SER H 316 5.63 -67.73 -13.98
N ALA H 317 5.43 -68.57 -12.98
CA ALA H 317 6.54 -69.13 -12.21
C ALA H 317 6.24 -70.53 -11.65
N TYR H 318 7.32 -71.27 -11.40
CA TYR H 318 7.24 -72.69 -11.09
C TYR H 318 8.31 -73.02 -10.07
N LYS H 319 8.12 -74.12 -9.34
CA LYS H 319 9.06 -74.52 -8.30
C LYS H 319 9.31 -76.02 -8.35
N GLY H 320 10.57 -76.42 -8.20
CA GLY H 320 10.95 -77.84 -8.17
C GLY H 320 12.46 -78.04 -8.21
N ASP H 321 12.92 -79.20 -7.74
CA ASP H 321 14.34 -79.53 -7.74
C ASP H 321 15.20 -78.43 -7.07
N ASN H 322 14.60 -77.77 -6.07
CA ASN H 322 15.24 -76.68 -5.30
C ASN H 322 15.52 -75.39 -6.08
N LYS H 323 14.77 -75.16 -7.14
CA LYS H 323 14.90 -73.93 -7.93
C LYS H 323 13.55 -73.23 -8.13
N VAL H 324 13.61 -71.91 -8.32
CA VAL H 324 12.50 -71.16 -8.89
C VAL H 324 12.77 -71.07 -10.37
N VAL H 325 11.69 -71.10 -11.15
CA VAL H 325 11.77 -70.79 -12.57
C VAL H 325 10.73 -69.71 -12.87
N ILE H 326 11.13 -68.71 -13.66
CA ILE H 326 10.25 -67.61 -14.03
C ILE H 326 10.33 -67.42 -15.54
N VAL H 327 9.18 -67.33 -16.17
CA VAL H 327 9.08 -67.12 -17.61
C VAL H 327 8.43 -65.76 -17.87
N ALA H 328 9.20 -64.89 -18.52
CA ALA H 328 8.86 -63.48 -18.69
C ALA H 328 8.76 -63.14 -20.16
N ILE H 329 7.57 -62.73 -20.59
CA ILE H 329 7.35 -62.40 -21.99
C ILE H 329 7.09 -60.91 -22.11
N ASN H 330 7.85 -60.22 -22.94
CA ASN H 330 7.55 -58.83 -23.25
C ASN H 330 7.02 -58.77 -24.67
N ARG H 331 5.70 -58.72 -24.81
CA ARG H 331 5.05 -58.75 -26.12
C ARG H 331 5.21 -57.43 -26.89
N GLY H 332 5.40 -56.32 -26.18
CA GLY H 332 5.46 -55.00 -26.79
C GLY H 332 6.75 -54.72 -27.57
N THR H 333 6.79 -53.55 -28.21
CA THR H 333 7.88 -53.16 -29.11
C THR H 333 9.01 -52.38 -28.43
N SER H 334 8.80 -51.96 -27.18
CA SER H 334 9.83 -51.27 -26.42
C SER H 334 10.36 -52.18 -25.32
N ALA H 335 11.66 -52.07 -25.04
CA ALA H 335 12.26 -52.79 -23.92
C ALA H 335 11.71 -52.24 -22.61
N ALA H 336 11.63 -53.10 -21.60
CA ALA H 336 11.04 -52.72 -20.32
C ALA H 336 11.90 -53.16 -19.12
N SER H 337 11.66 -52.51 -17.99
CA SER H 337 12.34 -52.81 -16.73
C SER H 337 11.33 -53.52 -15.83
N GLN H 338 11.61 -54.78 -15.48
CA GLN H 338 10.71 -55.54 -14.63
C GLN H 338 11.40 -55.97 -13.35
N ARG H 339 10.80 -55.62 -12.22
CA ARG H 339 11.30 -56.03 -10.92
C ARG H 339 10.54 -57.26 -10.43
N PHE H 340 11.28 -58.27 -9.98
CA PHE H 340 10.70 -59.50 -9.47
C PHE H 340 10.94 -59.61 -7.96
N VAL H 341 9.89 -59.96 -7.22
CA VAL H 341 9.96 -60.10 -5.76
C VAL H 341 9.71 -61.56 -5.37
N LEU H 342 10.74 -62.22 -4.83
CA LEU H 342 10.63 -63.59 -4.34
C LEU H 342 10.03 -63.57 -2.95
N GLN H 343 8.97 -64.37 -2.74
CA GLN H 343 8.26 -64.44 -1.45
C GLN H 343 8.16 -65.87 -0.94
N ASN H 344 8.38 -66.05 0.36
CA ASN H 344 8.25 -67.36 1.01
C ASN H 344 9.22 -68.36 0.42
N GLY H 345 10.40 -67.85 0.08
CA GLY H 345 11.47 -68.59 -0.57
C GLY H 345 12.57 -67.56 -0.76
N ASN H 346 13.81 -68.00 -0.91
CA ASN H 346 14.94 -67.06 -0.97
C ASN H 346 16.10 -67.55 -1.81
N ALA H 347 16.71 -66.62 -2.54
CA ALA H 347 17.84 -66.90 -3.43
C ALA H 347 18.81 -65.71 -3.48
N SER H 348 20.04 -65.98 -3.92
CA SER H 348 21.08 -64.93 -4.02
C SER H 348 21.43 -64.53 -5.46
N THR H 349 21.39 -65.47 -6.39
CA THR H 349 21.69 -65.19 -7.80
C THR H 349 20.68 -65.81 -8.74
N VAL H 350 20.55 -65.23 -9.93
CA VAL H 350 19.60 -65.67 -10.95
C VAL H 350 20.33 -65.81 -12.29
N SER H 351 20.27 -67.01 -12.87
CA SER H 351 20.71 -67.24 -14.25
C SER H 351 19.55 -66.92 -15.18
N SER H 352 19.85 -66.55 -16.42
CA SER H 352 18.79 -66.25 -17.39
C SER H 352 19.21 -66.47 -18.83
N TYR H 353 18.23 -66.88 -19.64
CA TYR H 353 18.41 -67.15 -21.06
C TYR H 353 17.31 -66.43 -21.79
N VAL H 354 17.66 -65.74 -22.88
CA VAL H 354 16.70 -64.92 -23.61
C VAL H 354 16.64 -65.30 -25.09
N THR H 355 15.45 -65.21 -25.66
CA THR H 355 15.21 -65.51 -27.06
C THR H 355 14.41 -64.34 -27.65
N ASP H 356 14.85 -63.87 -28.82
CA ASP H 356 14.16 -62.82 -29.57
C ASP H 356 14.56 -62.89 -31.04
N SER H 357 14.43 -61.78 -31.78
CA SER H 357 14.71 -61.78 -33.22
C SER H 357 16.08 -62.33 -33.60
N SER H 358 17.13 -62.03 -32.83
CA SER H 358 18.51 -62.43 -33.17
C SER H 358 19.13 -63.51 -32.28
N ARG H 359 18.43 -63.91 -31.21
CA ARG H 359 19.01 -64.85 -30.24
C ARG H 359 18.06 -65.99 -29.88
N ASN H 360 18.63 -67.16 -29.62
CA ASN H 360 17.90 -68.34 -29.19
C ASN H 360 18.48 -68.83 -27.87
N LEU H 361 17.68 -68.75 -26.80
CA LEU H 361 18.13 -69.15 -25.45
C LEU H 361 19.57 -68.68 -25.18
N ALA H 362 19.83 -67.40 -25.36
CA ALA H 362 21.15 -66.84 -25.08
C ALA H 362 21.34 -66.61 -23.59
N SER H 363 22.35 -67.25 -23.03
CA SER H 363 22.70 -67.09 -21.63
C SER H 363 23.16 -65.65 -21.37
N LEU H 364 22.52 -64.97 -20.43
CA LEU H 364 22.91 -63.61 -20.06
C LEU H 364 23.74 -63.64 -18.78
N ALA H 365 24.29 -62.49 -18.42
CA ALA H 365 25.18 -62.38 -17.26
C ALA H 365 24.40 -62.50 -15.95
N PRO H 366 24.97 -63.26 -14.97
CA PRO H 366 24.32 -63.47 -13.68
C PRO H 366 23.88 -62.19 -13.00
N ILE H 367 22.61 -62.14 -12.62
CA ILE H 367 22.07 -61.05 -11.82
C ILE H 367 21.95 -61.57 -10.40
N ASN H 368 22.10 -60.70 -9.42
CA ASN H 368 22.00 -61.12 -8.04
C ASN H 368 20.83 -60.46 -7.31
N VAL H 369 20.43 -61.11 -6.22
CA VAL H 369 19.19 -60.79 -5.53
C VAL H 369 19.52 -60.09 -4.23
N SER H 370 18.96 -58.90 -4.04
CA SER H 370 19.11 -58.17 -2.79
C SER H 370 17.82 -58.30 -2.01
N ASN H 371 17.89 -59.08 -0.93
CA ASN H 371 16.75 -59.30 -0.08
C ASN H 371 15.48 -59.71 -0.83
N GLY H 372 15.58 -60.75 -1.65
CA GLY H 372 14.43 -61.28 -2.38
C GLY H 372 13.99 -60.55 -3.65
N ALA H 373 14.67 -59.46 -4.01
CA ALA H 373 14.27 -58.66 -5.17
C ALA H 373 15.40 -58.53 -6.19
N PHE H 374 15.04 -58.52 -7.47
CA PHE H 374 15.99 -58.25 -8.54
C PHE H 374 15.27 -57.60 -9.71
N THR H 375 16.05 -57.08 -10.65
CA THR H 375 15.51 -56.32 -11.78
C THR H 375 16.26 -56.72 -13.04
N ALA H 376 15.54 -56.74 -14.15
CA ALA H 376 16.12 -57.14 -15.43
C ALA H 376 15.46 -56.41 -16.60
N GLN H 377 16.22 -56.24 -17.66
CA GLN H 377 15.69 -55.69 -18.90
C GLN H 377 15.17 -56.83 -19.75
N LEU H 378 13.87 -56.78 -20.04
CA LEU H 378 13.25 -57.71 -20.96
C LEU H 378 13.21 -56.99 -22.32
N PRO H 379 14.05 -57.44 -23.27
CA PRO H 379 14.06 -56.79 -24.59
C PRO H 379 12.70 -56.75 -25.27
N ALA H 380 12.55 -55.85 -26.25
CA ALA H 380 11.35 -55.80 -27.07
C ALA H 380 11.09 -57.18 -27.69
N GLN H 381 9.83 -57.61 -27.67
CA GLN H 381 9.41 -58.84 -28.35
C GLN H 381 10.34 -60.01 -28.04
N SER H 382 10.41 -60.37 -26.78
CA SER H 382 11.30 -61.43 -26.30
C SER H 382 10.63 -62.23 -25.21
N VAL H 383 11.17 -63.43 -24.98
CA VAL H 383 10.81 -64.22 -23.82
C VAL H 383 12.11 -64.62 -23.11
N THR H 384 12.08 -64.52 -21.78
CA THR H 384 13.25 -64.76 -20.95
C THR H 384 12.86 -65.69 -19.82
N THR H 385 13.64 -66.75 -19.64
CA THR H 385 13.42 -67.67 -18.54
C THR H 385 14.54 -67.47 -17.52
N PHE H 386 14.15 -67.35 -16.25
CA PHE H 386 15.11 -67.14 -15.16
C PHE H 386 15.11 -68.38 -14.28
N VAL H 387 16.29 -68.77 -13.82
CA VAL H 387 16.45 -69.89 -12.90
C VAL H 387 17.25 -69.44 -11.70
N ALA H 388 16.75 -69.72 -10.50
CA ALA H 388 17.48 -69.39 -9.26
C ALA H 388 17.44 -70.54 -8.25
N ASN H 389 18.57 -70.81 -7.62
CA ASN H 389 18.64 -71.82 -6.57
C ASN H 389 18.01 -71.32 -5.29
N LEU H 390 17.26 -72.19 -4.61
CA LEU H 390 16.59 -71.82 -3.37
C LEU H 390 17.37 -72.32 -2.16
N SER H 391 17.35 -71.51 -1.11
CA SER H 391 18.09 -71.83 0.12
C SER H 391 17.30 -72.78 1.00
N GLY H 392 18.03 -73.52 1.84
CA GLY H 392 17.43 -74.42 2.83
C GLY H 392 16.67 -75.62 2.31
N GLY H 393 17.04 -76.12 1.13
CA GLY H 393 16.32 -77.23 0.49
C GLY H 393 17.17 -78.46 0.19
N ASN H 394 16.49 -79.60 0.02
CA ASN H 394 17.09 -80.83 -0.56
C ASN H 394 16.14 -82.02 -0.69
N SER H 395 16.56 -82.97 -1.53
CA SER H 395 15.91 -84.27 -1.69
C SER H 395 16.97 -85.26 -2.17
N GLY H 396 16.58 -86.51 -2.46
CA GLY H 396 17.53 -87.50 -3.01
C GLY H 396 17.20 -88.97 -2.78
N GLY H 397 18.22 -89.74 -2.40
CA GLY H 397 18.11 -91.19 -2.22
C GLY H 397 18.36 -91.93 -3.52
N GLY H 398 19.10 -93.04 -3.45
CA GLY H 398 19.45 -93.88 -4.61
C GLY H 398 18.34 -93.89 -5.66
N ASN H 399 18.47 -93.14 -6.77
CA ASN H 399 19.74 -92.59 -7.32
C ASN H 399 20.55 -91.60 -6.47
N VAL H 400 21.73 -92.04 -6.03
CA VAL H 400 22.61 -91.29 -5.14
C VAL H 400 23.97 -91.99 -4.96
N ASN H 401 25.07 -91.26 -5.03
CA ASN H 401 25.18 -89.98 -5.69
C ASN H 401 25.77 -90.43 -7.01
N THR H 402 25.43 -89.77 -8.12
CA THR H 402 25.81 -90.30 -9.43
C THR H 402 27.33 -90.34 -9.59
N GLY H 403 27.91 -89.18 -9.89
CA GLY H 403 29.35 -89.07 -10.10
C GLY H 403 29.72 -88.76 -11.53
N THR H 404 30.47 -87.68 -11.71
CA THR H 404 30.95 -87.24 -13.01
C THR H 404 32.38 -87.73 -13.18
N THR H 405 32.75 -88.09 -14.40
CA THR H 405 34.12 -88.55 -14.68
C THR H 405 34.75 -87.68 -15.76
N TYR H 406 35.98 -87.22 -15.47
CA TYR H 406 36.75 -86.35 -16.38
C TYR H 406 38.04 -87.06 -16.76
N GLU H 407 38.40 -87.02 -18.03
CA GLU H 407 39.59 -87.69 -18.51
C GLU H 407 40.84 -86.89 -18.16
N ALA H 408 41.95 -87.60 -17.94
CA ALA H 408 43.23 -86.96 -17.68
C ALA H 408 43.77 -86.34 -18.97
N GLU H 409 43.50 -87.00 -20.09
CA GLU H 409 44.19 -86.75 -21.36
C GLU H 409 43.63 -85.60 -22.19
N THR H 410 42.31 -85.41 -22.14
CA THR H 410 41.65 -84.30 -22.83
C THR H 410 40.90 -83.43 -21.83
N GLY H 411 40.71 -82.16 -22.20
CA GLY H 411 40.10 -81.17 -21.30
C GLY H 411 40.93 -80.83 -20.08
N THR H 412 42.26 -80.89 -20.21
CA THR H 412 43.18 -80.57 -19.12
C THR H 412 44.36 -79.75 -19.61
N THR H 413 45.12 -79.19 -18.68
CA THR H 413 46.34 -78.50 -18.99
C THR H 413 47.50 -79.35 -18.46
N LEU H 414 48.38 -79.77 -19.37
CA LEU H 414 49.49 -80.65 -19.02
C LEU H 414 50.79 -79.89 -18.97
N THR H 415 51.56 -80.18 -17.92
CA THR H 415 52.85 -79.55 -17.70
C THR H 415 53.90 -80.65 -17.65
N ASP H 416 54.76 -80.67 -18.68
CA ASP H 416 55.82 -81.67 -18.79
C ASP H 416 55.27 -83.10 -18.62
N ALA H 417 54.20 -83.40 -19.35
CA ALA H 417 53.57 -84.71 -19.31
C ALA H 417 52.77 -84.92 -20.60
N VAL H 418 52.59 -86.17 -21.00
CA VAL H 418 52.13 -86.46 -22.36
C VAL H 418 51.06 -87.56 -22.41
N VAL H 419 50.21 -87.49 -23.45
CA VAL H 419 49.15 -88.47 -23.68
C VAL H 419 49.73 -89.72 -24.36
N GLU H 420 49.30 -90.91 -23.93
CA GLU H 420 49.81 -92.19 -24.45
C GLU H 420 48.72 -93.25 -24.53
N THR H 421 48.93 -94.27 -25.39
CA THR H 421 47.94 -95.33 -25.60
C THR H 421 48.52 -96.75 -25.57
N LEU H 422 49.74 -96.89 -25.07
CA LEU H 422 50.47 -98.14 -25.11
C LEU H 422 49.75 -99.25 -24.36
N TYR H 423 49.47 -99.00 -23.08
CA TYR H 423 48.89 -100.00 -22.20
C TYR H 423 47.36 -99.92 -22.24
N PRO H 424 46.69 -101.07 -22.43
CA PRO H 424 45.24 -101.04 -22.65
C PRO H 424 44.44 -101.01 -21.34
N GLY H 425 43.12 -100.85 -21.47
CA GLY H 425 42.20 -100.88 -20.34
C GLY H 425 41.71 -99.51 -19.92
N TYR H 426 42.24 -98.47 -20.56
CA TYR H 426 41.93 -97.08 -20.18
C TYR H 426 40.54 -96.68 -20.65
N THR H 427 40.04 -95.58 -20.09
CA THR H 427 38.80 -94.97 -20.56
C THR H 427 39.15 -93.79 -21.44
N GLY H 428 38.23 -93.43 -22.33
CA GLY H 428 38.43 -92.28 -23.22
C GLY H 428 39.39 -92.58 -24.35
N SER H 429 40.22 -91.59 -24.67
CA SER H 429 41.18 -91.69 -25.79
C SER H 429 42.59 -92.05 -25.33
N GLY H 430 42.82 -92.13 -24.02
CA GLY H 430 44.16 -92.43 -23.52
C GLY H 430 44.34 -92.33 -22.02
N TYR H 431 45.58 -92.02 -21.64
CA TYR H 431 45.96 -91.76 -20.26
C TYR H 431 47.12 -90.77 -20.35
N VAL H 432 47.64 -90.35 -19.21
CA VAL H 432 48.75 -89.41 -19.16
C VAL H 432 49.95 -90.04 -18.47
N ASN H 433 51.13 -89.72 -18.97
CA ASN H 433 52.39 -90.12 -18.35
C ASN H 433 53.19 -88.89 -17.95
N PHE H 434 53.52 -88.81 -16.67
CA PHE H 434 54.34 -87.72 -16.15
C PHE H 434 55.79 -87.94 -16.60
N ASN H 435 56.42 -86.91 -17.17
CA ASN H 435 57.79 -87.01 -17.69
C ASN H 435 58.92 -86.74 -16.71
N ALA H 436 58.69 -85.89 -15.70
CA ALA H 436 59.76 -85.44 -14.80
C ALA H 436 59.58 -85.97 -13.38
N TYR H 437 60.68 -86.12 -12.65
CA TYR H 437 60.64 -86.63 -11.26
C TYR H 437 59.94 -85.70 -10.28
N THR H 438 60.12 -84.42 -10.51
CA THR H 438 59.40 -83.32 -9.88
C THR H 438 59.46 -82.39 -11.08
N ASN H 439 58.69 -81.32 -11.23
CA ASN H 439 57.29 -81.17 -10.91
C ASN H 439 56.50 -81.05 -12.23
N SER H 440 56.19 -82.18 -12.85
CA SER H 440 55.21 -82.16 -13.93
C SER H 440 53.83 -82.24 -13.32
N ALA H 441 52.81 -81.87 -14.09
CA ALA H 441 51.49 -81.71 -13.51
C ALA H 441 50.36 -81.96 -14.50
N ILE H 442 49.19 -82.27 -13.95
CA ILE H 442 47.95 -82.35 -14.72
C ILE H 442 46.94 -81.44 -14.02
N GLU H 443 46.28 -80.58 -14.80
CA GLU H 443 45.29 -79.68 -14.24
C GLU H 443 43.94 -79.77 -14.96
N TRP H 444 42.90 -80.03 -14.17
CA TRP H 444 41.52 -79.94 -14.63
C TRP H 444 41.02 -78.59 -14.14
N ASN H 445 40.39 -77.79 -15.00
CA ASN H 445 39.77 -76.55 -14.50
C ASN H 445 38.35 -76.30 -15.03
N ALA H 446 37.64 -77.38 -15.31
CA ALA H 446 36.21 -77.32 -15.57
C ALA H 446 35.46 -78.43 -14.82
N ILE H 447 35.83 -78.66 -13.56
CA ILE H 447 35.09 -79.59 -12.71
C ILE H 447 33.87 -78.84 -12.20
N ASN H 448 32.70 -79.42 -12.41
CA ASN H 448 31.44 -78.69 -12.33
C ASN H 448 30.44 -79.41 -11.44
N ASN H 449 30.09 -78.78 -10.31
CA ASN H 449 29.32 -79.42 -9.26
C ASN H 449 27.95 -78.79 -9.02
N MET H 450 27.04 -79.58 -8.47
CA MET H 450 25.70 -79.09 -8.15
C MET H 450 25.68 -78.32 -6.83
N THR H 451 26.47 -78.76 -5.86
CA THR H 451 26.51 -78.12 -4.55
C THR H 451 27.93 -77.77 -4.16
N THR H 452 28.04 -76.95 -3.11
CA THR H 452 29.28 -76.81 -2.38
C THR H 452 29.29 -77.93 -1.36
N GLY H 453 30.42 -78.60 -1.20
CA GLY H 453 30.52 -79.71 -0.24
C GLY H 453 31.74 -80.59 -0.38
N THR H 454 31.76 -81.64 0.43
CA THR H 454 32.81 -82.63 0.37
C THR H 454 32.53 -83.55 -0.80
N LYS H 455 33.50 -83.59 -1.71
CA LYS H 455 33.50 -84.47 -2.85
C LYS H 455 34.48 -85.60 -2.63
N ASN H 456 34.12 -86.78 -3.11
CA ASN H 456 35.07 -87.86 -3.20
C ASN H 456 35.68 -87.81 -4.60
N VAL H 457 37.00 -87.78 -4.67
CA VAL H 457 37.71 -87.74 -5.95
C VAL H 457 38.42 -89.06 -6.10
N LYS H 458 38.06 -89.79 -7.14
CA LYS H 458 38.56 -91.15 -7.35
C LYS H 458 39.49 -91.16 -8.56
N PHE H 459 40.78 -91.33 -8.28
CA PHE H 459 41.80 -91.43 -9.32
C PHE H 459 41.87 -92.85 -9.85
N ARG H 460 41.75 -93.01 -11.17
CA ARG H 460 42.00 -94.31 -11.81
C ARG H 460 43.36 -94.26 -12.47
N TYR H 461 44.25 -95.16 -12.07
CA TYR H 461 45.65 -95.08 -12.46
C TYR H 461 46.33 -96.44 -12.53
N ALA H 462 47.55 -96.44 -13.03
CA ALA H 462 48.37 -97.65 -13.09
C ALA H 462 49.78 -97.31 -12.63
N LEU H 463 50.40 -98.26 -11.92
CA LEU H 463 51.77 -98.10 -11.44
C LEU H 463 52.39 -99.47 -11.21
N GLU H 464 53.47 -99.78 -11.93
CA GLU H 464 54.06 -101.13 -11.90
C GLU H 464 54.62 -101.50 -10.51
N SER H 465 55.59 -100.74 -10.02
CA SER H 465 56.29 -101.11 -8.78
C SER H 465 56.48 -100.03 -7.71
N GLY H 466 56.66 -98.78 -8.09
CA GLY H 466 56.95 -97.76 -7.07
C GLY H 466 55.82 -97.48 -6.07
N THR H 467 56.14 -96.65 -5.08
CA THR H 467 55.13 -95.84 -4.41
C THR H 467 55.48 -94.42 -4.79
N ARG H 468 54.50 -93.71 -5.35
CA ARG H 468 54.74 -92.37 -5.89
C ARG H 468 53.76 -91.35 -5.34
N ASN H 469 54.31 -90.17 -5.04
CA ASN H 469 53.62 -89.14 -4.27
C ASN H 469 53.31 -87.94 -5.14
N LEU H 470 52.12 -87.37 -4.95
CA LEU H 470 51.72 -86.17 -5.67
C LEU H 470 51.18 -85.10 -4.74
N ASP H 471 51.59 -83.86 -4.96
CA ASP H 471 50.90 -82.72 -4.36
C ASP H 471 49.58 -82.54 -5.09
N ILE H 472 48.53 -82.24 -4.33
CA ILE H 472 47.21 -82.04 -4.88
C ILE H 472 46.70 -80.66 -4.50
N TYR H 473 46.28 -79.90 -5.51
CA TYR H 473 45.77 -78.56 -5.33
C TYR H 473 44.32 -78.53 -5.78
N VAL H 474 43.48 -77.86 -4.98
CA VAL H 474 42.06 -77.68 -5.29
C VAL H 474 41.74 -76.19 -5.30
N ASN H 475 41.20 -75.71 -6.42
CA ASN H 475 41.05 -74.28 -6.66
C ASN H 475 42.26 -73.46 -6.23
N GLY H 476 43.45 -73.96 -6.50
CA GLY H 476 44.69 -73.19 -6.29
C GLY H 476 45.34 -73.26 -4.92
N THR H 477 44.73 -74.00 -3.98
CA THR H 477 45.29 -74.21 -2.64
C THR H 477 45.75 -75.65 -2.49
N LYS H 478 46.94 -75.86 -1.92
CA LYS H 478 47.46 -77.19 -1.64
C LYS H 478 46.71 -77.78 -0.45
N VAL H 479 45.94 -78.85 -0.69
CA VAL H 479 45.19 -79.54 0.38
C VAL H 479 45.87 -80.80 0.91
N LEU H 480 46.64 -81.47 0.05
CA LEU H 480 47.41 -82.64 0.45
C LEU H 480 48.77 -82.53 -0.18
N SER H 481 49.80 -82.83 0.60
CA SER H 481 51.18 -82.80 0.12
C SER H 481 51.75 -84.20 0.16
N ASN H 482 52.52 -84.59 -0.87
CA ASN H 482 53.07 -85.94 -0.99
C ASN H 482 52.06 -87.06 -0.69
N GLU H 483 50.90 -87.03 -1.35
CA GLU H 483 49.90 -88.07 -1.16
C GLU H 483 50.33 -89.34 -1.91
N PRO H 484 50.50 -90.47 -1.19
CA PRO H 484 51.03 -91.67 -1.82
C PRO H 484 50.07 -92.38 -2.78
N PHE H 485 50.60 -92.76 -3.94
CA PHE H 485 49.94 -93.68 -4.86
C PHE H 485 50.65 -95.02 -4.84
N THR H 486 49.89 -96.05 -4.47
CA THR H 486 50.39 -97.41 -4.23
C THR H 486 50.48 -98.17 -5.56
N GLU H 487 51.44 -99.07 -5.66
CA GLU H 487 51.60 -99.92 -6.84
C GLU H 487 50.32 -100.71 -7.16
N THR H 488 50.00 -100.82 -8.45
CA THR H 488 48.93 -101.70 -8.92
C THR H 488 49.49 -103.03 -9.45
N GLY H 489 50.81 -103.10 -9.60
CA GLY H 489 51.48 -104.34 -10.03
C GLY H 489 51.84 -104.42 -11.50
N SER H 490 51.32 -103.51 -12.32
CA SER H 490 51.64 -103.48 -13.75
C SER H 490 51.04 -102.26 -14.40
N TRP H 491 51.70 -101.75 -15.44
CA TRP H 491 51.23 -100.56 -16.16
C TRP H 491 49.89 -100.81 -16.88
N SER H 492 49.50 -102.09 -16.99
CA SER H 492 48.21 -102.44 -17.57
C SER H 492 47.16 -102.81 -16.51
N THR H 493 47.55 -102.81 -15.24
CA THR H 493 46.58 -103.01 -14.15
C THR H 493 46.13 -101.64 -13.60
N TRP H 494 44.88 -101.31 -13.86
CA TRP H 494 44.29 -100.03 -13.46
C TRP H 494 43.69 -100.08 -12.05
N GLY H 495 44.28 -99.33 -11.13
CA GLY H 495 43.82 -99.29 -9.75
C GLY H 495 42.99 -98.05 -9.46
N GLU H 496 42.53 -97.94 -8.21
CA GLU H 496 41.75 -96.79 -7.80
C GLU H 496 42.23 -96.24 -6.46
N LYS H 497 42.12 -94.94 -6.32
CA LYS H 497 42.49 -94.25 -5.09
C LYS H 497 41.54 -93.08 -4.85
N THR H 498 40.82 -93.14 -3.74
CA THR H 498 39.85 -92.12 -3.37
C THR H 498 40.43 -91.16 -2.32
N ILE H 499 40.18 -89.87 -2.52
CA ILE H 499 40.52 -88.85 -1.53
C ILE H 499 39.29 -87.97 -1.33
N GLN H 500 39.23 -87.32 -0.16
CA GLN H 500 38.19 -86.36 0.13
C GLN H 500 38.76 -84.94 0.10
N VAL H 501 38.03 -84.07 -0.60
CA VAL H 501 38.33 -82.65 -0.62
C VAL H 501 37.01 -81.90 -0.65
N ALA H 502 37.07 -80.58 -0.49
CA ALA H 502 35.88 -79.75 -0.58
C ALA H 502 35.88 -78.90 -1.85
N MET H 503 34.70 -78.76 -2.47
CA MET H 503 34.55 -77.96 -3.68
C MET H 503 33.28 -77.10 -3.66
N ASN H 504 33.33 -75.99 -4.40
CA ASN H 504 32.16 -75.13 -4.62
C ASN H 504 31.24 -75.68 -5.69
N SER H 505 30.02 -75.15 -5.72
CA SER H 505 29.12 -75.35 -6.84
C SER H 505 29.66 -74.54 -8.00
N GLY H 506 29.30 -74.92 -9.23
CA GLY H 506 29.92 -74.33 -10.42
C GLY H 506 31.31 -74.89 -10.72
N VAL H 507 32.19 -74.04 -11.25
CA VAL H 507 33.49 -74.46 -11.78
C VAL H 507 34.57 -74.50 -10.72
N ASN H 508 35.38 -75.56 -10.75
CA ASN H 508 36.53 -75.72 -9.87
C ASN H 508 37.73 -76.27 -10.62
N THR H 509 38.92 -75.99 -10.08
CA THR H 509 40.15 -76.52 -10.62
C THR H 509 40.71 -77.57 -9.66
N LEU H 510 41.29 -78.61 -10.23
CA LEU H 510 42.11 -79.56 -9.47
C LEU H 510 43.41 -79.79 -10.23
N ARG H 511 44.51 -79.76 -9.50
CA ARG H 511 45.86 -79.83 -10.07
C ARG H 511 46.64 -80.87 -9.29
N ILE H 512 47.32 -81.77 -9.99
CA ILE H 512 48.17 -82.77 -9.32
C ILE H 512 49.58 -82.66 -9.89
N VAL H 513 50.56 -82.77 -9.00
CA VAL H 513 51.92 -82.37 -9.30
C VAL H 513 52.89 -83.36 -8.68
N THR H 514 53.95 -83.63 -9.41
CA THR H 514 54.99 -84.55 -8.98
C THR H 514 55.99 -83.81 -8.04
N THR H 515 56.60 -84.56 -7.13
CA THR H 515 57.36 -84.01 -6.00
C THR H 515 58.80 -84.51 -5.84
N GLY H 516 59.21 -85.50 -6.61
CA GLY H 516 60.48 -86.16 -6.33
C GLY H 516 60.56 -87.57 -6.86
N THR H 517 59.47 -88.30 -6.71
CA THR H 517 59.39 -89.69 -7.11
C THR H 517 58.59 -89.86 -8.40
N GLU H 518 58.51 -88.80 -9.20
CA GLU H 518 57.77 -88.80 -10.47
C GLU H 518 56.29 -89.17 -10.21
N GLY H 519 55.53 -89.58 -11.22
CA GLY H 519 54.16 -90.03 -10.97
C GLY H 519 53.68 -91.31 -11.64
N PRO H 520 52.45 -91.73 -11.30
CA PRO H 520 51.83 -92.88 -11.91
C PRO H 520 51.17 -92.50 -13.22
N ASN H 521 50.83 -93.48 -14.04
CA ASN H 521 50.09 -93.18 -15.27
C ASN H 521 48.62 -92.94 -14.92
N MET H 522 48.09 -91.82 -15.38
CA MET H 522 46.80 -91.36 -14.95
C MET H 522 45.77 -91.47 -16.07
N ASP H 523 44.75 -92.27 -15.81
CA ASP H 523 43.67 -92.46 -16.75
C ASP H 523 42.63 -91.36 -16.63
N ASN H 524 42.10 -91.19 -15.42
CA ASN H 524 40.99 -90.28 -15.19
C ASN H 524 40.66 -90.11 -13.71
N ILE H 525 39.79 -89.15 -13.45
CA ILE H 525 39.20 -88.98 -12.14
C ILE H 525 37.69 -89.04 -12.24
N THR H 526 37.06 -89.52 -11.18
CA THR H 526 35.63 -89.45 -11.02
C THR H 526 35.36 -88.64 -9.75
N VAL H 527 34.56 -87.58 -9.90
CA VAL H 527 34.19 -86.70 -8.81
C VAL H 527 32.75 -86.95 -8.40
N THR H 528 32.52 -87.43 -7.18
CA THR H 528 31.19 -87.72 -6.68
C THR H 528 30.93 -86.99 -5.35
N ALA H 529 29.72 -86.43 -5.19
CA ALA H 529 29.34 -85.75 -3.95
C ALA H 529 29.10 -86.76 -2.83
N SER H 530 29.57 -86.42 -1.62
CA SER H 530 29.32 -87.27 -0.46
C SER H 530 28.14 -86.67 0.27
N ALA H 531 27.27 -87.53 0.77
CA ALA H 531 26.05 -87.11 1.44
C ALA H 531 26.36 -86.57 2.83
N LYS H 532 25.45 -85.74 3.34
CA LYS H 532 25.47 -85.37 4.75
C LYS H 532 25.18 -86.61 5.59
N GLY H 533 26.16 -87.02 6.39
CA GLY H 533 26.06 -88.25 7.19
C GLY H 533 27.34 -89.05 7.16
CA CA I . 38.32 29.82 -15.31
CA CA J . 37.42 36.67 -27.80
CA CA K . 3.97 79.39 16.01
CA CA L . 11.40 88.01 25.91
CA CA M . -102.86 95.84 41.85
CA CA N . -116.89 95.16 46.76
CA CA O . -30.29 2.02 -59.45
CA CA P . -30.27 9.45 -72.56
CA CA Q . -34.89 7.72 -13.89
CA CA R . -35.09 1.49 -27.76
CA CA S . 0.34 -45.13 7.19
CA CA T . -5.35 -56.35 15.75
CA CA U . 113.06 -63.23 23.83
CA CA V . 125.43 -62.67 28.31
CA CA W . 41.41 -91.84 -20.03
CA CA X . 56.38 -93.08 -15.99
#